data_7JY9
#
_entry.id   7JY9
#
_cell.length_a   1.00
_cell.length_b   1.00
_cell.length_c   1.00
_cell.angle_alpha   90.00
_cell.angle_beta   90.00
_cell.angle_gamma   90.00
#
_symmetry.space_group_name_H-M   'P 1'
#
loop_
_entity.id
_entity.type
_entity.pdbx_description
1 polymer 'Protein RecA'
2 polymer 'DNA (42-MER)'
3 polymer 'DNA (42-MER)'
4 polymer 'DNA (27-MER)'
5 non-polymer 'MAGNESIUM ION'
6 non-polymer 'PHOSPHOTHIOPHOSPHORIC ACID-ADENYLATE ESTER'
#
loop_
_entity_poly.entity_id
_entity_poly.type
_entity_poly.pdbx_seq_one_letter_code
_entity_poly.pdbx_strand_id
1 'polypeptide(L)'
;MAIDENKQKALAAALGQIEKQFGKGSIMRLGEDRSMDVETISTGSLSLDIALGAGGLPMGRIVEIYGPESSGKTTLTLQV
IAAAQREGKTCAFIDAEHALDPIYARKLGVDIDNLLCSQPDTGEQALEICDALARSGAVDVIVVDSVAALTPKAEIEGEI
GDSHMGLAARMMSQAMRKLAGNLKQSNTLLIFINQIRMKIGVMFGNPETTTGGNALKFYASVRLDIRRIGAVKEGENVVG
SETRVKVVKNKIAAPFKQAEFQILYGEGINFYGELVDLGVKEKLIEKAGAWYSYKGEKIGQGKANATAWLKDNPETAKEI
EKKVRELLLSNPNS
;
A,B,C,D,E,F,G,H,I
2 'polydeoxyribonucleotide'
;(DG)(DT)(DA)(DC)(DT)(DT)(DG)(DC)(DT)(DT)(DA)(DA)(DT)(DT)(DG)(DA)(DA)(DT)(DT)(DT)
(DT)(DT)(DT)(DT)(DT)(DT)(DT)(DT)(DA)(DG)(DG)(DC)(DT)(DG)(DA)(DC)(DT)(DC)(DG)(DA)
(DC)(DA)(DC)(DC)(DG)
;
T
3 'polydeoxyribonucleotide'
;(DC)(DG)(DG)(DT)(DG)(DT)(DC)(DG)(DA)(DG)(DT)(DC)(DA)(DG)(DC)(DC)(DT)(DA)(DC)(DC)
(DC)(DC)(DC)(DC)(DC)(DC)(DC)(DA)(DT)(DT)(DC)(DA)(DA)(DT)(DT)(DA)(DA)(DG)(DC)(DA)
(DA)(DG)(DT)(DA)(DC)
;
U
4 'polydeoxyribonucleotide'
;(DC)(DC)(DC)(DC)(DC)(DC)(DC)(DC)(DC)(DC)(DC)(DC)(DC)(DC)(DA)(DA)(DA)(DA)(DA)(DA)
(DA)(DA)(DA)(DA)(DA)(DC)(DC)
;
S
#
# COMPACT_ATOMS: atom_id res chain seq x y z
N ALA A 2 -13.26 14.11 47.56
CA ALA A 2 -13.20 13.13 46.41
C ALA A 2 -12.92 13.86 45.10
N ILE A 3 -13.76 14.86 44.78
CA ILE A 3 -13.66 15.73 43.55
C ILE A 3 -12.42 16.62 43.63
N ASP A 4 -12.18 17.29 44.78
CA ASP A 4 -11.03 18.19 45.03
C ASP A 4 -9.71 17.49 44.68
N GLU A 5 -9.54 16.24 45.12
CA GLU A 5 -8.30 15.42 44.95
C GLU A 5 -8.08 15.11 43.46
N ASN A 6 -9.13 14.66 42.75
CA ASN A 6 -9.08 14.31 41.29
C ASN A 6 -8.68 15.54 40.46
N LYS A 7 -9.16 16.73 40.82
CA LYS A 7 -8.80 18.03 40.16
C LYS A 7 -7.35 18.39 40.47
N GLN A 8 -6.91 18.27 41.73
CA GLN A 8 -5.53 18.59 42.19
C GLN A 8 -4.49 17.66 41.51
N LYS A 9 -4.86 16.42 41.20
CA LYS A 9 -4.00 15.43 40.50
C LYS A 9 -3.90 15.79 39.01
N ALA A 10 -5.04 16.10 38.38
CA ALA A 10 -5.14 16.53 36.96
C ALA A 10 -4.36 17.84 36.74
N LEU A 11 -4.39 18.75 37.72
CA LEU A 11 -3.65 20.04 37.70
C LEU A 11 -2.14 19.76 37.79
N ALA A 12 -1.73 18.99 38.80
CA ALA A 12 -0.32 18.61 39.10
C ALA A 12 0.30 17.89 37.89
N ALA A 13 -0.46 17.02 37.23
CA ALA A 13 -0.05 16.25 36.02
C ALA A 13 0.19 17.21 34.83
N ALA A 14 -0.75 18.12 34.59
CA ALA A 14 -0.71 19.14 33.51
C ALA A 14 0.49 20.07 33.70
N LEU A 15 0.68 20.59 34.92
CA LEU A 15 1.82 21.46 35.30
C LEU A 15 3.16 20.72 35.12
N GLY A 16 3.20 19.43 35.47
CA GLY A 16 4.36 18.54 35.23
C GLY A 16 4.67 18.37 33.74
N GLN A 17 3.63 18.18 32.93
CA GLN A 17 3.74 17.99 31.45
C GLN A 17 4.17 19.30 30.78
N ILE A 18 3.63 20.45 31.20
CA ILE A 18 4.00 21.81 30.69
C ILE A 18 5.49 22.04 30.98
N GLU A 19 5.93 21.78 32.21
CA GLU A 19 7.32 22.03 32.70
C GLU A 19 8.31 21.11 31.99
N LYS A 20 7.92 19.85 31.74
CA LYS A 20 8.69 18.88 30.91
C LYS A 20 8.88 19.42 29.49
N GLN A 21 7.80 19.94 28.88
CA GLN A 21 7.72 20.33 27.44
C GLN A 21 8.51 21.62 27.19
N PHE A 22 8.34 22.65 28.03
CA PHE A 22 8.80 24.03 27.77
C PHE A 22 10.01 24.42 28.64
N GLY A 23 10.09 23.93 29.88
CA GLY A 23 11.22 24.20 30.79
C GLY A 23 10.77 24.39 32.23
N LYS A 24 11.69 24.77 33.10
CA LYS A 24 11.54 24.59 34.57
C LYS A 24 10.52 25.60 35.14
N GLY A 25 10.76 26.90 34.95
CA GLY A 25 9.89 27.98 35.48
C GLY A 25 8.86 28.45 34.46
N SER A 26 8.39 27.57 33.57
CA SER A 26 7.47 27.87 32.43
C SER A 26 6.09 28.26 32.96
N ILE A 27 5.63 27.60 34.02
CA ILE A 27 4.38 27.94 34.76
C ILE A 27 4.62 27.74 36.25
N MET A 28 4.16 28.69 37.07
CA MET A 28 4.23 28.59 38.56
C MET A 28 3.26 29.60 39.19
N ARG A 29 3.00 29.45 40.49
CA ARG A 29 2.17 30.41 41.27
C ARG A 29 2.88 31.77 41.32
N LEU A 30 2.11 32.85 41.18
CA LEU A 30 2.62 34.25 41.06
C LEU A 30 3.21 34.73 42.39
N GLY A 31 2.76 34.17 43.52
CA GLY A 31 3.25 34.49 44.87
C GLY A 31 4.67 34.01 45.10
N GLU A 32 5.09 32.94 44.41
CA GLU A 32 6.42 32.29 44.58
C GLU A 32 7.25 32.46 43.30
N ASP A 33 7.13 33.62 42.64
CA ASP A 33 7.86 33.99 41.38
C ASP A 33 8.61 35.31 41.62
N ARG A 34 9.91 35.23 41.90
CA ARG A 34 10.78 36.38 42.26
C ARG A 34 11.13 37.21 41.03
N SER A 35 11.17 36.60 39.84
CA SER A 35 11.35 37.25 38.51
C SER A 35 10.38 38.43 38.35
N MET A 36 9.16 38.27 38.86
CA MET A 36 8.01 39.17 38.62
C MET A 36 8.01 40.38 39.57
N ASP A 37 8.85 40.40 40.61
CA ASP A 37 9.01 41.55 41.54
C ASP A 37 9.61 42.73 40.77
N VAL A 38 9.15 43.95 41.08
CA VAL A 38 9.56 45.21 40.39
C VAL A 38 10.75 45.82 41.15
N GLU A 39 11.92 45.88 40.50
CA GLU A 39 13.14 46.60 40.94
C GLU A 39 13.20 47.94 40.19
N THR A 40 13.69 49.01 40.84
CA THR A 40 13.77 50.40 40.27
C THR A 40 15.22 50.91 40.24
N ILE A 41 15.41 52.01 39.49
CA ILE A 41 16.68 52.78 39.31
C ILE A 41 16.36 54.28 39.50
N SER A 42 17.22 55.02 40.18
CA SER A 42 17.13 56.50 40.33
C SER A 42 17.14 57.18 38.95
N THR A 43 16.33 58.22 38.77
CA THR A 43 16.29 59.07 37.53
C THR A 43 17.31 60.22 37.61
N GLY A 44 18.04 60.37 38.73
CA GLY A 44 18.93 61.51 39.00
C GLY A 44 18.18 62.72 39.56
N SER A 45 16.85 62.63 39.69
CA SER A 45 15.93 63.68 40.19
C SER A 45 15.10 63.10 41.34
N LEU A 46 15.04 63.77 42.48
CA LEU A 46 14.34 63.27 43.70
C LEU A 46 12.83 63.47 43.55
N SER A 47 12.40 64.61 43.02
CA SER A 47 10.98 64.96 42.76
C SER A 47 10.34 63.96 41.76
N LEU A 48 11.11 63.48 40.77
CA LEU A 48 10.63 62.52 39.75
C LEU A 48 10.48 61.12 40.38
N ASP A 49 11.45 60.72 41.22
CA ASP A 49 11.42 59.42 41.96
C ASP A 49 10.19 59.35 42.88
N ILE A 50 9.72 60.50 43.38
CA ILE A 50 8.48 60.62 44.20
C ILE A 50 7.24 60.50 43.29
N ALA A 51 7.20 61.26 42.18
CA ALA A 51 6.13 61.26 41.17
C ALA A 51 5.92 59.85 40.60
N LEU A 52 6.99 59.10 40.37
CA LEU A 52 6.93 57.73 39.79
C LEU A 52 6.36 56.74 40.81
N GLY A 53 6.40 57.06 42.11
CA GLY A 53 5.71 56.28 43.15
C GLY A 53 6.52 55.10 43.69
N ALA A 54 7.30 54.43 42.83
CA ALA A 54 8.12 53.24 43.18
C ALA A 54 9.59 53.63 43.43
N GLY A 55 9.92 54.92 43.41
CA GLY A 55 11.28 55.42 43.66
C GLY A 55 12.20 55.19 42.47
N GLY A 56 11.69 55.34 41.25
CA GLY A 56 12.49 55.35 40.01
C GLY A 56 11.86 54.55 38.88
N LEU A 57 12.63 54.26 37.83
CA LEU A 57 12.16 53.59 36.58
C LEU A 57 12.37 52.09 36.70
N PRO A 58 11.40 51.26 36.25
CA PRO A 58 11.48 49.81 36.47
C PRO A 58 12.42 49.06 35.50
N MET A 59 13.18 48.11 36.02
CA MET A 59 14.09 47.24 35.24
C MET A 59 13.28 46.14 34.54
N GLY A 60 13.70 45.75 33.34
CA GLY A 60 13.03 44.72 32.51
C GLY A 60 11.86 45.29 31.70
N ARG A 61 11.66 46.61 31.75
CA ARG A 61 10.50 47.29 31.14
C ARG A 61 10.98 48.24 30.05
N ILE A 62 10.05 48.68 29.22
CA ILE A 62 10.22 49.77 28.23
C ILE A 62 9.72 51.08 28.88
N VAL A 63 10.40 52.19 28.63
CA VAL A 63 10.00 53.56 29.06
C VAL A 63 10.00 54.45 27.81
N GLU A 64 9.05 55.37 27.71
CA GLU A 64 9.01 56.44 26.67
C GLU A 64 9.18 57.79 27.38
N ILE A 65 10.06 58.66 26.86
CA ILE A 65 10.20 60.09 27.28
C ILE A 65 9.99 60.93 26.03
N TYR A 66 8.91 61.68 25.94
CA TYR A 66 8.59 62.57 24.79
C TYR A 66 8.42 64.00 25.28
N GLY A 67 8.49 64.93 24.35
CA GLY A 67 8.33 66.37 24.62
C GLY A 67 8.71 67.23 23.41
N PRO A 68 8.59 68.57 23.51
CA PRO A 68 8.99 69.47 22.42
C PRO A 68 10.51 69.62 22.32
N GLU A 69 10.95 70.47 21.39
CA GLU A 69 12.38 70.81 21.15
C GLU A 69 12.99 71.50 22.40
N SER A 70 14.22 71.11 22.75
CA SER A 70 15.07 71.73 23.81
C SER A 70 14.37 71.71 25.18
N SER A 71 13.63 70.63 25.48
CA SER A 71 12.85 70.45 26.73
C SER A 71 13.69 69.73 27.80
N GLY A 72 14.72 68.99 27.39
CA GLY A 72 15.68 68.33 28.29
C GLY A 72 15.59 66.82 28.24
N LYS A 73 15.27 66.25 27.07
CA LYS A 73 15.01 64.80 26.91
C LYS A 73 16.33 64.03 26.97
N THR A 74 17.34 64.49 26.23
CA THR A 74 18.69 63.86 26.19
C THR A 74 19.36 64.04 27.55
N THR A 75 19.35 65.27 28.10
CA THR A 75 19.93 65.60 29.43
C THR A 75 19.39 64.62 30.50
N LEU A 76 18.07 64.42 30.56
CA LEU A 76 17.41 63.56 31.60
C LEU A 76 17.90 62.12 31.46
N THR A 77 17.97 61.59 30.23
CA THR A 77 18.43 60.19 29.97
C THR A 77 19.91 60.02 30.27
N LEU A 78 20.74 61.06 30.17
CA LEU A 78 22.18 61.01 30.54
C LEU A 78 22.33 61.03 32.07
N GLN A 79 21.46 61.73 32.80
CA GLN A 79 21.41 61.73 34.28
C GLN A 79 20.95 60.35 34.81
N VAL A 80 20.16 59.59 34.03
CA VAL A 80 19.73 58.19 34.37
C VAL A 80 20.94 57.27 34.25
N ILE A 81 21.62 57.31 33.10
CA ILE A 81 22.88 56.56 32.80
C ILE A 81 23.92 56.89 33.88
N ALA A 82 24.12 58.17 34.17
CA ALA A 82 25.14 58.67 35.14
C ALA A 82 24.93 58.01 36.50
N ALA A 83 23.69 58.08 37.02
CA ALA A 83 23.25 57.48 38.30
C ALA A 83 23.49 55.96 38.28
N ALA A 84 23.16 55.29 37.17
CA ALA A 84 23.23 53.82 37.03
C ALA A 84 24.69 53.35 37.03
N GLN A 85 25.58 54.08 36.34
CA GLN A 85 27.04 53.79 36.25
C GLN A 85 27.68 53.89 37.65
N ARG A 86 27.25 54.85 38.49
CA ARG A 86 27.75 55.03 39.88
C ARG A 86 27.37 53.84 40.78
N GLU A 87 26.40 53.01 40.39
CA GLU A 87 26.03 51.73 41.07
C GLU A 87 26.57 50.52 40.28
N GLY A 88 27.63 50.71 39.50
CA GLY A 88 28.36 49.64 38.78
C GLY A 88 27.50 48.89 37.79
N LYS A 89 26.78 49.60 36.93
CA LYS A 89 25.95 49.02 35.83
C LYS A 89 26.52 49.45 34.47
N THR A 90 26.49 48.54 33.50
CA THR A 90 26.86 48.79 32.08
C THR A 90 25.68 49.48 31.38
N CYS A 91 25.95 50.50 30.56
CA CYS A 91 24.93 51.29 29.83
C CYS A 91 25.32 51.45 28.36
N ALA A 92 24.31 51.57 27.50
CA ALA A 92 24.44 51.75 26.03
C ALA A 92 23.60 52.95 25.59
N PHE A 93 24.04 53.66 24.56
CA PHE A 93 23.36 54.81 23.91
C PHE A 93 23.29 54.55 22.40
N ILE A 94 22.09 54.41 21.85
CA ILE A 94 21.84 54.29 20.38
C ILE A 94 21.42 55.68 19.87
N ASP A 95 22.36 56.41 19.25
CA ASP A 95 22.19 57.83 18.82
C ASP A 95 21.76 57.85 17.34
N ALA A 96 20.49 57.58 17.09
CA ALA A 96 19.85 57.66 15.75
C ALA A 96 19.71 59.12 15.30
N GLU A 97 19.62 60.05 16.25
CA GLU A 97 19.56 61.51 16.02
C GLU A 97 20.88 62.01 15.40
N HIS A 98 22.00 61.34 15.72
CA HIS A 98 23.39 61.69 15.30
C HIS A 98 23.76 63.08 15.83
N ALA A 99 23.51 63.34 17.12
CA ALA A 99 23.61 64.67 17.76
C ALA A 99 23.94 64.55 19.26
N LEU A 100 24.86 63.65 19.63
CA LEU A 100 25.39 63.50 21.02
C LEU A 100 26.78 64.14 21.08
N ASP A 101 26.97 65.12 21.98
CA ASP A 101 28.29 65.72 22.32
C ASP A 101 28.88 64.94 23.50
N PRO A 102 30.02 64.20 23.35
CA PRO A 102 30.62 63.47 24.45
C PRO A 102 31.17 64.33 25.61
N ILE A 103 31.58 65.57 25.34
CA ILE A 103 32.14 66.49 26.39
C ILE A 103 31.00 66.87 27.36
N TYR A 104 29.82 67.21 26.84
CA TYR A 104 28.63 67.57 27.66
C TYR A 104 28.20 66.39 28.52
N ALA A 105 28.20 65.17 27.95
CA ALA A 105 27.93 63.90 28.67
C ALA A 105 28.90 63.73 29.85
N ARG A 106 30.18 64.08 29.68
CA ARG A 106 31.23 63.99 30.74
C ARG A 106 30.91 64.96 31.88
N LYS A 107 30.46 66.18 31.55
CA LYS A 107 30.11 67.25 32.53
C LYS A 107 28.90 66.85 33.37
N LEU A 108 27.90 66.18 32.79
CA LEU A 108 26.68 65.68 33.51
C LEU A 108 27.04 64.53 34.45
N GLY A 109 28.21 63.89 34.27
CA GLY A 109 28.76 62.87 35.18
C GLY A 109 28.74 61.47 34.58
N VAL A 110 28.69 61.34 33.25
CA VAL A 110 28.75 60.04 32.54
C VAL A 110 30.23 59.65 32.42
N ASP A 111 30.56 58.39 32.74
CA ASP A 111 31.88 57.77 32.44
C ASP A 111 31.85 57.35 30.96
N ILE A 112 32.49 58.15 30.09
CA ILE A 112 32.43 57.99 28.59
C ILE A 112 33.13 56.68 28.21
N ASP A 113 34.19 56.31 28.93
CA ASP A 113 35.12 55.21 28.57
C ASP A 113 34.43 53.84 28.75
N ASN A 114 33.35 53.77 29.55
CA ASN A 114 32.51 52.54 29.76
C ASN A 114 31.13 52.66 29.10
N LEU A 115 30.76 53.84 28.56
CA LEU A 115 29.45 54.09 27.91
C LEU A 115 29.52 53.56 26.46
N LEU A 116 28.86 52.44 26.17
CA LEU A 116 28.76 51.91 24.77
C LEU A 116 27.91 52.89 23.96
N CYS A 117 28.34 53.19 22.73
CA CYS A 117 27.63 54.13 21.81
C CYS A 117 27.59 53.52 20.41
N SER A 118 26.44 53.65 19.75
CA SER A 118 26.20 53.25 18.34
C SER A 118 25.55 54.43 17.60
N GLN A 119 26.05 54.74 16.40
CA GLN A 119 25.42 55.67 15.43
C GLN A 119 24.96 54.83 14.24
N PRO A 120 23.76 54.21 14.31
CA PRO A 120 23.31 53.27 13.28
C PRO A 120 22.76 53.95 12.03
N ASP A 121 22.82 53.24 10.90
CA ASP A 121 22.51 53.75 9.54
C ASP A 121 21.00 53.70 9.29
N THR A 122 20.36 52.60 9.72
CA THR A 122 18.92 52.30 9.54
C THR A 122 18.24 52.06 10.89
N GLY A 123 16.92 52.22 10.93
CA GLY A 123 16.04 51.84 12.05
C GLY A 123 16.11 50.35 12.33
N GLU A 124 16.23 49.51 11.31
CA GLU A 124 16.33 48.02 11.45
C GLU A 124 17.64 47.66 12.16
N GLN A 125 18.75 48.33 11.82
CA GLN A 125 20.08 48.11 12.43
C GLN A 125 20.04 48.52 13.91
N ALA A 126 19.49 49.69 14.22
CA ALA A 126 19.35 50.27 15.59
C ALA A 126 18.62 49.29 16.50
N LEU A 127 17.49 48.76 16.03
CA LEU A 127 16.59 47.87 16.82
C LEU A 127 17.15 46.43 16.88
N GLU A 128 18.02 46.03 15.95
CA GLU A 128 18.72 44.72 15.98
C GLU A 128 19.89 44.76 16.98
N ILE A 129 20.54 45.91 17.16
CA ILE A 129 21.60 46.13 18.21
C ILE A 129 20.94 46.06 19.60
N CYS A 130 19.79 46.72 19.77
CA CYS A 130 18.98 46.70 21.02
C CYS A 130 18.59 45.27 21.40
N ASP A 131 18.26 44.43 20.42
CA ASP A 131 17.87 43.01 20.65
C ASP A 131 19.11 42.19 21.03
N ALA A 132 20.24 42.41 20.36
CA ALA A 132 21.54 41.73 20.58
C ALA A 132 22.11 42.05 21.97
N LEU A 133 22.03 43.31 22.42
CA LEU A 133 22.48 43.73 23.77
C LEU A 133 21.52 43.21 24.86
N ALA A 134 20.21 43.18 24.57
CA ALA A 134 19.16 42.68 25.50
C ALA A 134 19.35 41.17 25.74
N ARG A 135 19.64 40.38 24.70
CA ARG A 135 19.87 38.91 24.81
C ARG A 135 21.19 38.62 25.54
N SER A 136 22.22 39.45 25.36
CA SER A 136 23.58 39.31 25.97
C SER A 136 23.48 39.11 27.50
N GLY A 137 22.59 39.85 28.17
CA GLY A 137 22.44 39.86 29.64
C GLY A 137 23.48 40.73 30.34
N ALA A 138 24.35 41.40 29.59
CA ALA A 138 25.52 42.16 30.09
C ALA A 138 25.18 43.64 30.31
N VAL A 139 24.31 44.20 29.46
CA VAL A 139 23.89 45.63 29.50
C VAL A 139 22.65 45.75 30.40
N ASP A 140 22.60 46.79 31.25
CA ASP A 140 21.53 47.05 32.23
C ASP A 140 20.58 48.14 31.74
N VAL A 141 21.10 49.21 31.12
CA VAL A 141 20.32 50.38 30.61
C VAL A 141 20.71 50.65 29.16
N ILE A 142 19.75 50.58 28.24
CA ILE A 142 19.86 51.05 26.83
C ILE A 142 19.01 52.33 26.72
N VAL A 143 19.51 53.35 26.03
CA VAL A 143 18.74 54.55 25.58
C VAL A 143 18.78 54.60 24.05
N VAL A 144 17.63 54.86 23.41
CA VAL A 144 17.47 55.01 21.94
C VAL A 144 17.03 56.46 21.66
N ASP A 145 17.95 57.32 21.21
CA ASP A 145 17.69 58.78 21.05
C ASP A 145 16.96 59.01 19.72
N SER A 146 15.72 59.47 19.85
CA SER A 146 14.70 59.74 18.81
C SER A 146 14.30 58.45 18.08
N VAL A 147 13.07 58.02 18.35
CA VAL A 147 12.23 57.09 17.54
C VAL A 147 11.97 57.74 16.16
N ALA A 148 11.84 59.08 16.13
CA ALA A 148 11.61 59.88 14.90
C ALA A 148 12.71 59.66 13.86
N ALA A 149 13.94 59.38 14.29
CA ALA A 149 15.13 59.16 13.42
C ALA A 149 15.41 57.67 13.17
N LEU A 150 14.46 56.77 13.47
CA LEU A 150 14.57 55.32 13.13
C LEU A 150 13.95 55.11 11.75
N THR A 151 14.74 55.32 10.70
CA THR A 151 14.31 55.28 9.28
C THR A 151 14.41 53.85 8.77
N PRO A 152 13.35 53.26 8.18
CA PRO A 152 13.47 51.95 7.53
C PRO A 152 14.42 51.95 6.32
N LYS A 153 14.96 50.78 5.98
CA LYS A 153 15.97 50.58 4.91
C LYS A 153 15.40 50.97 3.54
N ALA A 154 14.13 50.63 3.28
CA ALA A 154 13.39 50.94 2.04
C ALA A 154 13.21 52.46 1.86
N GLU A 155 13.04 53.21 2.96
CA GLU A 155 12.87 54.70 2.92
C GLU A 155 14.22 55.37 2.60
N ILE A 156 15.34 54.74 2.97
CA ILE A 156 16.72 55.29 2.78
C ILE A 156 17.17 55.01 1.33
N GLU A 157 17.07 53.74 0.90
CA GLU A 157 17.38 53.29 -0.49
C GLU A 157 16.50 54.03 -1.51
N GLY A 158 15.25 54.33 -1.14
CA GLY A 158 14.27 55.03 -2.00
C GLY A 158 14.56 56.52 -2.12
N GLU A 159 13.69 57.24 -2.83
CA GLU A 159 13.81 58.69 -3.16
C GLU A 159 12.92 59.52 -2.23
N ILE A 160 13.30 60.77 -1.96
CA ILE A 160 12.48 61.77 -1.21
C ILE A 160 11.22 62.05 -2.04
N GLY A 161 10.05 61.98 -1.41
CA GLY A 161 8.72 62.09 -2.05
C GLY A 161 7.98 60.75 -2.10
N ASP A 162 8.71 59.62 -2.14
CA ASP A 162 8.15 58.24 -2.15
C ASP A 162 7.32 58.01 -0.87
N SER A 163 6.20 57.30 -1.01
CA SER A 163 5.26 56.95 0.09
C SER A 163 5.52 55.52 0.55
N HIS A 164 5.74 55.34 1.85
CA HIS A 164 5.93 54.02 2.54
C HIS A 164 4.86 53.90 3.62
N MET A 165 3.74 53.23 3.30
CA MET A 165 2.49 53.27 4.10
C MET A 165 2.68 52.53 5.43
N GLY A 166 2.79 53.30 6.52
CA GLY A 166 2.96 52.80 7.90
C GLY A 166 4.09 51.79 8.01
N LEU A 167 5.20 52.01 7.31
CA LEU A 167 6.37 51.07 7.31
C LEU A 167 7.14 51.22 8.63
N ALA A 168 7.34 52.44 9.09
CA ALA A 168 8.00 52.74 10.40
C ALA A 168 7.13 52.26 11.56
N ALA A 169 5.81 52.46 11.48
CA ALA A 169 4.82 51.93 12.45
C ALA A 169 4.87 50.41 12.51
N ARG A 170 4.98 49.73 11.36
CA ARG A 170 5.07 48.25 11.27
C ARG A 170 6.38 47.74 11.87
N MET A 171 7.49 48.46 11.67
CA MET A 171 8.83 48.12 12.22
C MET A 171 8.81 48.22 13.74
N MET A 172 8.25 49.32 14.26
CA MET A 172 8.07 49.57 15.71
C MET A 172 7.15 48.51 16.33
N SER A 173 6.04 48.16 15.67
CA SER A 173 5.09 47.11 16.12
C SER A 173 5.80 45.76 16.26
N GLN A 174 6.63 45.40 15.29
CA GLN A 174 7.41 44.13 15.27
C GLN A 174 8.50 44.16 16.33
N ALA A 175 9.18 45.29 16.51
CA ALA A 175 10.29 45.48 17.47
C ALA A 175 9.82 45.29 18.92
N MET A 176 8.62 45.77 19.25
CA MET A 176 8.04 45.67 20.62
C MET A 176 7.74 44.21 20.97
N ARG A 177 7.08 43.50 20.05
CA ARG A 177 6.84 42.04 20.08
C ARG A 177 8.11 41.25 20.41
N LYS A 178 9.22 41.54 19.71
CA LYS A 178 10.50 40.82 19.83
C LYS A 178 11.24 41.18 21.11
N LEU A 179 11.18 42.44 21.56
CA LEU A 179 12.03 42.98 22.65
C LEU A 179 11.42 42.71 24.03
N ALA A 180 10.10 42.85 24.20
CA ALA A 180 9.40 42.81 25.51
C ALA A 180 9.91 41.64 26.37
N GLY A 181 9.93 40.43 25.81
CA GLY A 181 10.33 39.19 26.51
C GLY A 181 11.81 39.14 26.79
N ASN A 182 12.66 39.49 25.81
CA ASN A 182 14.15 39.51 25.93
C ASN A 182 14.59 40.47 27.03
N LEU A 183 13.91 41.61 27.19
CA LEU A 183 14.23 42.63 28.23
C LEU A 183 13.89 42.10 29.61
N LYS A 184 12.76 41.39 29.76
CA LYS A 184 12.30 40.89 31.07
C LYS A 184 13.26 39.80 31.57
N GLN A 185 13.73 38.91 30.68
CA GLN A 185 14.64 37.78 31.04
C GLN A 185 16.00 38.33 31.52
N SER A 186 16.56 39.31 30.82
CA SER A 186 17.88 39.93 31.10
C SER A 186 17.82 40.99 32.20
N ASN A 187 16.62 41.44 32.57
CA ASN A 187 16.36 42.53 33.56
C ASN A 187 17.00 43.84 33.05
N THR A 188 16.78 44.16 31.77
CA THR A 188 17.33 45.36 31.07
C THR A 188 16.25 46.43 30.96
N LEU A 189 16.61 47.70 31.19
CA LEU A 189 15.72 48.87 31.02
C LEU A 189 15.97 49.46 29.63
N LEU A 190 14.94 49.56 28.80
CA LEU A 190 14.98 50.25 27.49
C LEU A 190 14.26 51.59 27.63
N ILE A 191 14.94 52.71 27.38
CA ILE A 191 14.32 54.07 27.31
C ILE A 191 14.27 54.50 25.84
N PHE A 192 13.08 54.87 25.33
CA PHE A 192 12.85 55.44 23.98
C PHE A 192 12.60 56.93 24.14
N ILE A 193 13.42 57.77 23.51
CA ILE A 193 13.08 59.22 23.35
C ILE A 193 12.25 59.37 22.09
N ASN A 194 11.23 60.22 22.13
CA ASN A 194 10.29 60.47 21.01
C ASN A 194 10.08 61.98 20.89
N GLN A 195 9.82 62.44 19.68
CA GLN A 195 9.52 63.86 19.37
C GLN A 195 8.00 64.00 19.28
N ILE A 196 7.51 65.22 19.46
CA ILE A 196 6.08 65.59 19.25
C ILE A 196 5.89 66.01 17.78
N ARG A 197 4.73 65.70 17.21
CA ARG A 197 4.25 66.24 15.90
C ARG A 197 2.81 66.70 16.09
N MET A 198 2.22 67.29 15.04
CA MET A 198 0.82 67.79 15.01
C MET A 198 0.03 66.95 13.99
N LYS A 199 -1.08 66.35 14.41
CA LYS A 199 -2.09 65.72 13.51
C LYS A 199 -3.01 66.82 12.99
N ILE A 200 -3.45 66.72 11.72
CA ILE A 200 -4.21 67.79 11.01
C ILE A 200 -5.64 67.32 10.74
N GLY A 201 -6.60 68.25 10.83
CA GLY A 201 -8.06 67.97 10.79
C GLY A 201 -8.55 67.52 12.15
N VAL A 202 -8.32 68.34 13.19
CA VAL A 202 -8.56 68.00 14.62
C VAL A 202 -8.96 69.26 15.40
N MET A 203 -10.07 69.20 16.14
CA MET A 203 -10.44 70.10 17.27
C MET A 203 -10.67 69.24 18.51
N PHE A 204 -11.46 68.17 18.37
CA PHE A 204 -11.64 67.03 19.33
C PHE A 204 -10.29 66.51 19.84
N GLY A 205 -10.26 66.05 21.10
CA GLY A 205 -9.09 65.39 21.72
C GLY A 205 -7.89 66.32 21.86
N ASN A 206 -6.70 65.82 21.50
CA ASN A 206 -5.39 66.53 21.62
C ASN A 206 -4.71 66.51 20.25
N PRO A 207 -4.33 67.67 19.65
CA PRO A 207 -3.63 67.67 18.35
C PRO A 207 -2.18 67.16 18.38
N GLU A 208 -1.55 67.18 19.55
CA GLU A 208 -0.16 66.66 19.76
C GLU A 208 -0.15 65.14 19.66
N THR A 209 0.71 64.60 18.79
CA THR A 209 0.99 63.16 18.56
C THR A 209 2.47 62.90 18.80
N THR A 210 2.85 61.65 19.01
CA THR A 210 4.25 61.16 19.00
C THR A 210 4.50 60.36 17.72
N THR A 211 5.76 60.27 17.29
CA THR A 211 6.20 59.58 16.06
C THR A 211 6.22 58.06 16.28
N GLY A 212 6.19 57.28 15.20
CA GLY A 212 6.53 55.84 15.17
C GLY A 212 5.35 54.92 15.46
N GLY A 213 4.11 55.44 15.40
CA GLY A 213 2.89 54.61 15.47
C GLY A 213 2.37 54.40 16.88
N ASN A 214 1.47 53.43 17.04
CA ASN A 214 0.65 53.22 18.26
C ASN A 214 1.24 52.13 19.16
N ALA A 215 2.08 51.22 18.67
CA ALA A 215 2.57 50.07 19.46
C ALA A 215 3.18 50.53 20.80
N LEU A 216 4.11 51.48 20.77
CA LEU A 216 4.97 51.87 21.92
C LEU A 216 4.14 52.35 23.12
N LYS A 217 3.08 53.14 22.89
CA LYS A 217 2.06 53.49 23.90
C LYS A 217 1.60 52.28 24.72
N PHE A 218 1.30 51.15 24.06
CA PHE A 218 0.77 49.93 24.71
C PHE A 218 1.86 49.22 25.49
N TYR A 219 3.04 49.05 24.90
CA TYR A 219 4.16 48.27 25.51
C TYR A 219 4.85 49.05 26.62
N ALA A 220 4.86 50.39 26.62
CA ALA A 220 5.55 51.22 27.63
C ALA A 220 4.95 51.00 29.02
N SER A 221 5.78 50.77 30.03
CA SER A 221 5.38 50.64 31.46
C SER A 221 5.32 52.02 32.13
N VAL A 222 6.11 52.99 31.65
CA VAL A 222 6.05 54.42 32.06
C VAL A 222 6.09 55.27 30.79
N ARG A 223 5.35 56.38 30.78
CA ARG A 223 5.46 57.46 29.76
C ARG A 223 5.61 58.81 30.47
N LEU A 224 6.67 59.55 30.16
CA LEU A 224 6.98 60.89 30.72
C LEU A 224 6.87 61.96 29.63
N ASP A 225 5.98 62.94 29.82
CA ASP A 225 5.90 64.19 29.03
C ASP A 225 6.77 65.24 29.77
N ILE A 226 7.78 65.79 29.08
CA ILE A 226 8.75 66.79 29.65
C ILE A 226 8.62 68.10 28.86
N ARG A 227 8.65 69.24 29.55
CA ARG A 227 8.43 70.60 28.96
C ARG A 227 9.23 71.66 29.71
N ARG A 228 9.79 72.62 28.95
CA ARG A 228 10.43 73.86 29.47
C ARG A 228 9.32 74.87 29.80
N ILE A 229 9.22 75.28 31.07
CA ILE A 229 8.13 76.17 31.60
C ILE A 229 8.66 77.59 31.87
N GLY A 230 9.97 77.84 31.73
CA GLY A 230 10.56 79.17 31.94
C GLY A 230 12.08 79.15 31.89
N ALA A 231 12.72 80.23 32.36
CA ALA A 231 14.18 80.46 32.37
C ALA A 231 14.70 80.61 33.80
N VAL A 232 15.98 80.27 34.01
CA VAL A 232 16.77 80.54 35.25
C VAL A 232 17.84 81.57 34.89
N LYS A 233 17.82 82.74 35.55
CA LYS A 233 18.69 83.90 35.23
C LYS A 233 19.50 84.30 36.47
N GLU A 234 20.82 84.48 36.29
CA GLU A 234 21.74 85.13 37.28
C GLU A 234 21.73 86.64 36.98
N GLY A 235 20.61 87.30 37.29
CA GLY A 235 20.34 88.71 36.93
C GLY A 235 20.03 88.87 35.46
N GLU A 236 21.07 88.77 34.62
CA GLU A 236 21.06 89.11 33.17
C GLU A 236 21.21 87.84 32.33
N ASN A 237 22.28 87.07 32.57
CA ASN A 237 22.64 85.83 31.81
C ASN A 237 21.63 84.71 32.11
N VAL A 238 21.03 84.12 31.07
CA VAL A 238 20.20 82.88 31.16
C VAL A 238 21.16 81.70 31.40
N VAL A 239 21.18 81.16 32.63
CA VAL A 239 22.15 80.12 33.10
C VAL A 239 21.54 78.72 32.99
N GLY A 240 20.21 78.58 32.94
CA GLY A 240 19.52 77.27 32.89
C GLY A 240 18.07 77.37 32.46
N SER A 241 17.31 76.28 32.70
CA SER A 241 15.88 76.09 32.31
C SER A 241 15.09 75.54 33.49
N GLU A 242 13.88 76.09 33.72
CA GLU A 242 12.87 75.57 34.67
C GLU A 242 12.02 74.55 33.92
N THR A 243 11.98 73.29 34.39
CA THR A 243 11.47 72.10 33.67
C THR A 243 10.29 71.50 34.44
N ARG A 244 9.32 70.91 33.74
CA ARG A 244 8.19 70.14 34.31
C ARG A 244 8.05 68.78 33.60
N VAL A 245 7.92 67.70 34.37
CA VAL A 245 7.71 66.31 33.88
C VAL A 245 6.38 65.77 34.42
N LYS A 246 5.39 65.55 33.54
CA LYS A 246 4.12 64.82 33.84
C LYS A 246 4.33 63.32 33.66
N VAL A 247 3.91 62.51 34.64
CA VAL A 247 3.76 61.04 34.45
C VAL A 247 2.40 60.78 33.80
N VAL A 248 2.39 60.50 32.50
CA VAL A 248 1.18 60.37 31.63
C VAL A 248 0.68 58.92 31.62
N LYS A 249 1.56 57.94 31.86
CA LYS A 249 1.22 56.50 31.98
C LYS A 249 2.11 55.86 33.04
N ASN A 250 1.58 54.93 33.82
CA ASN A 250 2.31 54.25 34.93
C ASN A 250 1.65 52.90 35.21
N LYS A 251 2.41 51.79 35.12
CA LYS A 251 1.93 50.42 35.43
C LYS A 251 2.54 49.90 36.74
N ILE A 252 3.42 50.66 37.38
CA ILE A 252 4.11 50.24 38.64
C ILE A 252 3.62 51.07 39.84
N ALA A 253 2.82 52.13 39.60
CA ALA A 253 2.26 53.02 40.64
C ALA A 253 1.18 53.92 40.02
N ALA A 254 0.60 54.82 40.81
CA ALA A 254 -0.49 55.73 40.40
C ALA A 254 0.05 56.77 39.43
N PRO A 255 -0.64 57.05 38.30
CA PRO A 255 -0.20 58.09 37.37
C PRO A 255 -0.75 59.50 37.62
N PHE A 256 -0.39 60.42 36.72
CA PHE A 256 -0.86 61.83 36.58
C PHE A 256 -0.24 62.73 37.64
N LYS A 257 0.77 62.25 38.38
CA LYS A 257 1.62 63.10 39.26
C LYS A 257 2.64 63.83 38.38
N GLN A 258 3.19 64.94 38.87
CA GLN A 258 4.20 65.74 38.13
C GLN A 258 5.35 66.11 39.07
N ALA A 259 6.45 66.55 38.45
CA ALA A 259 7.71 66.96 39.10
C ALA A 259 8.21 68.25 38.44
N GLU A 260 8.67 69.21 39.24
CA GLU A 260 9.32 70.47 38.78
C GLU A 260 10.77 70.46 39.29
N PHE A 261 11.70 70.88 38.44
CA PHE A 261 13.15 71.00 38.77
C PHE A 261 13.84 71.94 37.79
N GLN A 262 15.12 72.22 38.04
CA GLN A 262 16.00 73.10 37.22
C GLN A 262 17.06 72.25 36.50
N ILE A 263 17.23 72.46 35.19
CA ILE A 263 18.43 72.02 34.42
C ILE A 263 19.35 73.23 34.25
N LEU A 264 20.56 73.16 34.80
CA LEU A 264 21.61 74.21 34.70
C LEU A 264 22.64 73.79 33.64
N TYR A 265 22.94 74.68 32.69
CA TYR A 265 23.75 74.38 31.48
C TYR A 265 25.19 74.07 31.90
N GLY A 266 25.61 72.81 31.75
CA GLY A 266 26.97 72.32 32.02
C GLY A 266 27.10 71.60 33.35
N GLU A 267 26.02 71.49 34.13
CA GLU A 267 25.96 70.75 35.42
C GLU A 267 24.93 69.62 35.32
N GLY A 268 23.70 69.96 34.91
CA GLY A 268 22.57 69.04 34.75
C GLY A 268 21.44 69.38 35.69
N ILE A 269 20.79 68.37 36.28
CA ILE A 269 19.63 68.55 37.20
C ILE A 269 20.16 69.08 38.54
N ASN A 270 19.53 70.12 39.06
CA ASN A 270 19.89 70.79 40.35
C ASN A 270 19.30 69.96 41.49
N PHE A 271 20.10 69.03 42.05
CA PHE A 271 19.68 68.08 43.11
C PHE A 271 19.35 68.82 44.41
N TYR A 272 20.14 69.83 44.77
CA TYR A 272 19.97 70.62 46.01
C TYR A 272 18.78 71.59 45.86
N GLY A 273 18.60 72.17 44.68
CA GLY A 273 17.43 73.01 44.32
C GLY A 273 16.11 72.32 44.65
N GLU A 274 15.99 71.03 44.32
CA GLU A 274 14.85 70.16 44.71
C GLU A 274 14.81 70.00 46.23
N LEU A 275 15.93 69.55 46.81
CA LEU A 275 16.06 69.13 48.25
C LEU A 275 15.66 70.28 49.19
N VAL A 276 15.85 71.53 48.76
CA VAL A 276 15.30 72.76 49.43
C VAL A 276 13.76 72.68 49.40
N ASP A 277 13.18 72.67 48.20
CA ASP A 277 11.70 72.74 47.96
C ASP A 277 10.98 71.57 48.65
N LEU A 278 11.57 70.38 48.67
CA LEU A 278 11.02 69.16 49.34
C LEU A 278 11.07 69.34 50.86
N GLY A 279 12.20 69.86 51.39
CA GLY A 279 12.38 70.21 52.81
C GLY A 279 11.41 71.29 53.29
N VAL A 280 11.02 72.22 52.40
CA VAL A 280 10.07 73.34 52.69
C VAL A 280 8.67 72.75 52.93
N LYS A 281 8.12 72.01 51.97
CA LYS A 281 6.71 71.53 51.99
C LYS A 281 6.55 70.34 52.96
N GLU A 282 7.64 69.73 53.44
CA GLU A 282 7.63 68.68 54.52
C GLU A 282 8.01 69.29 55.89
N LYS A 283 8.07 70.62 56.01
CA LYS A 283 8.22 71.37 57.29
C LYS A 283 9.55 71.04 57.98
N LEU A 284 10.62 70.84 57.20
CA LEU A 284 12.02 70.65 57.70
C LEU A 284 12.83 71.93 57.46
N ILE A 285 12.45 72.75 56.48
CA ILE A 285 13.01 74.12 56.22
C ILE A 285 11.86 75.13 56.33
N GLU A 286 12.02 76.15 57.19
CA GLU A 286 11.01 77.21 57.43
C GLU A 286 11.37 78.44 56.59
N LYS A 287 10.53 78.80 55.62
CA LYS A 287 10.71 80.01 54.75
C LYS A 287 9.88 81.16 55.33
N ALA A 288 10.52 82.01 56.14
CA ALA A 288 9.94 83.23 56.76
C ALA A 288 9.98 84.37 55.74
N GLY A 289 9.05 84.35 54.77
CA GLY A 289 8.96 85.32 53.66
C GLY A 289 9.86 84.94 52.51
N ALA A 290 11.11 85.41 52.53
CA ALA A 290 12.19 85.04 51.57
C ALA A 290 13.47 84.62 52.32
N TRP A 291 13.36 84.25 53.61
CA TRP A 291 14.48 83.82 54.49
C TRP A 291 14.31 82.34 54.84
N TYR A 292 15.14 81.47 54.27
CA TYR A 292 15.16 80.01 54.51
C TYR A 292 15.89 79.74 55.83
N SER A 293 15.30 78.92 56.72
CA SER A 293 15.81 78.62 58.08
C SER A 293 15.70 77.11 58.36
N TYR A 294 16.80 76.48 58.79
CA TYR A 294 16.89 75.06 59.20
C TYR A 294 17.11 74.98 60.72
N LYS A 295 16.06 74.61 61.47
CA LYS A 295 16.05 74.43 62.96
C LYS A 295 16.42 75.75 63.66
N GLY A 296 15.97 76.88 63.11
CA GLY A 296 16.25 78.25 63.62
C GLY A 296 17.41 78.92 62.89
N GLU A 297 18.51 78.18 62.66
CA GLU A 297 19.73 78.65 61.94
C GLU A 297 19.33 79.11 60.52
N LYS A 298 19.59 80.39 60.20
CA LYS A 298 19.26 81.00 58.88
C LYS A 298 20.28 80.53 57.85
N ILE A 299 19.90 79.55 57.01
CA ILE A 299 20.78 78.96 55.95
C ILE A 299 21.04 80.00 54.85
N GLY A 300 20.12 80.93 54.63
CA GLY A 300 20.31 82.05 53.68
C GLY A 300 19.03 82.79 53.34
N GLN A 301 19.12 83.74 52.41
CA GLN A 301 17.98 84.51 51.85
C GLN A 301 18.01 84.35 50.31
N GLY A 302 16.90 83.92 49.72
CA GLY A 302 16.80 83.55 48.29
C GLY A 302 17.17 82.09 48.07
N LYS A 303 16.55 81.45 47.08
CA LYS A 303 16.67 80.00 46.77
C LYS A 303 18.10 79.66 46.34
N ALA A 304 18.77 80.54 45.59
CA ALA A 304 20.14 80.35 45.06
C ALA A 304 21.17 80.33 46.20
N ASN A 305 21.02 81.21 47.19
CA ASN A 305 21.90 81.32 48.39
C ASN A 305 21.66 80.14 49.34
N ALA A 306 20.41 79.69 49.45
CA ALA A 306 19.99 78.51 50.25
C ALA A 306 20.63 77.23 49.69
N THR A 307 20.63 77.07 48.37
CA THR A 307 21.18 75.89 47.65
C THR A 307 22.72 75.95 47.71
N ALA A 308 23.30 77.17 47.70
CA ALA A 308 24.75 77.43 47.88
C ALA A 308 25.19 77.03 49.30
N TRP A 309 24.34 77.29 50.31
CA TRP A 309 24.60 76.91 51.74
C TRP A 309 24.58 75.38 51.89
N LEU A 310 23.58 74.71 51.32
CA LEU A 310 23.42 73.23 51.33
C LEU A 310 24.62 72.56 50.64
N LYS A 311 25.19 73.19 49.62
CA LYS A 311 26.40 72.73 48.90
C LYS A 311 27.61 72.74 49.84
N ASP A 312 27.74 73.80 50.65
CA ASP A 312 28.86 74.01 51.61
C ASP A 312 28.80 72.99 52.76
N ASN A 313 27.61 72.50 53.12
CA ASN A 313 27.37 71.58 54.28
C ASN A 313 26.86 70.23 53.76
N PRO A 314 27.73 69.23 53.48
CA PRO A 314 27.27 67.88 53.12
C PRO A 314 26.52 67.12 54.22
N GLU A 315 26.68 67.50 55.50
CA GLU A 315 26.03 66.87 56.69
C GLU A 315 24.53 67.18 56.70
N THR A 316 24.18 68.45 56.54
CA THR A 316 22.79 69.00 56.58
C THR A 316 21.98 68.45 55.39
N ALA A 317 22.59 68.38 54.21
CA ALA A 317 22.02 67.80 52.96
C ALA A 317 21.75 66.30 53.15
N LYS A 318 22.70 65.57 53.74
CA LYS A 318 22.61 64.13 54.12
C LYS A 318 21.37 63.90 55.00
N GLU A 319 21.18 64.76 56.01
CA GLU A 319 20.11 64.68 57.05
C GLU A 319 18.73 64.92 56.41
N ILE A 320 18.58 65.97 55.61
CA ILE A 320 17.29 66.40 54.98
C ILE A 320 16.86 65.35 53.94
N GLU A 321 17.80 64.83 53.13
CA GLU A 321 17.53 63.80 52.09
C GLU A 321 17.03 62.52 52.78
N LYS A 322 17.70 62.10 53.85
CA LYS A 322 17.29 60.97 54.74
C LYS A 322 15.79 61.06 55.07
N LYS A 323 15.37 62.23 55.55
CA LYS A 323 14.02 62.48 56.13
C LYS A 323 12.98 62.52 54.99
N VAL A 324 13.27 63.27 53.92
CA VAL A 324 12.40 63.40 52.71
C VAL A 324 12.19 62.01 52.08
N ARG A 325 13.25 61.19 52.00
CA ARG A 325 13.20 59.79 51.49
C ARG A 325 12.31 58.96 52.41
N GLU A 326 12.55 58.99 53.72
CA GLU A 326 11.73 58.32 54.77
C GLU A 326 10.23 58.58 54.55
N LEU A 327 9.86 59.85 54.35
CA LEU A 327 8.44 60.33 54.36
C LEU A 327 7.76 60.03 53.02
N LEU A 328 8.27 60.59 51.93
CA LEU A 328 7.50 60.85 50.67
C LEU A 328 7.51 59.65 49.70
N LEU A 329 8.32 58.62 49.93
CA LEU A 329 8.35 57.40 49.07
C LEU A 329 7.05 56.60 49.26
N SER A 330 6.19 56.58 48.23
CA SER A 330 4.81 55.99 48.25
C SER A 330 4.90 54.46 48.33
N ASN A 331 5.60 53.83 47.38
CA ASN A 331 5.90 52.37 47.34
C ASN A 331 7.38 52.18 47.64
N PRO A 332 7.79 51.83 48.89
CA PRO A 332 9.19 51.52 49.21
C PRO A 332 9.84 50.44 48.33
N ASN A 333 11.19 50.44 48.27
CA ASN A 333 12.04 49.54 47.45
C ASN A 333 11.74 48.07 47.77
N SER A 334 11.82 47.20 46.75
CA SER A 334 11.54 45.74 46.82
C SER A 334 12.55 45.06 47.74
N ALA B 2 -47.69 3.78 8.80
CA ALA B 2 -46.91 2.67 8.15
C ALA B 2 -45.48 3.14 7.84
N ILE B 3 -45.37 4.21 7.05
CA ILE B 3 -44.09 4.90 6.66
C ILE B 3 -43.48 5.57 7.90
N ASP B 4 -44.32 6.14 8.79
CA ASP B 4 -43.91 6.77 10.08
C ASP B 4 -42.99 5.83 10.87
N GLU B 5 -43.42 4.58 11.08
CA GLU B 5 -42.69 3.54 11.87
C GLU B 5 -41.34 3.22 11.19
N ASN B 6 -41.33 3.03 9.87
CA ASN B 6 -40.11 2.73 9.06
C ASN B 6 -39.07 3.85 9.19
N LYS B 7 -39.51 5.12 9.20
CA LYS B 7 -38.62 6.30 9.39
C LYS B 7 -38.10 6.35 10.83
N GLN B 8 -38.97 6.15 11.83
CA GLN B 8 -38.61 6.16 13.28
C GLN B 8 -37.61 5.05 13.62
N LYS B 9 -37.69 3.90 12.93
CA LYS B 9 -36.80 2.73 13.13
C LYS B 9 -35.45 2.97 12.45
N ALA B 10 -35.45 3.49 11.22
CA ALA B 10 -34.24 3.92 10.45
C ALA B 10 -33.49 5.00 11.23
N LEU B 11 -34.21 5.92 11.87
CA LEU B 11 -33.64 7.00 12.72
C LEU B 11 -32.97 6.39 13.96
N ALA B 12 -33.73 5.59 14.71
CA ALA B 12 -33.30 4.89 15.95
C ALA B 12 -32.05 4.04 15.69
N ALA B 13 -32.01 3.34 14.55
CA ALA B 13 -30.90 2.48 14.11
C ALA B 13 -29.64 3.31 13.82
N ALA B 14 -29.78 4.42 13.08
CA ALA B 14 -28.70 5.36 12.72
C ALA B 14 -28.11 6.00 13.98
N LEU B 15 -28.98 6.50 14.87
CA LEU B 15 -28.60 7.10 16.19
C LEU B 15 -27.81 6.08 17.02
N GLY B 16 -28.28 4.82 17.05
CA GLY B 16 -27.58 3.69 17.70
C GLY B 16 -26.20 3.47 17.13
N GLN B 17 -26.06 3.52 15.81
CA GLN B 17 -24.79 3.24 15.07
C GLN B 17 -23.79 4.39 15.29
N ILE B 18 -24.26 5.64 15.30
CA ILE B 18 -23.43 6.87 15.54
C ILE B 18 -22.87 6.80 16.97
N GLU B 19 -23.74 6.52 17.95
CA GLU B 19 -23.40 6.49 19.41
C GLU B 19 -22.43 5.33 19.71
N LYS B 20 -22.54 4.22 18.97
CA LYS B 20 -21.58 3.08 19.03
C LYS B 20 -20.19 3.53 18.52
N GLN B 21 -20.15 4.16 17.34
CA GLN B 21 -18.91 4.48 16.59
C GLN B 21 -18.11 5.61 17.27
N PHE B 22 -18.79 6.61 17.86
CA PHE B 22 -18.17 7.88 18.34
C PHE B 22 -18.26 8.04 19.87
N GLY B 23 -19.26 7.46 20.54
CA GLY B 23 -19.41 7.51 22.00
C GLY B 23 -20.80 7.95 22.41
N LYS B 24 -21.04 8.04 23.72
CA LYS B 24 -22.39 7.96 24.32
C LYS B 24 -23.24 9.18 23.94
N GLY B 25 -22.77 10.40 24.25
CA GLY B 25 -23.51 11.65 23.98
C GLY B 25 -23.08 12.32 22.68
N SER B 26 -22.70 11.52 21.66
CA SER B 26 -22.23 11.99 20.33
C SER B 26 -23.34 12.74 19.59
N ILE B 27 -24.55 12.20 19.62
CA ILE B 27 -25.78 12.82 19.07
C ILE B 27 -26.92 12.64 20.08
N MET B 28 -27.70 13.69 20.32
CA MET B 28 -28.92 13.61 21.15
C MET B 28 -29.81 14.82 20.89
N ARG B 29 -31.07 14.75 21.32
CA ARG B 29 -32.04 15.87 21.21
C ARG B 29 -31.55 17.04 22.07
N LEU B 30 -31.68 18.25 21.55
CA LEU B 30 -31.07 19.49 22.11
C LEU B 30 -31.77 19.85 23.42
N GLY B 31 -33.07 19.55 23.52
CA GLY B 31 -33.90 19.80 24.71
C GLY B 31 -33.47 18.97 25.91
N GLU B 32 -32.84 17.82 25.70
CA GLU B 32 -32.42 16.88 26.78
C GLU B 32 -30.88 16.83 26.88
N ASP B 33 -30.20 17.94 26.57
CA ASP B 33 -28.71 18.07 26.58
C ASP B 33 -28.32 19.18 27.56
N ARG B 34 -28.00 18.81 28.81
CA ARG B 34 -27.69 19.77 29.90
C ARG B 34 -26.34 20.47 29.68
N SER B 35 -25.41 19.84 28.94
CA SER B 35 -24.08 20.41 28.57
C SER B 35 -24.23 21.78 27.89
N MET B 36 -25.29 21.93 27.08
CA MET B 36 -25.52 23.10 26.19
C MET B 36 -26.11 24.29 26.96
N ASP B 37 -26.49 24.12 28.23
CA ASP B 37 -27.04 25.23 29.07
C ASP B 37 -25.92 26.23 29.40
N VAL B 38 -26.23 27.52 29.30
CA VAL B 38 -25.26 28.64 29.50
C VAL B 38 -25.20 28.98 31.00
N GLU B 39 -24.03 28.82 31.60
CA GLU B 39 -23.68 29.20 32.99
C GLU B 39 -22.73 30.40 32.93
N THR B 40 -22.90 31.39 33.81
CA THR B 40 -22.15 32.68 33.81
C THR B 40 -21.46 32.92 35.16
N ILE B 41 -20.43 33.79 35.15
CA ILE B 41 -19.72 34.31 36.35
C ILE B 41 -19.62 35.84 36.29
N SER B 42 -19.57 36.47 37.47
CA SER B 42 -19.54 37.94 37.66
C SER B 42 -18.30 38.53 37.01
N THR B 43 -18.41 39.78 36.53
CA THR B 43 -17.28 40.59 36.01
C THR B 43 -16.68 41.49 37.11
N GLY B 44 -17.22 41.45 38.33
CA GLY B 44 -16.88 42.39 39.42
C GLY B 44 -17.41 43.80 39.14
N SER B 45 -18.34 43.96 38.20
CA SER B 45 -19.05 45.22 37.86
C SER B 45 -20.54 44.89 37.66
N LEU B 46 -21.42 45.49 38.46
CA LEU B 46 -22.88 45.19 38.40
C LEU B 46 -23.49 45.75 37.12
N SER B 47 -23.11 46.95 36.68
CA SER B 47 -23.62 47.60 35.44
C SER B 47 -23.24 46.78 34.20
N LEU B 48 -22.04 46.17 34.19
CA LEU B 48 -21.56 45.32 33.07
C LEU B 48 -22.31 43.99 33.07
N ASP B 49 -22.55 43.37 34.24
CA ASP B 49 -23.34 42.12 34.38
C ASP B 49 -24.76 42.30 33.82
N ILE B 50 -25.33 43.51 33.96
CA ILE B 50 -26.66 43.88 33.39
C ILE B 50 -26.53 44.05 31.87
N ALA B 51 -25.53 44.78 31.39
CA ALA B 51 -25.26 45.04 29.95
C ALA B 51 -25.09 43.72 29.18
N LEU B 52 -24.47 42.71 29.79
CA LEU B 52 -24.22 41.39 29.15
C LEU B 52 -25.51 40.58 29.06
N GLY B 53 -26.55 40.91 29.84
CA GLY B 53 -27.91 40.36 29.67
C GLY B 53 -28.14 39.06 30.43
N ALA B 54 -27.13 38.22 30.61
CA ALA B 54 -27.23 36.89 31.26
C ALA B 54 -26.54 36.89 32.63
N GLY B 55 -26.17 38.06 33.18
CA GLY B 55 -25.59 38.19 34.53
C GLY B 55 -24.08 37.99 34.59
N GLY B 56 -23.37 37.96 33.46
CA GLY B 56 -21.90 37.82 33.44
C GLY B 56 -21.40 37.08 32.21
N LEU B 57 -20.15 36.63 32.25
CA LEU B 57 -19.44 36.03 31.10
C LEU B 57 -19.67 34.53 31.07
N PRO B 58 -19.92 33.92 29.89
CA PRO B 58 -20.30 32.51 29.82
C PRO B 58 -19.11 31.55 29.92
N MET B 59 -19.27 30.50 30.73
CA MET B 59 -18.24 29.43 30.90
C MET B 59 -18.23 28.54 29.65
N GLY B 60 -17.07 28.00 29.30
CA GLY B 60 -16.88 27.11 28.14
C GLY B 60 -16.78 27.87 26.83
N ARG B 61 -16.61 29.19 26.89
CA ARG B 61 -16.63 30.08 25.70
C ARG B 61 -15.37 30.94 25.68
N ILE B 62 -15.17 31.61 24.54
CA ILE B 62 -14.08 32.58 24.29
C ILE B 62 -14.66 34.00 24.40
N VAL B 63 -13.95 34.88 25.09
CA VAL B 63 -14.28 36.32 25.25
C VAL B 63 -13.09 37.14 24.76
N GLU B 64 -13.35 38.28 24.13
CA GLU B 64 -12.32 39.25 23.67
C GLU B 64 -12.58 40.58 24.36
N ILE B 65 -11.56 41.17 24.98
CA ILE B 65 -11.62 42.55 25.54
C ILE B 65 -10.55 43.34 24.81
N TYR B 66 -10.95 44.43 24.14
CA TYR B 66 -10.02 45.29 23.38
C TYR B 66 -10.31 46.74 23.75
N GLY B 67 -9.33 47.59 23.48
CA GLY B 67 -9.45 49.03 23.74
C GLY B 67 -8.13 49.76 23.54
N PRO B 68 -8.12 51.09 23.73
CA PRO B 68 -6.89 51.86 23.65
C PRO B 68 -5.95 51.66 24.85
N GLU B 69 -4.81 52.34 24.80
CA GLU B 69 -3.79 52.31 25.89
C GLU B 69 -4.43 52.88 27.16
N SER B 70 -4.23 52.19 28.29
CA SER B 70 -4.61 52.63 29.66
C SER B 70 -6.12 52.81 29.79
N SER B 71 -6.90 51.90 29.20
CA SER B 71 -8.38 51.89 29.21
C SER B 71 -8.92 51.06 30.38
N GLY B 72 -8.14 50.11 30.91
CA GLY B 72 -8.52 49.28 32.07
C GLY B 72 -8.67 47.80 31.73
N LYS B 73 -8.03 47.31 30.68
CA LYS B 73 -8.22 45.95 30.13
C LYS B 73 -7.66 44.91 31.11
N THR B 74 -6.49 45.16 31.71
CA THR B 74 -5.84 44.23 32.67
C THR B 74 -6.58 44.31 34.01
N THR B 75 -6.84 45.51 34.51
CA THR B 75 -7.60 45.73 35.76
C THR B 75 -8.94 44.99 35.67
N LEU B 76 -9.64 45.08 34.53
CA LEU B 76 -10.98 44.43 34.39
C LEU B 76 -10.83 42.90 34.45
N THR B 77 -9.86 42.32 33.75
CA THR B 77 -9.62 40.85 33.76
C THR B 77 -9.19 40.36 35.14
N LEU B 78 -8.51 41.18 35.94
CA LEU B 78 -8.06 40.79 37.30
C LEU B 78 -9.24 40.80 38.27
N GLN B 79 -10.20 41.69 38.10
CA GLN B 79 -11.45 41.73 38.91
C GLN B 79 -12.31 40.49 38.60
N VAL B 80 -12.31 40.01 37.35
CA VAL B 80 -13.00 38.75 36.95
C VAL B 80 -12.37 37.57 37.69
N ILE B 81 -11.04 37.49 37.69
CA ILE B 81 -10.25 36.42 38.40
C ILE B 81 -10.54 36.50 39.91
N ALA B 82 -10.45 37.69 40.49
CA ALA B 82 -10.66 37.94 41.94
C ALA B 82 -12.03 37.38 42.36
N ALA B 83 -13.09 37.72 41.61
CA ALA B 83 -14.49 37.27 41.83
C ALA B 83 -14.59 35.75 41.71
N ALA B 84 -13.93 35.15 40.72
CA ALA B 84 -13.98 33.70 40.44
C ALA B 84 -13.30 32.94 41.58
N GLN B 85 -12.15 33.44 42.07
CA GLN B 85 -11.37 32.85 43.19
C GLN B 85 -12.21 32.85 44.47
N ARG B 86 -13.00 33.90 44.70
CA ARG B 86 -13.89 34.03 45.90
C ARG B 86 -15.01 32.97 45.88
N GLU B 87 -15.35 32.42 44.70
CA GLU B 87 -16.28 31.27 44.53
C GLU B 87 -15.51 29.94 44.36
N GLY B 88 -14.27 29.86 44.84
CA GLY B 88 -13.45 28.62 44.87
C GLY B 88 -13.17 28.05 43.50
N LYS B 89 -12.75 28.91 42.55
CA LYS B 89 -12.32 28.50 41.18
C LYS B 89 -10.82 28.76 41.02
N THR B 90 -10.15 27.92 40.23
CA THR B 90 -8.71 28.00 39.89
C THR B 90 -8.56 28.87 38.64
N CYS B 91 -7.57 29.76 38.60
CA CYS B 91 -7.38 30.75 37.51
C CYS B 91 -5.92 30.81 37.08
N ALA B 92 -5.69 31.04 35.79
CA ALA B 92 -4.36 31.15 35.16
C ALA B 92 -4.23 32.49 34.45
N PHE B 93 -3.06 33.11 34.49
CA PHE B 93 -2.72 34.35 33.75
C PHE B 93 -1.53 34.07 32.83
N ILE B 94 -1.74 34.08 31.51
CA ILE B 94 -0.66 33.98 30.49
C ILE B 94 -0.26 35.42 30.12
N ASP B 95 0.88 35.89 30.63
CA ASP B 95 1.32 37.31 30.53
C ASP B 95 2.34 37.44 29.40
N ALA B 96 1.86 37.45 28.15
CA ALA B 96 2.68 37.58 26.92
C ALA B 96 3.28 38.98 26.80
N GLU B 97 2.64 40.01 27.37
CA GLU B 97 3.15 41.43 27.37
C GLU B 97 4.35 41.59 28.30
N HIS B 98 4.52 40.71 29.30
CA HIS B 98 5.58 40.75 30.34
C HIS B 98 5.47 42.06 31.12
N ALA B 99 4.29 42.34 31.68
CA ALA B 99 3.96 43.64 32.31
C ALA B 99 2.92 43.49 33.41
N LEU B 100 2.90 42.38 34.15
CA LEU B 100 2.00 42.19 35.31
C LEU B 100 2.76 42.55 36.59
N ASP B 101 2.16 43.41 37.43
CA ASP B 101 2.65 43.77 38.79
C ASP B 101 1.91 42.90 39.81
N PRO B 102 2.58 41.95 40.54
CA PRO B 102 1.88 41.11 41.51
C PRO B 102 1.37 41.86 42.76
N ILE B 103 1.97 43.00 43.13
CA ILE B 103 1.50 43.80 44.29
C ILE B 103 0.14 44.43 43.95
N TYR B 104 0.03 45.02 42.76
CA TYR B 104 -1.24 45.66 42.28
C TYR B 104 -2.34 44.61 42.16
N ALA B 105 -2.03 43.41 41.67
CA ALA B 105 -2.99 42.29 41.55
C ALA B 105 -3.55 41.94 42.93
N ARG B 106 -2.71 41.94 43.97
CA ARG B 106 -3.09 41.65 45.38
C ARG B 106 -4.02 42.74 45.92
N LYS B 107 -3.77 44.00 45.57
CA LYS B 107 -4.60 45.17 46.00
C LYS B 107 -6.00 45.14 45.36
N LEU B 108 -6.16 44.53 44.17
CA LEU B 108 -7.48 44.38 43.50
C LEU B 108 -8.22 43.15 44.05
N GLY B 109 -7.60 42.35 44.91
CA GLY B 109 -8.25 41.24 45.64
C GLY B 109 -7.94 39.88 45.06
N VAL B 110 -6.92 39.77 44.20
CA VAL B 110 -6.48 38.46 43.65
C VAL B 110 -5.73 37.74 44.77
N ASP B 111 -6.03 36.46 45.00
CA ASP B 111 -5.21 35.54 45.82
C ASP B 111 -4.00 35.14 44.97
N ILE B 112 -2.90 35.87 45.13
CA ILE B 112 -1.63 35.76 44.34
C ILE B 112 -1.09 34.33 44.47
N ASP B 113 -1.16 33.75 45.67
CA ASP B 113 -0.48 32.48 46.05
C ASP B 113 -1.15 31.27 45.39
N ASN B 114 -2.33 31.43 44.78
CA ASN B 114 -3.05 30.36 44.03
C ASN B 114 -3.26 30.72 42.55
N LEU B 115 -2.89 31.92 42.10
CA LEU B 115 -3.01 32.37 40.69
C LEU B 115 -1.84 31.78 39.89
N LEU B 116 -2.11 30.81 39.01
CA LEU B 116 -1.10 30.25 38.07
C LEU B 116 -0.68 31.34 37.10
N CYS B 117 0.62 31.53 36.89
CA CYS B 117 1.17 32.56 35.98
C CYS B 117 2.20 31.93 35.05
N SER B 118 2.32 32.48 33.85
CA SER B 118 3.27 32.06 32.79
C SER B 118 3.68 33.29 31.99
N GLN B 119 4.98 33.46 31.73
CA GLN B 119 5.55 34.54 30.88
C GLN B 119 6.24 33.85 29.71
N PRO B 120 5.47 33.43 28.68
CA PRO B 120 6.00 32.56 27.64
C PRO B 120 6.90 33.31 26.64
N ASP B 121 7.74 32.57 25.94
CA ASP B 121 8.76 33.11 25.00
C ASP B 121 8.12 33.41 23.64
N THR B 122 7.24 32.52 23.18
CA THR B 122 6.59 32.54 21.84
C THR B 122 5.07 32.48 21.98
N GLY B 123 4.36 32.87 20.93
CA GLY B 123 2.90 32.72 20.80
C GLY B 123 2.47 31.28 20.82
N GLU B 124 3.25 30.38 20.19
CA GLU B 124 2.97 28.92 20.13
C GLU B 124 2.97 28.33 21.54
N GLN B 125 4.01 28.62 22.32
CA GLN B 125 4.18 28.15 23.72
C GLN B 125 3.00 28.64 24.56
N ALA B 126 2.65 29.92 24.45
CA ALA B 126 1.51 30.57 25.14
C ALA B 126 0.22 29.79 24.89
N LEU B 127 -0.07 29.47 23.62
CA LEU B 127 -1.32 28.82 23.17
C LEU B 127 -1.30 27.30 23.42
N GLU B 128 -0.13 26.67 23.48
CA GLU B 128 0.01 25.23 23.87
C GLU B 128 -0.21 25.07 25.38
N ILE B 129 0.18 26.04 26.20
CA ILE B 129 -0.12 26.07 27.66
C ILE B 129 -1.63 26.24 27.86
N CYS B 130 -2.28 27.11 27.10
CA CYS B 130 -3.77 27.31 27.12
C CYS B 130 -4.49 26.00 26.81
N ASP B 131 -4.04 25.24 25.81
CA ASP B 131 -4.66 23.96 25.40
C ASP B 131 -4.41 22.87 26.46
N ALA B 132 -3.21 22.83 27.06
CA ALA B 132 -2.82 21.89 28.14
C ALA B 132 -3.65 22.12 29.42
N LEU B 133 -3.91 23.38 29.80
CA LEU B 133 -4.73 23.73 30.99
C LEU B 133 -6.23 23.52 30.70
N ALA B 134 -6.66 23.72 29.45
CA ALA B 134 -8.06 23.48 29.01
C ALA B 134 -8.38 21.98 29.09
N ARG B 135 -7.49 21.12 28.59
CA ARG B 135 -7.71 19.64 28.54
C ARG B 135 -7.68 19.04 29.95
N SER B 136 -6.90 19.62 30.87
CA SER B 136 -6.72 19.15 32.27
C SER B 136 -8.08 19.07 32.98
N GLY B 137 -8.96 20.06 32.77
CA GLY B 137 -10.26 20.18 33.48
C GLY B 137 -10.14 20.84 34.85
N ALA B 138 -8.93 21.26 35.26
CA ALA B 138 -8.60 21.73 36.62
C ALA B 138 -8.58 23.26 36.71
N VAL B 139 -8.57 23.97 35.58
CA VAL B 139 -8.57 25.45 35.51
C VAL B 139 -9.95 25.92 35.02
N ASP B 140 -10.51 26.93 35.67
CA ASP B 140 -11.86 27.49 35.41
C ASP B 140 -11.79 28.76 34.55
N VAL B 141 -10.78 29.62 34.73
CA VAL B 141 -10.61 30.90 33.98
C VAL B 141 -9.16 31.02 33.54
N ILE B 142 -8.91 31.28 32.26
CA ILE B 142 -7.56 31.58 31.69
C ILE B 142 -7.62 32.97 31.08
N VAL B 143 -6.68 33.85 31.41
CA VAL B 143 -6.53 35.20 30.76
C VAL B 143 -5.24 35.21 29.98
N VAL B 144 -5.29 35.51 28.68
CA VAL B 144 -4.12 35.68 27.78
C VAL B 144 -3.92 37.18 27.54
N ASP B 145 -2.98 37.80 28.26
CA ASP B 145 -2.78 39.27 28.18
C ASP B 145 -1.97 39.61 26.92
N SER B 146 -2.69 40.33 26.06
CA SER B 146 -2.43 40.76 24.67
C SER B 146 -2.09 39.59 23.74
N VAL B 147 -3.03 39.40 22.82
CA VAL B 147 -2.88 38.79 21.47
C VAL B 147 -1.78 39.50 20.67
N ALA B 148 -1.54 40.79 20.90
CA ALA B 148 -0.59 41.60 20.10
C ALA B 148 0.84 41.11 20.34
N ALA B 149 1.12 40.60 21.53
CA ALA B 149 2.44 40.12 22.00
C ALA B 149 2.59 38.61 21.84
N LEU B 150 1.65 37.92 21.19
CA LEU B 150 1.75 36.48 20.79
C LEU B 150 2.60 36.41 19.53
N THR B 151 3.91 36.41 19.68
CA THR B 151 4.88 36.44 18.55
C THR B 151 5.10 35.00 18.07
N PRO B 152 4.92 34.68 16.77
CA PRO B 152 5.31 33.35 16.26
C PRO B 152 6.81 33.09 16.38
N LYS B 153 7.20 31.83 16.48
CA LYS B 153 8.61 31.38 16.71
C LYS B 153 9.52 31.89 15.58
N ALA B 154 9.04 31.82 14.34
CA ALA B 154 9.76 32.24 13.11
C ALA B 154 10.14 33.73 13.16
N GLU B 155 9.29 34.54 13.79
CA GLU B 155 9.47 36.01 13.90
C GLU B 155 10.50 36.34 14.98
N ILE B 156 10.60 35.51 16.03
CA ILE B 156 11.58 35.69 17.14
C ILE B 156 12.98 35.25 16.69
N GLU B 157 13.06 34.12 16.00
CA GLU B 157 14.32 33.62 15.38
C GLU B 157 14.79 34.60 14.29
N GLY B 158 13.86 35.19 13.54
CA GLY B 158 14.15 36.09 12.41
C GLY B 158 14.68 37.46 12.83
N GLU B 159 15.00 38.30 11.85
CA GLU B 159 15.52 39.69 12.05
C GLU B 159 14.36 40.69 12.01
N ILE B 160 14.57 41.86 12.63
CA ILE B 160 13.63 43.01 12.54
C ILE B 160 13.68 43.56 11.10
N GLY B 161 12.51 43.73 10.48
CA GLY B 161 12.36 44.13 9.07
C GLY B 161 11.86 42.98 8.20
N ASP B 162 12.18 41.73 8.56
CA ASP B 162 11.72 40.49 7.87
C ASP B 162 10.20 40.44 7.85
N SER B 163 9.63 40.01 6.72
CA SER B 163 8.18 39.85 6.47
C SER B 163 7.74 38.41 6.77
N HIS B 164 6.60 38.26 7.44
CA HIS B 164 6.00 36.97 7.85
C HIS B 164 4.51 37.00 7.53
N MET B 165 4.17 36.87 6.25
CA MET B 165 2.82 37.15 5.68
C MET B 165 1.73 36.34 6.40
N GLY B 166 0.91 37.02 7.19
CA GLY B 166 -0.28 36.45 7.87
C GLY B 166 0.05 35.34 8.83
N LEU B 167 1.27 35.29 9.37
CA LEU B 167 1.77 34.13 10.13
C LEU B 167 1.13 34.09 11.52
N ALA B 168 0.96 35.26 12.16
CA ALA B 168 0.23 35.42 13.44
C ALA B 168 -1.26 35.09 13.24
N ALA B 169 -1.86 35.58 12.14
CA ALA B 169 -3.29 35.37 11.78
C ALA B 169 -3.56 33.88 11.58
N ARG B 170 -2.65 33.19 10.89
CA ARG B 170 -2.71 31.72 10.69
C ARG B 170 -2.64 30.98 12.02
N MET B 171 -1.69 31.34 12.88
CA MET B 171 -1.51 30.79 14.25
C MET B 171 -2.83 30.90 15.03
N MET B 172 -3.46 32.08 15.00
CA MET B 172 -4.71 32.37 15.74
C MET B 172 -5.87 31.58 15.17
N SER B 173 -6.04 31.57 13.85
CA SER B 173 -7.00 30.70 13.11
C SER B 173 -6.84 29.23 13.57
N GLN B 174 -5.61 28.72 13.63
CA GLN B 174 -5.35 27.30 14.03
C GLN B 174 -5.72 27.07 15.49
N ALA B 175 -5.32 27.99 16.37
CA ALA B 175 -5.55 27.97 17.82
C ALA B 175 -7.06 27.85 18.14
N MET B 176 -7.89 28.64 17.47
CA MET B 176 -9.37 28.71 17.71
C MET B 176 -10.00 27.35 17.44
N ARG B 177 -9.80 26.83 16.22
CA ARG B 177 -10.14 25.45 15.78
C ARG B 177 -9.86 24.42 16.88
N LYS B 178 -8.64 24.40 17.42
CA LYS B 178 -8.14 23.44 18.43
C LYS B 178 -8.80 23.69 19.79
N LEU B 179 -8.98 24.96 20.19
CA LEU B 179 -9.39 25.32 21.56
C LEU B 179 -10.90 25.20 21.76
N ALA B 180 -11.73 25.72 20.84
CA ALA B 180 -13.19 25.86 20.99
C ALA B 180 -13.79 24.62 21.67
N GLY B 181 -13.42 23.43 21.16
CA GLY B 181 -13.99 22.13 21.58
C GLY B 181 -13.51 21.75 22.97
N ASN B 182 -12.22 21.88 23.21
CA ASN B 182 -11.56 21.58 24.52
C ASN B 182 -12.19 22.43 25.64
N LEU B 183 -12.45 23.71 25.38
CA LEU B 183 -13.00 24.65 26.38
C LEU B 183 -14.44 24.28 26.73
N LYS B 184 -15.24 23.89 25.75
CA LYS B 184 -16.68 23.57 25.96
C LYS B 184 -16.77 22.30 26.84
N GLN B 185 -15.91 21.31 26.58
CA GLN B 185 -15.86 20.03 27.34
C GLN B 185 -15.47 20.28 28.81
N SER B 186 -14.47 21.11 29.05
CA SER B 186 -13.89 21.37 30.39
C SER B 186 -14.64 22.48 31.12
N ASN B 187 -15.59 23.13 30.47
CA ASN B 187 -16.39 24.26 30.99
C ASN B 187 -15.47 25.39 31.46
N THR B 188 -14.41 25.67 30.68
CA THR B 188 -13.35 26.68 30.97
C THR B 188 -13.63 27.96 30.20
N LEU B 189 -13.47 29.13 30.84
CA LEU B 189 -13.60 30.46 30.22
C LEU B 189 -12.21 30.95 29.79
N LEU B 190 -11.99 31.20 28.50
CA LEU B 190 -10.75 31.82 27.97
C LEU B 190 -11.04 33.29 27.63
N ILE B 191 -10.32 34.24 28.24
CA ILE B 191 -10.44 35.69 27.96
C ILE B 191 -9.17 36.13 27.22
N PHE B 192 -9.33 36.67 26.02
CA PHE B 192 -8.23 37.26 25.21
C PHE B 192 -8.29 38.78 25.31
N ILE B 193 -7.19 39.41 25.72
CA ILE B 193 -7.04 40.88 25.64
C ILE B 193 -6.43 41.19 24.28
N ASN B 194 -6.89 42.25 23.60
CA ASN B 194 -6.34 42.69 22.30
C ASN B 194 -6.08 44.20 22.37
N GLN B 195 -5.10 44.66 21.60
CA GLN B 195 -4.74 46.09 21.42
C GLN B 195 -5.38 46.58 20.12
N ILE B 196 -5.56 47.88 20.01
CA ILE B 196 -6.09 48.55 18.79
C ILE B 196 -4.92 48.94 17.88
N ARG B 197 -5.13 48.88 16.58
CA ARG B 197 -4.24 49.46 15.54
C ARG B 197 -5.10 50.14 14.48
N MET B 198 -4.48 50.99 13.68
CA MET B 198 -5.15 51.78 12.61
C MET B 198 -4.92 51.06 11.29
N LYS B 199 -5.97 50.82 10.51
CA LYS B 199 -5.83 50.28 9.14
C LYS B 199 -5.95 51.42 8.15
N ILE B 200 -5.08 51.42 7.14
CA ILE B 200 -4.86 52.54 6.17
C ILE B 200 -5.14 52.03 4.77
N GLY B 201 -5.83 52.83 3.96
CA GLY B 201 -6.48 52.42 2.70
C GLY B 201 -7.95 52.11 2.91
N VAL B 202 -8.63 52.90 3.76
CA VAL B 202 -10.07 52.72 4.12
C VAL B 202 -10.69 54.11 4.36
N MET B 203 -11.87 54.36 3.81
CA MET B 203 -12.68 55.60 4.01
C MET B 203 -14.08 55.27 4.56
N PHE B 204 -14.60 54.06 4.32
CA PHE B 204 -15.86 53.52 4.91
C PHE B 204 -15.59 52.96 6.32
N GLY B 205 -16.61 52.99 7.18
CA GLY B 205 -16.56 52.49 8.57
C GLY B 205 -15.57 53.27 9.43
N ASN B 206 -15.09 52.65 10.51
CA ASN B 206 -14.02 53.19 11.39
C ASN B 206 -12.66 52.66 10.91
N PRO B 207 -11.57 53.43 11.07
CA PRO B 207 -10.24 52.96 10.69
C PRO B 207 -9.54 52.11 11.78
N GLU B 208 -10.19 51.91 12.94
CA GLU B 208 -9.67 51.08 14.06
C GLU B 208 -9.82 49.60 13.71
N THR B 209 -8.77 48.82 13.99
CA THR B 209 -8.71 47.35 13.91
C THR B 209 -8.23 46.81 15.25
N THR B 210 -8.29 45.50 15.43
CA THR B 210 -7.55 44.74 16.45
C THR B 210 -6.48 43.92 15.76
N THR B 211 -5.56 43.35 16.53
CA THR B 211 -4.39 42.57 16.06
C THR B 211 -4.76 41.07 15.98
N GLY B 212 -3.99 40.29 15.23
CA GLY B 212 -4.05 38.82 15.23
C GLY B 212 -5.09 38.24 14.27
N GLY B 213 -5.59 39.03 13.31
CA GLY B 213 -6.42 38.54 12.20
C GLY B 213 -7.89 38.41 12.58
N ASN B 214 -8.66 37.76 11.73
CA ASN B 214 -10.14 37.77 11.76
C ASN B 214 -10.76 36.56 12.49
N ALA B 215 -10.03 35.51 12.83
CA ALA B 215 -10.62 34.29 13.40
C ALA B 215 -11.33 34.60 14.73
N LEU B 216 -10.68 35.37 15.60
CA LEU B 216 -11.13 35.57 17.00
C LEU B 216 -12.49 36.27 17.04
N LYS B 217 -12.77 37.19 16.12
CA LYS B 217 -14.11 37.81 15.93
C LYS B 217 -15.20 36.76 15.78
N PHE B 218 -14.96 35.68 15.04
CA PHE B 218 -15.99 34.66 14.74
C PHE B 218 -16.26 33.77 15.94
N TYR B 219 -15.20 33.28 16.58
CA TYR B 219 -15.27 32.28 17.68
C TYR B 219 -15.66 32.93 19.01
N ALA B 220 -15.44 34.23 19.20
CA ALA B 220 -15.79 34.92 20.46
C ALA B 220 -17.30 34.90 20.69
N SER B 221 -17.76 34.53 21.89
CA SER B 221 -19.19 34.59 22.29
C SER B 221 -19.54 35.98 22.83
N VAL B 222 -18.56 36.69 23.40
CA VAL B 222 -18.68 38.10 23.85
C VAL B 222 -17.46 38.87 23.35
N ARG B 223 -17.66 40.13 22.96
CA ARG B 223 -16.58 41.09 22.64
C ARG B 223 -16.90 42.43 23.30
N LEU B 224 -15.99 42.92 24.14
CA LEU B 224 -16.12 44.19 24.91
C LEU B 224 -15.13 45.21 24.38
N ASP B 225 -15.62 46.43 24.12
CA ASP B 225 -14.83 47.63 23.76
C ASP B 225 -14.82 48.52 25.01
N ILE B 226 -13.67 48.63 25.69
CA ILE B 226 -13.51 49.41 26.95
C ILE B 226 -12.73 50.70 26.63
N ARG B 227 -13.12 51.81 27.25
CA ARG B 227 -12.56 53.18 27.02
C ARG B 227 -12.57 54.02 28.29
N ARG B 228 -11.53 54.84 28.44
CA ARG B 228 -11.44 55.91 29.47
C ARG B 228 -12.11 57.16 28.92
N ILE B 229 -13.17 57.63 29.57
CA ILE B 229 -14.02 58.77 29.11
C ILE B 229 -13.81 60.01 29.98
N GLY B 230 -13.06 59.93 31.08
CA GLY B 230 -12.79 61.07 31.97
C GLY B 230 -12.02 60.70 33.23
N ALA B 231 -11.82 61.68 34.11
CA ALA B 231 -11.03 61.56 35.36
C ALA B 231 -11.95 61.65 36.58
N VAL B 232 -11.49 61.04 37.68
CA VAL B 232 -12.11 61.13 39.04
C VAL B 232 -11.12 61.90 39.91
N LYS B 233 -11.53 63.04 40.49
CA LYS B 233 -10.65 63.97 41.23
C LYS B 233 -11.18 64.17 42.66
N GLU B 234 -10.29 64.06 43.65
CA GLU B 234 -10.47 64.56 45.05
C GLU B 234 -9.91 66.00 45.10
N GLY B 235 -10.67 66.94 44.52
CA GLY B 235 -10.25 68.35 44.37
C GLY B 235 -9.26 68.52 43.24
N GLU B 236 -7.98 68.28 43.53
CA GLU B 236 -6.83 68.45 42.57
C GLU B 236 -6.27 67.07 42.18
N ASN B 237 -6.00 66.21 43.16
CA ASN B 237 -5.42 64.85 42.98
C ASN B 237 -6.36 63.98 42.13
N VAL B 238 -5.92 63.55 40.94
CA VAL B 238 -6.60 62.52 40.11
C VAL B 238 -6.44 61.18 40.83
N VAL B 239 -7.56 60.60 41.27
CA VAL B 239 -7.60 59.38 42.15
C VAL B 239 -8.15 58.17 41.38
N GLY B 240 -8.64 58.35 40.15
CA GLY B 240 -9.20 57.24 39.34
C GLY B 240 -9.67 57.66 37.96
N SER B 241 -10.27 56.72 37.23
CA SER B 241 -10.75 56.85 35.83
C SER B 241 -12.26 56.62 35.77
N GLU B 242 -12.96 57.44 34.99
CA GLU B 242 -14.37 57.21 34.55
C GLU B 242 -14.30 56.35 33.29
N THR B 243 -14.93 55.17 33.31
CA THR B 243 -14.79 54.09 32.30
C THR B 243 -16.13 53.80 31.63
N ARG B 244 -16.12 53.43 30.35
CA ARG B 244 -17.31 52.93 29.59
C ARG B 244 -16.97 51.62 28.88
N VAL B 245 -17.84 50.62 29.01
CA VAL B 245 -17.75 49.32 28.27
C VAL B 245 -18.96 49.17 27.35
N LYS B 246 -18.73 49.06 26.04
CA LYS B 246 -19.76 48.69 25.04
C LYS B 246 -19.67 47.20 24.75
N VAL B 247 -20.81 46.51 24.81
CA VAL B 247 -20.92 45.09 24.38
C VAL B 247 -21.13 45.11 22.86
N VAL B 248 -20.06 44.84 22.12
CA VAL B 248 -19.95 44.98 20.65
C VAL B 248 -20.42 43.69 19.95
N LYS B 249 -20.31 42.54 20.64
CA LYS B 249 -20.81 41.23 20.18
C LYS B 249 -21.31 40.43 21.37
N ASN B 250 -22.43 39.73 21.20
CA ASN B 250 -23.05 38.91 22.28
C ASN B 250 -23.88 37.80 21.63
N LYS B 251 -23.59 36.55 21.98
CA LYS B 251 -24.35 35.35 21.54
C LYS B 251 -25.18 34.74 22.67
N ILE B 252 -25.12 35.27 23.89
CA ILE B 252 -25.88 34.70 25.05
C ILE B 252 -27.00 35.65 25.49
N ALA B 253 -27.22 36.76 24.78
CA ALA B 253 -28.21 37.83 25.06
C ALA B 253 -28.05 38.97 24.03
N ALA B 254 -28.96 39.94 24.04
CA ALA B 254 -29.00 41.02 23.01
C ALA B 254 -27.77 41.92 23.13
N PRO B 255 -27.09 42.30 22.03
CA PRO B 255 -25.93 43.19 22.11
C PRO B 255 -26.24 44.70 22.07
N PHE B 256 -25.15 45.48 22.05
CA PHE B 256 -25.09 46.96 21.87
C PHE B 256 -25.53 47.70 23.14
N LYS B 257 -25.65 47.01 24.28
CA LYS B 257 -25.85 47.67 25.59
C LYS B 257 -24.48 48.16 26.08
N GLN B 258 -24.48 49.10 27.04
CA GLN B 258 -23.22 49.67 27.58
C GLN B 258 -23.34 49.91 29.08
N ALA B 259 -22.18 49.98 29.74
CA ALA B 259 -22.00 50.10 31.20
C ALA B 259 -21.05 51.26 31.48
N GLU B 260 -21.33 52.06 32.51
CA GLU B 260 -20.47 53.17 32.99
C GLU B 260 -20.12 52.91 34.45
N PHE B 261 -18.85 53.07 34.80
CA PHE B 261 -18.35 52.87 36.17
C PHE B 261 -17.00 53.56 36.35
N GLN B 262 -16.55 53.62 37.60
CA GLN B 262 -15.27 54.21 38.03
C GLN B 262 -14.26 53.10 38.30
N ILE B 263 -13.02 53.25 37.82
CA ILE B 263 -11.85 52.48 38.34
C ILE B 263 -11.05 53.43 39.23
N LEU B 264 -10.93 53.10 40.52
CA LEU B 264 -10.11 53.87 41.50
C LEU B 264 -8.75 53.18 41.66
N TYR B 265 -7.68 53.96 41.59
CA TYR B 265 -6.27 53.47 41.55
C TYR B 265 -5.94 52.81 42.90
N GLY B 266 -5.65 51.51 42.86
CA GLY B 266 -5.26 50.70 44.04
C GLY B 266 -6.44 50.05 44.75
N GLU B 267 -7.68 50.29 44.31
CA GLU B 267 -8.90 49.64 44.85
C GLU B 267 -9.51 48.73 43.79
N GLY B 268 -9.74 49.28 42.59
CA GLY B 268 -10.33 48.60 41.43
C GLY B 268 -11.63 49.26 41.02
N ILE B 269 -12.63 48.46 40.62
CA ILE B 269 -13.98 48.97 40.23
C ILE B 269 -14.72 49.36 41.51
N ASN B 270 -15.35 50.54 41.48
CA ASN B 270 -16.14 51.11 42.60
C ASN B 270 -17.53 50.48 42.57
N PHE B 271 -17.73 49.42 43.37
CA PHE B 271 -19.00 48.63 43.44
C PHE B 271 -20.14 49.48 43.99
N TYR B 272 -19.88 50.26 45.04
CA TYR B 272 -20.91 51.10 45.72
C TYR B 272 -21.27 52.31 44.86
N GLY B 273 -20.32 52.88 44.13
CA GLY B 273 -20.56 53.92 43.12
C GLY B 273 -21.61 53.49 42.10
N GLU B 274 -21.52 52.25 41.61
CA GLU B 274 -22.53 51.65 40.69
C GLU B 274 -23.88 51.55 41.41
N LEU B 275 -23.88 50.97 42.61
CA LEU B 275 -25.09 50.62 43.41
C LEU B 275 -25.92 51.87 43.74
N VAL B 276 -25.27 53.03 43.91
CA VAL B 276 -25.95 54.36 43.98
C VAL B 276 -26.71 54.58 42.66
N ASP B 277 -25.97 54.69 41.55
CA ASP B 277 -26.49 55.05 40.20
C ASP B 277 -27.65 54.13 39.80
N LEU B 278 -27.60 52.84 40.14
CA LEU B 278 -28.66 51.85 39.82
C LEU B 278 -29.85 52.00 40.77
N GLY B 279 -29.60 52.21 42.07
CA GLY B 279 -30.63 52.54 43.08
C GLY B 279 -31.42 53.80 42.72
N VAL B 280 -30.75 54.79 42.11
CA VAL B 280 -31.37 56.05 41.59
C VAL B 280 -32.30 55.71 40.43
N LYS B 281 -31.78 55.00 39.43
CA LYS B 281 -32.48 54.65 38.16
C LYS B 281 -33.73 53.81 38.43
N GLU B 282 -33.71 52.97 39.47
CA GLU B 282 -34.84 52.07 39.88
C GLU B 282 -35.69 52.70 40.99
N LYS B 283 -35.57 54.01 41.25
CA LYS B 283 -36.43 54.81 42.16
C LYS B 283 -36.37 54.28 43.61
N LEU B 284 -35.24 53.68 44.02
CA LEU B 284 -34.98 53.22 45.40
C LEU B 284 -34.15 54.26 46.16
N ILE B 285 -33.43 55.14 45.45
CA ILE B 285 -32.69 56.31 46.00
C ILE B 285 -33.22 57.56 45.27
N GLU B 286 -33.55 58.62 46.01
CA GLU B 286 -34.11 59.90 45.49
C GLU B 286 -33.01 60.96 45.47
N LYS B 287 -32.60 61.40 44.27
CA LYS B 287 -31.62 62.51 44.06
C LYS B 287 -32.40 63.82 43.83
N ALA B 288 -32.69 64.54 44.92
CA ALA B 288 -33.36 65.86 44.92
C ALA B 288 -32.33 66.96 44.59
N GLY B 289 -32.02 67.11 43.29
CA GLY B 289 -31.02 68.07 42.78
C GLY B 289 -29.62 67.50 42.80
N ALA B 290 -28.90 67.71 43.91
CA ALA B 290 -27.59 67.09 44.24
C ALA B 290 -27.61 66.56 45.68
N TRP B 291 -28.77 66.10 46.16
CA TRP B 291 -28.99 65.54 47.52
C TRP B 291 -29.58 64.12 47.41
N TYR B 292 -28.76 63.11 47.64
CA TYR B 292 -29.14 61.67 47.61
C TYR B 292 -29.88 61.33 48.92
N SER B 293 -31.05 60.70 48.81
CA SER B 293 -31.97 60.39 49.94
C SER B 293 -32.52 58.97 49.81
N TYR B 294 -32.45 58.17 50.89
CA TYR B 294 -33.01 56.79 50.98
C TYR B 294 -34.19 56.76 51.96
N LYS B 295 -35.41 56.72 51.43
CA LYS B 295 -36.70 56.64 52.19
C LYS B 295 -36.84 57.87 53.11
N GLY B 296 -36.52 59.06 52.60
CA GLY B 296 -36.57 60.34 53.33
C GLY B 296 -35.24 60.71 53.96
N GLU B 297 -34.57 59.76 54.63
CA GLU B 297 -33.24 59.92 55.28
C GLU B 297 -32.21 60.36 54.23
N LYS B 298 -31.61 61.54 54.41
CA LYS B 298 -30.59 62.12 53.49
C LYS B 298 -29.26 61.38 53.72
N ILE B 299 -28.95 60.43 52.83
CA ILE B 299 -27.71 59.58 52.90
C ILE B 299 -26.47 60.47 52.66
N GLY B 300 -26.59 61.53 51.88
CA GLY B 300 -25.52 62.54 51.71
C GLY B 300 -25.82 63.52 50.58
N GLN B 301 -24.83 64.36 50.22
CA GLN B 301 -24.89 65.32 49.09
C GLN B 301 -23.55 65.22 48.33
N GLY B 302 -23.62 65.05 47.01
CA GLY B 302 -22.48 64.61 46.17
C GLY B 302 -22.37 63.10 46.16
N LYS B 303 -22.01 62.51 45.01
CA LYS B 303 -21.98 61.04 44.76
C LYS B 303 -20.97 60.35 45.69
N ALA B 304 -19.84 61.00 45.99
CA ALA B 304 -18.73 60.47 46.83
C ALA B 304 -19.17 60.31 48.28
N ASN B 305 -19.92 61.28 48.83
CA ASN B 305 -20.46 61.28 50.22
C ASN B 305 -21.54 60.19 50.35
N ALA B 306 -22.40 60.06 49.34
CA ALA B 306 -23.46 59.03 49.24
C ALA B 306 -22.83 57.63 49.20
N THR B 307 -21.74 57.46 48.45
CA THR B 307 -20.94 56.21 48.34
C THR B 307 -20.31 55.88 49.70
N ALA B 308 -19.73 56.89 50.36
CA ALA B 308 -19.08 56.80 51.69
C ALA B 308 -20.11 56.41 52.77
N TRP B 309 -21.35 56.90 52.64
CA TRP B 309 -22.48 56.54 53.54
C TRP B 309 -22.83 55.06 53.38
N LEU B 310 -22.99 54.59 52.13
CA LEU B 310 -23.32 53.17 51.78
C LEU B 310 -22.24 52.21 52.30
N LYS B 311 -20.97 52.64 52.28
CA LYS B 311 -19.80 51.89 52.82
C LYS B 311 -19.98 51.69 54.34
N ASP B 312 -20.39 52.74 55.05
CA ASP B 312 -20.58 52.76 56.53
C ASP B 312 -21.81 51.94 56.96
N ASN B 313 -22.78 51.69 56.06
CA ASN B 313 -24.03 50.94 56.34
C ASN B 313 -24.04 49.65 55.50
N PRO B 314 -23.41 48.54 55.94
CA PRO B 314 -23.48 47.27 55.21
C PRO B 314 -24.85 46.59 55.11
N GLU B 315 -25.86 47.00 55.89
CA GLU B 315 -27.25 46.46 55.84
C GLU B 315 -28.03 47.12 54.71
N THR B 316 -27.90 48.44 54.57
CA THR B 316 -28.60 49.28 53.56
C THR B 316 -28.08 48.95 52.14
N ALA B 317 -26.81 48.58 52.01
CA ALA B 317 -26.16 48.15 50.74
C ALA B 317 -26.68 46.78 50.32
N LYS B 318 -26.84 45.84 51.26
CA LYS B 318 -27.44 44.49 51.02
C LYS B 318 -28.87 44.64 50.49
N GLU B 319 -29.66 45.51 51.14
CA GLU B 319 -31.09 45.81 50.83
C GLU B 319 -31.23 46.24 49.37
N ILE B 320 -30.45 47.25 48.95
CA ILE B 320 -30.54 47.88 47.60
C ILE B 320 -30.01 46.91 46.54
N GLU B 321 -28.89 46.21 46.82
CA GLU B 321 -28.30 45.19 45.89
C GLU B 321 -29.33 44.11 45.60
N LYS B 322 -29.96 43.57 46.64
CA LYS B 322 -31.00 42.50 46.54
C LYS B 322 -32.12 42.91 45.59
N LYS B 323 -32.62 44.15 45.70
CA LYS B 323 -33.73 44.70 44.87
C LYS B 323 -33.27 44.89 43.42
N VAL B 324 -32.13 45.57 43.21
CA VAL B 324 -31.53 45.87 41.88
C VAL B 324 -31.31 44.55 41.12
N ARG B 325 -30.77 43.54 41.81
CA ARG B 325 -30.50 42.18 41.24
C ARG B 325 -31.83 41.53 40.83
N GLU B 326 -32.83 41.57 41.71
CA GLU B 326 -34.23 41.09 41.47
C GLU B 326 -34.79 41.70 40.17
N LEU B 327 -34.70 43.02 40.02
CA LEU B 327 -35.42 43.81 38.97
C LEU B 327 -34.74 43.69 37.61
N LEU B 328 -33.46 44.03 37.53
CA LEU B 328 -32.79 44.45 36.26
C LEU B 328 -32.17 43.25 35.50
N LEU B 329 -31.73 42.20 36.21
CA LEU B 329 -31.07 41.02 35.57
C LEU B 329 -32.10 40.26 34.71
N SER B 330 -32.02 40.46 33.38
CA SER B 330 -33.07 40.10 32.38
C SER B 330 -33.16 38.57 32.19
N ASN B 331 -32.02 37.88 32.10
CA ASN B 331 -31.91 36.40 31.96
C ASN B 331 -31.09 35.86 33.13
N PRO B 332 -31.68 35.64 34.35
CA PRO B 332 -30.96 35.03 35.46
C PRO B 332 -30.66 33.53 35.21
N ASN B 333 -29.38 33.16 35.21
CA ASN B 333 -28.87 31.77 35.02
C ASN B 333 -28.88 31.05 36.36
N SER B 334 -29.11 29.72 36.36
CA SER B 334 -29.10 28.84 37.56
C SER B 334 -29.00 27.37 37.15
N ALA C 2 -35.04 0.49 -41.54
CA ALA C 2 -34.14 -0.71 -41.64
C ALA C 2 -33.05 -0.66 -40.56
N ILE C 3 -32.23 0.40 -40.57
CA ILE C 3 -31.14 0.66 -39.57
C ILE C 3 -31.76 1.23 -38.29
N ASP C 4 -32.77 2.11 -38.43
CA ASP C 4 -33.62 2.64 -37.32
C ASP C 4 -33.95 1.51 -36.34
N GLU C 5 -34.51 0.41 -36.86
CA GLU C 5 -34.98 -0.77 -36.07
C GLU C 5 -33.80 -1.46 -35.37
N ASN C 6 -32.70 -1.70 -36.10
CA ASN C 6 -31.47 -2.37 -35.57
C ASN C 6 -30.83 -1.53 -34.46
N LYS C 7 -30.82 -0.20 -34.60
CA LYS C 7 -30.33 0.76 -33.56
C LYS C 7 -31.26 0.71 -32.33
N GLN C 8 -32.58 0.71 -32.54
CA GLN C 8 -33.60 0.66 -31.44
C GLN C 8 -33.51 -0.67 -30.68
N LYS C 9 -33.13 -1.76 -31.33
CA LYS C 9 -32.97 -3.11 -30.71
C LYS C 9 -31.67 -3.17 -29.90
N ALA C 10 -30.57 -2.67 -30.47
CA ALA C 10 -29.25 -2.56 -29.81
C ALA C 10 -29.35 -1.67 -28.56
N LEU C 11 -30.11 -0.58 -28.64
CA LEU C 11 -30.36 0.38 -27.53
C LEU C 11 -31.14 -0.35 -26.42
N ALA C 12 -32.29 -0.92 -26.77
CA ALA C 12 -33.19 -1.68 -25.86
C ALA C 12 -32.42 -2.78 -25.11
N ALA C 13 -31.55 -3.51 -25.82
CA ALA C 13 -30.71 -4.60 -25.29
C ALA C 13 -29.72 -4.07 -24.25
N ALA C 14 -29.03 -2.97 -24.56
CA ALA C 14 -28.01 -2.31 -23.70
C ALA C 14 -28.69 -1.76 -22.43
N LEU C 15 -29.80 -1.03 -22.60
CA LEU C 15 -30.66 -0.53 -21.48
C LEU C 15 -31.07 -1.69 -20.58
N GLY C 16 -31.49 -2.83 -21.17
CA GLY C 16 -31.80 -4.09 -20.46
C GLY C 16 -30.60 -4.61 -19.65
N GLN C 17 -29.41 -4.66 -20.27
CA GLN C 17 -28.17 -5.18 -19.66
C GLN C 17 -27.70 -4.27 -18.52
N ILE C 18 -27.79 -2.94 -18.69
CA ILE C 18 -27.42 -1.93 -17.66
C ILE C 18 -28.34 -2.11 -16.45
N GLU C 19 -29.66 -2.20 -16.69
CA GLU C 19 -30.71 -2.34 -15.64
C GLU C 19 -30.57 -3.67 -14.90
N LYS C 20 -30.17 -4.74 -15.61
CA LYS C 20 -29.83 -6.05 -15.01
C LYS C 20 -28.63 -5.93 -14.07
N GLN C 21 -27.54 -5.31 -14.55
CA GLN C 21 -26.21 -5.26 -13.88
C GLN C 21 -26.24 -4.35 -12.63
N PHE C 22 -26.94 -3.22 -12.68
CA PHE C 22 -26.85 -2.13 -11.67
C PHE C 22 -28.15 -1.92 -10.88
N GLY C 23 -29.31 -2.31 -11.41
CA GLY C 23 -30.61 -2.15 -10.73
C GLY C 23 -31.62 -1.46 -11.62
N LYS C 24 -32.81 -1.20 -11.10
CA LYS C 24 -34.01 -0.95 -11.95
C LYS C 24 -33.95 0.44 -12.61
N GLY C 25 -33.74 1.51 -11.83
CA GLY C 25 -33.73 2.90 -12.34
C GLY C 25 -32.32 3.40 -12.66
N SER C 26 -31.38 2.50 -12.95
CA SER C 26 -29.95 2.80 -13.21
C SER C 26 -29.78 3.75 -14.40
N ILE C 27 -30.62 3.60 -15.42
CA ILE C 27 -30.68 4.51 -16.59
C ILE C 27 -32.13 4.60 -17.05
N MET C 28 -32.57 5.79 -17.48
CA MET C 28 -33.91 5.99 -18.06
C MET C 28 -33.99 7.35 -18.76
N ARG C 29 -35.10 7.61 -19.47
CA ARG C 29 -35.37 8.92 -20.11
C ARG C 29 -35.65 9.96 -19.03
N LEU C 30 -35.11 11.17 -19.21
CA LEU C 30 -35.13 12.27 -18.21
C LEU C 30 -36.57 12.74 -17.98
N GLY C 31 -37.37 12.84 -19.05
CA GLY C 31 -38.77 13.29 -19.01
C GLY C 31 -39.65 12.39 -18.17
N GLU C 32 -39.26 11.13 -17.95
CA GLU C 32 -40.04 10.13 -17.16
C GLU C 32 -39.22 9.67 -15.93
N ASP C 33 -38.46 10.58 -15.31
CA ASP C 33 -37.69 10.36 -14.04
C ASP C 33 -38.17 11.41 -13.02
N ARG C 34 -39.16 11.04 -12.20
CA ARG C 34 -39.79 11.91 -11.17
C ARG C 34 -38.77 12.25 -10.07
N SER C 35 -37.82 11.35 -9.80
CA SER C 35 -36.66 11.54 -8.87
C SER C 35 -35.98 12.90 -9.08
N MET C 36 -35.84 13.33 -10.34
CA MET C 36 -34.99 14.48 -10.76
C MET C 36 -35.77 15.79 -10.87
N ASP C 37 -37.04 15.80 -10.45
CA ASP C 37 -37.83 17.04 -10.25
C ASP C 37 -37.27 17.77 -9.03
N VAL C 38 -37.21 19.10 -9.09
CA VAL C 38 -36.72 19.97 -7.97
C VAL C 38 -37.90 20.30 -7.07
N GLU C 39 -37.83 19.83 -5.82
CA GLU C 39 -38.72 20.19 -4.68
C GLU C 39 -37.98 21.20 -3.80
N THR C 40 -38.69 22.15 -3.19
CA THR C 40 -38.13 23.23 -2.32
C THR C 40 -38.83 23.30 -0.96
N ILE C 41 -38.18 23.99 -0.01
CA ILE C 41 -38.64 24.35 1.36
C ILE C 41 -38.50 25.86 1.52
N SER C 42 -39.37 26.49 2.32
CA SER C 42 -39.27 27.91 2.73
C SER C 42 -37.94 28.13 3.47
N THR C 43 -37.39 29.35 3.35
CA THR C 43 -36.23 29.85 4.14
C THR C 43 -36.71 30.55 5.43
N GLY C 44 -38.03 30.74 5.61
CA GLY C 44 -38.59 31.57 6.69
C GLY C 44 -38.71 33.04 6.31
N SER C 45 -38.05 33.49 5.24
CA SER C 45 -38.14 34.85 4.64
C SER C 45 -38.90 34.76 3.31
N LEU C 46 -39.82 35.68 3.05
CA LEU C 46 -40.58 35.72 1.77
C LEU C 46 -39.76 36.43 0.68
N SER C 47 -38.99 37.46 1.04
CA SER C 47 -38.11 38.18 0.08
C SER C 47 -36.98 37.26 -0.40
N LEU C 48 -36.52 36.31 0.43
CA LEU C 48 -35.45 35.34 0.05
C LEU C 48 -36.05 34.22 -0.80
N ASP C 49 -37.28 33.79 -0.53
CA ASP C 49 -37.98 32.77 -1.35
C ASP C 49 -38.22 33.30 -2.77
N ILE C 50 -38.40 34.61 -2.94
CA ILE C 50 -38.61 35.26 -4.27
C ILE C 50 -37.26 35.38 -4.99
N ALA C 51 -36.21 35.78 -4.28
CA ALA C 51 -34.82 35.91 -4.79
C ALA C 51 -34.24 34.56 -5.22
N LEU C 52 -34.67 33.46 -4.62
CA LEU C 52 -34.20 32.10 -4.97
C LEU C 52 -34.92 31.59 -6.22
N GLY C 53 -36.03 32.22 -6.63
CA GLY C 53 -36.65 31.98 -7.94
C GLY C 53 -37.60 30.79 -7.93
N ALA C 54 -37.22 29.70 -7.26
CA ALA C 54 -38.00 28.43 -7.17
C ALA C 54 -38.84 28.37 -5.89
N GLY C 55 -38.86 29.44 -5.08
CA GLY C 55 -39.68 29.50 -3.85
C GLY C 55 -39.01 28.87 -2.64
N GLY C 56 -37.72 28.56 -2.70
CA GLY C 56 -36.98 28.12 -1.51
C GLY C 56 -35.71 27.35 -1.83
N LEU C 57 -35.17 26.66 -0.83
CA LEU C 57 -33.92 25.87 -0.97
C LEU C 57 -34.23 24.48 -1.49
N PRO C 58 -33.44 23.92 -2.43
CA PRO C 58 -33.76 22.62 -3.02
C PRO C 58 -33.34 21.37 -2.24
N MET C 59 -34.28 20.44 -2.04
CA MET C 59 -34.06 19.13 -1.34
C MET C 59 -33.15 18.23 -2.18
N GLY C 60 -32.25 17.49 -1.54
CA GLY C 60 -31.28 16.58 -2.17
C GLY C 60 -30.02 17.28 -2.62
N ARG C 61 -29.87 18.56 -2.30
CA ARG C 61 -28.76 19.41 -2.79
C ARG C 61 -27.93 19.88 -1.59
N ILE C 62 -26.79 20.46 -1.87
CA ILE C 62 -25.89 21.17 -0.91
C ILE C 62 -26.14 22.67 -1.06
N VAL C 63 -26.22 23.39 0.06
CA VAL C 63 -26.33 24.88 0.13
C VAL C 63 -25.18 25.40 1.00
N GLU C 64 -24.61 26.54 0.62
CA GLU C 64 -23.57 27.27 1.39
C GLU C 64 -24.16 28.62 1.77
N ILE C 65 -23.97 29.02 3.03
CA ILE C 65 -24.30 30.37 3.58
C ILE C 65 -23.05 30.89 4.26
N TYR C 66 -22.49 31.96 3.73
CA TYR C 66 -21.28 32.61 4.28
C TYR C 66 -21.56 34.09 4.49
N GLY C 67 -20.67 34.73 5.23
CA GLY C 67 -20.76 36.15 5.52
C GLY C 67 -19.84 36.53 6.65
N PRO C 68 -19.77 37.83 7.01
CA PRO C 68 -18.89 38.29 8.09
C PRO C 68 -19.41 37.93 9.47
N GLU C 69 -18.71 38.38 10.51
CA GLU C 69 -19.08 38.12 11.91
C GLU C 69 -20.41 38.81 12.22
N SER C 70 -21.30 38.09 12.92
CA SER C 70 -22.62 38.51 13.45
C SER C 70 -23.50 39.14 12.35
N SER C 71 -23.59 38.47 11.19
CA SER C 71 -24.41 38.85 10.01
C SER C 71 -25.75 38.10 9.99
N GLY C 72 -25.93 37.04 10.77
CA GLY C 72 -27.22 36.33 10.91
C GLY C 72 -27.20 34.94 10.31
N LYS C 73 -26.05 34.30 10.21
CA LYS C 73 -25.88 32.99 9.54
C LYS C 73 -26.54 31.88 10.35
N THR C 74 -26.40 31.87 11.67
CA THR C 74 -27.01 30.84 12.53
C THR C 74 -28.51 31.13 12.65
N THR C 75 -28.91 32.38 12.86
CA THR C 75 -30.33 32.78 12.97
C THR C 75 -31.09 32.32 11.72
N LEU C 76 -30.56 32.62 10.53
CA LEU C 76 -31.21 32.28 9.25
C LEU C 76 -31.39 30.76 9.15
N THR C 77 -30.36 29.96 9.45
CA THR C 77 -30.43 28.48 9.34
C THR C 77 -31.42 27.90 10.35
N LEU C 78 -31.61 28.52 11.51
CA LEU C 78 -32.56 28.03 12.54
C LEU C 78 -34.00 28.34 12.09
N GLN C 79 -34.25 29.48 11.47
CA GLN C 79 -35.59 29.81 10.88
C GLN C 79 -35.94 28.81 9.77
N VAL C 80 -34.96 28.35 8.98
CA VAL C 80 -35.14 27.26 7.95
C VAL C 80 -35.63 26.02 8.70
N ILE C 81 -34.92 25.60 9.74
CA ILE C 81 -35.26 24.39 10.55
C ILE C 81 -36.66 24.56 11.14
N ALA C 82 -36.94 25.69 11.79
CA ALA C 82 -38.25 25.99 12.42
C ALA C 82 -39.38 25.77 11.40
N ALA C 83 -39.24 26.30 10.19
CA ALA C 83 -40.24 26.24 9.11
C ALA C 83 -40.39 24.78 8.63
N ALA C 84 -39.30 24.03 8.57
CA ALA C 84 -39.29 22.62 8.12
C ALA C 84 -40.00 21.74 9.14
N GLN C 85 -39.76 21.97 10.44
CA GLN C 85 -40.39 21.26 11.59
C GLN C 85 -41.89 21.48 11.60
N ARG C 86 -42.37 22.67 11.25
CA ARG C 86 -43.83 22.98 11.19
C ARG C 86 -44.51 22.19 10.07
N GLU C 87 -43.77 21.80 9.03
CA GLU C 87 -44.19 20.89 7.93
C GLU C 87 -43.89 19.41 8.28
N GLY C 88 -43.64 19.09 9.55
CA GLY C 88 -43.44 17.70 10.03
C GLY C 88 -42.21 17.03 9.42
N LYS C 89 -41.08 17.74 9.36
CA LYS C 89 -39.79 17.16 8.92
C LYS C 89 -38.85 17.03 10.12
N THR C 90 -37.86 16.13 10.01
CA THR C 90 -36.84 15.88 11.04
C THR C 90 -35.55 16.61 10.64
N CYS C 91 -34.97 17.37 11.56
CA CYS C 91 -33.79 18.23 11.33
C CYS C 91 -32.67 17.90 12.32
N ALA C 92 -31.43 18.16 11.91
CA ALA C 92 -30.21 17.91 12.69
C ALA C 92 -29.27 19.12 12.60
N PHE C 93 -28.65 19.50 13.71
CA PHE C 93 -27.65 20.60 13.81
C PHE C 93 -26.31 20.02 14.24
N ILE C 94 -25.30 20.04 13.37
CA ILE C 94 -23.88 19.70 13.70
C ILE C 94 -23.18 21.02 14.08
N ASP C 95 -22.87 21.21 15.38
CA ASP C 95 -22.39 22.48 15.96
C ASP C 95 -20.88 22.39 16.21
N ALA C 96 -20.08 22.51 15.15
CA ALA C 96 -18.60 22.42 15.17
C ALA C 96 -17.97 23.63 15.87
N GLU C 97 -18.66 24.76 15.89
CA GLU C 97 -18.22 26.01 16.56
C GLU C 97 -18.39 25.93 18.08
N HIS C 98 -19.23 25.02 18.57
CA HIS C 98 -19.52 24.81 20.01
C HIS C 98 -20.07 26.12 20.60
N ALA C 99 -21.15 26.66 20.01
CA ALA C 99 -21.66 28.01 20.34
C ALA C 99 -23.18 28.16 20.13
N LEU C 100 -23.95 27.08 20.19
CA LEU C 100 -25.42 27.16 20.01
C LEU C 100 -26.09 27.35 21.37
N ASP C 101 -26.89 28.41 21.53
CA ASP C 101 -27.75 28.66 22.74
C ASP C 101 -29.12 28.02 22.53
N PRO C 102 -29.50 26.92 23.24
CA PRO C 102 -30.80 26.28 23.03
C PRO C 102 -32.03 27.15 23.37
N ILE C 103 -31.92 28.04 24.37
CA ILE C 103 -33.03 28.97 24.77
C ILE C 103 -33.32 29.92 23.60
N TYR C 104 -32.30 30.44 22.93
CA TYR C 104 -32.47 31.37 21.78
C TYR C 104 -33.08 30.62 20.59
N ALA C 105 -32.67 29.38 20.34
CA ALA C 105 -33.25 28.53 19.28
C ALA C 105 -34.75 28.37 19.52
N ARG C 106 -35.16 28.15 20.77
CA ARG C 106 -36.59 28.02 21.17
C ARG C 106 -37.37 29.31 20.86
N LYS C 107 -36.77 30.47 21.11
CA LYS C 107 -37.42 31.79 20.88
C LYS C 107 -37.63 32.07 19.38
N LEU C 108 -36.78 31.54 18.50
CA LEU C 108 -36.93 31.64 17.03
C LEU C 108 -37.97 30.62 16.52
N GLY C 109 -38.48 29.73 17.37
CA GLY C 109 -39.60 28.83 17.05
C GLY C 109 -39.15 27.42 16.72
N VAL C 110 -37.94 27.04 17.08
CA VAL C 110 -37.43 25.66 16.90
C VAL C 110 -38.06 24.82 18.00
N ASP C 111 -38.56 23.63 17.64
CA ASP C 111 -38.97 22.58 18.61
C ASP C 111 -37.70 21.84 19.01
N ILE C 112 -37.05 22.29 20.10
CA ILE C 112 -35.70 21.80 20.51
C ILE C 112 -35.75 20.37 21.07
N ASP C 113 -36.92 19.88 21.48
CA ASP C 113 -37.07 18.49 21.99
C ASP C 113 -37.04 17.48 20.83
N ASN C 114 -37.17 17.92 19.58
CA ASN C 114 -37.11 17.07 18.35
C ASN C 114 -35.93 17.41 17.45
N LEU C 115 -35.11 18.41 17.78
CA LEU C 115 -33.91 18.77 16.96
C LEU C 115 -32.75 17.89 17.41
N LEU C 116 -32.20 17.07 16.52
CA LEU C 116 -30.96 16.31 16.77
C LEU C 116 -29.78 17.28 16.74
N CYS C 117 -28.93 17.23 17.76
CA CYS C 117 -27.75 18.12 17.90
C CYS C 117 -26.52 17.25 18.14
N SER C 118 -25.37 17.68 17.62
CA SER C 118 -24.06 17.04 17.79
C SER C 118 -23.00 18.12 17.93
N GLN C 119 -22.10 17.99 18.90
CA GLN C 119 -20.90 18.84 19.06
C GLN C 119 -19.68 17.95 18.88
N PRO C 120 -19.26 17.70 17.62
CA PRO C 120 -18.24 16.69 17.34
C PRO C 120 -16.83 17.21 17.62
N ASP C 121 -15.91 16.27 17.88
CA ASP C 121 -14.52 16.54 18.36
C ASP C 121 -13.63 16.89 17.16
N THR C 122 -13.81 16.19 16.03
CA THR C 122 -13.04 16.37 14.78
C THR C 122 -14.00 16.65 13.62
N GLY C 123 -13.42 17.19 12.54
CA GLY C 123 -14.08 17.41 11.23
C GLY C 123 -14.46 16.09 10.58
N GLU C 124 -13.65 15.04 10.77
CA GLU C 124 -13.92 13.69 10.22
C GLU C 124 -15.16 13.06 10.87
N GLN C 125 -15.30 13.21 12.18
CA GLN C 125 -16.47 12.74 12.96
C GLN C 125 -17.72 13.52 12.52
N ALA C 126 -17.61 14.84 12.36
CA ALA C 126 -18.73 15.74 11.93
C ALA C 126 -19.31 15.24 10.62
N LEU C 127 -18.45 14.97 9.64
CA LEU C 127 -18.81 14.64 8.25
C LEU C 127 -19.26 13.17 8.14
N GLU C 128 -18.75 12.28 9.00
CA GLU C 128 -19.21 10.86 9.09
C GLU C 128 -20.61 10.77 9.71
N ILE C 129 -20.97 11.68 10.62
CA ILE C 129 -22.36 11.77 11.19
C ILE C 129 -23.32 12.22 10.08
N CYS C 130 -22.95 13.23 9.29
CA CYS C 130 -23.73 13.73 8.13
C CYS C 130 -24.02 12.60 7.13
N ASP C 131 -23.03 11.75 6.85
CA ASP C 131 -23.15 10.63 5.87
C ASP C 131 -24.04 9.54 6.49
N ALA C 132 -23.92 9.28 7.80
CA ALA C 132 -24.76 8.31 8.54
C ALA C 132 -26.23 8.74 8.53
N LEU C 133 -26.52 10.02 8.80
CA LEU C 133 -27.91 10.57 8.83
C LEU C 133 -28.48 10.62 7.41
N ALA C 134 -27.67 10.98 6.41
CA ALA C 134 -28.07 11.08 4.98
C ALA C 134 -28.47 9.69 4.45
N ARG C 135 -27.70 8.64 4.76
CA ARG C 135 -27.99 7.25 4.31
C ARG C 135 -29.27 6.72 4.98
N SER C 136 -29.54 7.13 6.22
CA SER C 136 -30.69 6.64 7.05
C SER C 136 -32.01 6.87 6.31
N GLY C 137 -32.16 7.99 5.61
CA GLY C 137 -33.41 8.39 4.93
C GLY C 137 -34.43 9.01 5.89
N ALA C 138 -34.06 9.24 7.16
CA ALA C 138 -34.95 9.65 8.27
C ALA C 138 -34.76 11.13 8.66
N VAL C 139 -33.69 11.79 8.21
CA VAL C 139 -33.44 13.24 8.46
C VAL C 139 -33.65 14.00 7.15
N ASP C 140 -34.40 15.10 7.19
CA ASP C 140 -34.76 15.92 6.01
C ASP C 140 -33.78 17.09 5.81
N VAL C 141 -33.38 17.76 6.90
CA VAL C 141 -32.47 18.94 6.85
C VAL C 141 -31.31 18.70 7.82
N ILE C 142 -30.08 18.91 7.36
CA ILE C 142 -28.84 18.89 8.20
C ILE C 142 -28.18 20.26 8.05
N VAL C 143 -27.88 20.92 9.16
CA VAL C 143 -27.07 22.18 9.19
C VAL C 143 -25.72 21.86 9.85
N VAL C 144 -24.63 22.26 9.21
CA VAL C 144 -23.24 22.14 9.74
C VAL C 144 -22.73 23.54 10.03
N ASP C 145 -22.61 23.90 11.32
CA ASP C 145 -22.24 25.28 11.73
C ASP C 145 -20.71 25.40 11.74
N SER C 146 -20.27 26.20 10.78
CA SER C 146 -18.91 26.55 10.34
C SER C 146 -18.10 25.31 9.94
N VAL C 147 -17.88 25.25 8.62
CA VAL C 147 -16.76 24.65 7.86
C VAL C 147 -15.43 25.03 8.50
N ALA C 148 -15.28 26.25 9.02
CA ALA C 148 -13.99 26.77 9.56
C ALA C 148 -13.56 25.99 10.79
N ALA C 149 -14.52 25.50 11.57
CA ALA C 149 -14.31 24.74 12.82
C ALA C 149 -14.25 23.22 12.58
N LEU C 150 -14.35 22.73 11.35
CA LEU C 150 -14.16 21.30 10.97
C LEU C 150 -12.67 20.96 10.98
N THR C 151 -12.08 20.73 12.15
CA THR C 151 -10.61 20.51 12.30
C THR C 151 -10.27 19.06 12.01
N PRO C 152 -9.31 18.75 11.10
CA PRO C 152 -8.84 17.37 10.93
C PRO C 152 -8.16 16.79 12.18
N LYS C 153 -8.21 15.47 12.33
CA LYS C 153 -7.73 14.74 13.55
C LYS C 153 -6.21 14.92 13.73
N ALA C 154 -5.45 14.88 12.64
CA ALA C 154 -3.99 15.15 12.61
C ALA C 154 -3.66 16.52 13.21
N GLU C 155 -4.53 17.52 12.97
CA GLU C 155 -4.36 18.90 13.48
C GLU C 155 -4.71 18.95 14.98
N ILE C 156 -5.75 18.23 15.40
CA ILE C 156 -6.20 18.12 16.83
C ILE C 156 -5.10 17.44 17.65
N GLU C 157 -4.55 16.33 17.16
CA GLU C 157 -3.45 15.56 17.80
C GLU C 157 -2.15 16.36 17.81
N GLY C 158 -1.88 17.15 16.77
CA GLY C 158 -0.64 17.92 16.61
C GLY C 158 -0.53 19.09 17.57
N GLU C 159 0.54 19.89 17.43
CA GLU C 159 0.83 21.11 18.22
C GLU C 159 0.35 22.35 17.47
N ILE C 160 0.22 23.46 18.19
CA ILE C 160 -0.03 24.80 17.58
C ILE C 160 1.28 25.26 16.93
N GLY C 161 1.21 25.69 15.67
CA GLY C 161 2.36 26.05 14.83
C GLY C 161 2.65 25.02 13.76
N ASP C 162 2.28 23.74 14.01
CA ASP C 162 2.43 22.60 13.05
C ASP C 162 1.66 22.91 11.77
N SER C 163 2.29 22.63 10.62
CA SER C 163 1.75 22.86 9.26
C SER C 163 1.03 21.58 8.78
N HIS C 164 -0.17 21.74 8.24
CA HIS C 164 -0.99 20.66 7.63
C HIS C 164 -1.49 21.11 6.26
N MET C 165 -0.60 21.10 5.26
CA MET C 165 -0.81 21.68 3.91
C MET C 165 -2.03 21.07 3.22
N GLY C 166 -3.04 21.89 2.97
CA GLY C 166 -4.27 21.53 2.25
C GLY C 166 -4.99 20.34 2.85
N LEU C 167 -4.85 20.09 4.15
CA LEU C 167 -5.41 18.88 4.78
C LEU C 167 -6.93 19.00 4.92
N ALA C 168 -7.42 20.16 5.35
CA ALA C 168 -8.85 20.48 5.46
C ALA C 168 -9.51 20.60 4.09
N ALA C 169 -8.83 21.20 3.12
CA ALA C 169 -9.28 21.29 1.71
C ALA C 169 -9.47 19.89 1.10
N ARG C 170 -8.57 18.97 1.43
CA ARG C 170 -8.60 17.56 0.97
C ARG C 170 -9.75 16.79 1.63
N MET C 171 -9.97 17.01 2.92
CA MET C 171 -11.10 16.40 3.67
C MET C 171 -12.43 16.87 3.07
N MET C 172 -12.55 18.16 2.74
CA MET C 172 -13.77 18.76 2.14
C MET C 172 -14.00 18.24 0.72
N SER C 173 -12.96 18.11 -0.10
CA SER C 173 -13.03 17.47 -1.44
C SER C 173 -13.59 16.05 -1.35
N GLN C 174 -13.09 15.25 -0.40
CA GLN C 174 -13.47 13.84 -0.21
C GLN C 174 -14.91 13.74 0.25
N ALA C 175 -15.33 14.58 1.19
CA ALA C 175 -16.70 14.61 1.76
C ALA C 175 -17.76 14.94 0.70
N MET C 176 -17.48 15.86 -0.22
CA MET C 176 -18.40 16.29 -1.30
C MET C 176 -18.71 15.12 -2.24
N ARG C 177 -17.65 14.49 -2.75
CA ARG C 177 -17.66 13.20 -3.52
C ARG C 177 -18.56 12.16 -2.86
N LYS C 178 -18.37 11.92 -1.56
CA LYS C 178 -19.11 10.89 -0.79
C LYS C 178 -20.57 11.28 -0.57
N LEU C 179 -20.88 12.57 -0.33
CA LEU C 179 -22.21 13.02 0.17
C LEU C 179 -23.21 13.29 -0.96
N ALA C 180 -22.78 13.91 -2.06
CA ALA C 180 -23.65 14.40 -3.16
C ALA C 180 -24.71 13.36 -3.56
N GLY C 181 -24.29 12.10 -3.71
CA GLY C 181 -25.16 11.00 -4.17
C GLY C 181 -26.06 10.49 -3.07
N ASN C 182 -25.54 10.32 -1.85
CA ASN C 182 -26.33 9.89 -0.67
C ASN C 182 -27.46 10.89 -0.41
N LEU C 183 -27.19 12.20 -0.49
CA LEU C 183 -28.20 13.27 -0.26
C LEU C 183 -29.30 13.19 -1.31
N LYS C 184 -28.94 12.99 -2.57
CA LYS C 184 -29.91 12.97 -3.68
C LYS C 184 -30.86 11.78 -3.51
N GLN C 185 -30.34 10.61 -3.14
CA GLN C 185 -31.14 9.37 -2.95
C GLN C 185 -32.14 9.54 -1.81
N SER C 186 -31.68 10.02 -0.66
CA SER C 186 -32.50 10.22 0.57
C SER C 186 -33.39 11.46 0.48
N ASN C 187 -33.13 12.35 -0.48
CA ASN C 187 -33.82 13.66 -0.66
C ASN C 187 -33.60 14.54 0.58
N THR C 188 -32.35 14.64 1.04
CA THR C 188 -31.91 15.41 2.23
C THR C 188 -31.26 16.73 1.78
N LEU C 189 -31.57 17.84 2.44
CA LEU C 189 -30.91 19.15 2.26
C LEU C 189 -29.73 19.22 3.23
N LEU C 190 -28.51 19.45 2.76
CA LEU C 190 -27.34 19.76 3.61
C LEU C 190 -26.97 21.25 3.44
N ILE C 191 -26.97 22.00 4.54
CA ILE C 191 -26.55 23.43 4.61
C ILE C 191 -25.22 23.50 5.32
N PHE C 192 -24.20 24.07 4.67
CA PHE C 192 -22.90 24.46 5.29
C PHE C 192 -22.91 25.96 5.57
N ILE C 193 -22.59 26.34 6.79
CA ILE C 193 -22.22 27.74 7.11
C ILE C 193 -20.71 27.85 6.92
N ASN C 194 -20.25 28.98 6.41
CA ASN C 194 -18.81 29.30 6.27
C ASN C 194 -18.54 30.69 6.82
N GLN C 195 -17.30 30.90 7.27
CA GLN C 195 -16.73 32.19 7.70
C GLN C 195 -15.95 32.76 6.52
N ILE C 196 -15.61 34.04 6.60
CA ILE C 196 -14.79 34.78 5.60
C ILE C 196 -13.38 34.90 6.17
N ARG C 197 -12.38 34.88 5.30
CA ARG C 197 -10.98 35.27 5.62
C ARG C 197 -10.47 36.13 4.46
N MET C 198 -9.26 36.65 4.57
CA MET C 198 -8.59 37.47 3.52
C MET C 198 -7.59 36.62 2.76
N LYS C 199 -7.61 36.70 1.43
CA LYS C 199 -6.45 36.31 0.56
C LYS C 199 -5.45 37.46 0.56
N ILE C 200 -4.16 37.16 0.64
CA ILE C 200 -3.07 38.18 0.58
C ILE C 200 -2.04 37.75 -0.48
N GLY C 201 -1.50 38.75 -1.20
CA GLY C 201 -0.65 38.59 -2.41
C GLY C 201 -1.46 38.44 -3.69
N VAL C 202 -2.77 38.66 -3.64
CA VAL C 202 -3.74 38.36 -4.73
C VAL C 202 -3.80 39.54 -5.71
N MET C 203 -4.28 39.26 -6.93
CA MET C 203 -4.63 40.22 -8.02
C MET C 203 -5.76 41.18 -7.58
N PHE C 204 -6.40 41.90 -8.51
CA PHE C 204 -7.35 43.01 -8.22
C PHE C 204 -8.76 42.51 -7.86
N GLY C 205 -9.03 41.20 -7.95
CA GLY C 205 -10.29 40.56 -7.49
C GLY C 205 -10.51 40.79 -6.00
N ASN C 206 -11.74 40.57 -5.51
CA ASN C 206 -12.08 40.79 -4.08
C ASN C 206 -11.17 39.90 -3.23
N PRO C 207 -10.51 40.44 -2.19
CA PRO C 207 -9.62 39.65 -1.35
C PRO C 207 -10.34 38.74 -0.35
N GLU C 208 -11.67 38.86 -0.21
CA GLU C 208 -12.50 38.00 0.68
C GLU C 208 -12.54 36.59 0.10
N THR C 209 -12.35 35.60 0.97
CA THR C 209 -12.38 34.15 0.68
C THR C 209 -13.25 33.48 1.74
N THR C 210 -13.63 32.23 1.52
CA THR C 210 -14.20 31.31 2.52
C THR C 210 -13.16 30.27 2.87
N THR C 211 -13.42 29.44 3.88
CA THR C 211 -12.52 28.37 4.36
C THR C 211 -12.81 27.02 3.65
N GLY C 212 -11.85 26.09 3.79
CA GLY C 212 -11.98 24.66 3.45
C GLY C 212 -11.90 24.39 1.96
N GLY C 213 -11.19 25.24 1.23
CA GLY C 213 -10.82 25.00 -0.18
C GLY C 213 -11.94 25.27 -1.16
N ASN C 214 -11.80 24.74 -2.36
CA ASN C 214 -12.57 25.09 -3.57
C ASN C 214 -13.69 24.09 -3.90
N ALA C 215 -13.72 22.87 -3.35
CA ALA C 215 -14.71 21.84 -3.70
C ALA C 215 -16.15 22.33 -3.50
N LEU C 216 -16.46 22.92 -2.35
CA LEU C 216 -17.84 23.25 -1.94
C LEU C 216 -18.48 24.27 -2.90
N LYS C 217 -17.72 25.22 -3.43
CA LYS C 217 -18.16 26.17 -4.47
C LYS C 217 -18.75 25.49 -5.70
N PHE C 218 -18.23 24.34 -6.09
CA PHE C 218 -18.65 23.58 -7.29
C PHE C 218 -19.88 22.75 -6.97
N TYR C 219 -19.89 22.10 -5.81
CA TYR C 219 -20.93 21.12 -5.41
C TYR C 219 -22.19 21.81 -4.92
N ALA C 220 -22.13 23.07 -4.49
CA ALA C 220 -23.30 23.80 -3.96
C ALA C 220 -24.26 24.15 -5.09
N SER C 221 -25.57 23.95 -4.89
CA SER C 221 -26.63 24.34 -5.85
C SER C 221 -27.08 25.78 -5.60
N VAL C 222 -26.97 26.24 -4.36
CA VAL C 222 -27.22 27.65 -3.95
C VAL C 222 -26.06 28.07 -3.07
N ARG C 223 -25.58 29.31 -3.25
CA ARG C 223 -24.65 30.01 -2.33
C ARG C 223 -25.26 31.36 -1.99
N LEU C 224 -25.30 31.70 -0.70
CA LEU C 224 -25.90 32.93 -0.14
C LEU C 224 -24.84 33.70 0.64
N ASP C 225 -24.55 34.94 0.24
CA ASP C 225 -23.74 35.95 0.97
C ASP C 225 -24.67 36.80 1.84
N ILE C 226 -24.59 36.69 3.17
CA ILE C 226 -25.44 37.45 4.13
C ILE C 226 -24.58 38.55 4.78
N ARG C 227 -25.15 39.75 4.94
CA ARG C 227 -24.45 40.95 5.48
C ARG C 227 -25.41 41.81 6.28
N ARG C 228 -24.93 42.30 7.43
CA ARG C 228 -25.60 43.35 8.24
C ARG C 228 -25.29 44.70 7.59
N ILE C 229 -26.34 45.41 7.16
CA ILE C 229 -26.22 46.69 6.41
C ILE C 229 -26.65 47.87 7.29
N GLY C 230 -27.07 47.64 8.54
CA GLY C 230 -27.50 48.70 9.46
C GLY C 230 -28.17 48.19 10.72
N ALA C 231 -28.77 49.10 11.48
CA ALA C 231 -29.44 48.86 12.77
C ALA C 231 -30.93 49.19 12.68
N VAL C 232 -31.72 48.57 13.55
CA VAL C 232 -33.17 48.82 13.78
C VAL C 232 -33.30 49.36 15.21
N LYS C 233 -33.84 50.58 15.36
CA LYS C 233 -33.89 51.30 16.67
C LYS C 233 -35.34 51.58 17.07
N GLU C 234 -35.71 51.20 18.30
CA GLU C 234 -36.89 51.71 19.06
C GLU C 234 -36.43 52.96 19.84
N GLY C 235 -36.38 54.10 19.16
CA GLY C 235 -35.86 55.37 19.69
C GLY C 235 -34.35 55.33 19.83
N GLU C 236 -33.87 54.88 21.01
CA GLU C 236 -32.43 54.81 21.37
C GLU C 236 -31.94 53.35 21.39
N ASN C 237 -32.73 52.45 21.99
CA ASN C 237 -32.43 50.99 22.08
C ASN C 237 -32.31 50.39 20.68
N VAL C 238 -31.14 49.84 20.34
CA VAL C 238 -30.94 48.97 19.14
C VAL C 238 -31.65 47.65 19.43
N VAL C 239 -32.65 47.31 18.63
CA VAL C 239 -33.59 46.19 18.88
C VAL C 239 -33.41 45.07 17.82
N GLY C 240 -32.59 45.32 16.78
CA GLY C 240 -32.38 44.34 15.70
C GLY C 240 -31.43 44.82 14.62
N SER C 241 -31.30 44.03 13.55
CA SER C 241 -30.33 44.20 12.46
C SER C 241 -31.05 44.32 11.13
N GLU C 242 -30.63 45.28 10.29
CA GLU C 242 -31.08 45.41 8.89
C GLU C 242 -30.13 44.55 8.03
N THR C 243 -30.67 43.55 7.33
CA THR C 243 -29.93 42.42 6.73
C THR C 243 -30.09 42.44 5.21
N ARG C 244 -29.03 42.13 4.47
CA ARG C 244 -29.07 41.88 3.01
C ARG C 244 -28.52 40.47 2.69
N VAL C 245 -29.29 39.67 1.95
CA VAL C 245 -28.83 38.36 1.40
C VAL C 245 -28.72 38.46 -0.12
N LYS C 246 -27.52 38.25 -0.65
CA LYS C 246 -27.22 38.16 -2.09
C LYS C 246 -27.12 36.68 -2.52
N VAL C 247 -27.84 36.30 -3.58
CA VAL C 247 -27.76 34.95 -4.18
C VAL C 247 -26.63 34.94 -5.20
N VAL C 248 -25.51 34.34 -4.82
CA VAL C 248 -24.18 34.45 -5.48
C VAL C 248 -23.97 33.26 -6.44
N LYS C 249 -24.64 32.13 -6.19
CA LYS C 249 -24.76 30.98 -7.10
C LYS C 249 -26.18 30.41 -7.01
N ASN C 250 -26.72 29.96 -8.13
CA ASN C 250 -28.07 29.33 -8.23
C ASN C 250 -28.09 28.43 -9.48
N LYS C 251 -28.33 27.13 -9.30
CA LYS C 251 -28.53 26.12 -10.38
C LYS C 251 -30.01 25.75 -10.56
N ILE C 252 -30.92 26.31 -9.78
CA ILE C 252 -32.36 25.93 -9.87
C ILE C 252 -33.17 27.09 -10.44
N ALA C 253 -32.56 28.26 -10.59
CA ALA C 253 -33.19 29.49 -11.13
C ALA C 253 -32.09 30.52 -11.40
N ALA C 254 -32.46 31.71 -11.85
CA ALA C 254 -31.48 32.75 -12.26
C ALA C 254 -30.84 33.33 -11.01
N PRO C 255 -29.52 33.57 -11.01
CA PRO C 255 -28.84 34.16 -9.85
C PRO C 255 -28.74 35.70 -9.82
N PHE C 256 -28.07 36.22 -8.78
CA PHE C 256 -27.71 37.64 -8.52
C PHE C 256 -28.94 38.48 -8.15
N LYS C 257 -29.98 37.84 -7.65
CA LYS C 257 -31.10 38.55 -7.00
C LYS C 257 -30.72 38.73 -5.55
N GLN C 258 -31.37 39.66 -4.86
CA GLN C 258 -31.06 39.97 -3.45
C GLN C 258 -32.36 40.14 -2.66
N ALA C 259 -32.24 40.01 -1.35
CA ALA C 259 -33.34 40.13 -0.39
C ALA C 259 -32.89 41.05 0.74
N GLU C 260 -33.76 41.95 1.16
CA GLU C 260 -33.57 42.80 2.35
C GLU C 260 -34.66 42.44 3.35
N PHE C 261 -34.30 42.28 4.60
CA PHE C 261 -35.24 42.02 5.71
C PHE C 261 -34.58 42.42 7.02
N GLN C 262 -35.38 42.44 8.09
CA GLN C 262 -34.94 42.76 9.47
C GLN C 262 -34.84 41.46 10.26
N ILE C 263 -33.78 41.32 11.06
CA ILE C 263 -33.68 40.31 12.15
C ILE C 263 -33.88 41.06 13.46
N LEU C 264 -34.89 40.71 14.24
CA LEU C 264 -35.21 41.33 15.55
C LEU C 264 -34.79 40.39 16.67
N TYR C 265 -33.96 40.89 17.60
CA TYR C 265 -33.29 40.07 18.64
C TYR C 265 -34.36 39.43 19.53
N GLY C 266 -34.45 38.09 19.50
CA GLY C 266 -35.36 37.29 20.34
C GLY C 266 -36.65 36.91 19.64
N GLU C 267 -36.86 37.35 18.39
CA GLU C 267 -38.01 36.96 17.53
C GLU C 267 -37.52 36.25 16.28
N GLY C 268 -36.52 36.80 15.60
CA GLY C 268 -35.95 36.28 14.35
C GLY C 268 -36.32 37.15 13.17
N ILE C 269 -36.65 36.56 12.02
CA ILE C 269 -36.94 37.32 10.76
C ILE C 269 -38.33 37.92 10.88
N ASN C 270 -38.44 39.23 10.63
CA ASN C 270 -39.71 40.00 10.67
C ASN C 270 -40.52 39.69 9.41
N PHE C 271 -41.46 38.74 9.49
CA PHE C 271 -42.29 38.27 8.35
C PHE C 271 -43.23 39.37 7.87
N TYR C 272 -43.88 40.09 8.78
CA TYR C 272 -44.86 41.15 8.45
C TYR C 272 -44.16 42.40 7.89
N GLY C 273 -42.95 42.70 8.36
CA GLY C 273 -42.11 43.77 7.80
C GLY C 273 -41.84 43.56 6.32
N GLU C 274 -41.60 42.32 5.90
CA GLU C 274 -41.41 41.93 4.47
C GLU C 274 -42.73 42.12 3.71
N LEU C 275 -43.84 41.66 4.31
CA LEU C 275 -45.19 41.62 3.69
C LEU C 275 -45.71 43.03 3.41
N VAL C 276 -45.34 44.01 4.23
CA VAL C 276 -45.55 45.46 3.96
C VAL C 276 -44.83 45.82 2.65
N ASP C 277 -43.50 45.70 2.66
CA ASP C 277 -42.59 46.15 1.56
C ASP C 277 -42.99 45.51 0.22
N LEU C 278 -43.47 44.27 0.20
CA LEU C 278 -43.88 43.54 -1.03
C LEU C 278 -45.31 43.95 -1.43
N GLY C 279 -46.20 44.17 -0.46
CA GLY C 279 -47.54 44.78 -0.68
C GLY C 279 -47.45 46.17 -1.30
N VAL C 280 -46.43 46.95 -0.93
CA VAL C 280 -46.12 48.31 -1.49
C VAL C 280 -45.73 48.16 -2.97
N LYS C 281 -44.69 47.34 -3.21
CA LYS C 281 -44.04 47.15 -4.54
C LYS C 281 -45.05 46.60 -5.57
N GLU C 282 -46.05 45.82 -5.13
CA GLU C 282 -47.07 45.16 -5.99
C GLU C 282 -48.40 45.95 -6.00
N LYS C 283 -48.40 47.22 -5.55
CA LYS C 283 -49.55 48.16 -5.64
C LYS C 283 -50.78 47.61 -4.89
N LEU C 284 -50.56 46.90 -3.77
CA LEU C 284 -51.65 46.44 -2.85
C LEU C 284 -51.65 47.29 -1.57
N ILE C 285 -50.57 48.02 -1.27
CA ILE C 285 -50.48 49.01 -0.16
C ILE C 285 -49.98 50.35 -0.78
N GLU C 286 -50.62 51.46 -0.41
CA GLU C 286 -50.31 52.83 -0.91
C GLU C 286 -49.55 53.60 0.18
N LYS C 287 -48.28 53.92 -0.07
CA LYS C 287 -47.42 54.74 0.83
C LYS C 287 -47.34 56.17 0.27
N ALA C 288 -48.21 57.04 0.75
CA ALA C 288 -48.27 58.49 0.42
C ALA C 288 -47.33 59.26 1.37
N GLY C 289 -46.05 59.37 0.99
CA GLY C 289 -44.99 60.02 1.79
C GLY C 289 -44.43 59.08 2.86
N ALA C 290 -44.97 59.15 4.08
CA ALA C 290 -44.70 58.24 5.21
C ALA C 290 -46.02 57.77 5.86
N TRP C 291 -47.11 57.74 5.09
CA TRP C 291 -48.47 57.28 5.51
C TRP C 291 -48.88 56.07 4.67
N TYR C 292 -48.79 54.86 5.25
CA TYR C 292 -49.20 53.58 4.61
C TYR C 292 -50.73 53.49 4.64
N SER C 293 -51.34 53.06 3.54
CA SER C 293 -52.81 52.98 3.33
C SER C 293 -53.17 51.69 2.58
N TYR C 294 -54.18 50.95 3.07
CA TYR C 294 -54.74 49.72 2.42
C TYR C 294 -56.17 50.00 1.97
N LYS C 295 -56.36 50.23 0.66
CA LYS C 295 -57.68 50.46 -0.01
C LYS C 295 -58.36 51.71 0.57
N GLY C 296 -57.57 52.76 0.86
CA GLY C 296 -58.05 54.05 1.43
C GLY C 296 -57.84 54.13 2.93
N GLU C 297 -58.12 53.05 3.68
CA GLU C 297 -57.98 52.94 5.16
C GLU C 297 -56.50 53.17 5.54
N LYS C 298 -56.24 54.18 6.39
CA LYS C 298 -54.88 54.54 6.88
C LYS C 298 -54.43 53.48 7.90
N ILE C 299 -53.61 52.52 7.46
CA ILE C 299 -53.14 51.37 8.31
C ILE C 299 -52.16 51.89 9.38
N GLY C 300 -51.39 52.94 9.08
CA GLY C 300 -50.53 53.62 10.07
C GLY C 300 -49.61 54.66 9.44
N GLN C 301 -48.73 55.23 10.25
CA GLN C 301 -47.64 56.17 9.83
C GLN C 301 -46.31 55.64 10.36
N GLY C 302 -45.34 55.39 9.45
CA GLY C 302 -44.09 54.68 9.75
C GLY C 302 -44.26 53.18 9.57
N LYS C 303 -43.21 52.50 9.10
CA LYS C 303 -43.20 51.05 8.73
C LYS C 303 -43.51 50.18 9.96
N ALA C 304 -43.02 50.58 11.15
CA ALA C 304 -43.21 49.87 12.44
C ALA C 304 -44.69 49.86 12.85
N ASN C 305 -45.38 51.00 12.70
CA ASN C 305 -46.82 51.17 13.04
C ASN C 305 -47.69 50.38 12.05
N ALA C 306 -47.31 50.40 10.76
CA ALA C 306 -47.95 49.62 9.66
C ALA C 306 -47.81 48.11 9.94
N THR C 307 -46.62 47.67 10.38
CA THR C 307 -46.31 46.27 10.76
C THR C 307 -47.15 45.87 11.98
N ALA C 308 -47.25 46.77 12.97
CA ALA C 308 -48.06 46.59 14.21
C ALA C 308 -49.54 46.46 13.86
N TRP C 309 -50.02 47.20 12.85
CA TRP C 309 -51.42 47.13 12.35
C TRP C 309 -51.70 45.76 11.72
N LEU C 310 -50.80 45.28 10.85
CA LEU C 310 -50.90 43.96 10.15
C LEU C 310 -50.89 42.81 11.16
N LYS C 311 -50.21 42.98 12.29
CA LYS C 311 -50.12 41.98 13.39
C LYS C 311 -51.52 41.75 13.98
N ASP C 312 -52.25 42.82 14.31
CA ASP C 312 -53.56 42.74 15.02
C ASP C 312 -54.73 42.53 14.03
N ASN C 313 -54.48 42.51 12.70
CA ASN C 313 -55.47 42.11 11.66
C ASN C 313 -54.95 40.89 10.91
N PRO C 314 -55.17 39.65 11.39
CA PRO C 314 -54.75 38.45 10.67
C PRO C 314 -55.41 38.21 9.29
N GLU C 315 -56.61 38.74 9.06
CA GLU C 315 -57.39 38.53 7.79
C GLU C 315 -56.75 39.33 6.65
N THR C 316 -56.33 40.57 6.92
CA THR C 316 -55.68 41.50 5.95
C THR C 316 -54.31 40.95 5.55
N ALA C 317 -53.56 40.37 6.49
CA ALA C 317 -52.21 39.77 6.29
C ALA C 317 -52.32 38.48 5.47
N LYS C 318 -53.34 37.64 5.72
CA LYS C 318 -53.66 36.42 4.91
C LYS C 318 -53.86 36.81 3.45
N GLU C 319 -54.67 37.86 3.22
CA GLU C 319 -55.11 38.37 1.88
C GLU C 319 -53.90 38.87 1.07
N ILE C 320 -53.06 39.72 1.67
CA ILE C 320 -51.88 40.34 0.99
C ILE C 320 -50.84 39.25 0.69
N GLU C 321 -50.59 38.33 1.62
CA GLU C 321 -49.69 37.16 1.44
C GLU C 321 -50.17 36.33 0.25
N LYS C 322 -51.47 36.00 0.25
CA LYS C 322 -52.19 35.27 -0.81
C LYS C 322 -51.80 35.80 -2.20
N LYS C 323 -51.97 37.11 -2.42
CA LYS C 323 -51.77 37.80 -3.73
C LYS C 323 -50.27 37.82 -4.09
N VAL C 324 -49.43 38.34 -3.19
CA VAL C 324 -47.94 38.47 -3.36
C VAL C 324 -47.35 37.12 -3.78
N ARG C 325 -47.76 36.03 -3.11
CA ARG C 325 -47.37 34.63 -3.44
C ARG C 325 -47.77 34.30 -4.88
N GLU C 326 -49.04 34.56 -5.22
CA GLU C 326 -49.66 34.21 -6.53
C GLU C 326 -48.97 34.98 -7.68
N LEU C 327 -48.50 36.22 -7.43
CA LEU C 327 -47.91 37.13 -8.45
C LEU C 327 -46.41 36.87 -8.66
N LEU C 328 -45.60 36.89 -7.58
CA LEU C 328 -44.14 37.19 -7.65
C LEU C 328 -43.26 35.94 -7.80
N LEU C 329 -43.73 34.75 -7.40
CA LEU C 329 -42.96 33.48 -7.56
C LEU C 329 -42.85 33.14 -9.07
N SER C 330 -41.62 33.13 -9.60
CA SER C 330 -41.30 32.96 -11.05
C SER C 330 -41.37 31.47 -11.46
N ASN C 331 -40.77 30.57 -10.67
CA ASN C 331 -40.66 29.11 -10.94
C ASN C 331 -41.39 28.31 -9.85
N PRO C 332 -42.75 28.35 -9.74
CA PRO C 332 -43.47 27.47 -8.83
C PRO C 332 -43.46 25.99 -9.30
N ASN C 333 -43.29 25.05 -8.37
CA ASN C 333 -42.99 23.61 -8.64
C ASN C 333 -44.30 22.88 -9.00
N SER C 334 -45.21 22.76 -8.02
CA SER C 334 -46.49 22.00 -8.10
C SER C 334 -47.67 22.93 -7.83
N ALA D 2 13.74 -6.81 -59.32
CA ALA D 2 13.95 -8.22 -58.83
C ALA D 2 13.67 -8.30 -57.32
N ILE D 3 14.32 -7.43 -56.52
CA ILE D 3 14.19 -7.37 -55.04
C ILE D 3 12.80 -6.83 -54.69
N ASP D 4 12.39 -5.71 -55.28
CA ASP D 4 11.08 -5.02 -54.99
C ASP D 4 9.93 -6.01 -55.19
N GLU D 5 10.01 -6.90 -56.19
CA GLU D 5 9.00 -7.96 -56.47
C GLU D 5 8.89 -8.91 -55.28
N ASN D 6 10.03 -9.43 -54.78
CA ASN D 6 10.11 -10.35 -53.61
C ASN D 6 9.61 -9.67 -52.34
N LYS D 7 9.94 -8.38 -52.15
CA LYS D 7 9.46 -7.55 -51.00
C LYS D 7 7.95 -7.36 -51.10
N GLN D 8 7.42 -7.02 -52.30
CA GLN D 8 5.97 -6.79 -52.54
C GLN D 8 5.16 -8.08 -52.32
N LYS D 9 5.74 -9.25 -52.61
CA LYS D 9 5.09 -10.57 -52.41
C LYS D 9 5.09 -10.95 -50.92
N ALA D 10 6.22 -10.75 -50.24
CA ALA D 10 6.40 -10.94 -48.78
C ALA D 10 5.40 -10.06 -48.01
N LEU D 11 5.26 -8.79 -48.45
CA LEU D 11 4.30 -7.80 -47.87
C LEU D 11 2.86 -8.31 -48.03
N ALA D 12 2.46 -8.61 -49.28
CA ALA D 12 1.11 -9.08 -49.66
C ALA D 12 0.72 -10.34 -48.87
N ALA D 13 1.67 -11.26 -48.67
CA ALA D 13 1.49 -12.52 -47.89
C ALA D 13 1.27 -12.22 -46.41
N ALA D 14 2.09 -11.32 -45.84
CA ALA D 14 2.04 -10.86 -44.42
C ALA D 14 0.70 -10.15 -44.17
N LEU D 15 0.32 -9.25 -45.08
CA LEU D 15 -0.99 -8.52 -45.05
C LEU D 15 -2.15 -9.53 -45.08
N GLY D 16 -2.08 -10.52 -45.98
CA GLY D 16 -3.06 -11.63 -46.08
C GLY D 16 -3.15 -12.41 -44.77
N GLN D 17 -2.01 -12.74 -44.17
CA GLN D 17 -1.92 -13.54 -42.91
C GLN D 17 -2.52 -12.75 -41.74
N ILE D 18 -2.24 -11.44 -41.65
CA ILE D 18 -2.77 -10.52 -40.59
C ILE D 18 -4.29 -10.47 -40.71
N GLU D 19 -4.81 -10.23 -41.92
CA GLU D 19 -6.27 -10.06 -42.20
C GLU D 19 -7.02 -11.37 -41.94
N LYS D 20 -6.41 -12.51 -42.27
CA LYS D 20 -6.94 -13.86 -41.96
C LYS D 20 -7.08 -14.04 -40.44
N GLN D 21 -6.03 -13.71 -39.69
CA GLN D 21 -5.90 -13.96 -38.23
C GLN D 21 -6.85 -13.05 -37.44
N PHE D 22 -6.90 -11.75 -37.76
CA PHE D 22 -7.52 -10.68 -36.94
C PHE D 22 -8.84 -10.17 -37.54
N GLY D 23 -8.98 -10.12 -38.87
CA GLY D 23 -10.22 -9.73 -39.55
C GLY D 23 -9.98 -8.83 -40.76
N LYS D 24 -11.07 -8.44 -41.43
CA LYS D 24 -11.07 -7.81 -42.78
C LYS D 24 -10.18 -6.55 -42.78
N GLY D 25 -10.56 -5.50 -42.05
CA GLY D 25 -9.89 -4.18 -42.09
C GLY D 25 -8.85 -3.99 -40.99
N SER D 26 -8.22 -5.08 -40.51
CA SER D 26 -7.24 -5.11 -39.39
C SER D 26 -6.02 -4.25 -39.74
N ILE D 27 -5.56 -4.33 -40.99
CA ILE D 27 -4.50 -3.46 -41.56
C ILE D 27 -4.91 -3.06 -42.97
N MET D 28 -4.66 -1.81 -43.34
CA MET D 28 -4.82 -1.31 -44.73
C MET D 28 -4.05 0.00 -44.92
N ARG D 29 -4.05 0.53 -46.14
CA ARG D 29 -3.42 1.84 -46.45
C ARG D 29 -4.32 2.95 -45.91
N LEU D 30 -3.71 4.01 -45.37
CA LEU D 30 -4.40 5.11 -44.64
C LEU D 30 -5.23 5.95 -45.61
N GLY D 31 -4.74 6.15 -46.83
CA GLY D 31 -5.42 6.91 -47.90
C GLY D 31 -6.72 6.27 -48.36
N GLU D 32 -6.87 4.95 -48.18
CA GLU D 32 -8.07 4.16 -48.57
C GLU D 32 -8.73 3.58 -47.32
N ASP D 33 -8.81 4.38 -46.24
CA ASP D 33 -9.49 4.05 -44.96
C ASP D 33 -10.44 5.19 -44.62
N ARG D 34 -11.75 5.00 -44.87
CA ARG D 34 -12.82 6.01 -44.67
C ARG D 34 -13.19 6.13 -43.18
N SER D 35 -12.97 5.09 -42.38
CA SER D 35 -13.18 5.08 -40.90
C SER D 35 -12.39 6.21 -40.22
N MET D 36 -11.21 6.54 -40.76
CA MET D 36 -10.21 7.46 -40.14
C MET D 36 -10.54 8.94 -40.46
N ASP D 37 -11.46 9.21 -41.38
CA ASP D 37 -11.90 10.60 -41.72
C ASP D 37 -12.55 11.25 -40.50
N VAL D 38 -12.23 12.51 -40.24
CA VAL D 38 -12.76 13.32 -39.08
C VAL D 38 -14.10 13.95 -39.51
N GLU D 39 -15.17 13.60 -38.81
CA GLU D 39 -16.54 14.14 -38.91
C GLU D 39 -16.82 14.94 -37.63
N THR D 40 -17.53 16.07 -37.73
CA THR D 40 -17.76 17.05 -36.61
C THR D 40 -19.25 17.29 -36.35
N ILE D 41 -19.57 17.87 -35.18
CA ILE D 41 -20.92 18.36 -34.76
C ILE D 41 -20.80 19.83 -34.36
N SER D 42 -21.86 20.62 -34.56
CA SER D 42 -22.01 21.98 -34.00
C SER D 42 -21.92 21.96 -32.47
N THR D 43 -21.32 23.00 -31.89
CA THR D 43 -21.28 23.27 -30.42
C THR D 43 -22.53 24.06 -29.99
N GLY D 44 -23.34 24.54 -30.94
CA GLY D 44 -24.40 25.54 -30.69
C GLY D 44 -23.89 26.98 -30.76
N SER D 45 -22.58 27.21 -30.66
CA SER D 45 -21.91 28.53 -30.80
C SER D 45 -21.15 28.58 -32.14
N LEU D 46 -21.28 29.69 -32.87
CA LEU D 46 -20.64 29.89 -34.20
C LEU D 46 -19.19 30.35 -34.04
N SER D 47 -18.91 31.24 -33.07
CA SER D 47 -17.54 31.69 -32.71
C SER D 47 -16.69 30.51 -32.22
N LEU D 48 -17.29 29.53 -31.53
CA LEU D 48 -16.58 28.33 -31.03
C LEU D 48 -16.32 27.35 -32.19
N ASP D 49 -17.28 27.17 -33.09
CA ASP D 49 -17.11 26.29 -34.29
C ASP D 49 -15.99 26.81 -35.20
N ILE D 50 -15.72 28.12 -35.22
CA ILE D 50 -14.60 28.75 -35.98
C ILE D 50 -13.29 28.50 -35.24
N ALA D 51 -13.24 28.77 -33.94
CA ALA D 51 -12.07 28.56 -33.05
C ALA D 51 -11.54 27.13 -33.19
N LEU D 52 -12.43 26.16 -33.27
CA LEU D 52 -12.08 24.72 -33.33
C LEU D 52 -11.50 24.35 -34.70
N GLY D 53 -11.74 25.13 -35.74
CA GLY D 53 -10.98 25.04 -37.00
C GLY D 53 -11.45 23.95 -37.95
N ALA D 54 -12.22 22.96 -37.48
CA ALA D 54 -12.85 21.91 -38.32
C ALA D 54 -14.38 21.99 -38.23
N GLY D 55 -14.92 23.09 -37.69
CA GLY D 55 -16.37 23.37 -37.67
C GLY D 55 -17.12 22.63 -36.56
N GLY D 56 -16.42 22.13 -35.54
CA GLY D 56 -17.10 21.59 -34.34
C GLY D 56 -16.30 20.54 -33.61
N LEU D 57 -16.99 19.70 -32.84
CA LEU D 57 -16.35 18.65 -32.00
C LEU D 57 -16.31 17.34 -32.78
N PRO D 58 -15.17 16.62 -32.78
CA PRO D 58 -15.03 15.41 -33.59
C PRO D 58 -15.72 14.16 -33.02
N MET D 59 -16.41 13.40 -33.89
CA MET D 59 -17.07 12.13 -33.50
C MET D 59 -16.02 11.04 -33.29
N GLY D 60 -16.29 10.10 -32.39
CA GLY D 60 -15.41 8.96 -32.09
C GLY D 60 -14.21 9.35 -31.24
N ARG D 61 -14.24 10.52 -30.62
CA ARG D 61 -13.13 11.08 -29.82
C ARG D 61 -13.62 11.44 -28.42
N ILE D 62 -12.68 11.79 -27.56
CA ILE D 62 -12.91 12.30 -26.18
C ILE D 62 -12.65 13.81 -26.17
N VAL D 63 -13.51 14.55 -25.49
CA VAL D 63 -13.40 16.02 -25.29
C VAL D 63 -13.44 16.29 -23.79
N GLU D 64 -12.64 17.25 -23.34
CA GLU D 64 -12.65 17.75 -21.95
C GLU D 64 -13.05 19.23 -21.97
N ILE D 65 -14.04 19.61 -21.16
CA ILE D 65 -14.44 21.01 -20.89
C ILE D 65 -14.25 21.25 -19.40
N TYR D 66 -13.33 22.13 -19.04
CA TYR D 66 -13.08 22.49 -17.62
C TYR D 66 -13.20 24.00 -17.46
N GLY D 67 -13.34 24.40 -16.22
CA GLY D 67 -13.26 25.82 -15.84
C GLY D 67 -13.69 26.00 -14.40
N PRO D 68 -13.76 27.26 -13.93
CA PRO D 68 -14.17 27.57 -12.57
C PRO D 68 -15.67 27.40 -12.37
N GLU D 69 -16.13 27.72 -11.16
CA GLU D 69 -17.55 27.54 -10.82
C GLU D 69 -18.40 28.58 -11.58
N SER D 70 -19.54 28.11 -12.06
CA SER D 70 -20.62 28.87 -12.73
C SER D 70 -20.10 29.61 -13.96
N SER D 71 -19.17 28.97 -14.69
CA SER D 71 -18.53 29.46 -15.94
C SER D 71 -19.35 29.08 -17.19
N GLY D 72 -20.23 28.09 -17.10
CA GLY D 72 -21.17 27.72 -18.18
C GLY D 72 -20.92 26.36 -18.78
N LYS D 73 -20.27 25.45 -18.06
CA LYS D 73 -19.83 24.12 -18.54
C LYS D 73 -21.03 23.25 -18.85
N THR D 74 -22.02 23.17 -17.97
CA THR D 74 -23.26 22.38 -18.18
C THR D 74 -24.10 23.01 -19.30
N THR D 75 -24.34 24.32 -19.24
CA THR D 75 -25.08 25.08 -20.28
C THR D 75 -24.48 24.77 -21.66
N LEU D 76 -23.16 24.80 -21.81
CA LEU D 76 -22.47 24.56 -23.10
C LEU D 76 -22.75 23.14 -23.60
N THR D 77 -22.61 22.12 -22.75
CA THR D 77 -22.79 20.69 -23.14
C THR D 77 -24.25 20.40 -23.49
N LEU D 78 -25.21 21.08 -22.87
CA LEU D 78 -26.65 20.93 -23.19
C LEU D 78 -26.98 21.56 -24.55
N GLN D 79 -26.30 22.63 -24.95
CA GLN D 79 -26.47 23.26 -26.28
C GLN D 79 -25.84 22.38 -27.37
N VAL D 80 -24.78 21.62 -27.06
CA VAL D 80 -24.19 20.58 -27.97
C VAL D 80 -25.26 19.51 -28.19
N ILE D 81 -25.79 18.94 -27.10
CA ILE D 81 -26.83 17.88 -27.11
C ILE D 81 -28.03 18.36 -27.93
N ALA D 82 -28.56 19.52 -27.60
CA ALA D 82 -29.73 20.15 -28.26
C ALA D 82 -29.52 20.13 -29.77
N ALA D 83 -28.40 20.69 -30.24
CA ALA D 83 -28.03 20.79 -31.67
C ALA D 83 -27.98 19.41 -32.32
N ALA D 84 -27.49 18.41 -31.59
CA ALA D 84 -27.32 17.03 -32.07
C ALA D 84 -28.68 16.33 -32.18
N GLN D 85 -29.57 16.54 -31.20
CA GLN D 85 -30.97 16.03 -31.18
C GLN D 85 -31.77 16.57 -32.39
N ARG D 86 -31.53 17.82 -32.79
CA ARG D 86 -32.16 18.44 -33.98
C ARG D 86 -31.70 17.78 -35.29
N GLU D 87 -30.52 17.13 -35.30
CA GLU D 87 -30.01 16.31 -36.44
C GLU D 87 -30.27 14.81 -36.18
N GLY D 88 -31.28 14.46 -35.40
CA GLY D 88 -31.79 13.08 -35.22
C GLY D 88 -30.78 12.15 -34.57
N LYS D 89 -29.95 12.64 -33.67
CA LYS D 89 -28.95 11.81 -32.93
C LYS D 89 -29.44 11.57 -31.51
N THR D 90 -29.19 10.37 -30.99
CA THR D 90 -29.50 9.96 -29.61
C THR D 90 -28.40 10.51 -28.70
N CYS D 91 -28.75 10.96 -27.50
CA CYS D 91 -27.79 11.53 -26.52
C CYS D 91 -28.05 10.96 -25.12
N ALA D 92 -27.01 10.96 -24.29
CA ALA D 92 -27.08 10.49 -22.89
C ALA D 92 -26.35 11.49 -21.99
N PHE D 93 -26.83 11.63 -20.76
CA PHE D 93 -26.26 12.52 -19.71
C PHE D 93 -26.02 11.69 -18.45
N ILE D 94 -24.75 11.40 -18.14
CA ILE D 94 -24.33 10.76 -16.87
C ILE D 94 -24.07 11.88 -15.86
N ASP D 95 -24.97 12.05 -14.89
CA ASP D 95 -25.02 13.22 -13.97
C ASP D 95 -24.47 12.80 -12.60
N ALA D 96 -23.15 12.63 -12.52
CA ALA D 96 -22.40 12.20 -11.31
C ALA D 96 -22.45 13.26 -10.19
N GLU D 97 -22.61 14.53 -10.55
CA GLU D 97 -22.74 15.69 -9.61
C GLU D 97 -24.10 15.69 -8.92
N HIS D 98 -25.11 15.05 -9.51
CA HIS D 98 -26.51 14.96 -8.99
C HIS D 98 -27.07 16.39 -8.91
N ALA D 99 -27.05 17.09 -10.04
CA ALA D 99 -27.35 18.54 -10.11
C ALA D 99 -27.79 18.97 -11.51
N LEU D 100 -28.61 18.16 -12.19
CA LEU D 100 -29.23 18.56 -13.48
C LEU D 100 -30.68 18.95 -13.21
N ASP D 101 -31.11 20.12 -13.71
CA ASP D 101 -32.53 20.57 -13.70
C ASP D 101 -33.16 20.24 -15.06
N PRO D 102 -34.17 19.33 -15.15
CA PRO D 102 -34.80 19.01 -16.42
C PRO D 102 -35.57 20.18 -17.07
N ILE D 103 -36.14 21.09 -16.27
CA ILE D 103 -36.92 22.25 -16.80
C ILE D 103 -35.94 23.18 -17.52
N TYR D 104 -34.76 23.43 -16.95
CA TYR D 104 -33.73 24.32 -17.53
C TYR D 104 -33.19 23.69 -18.82
N ALA D 105 -32.97 22.38 -18.83
CA ALA D 105 -32.55 21.61 -20.02
C ALA D 105 -33.55 21.82 -21.17
N ARG D 106 -34.85 21.78 -20.86
CA ARG D 106 -35.96 21.98 -21.84
C ARG D 106 -35.91 23.40 -22.43
N LYS D 107 -35.62 24.40 -21.60
CA LYS D 107 -35.53 25.82 -22.02
C LYS D 107 -34.36 26.07 -22.98
N LEU D 108 -33.25 25.35 -22.85
CA LEU D 108 -32.08 25.46 -23.75
C LEU D 108 -32.34 24.71 -25.08
N GLY D 109 -33.43 23.96 -25.18
CA GLY D 109 -33.90 23.33 -26.43
C GLY D 109 -33.66 21.84 -26.48
N VAL D 110 -33.36 21.19 -25.35
CA VAL D 110 -33.14 19.73 -25.28
C VAL D 110 -34.51 19.07 -25.28
N ASP D 111 -34.69 18.02 -26.10
CA ASP D 111 -35.86 17.12 -26.05
C ASP D 111 -35.68 16.19 -24.85
N ILE D 112 -36.35 16.49 -23.73
CA ILE D 112 -36.18 15.83 -22.41
C ILE D 112 -36.63 14.37 -22.53
N ASP D 113 -37.68 14.12 -23.33
CA ASP D 113 -38.38 12.82 -23.41
C ASP D 113 -37.53 11.77 -24.13
N ASN D 114 -36.50 12.19 -24.89
CA ASN D 114 -35.58 11.29 -25.64
C ASN D 114 -34.15 11.31 -25.09
N LEU D 115 -33.85 12.14 -24.09
CA LEU D 115 -32.50 12.27 -23.48
C LEU D 115 -32.37 11.17 -22.41
N LEU D 116 -31.49 10.19 -22.63
CA LEU D 116 -31.16 9.14 -21.64
C LEU D 116 -30.36 9.79 -20.50
N CYS D 117 -30.76 9.55 -19.25
CA CYS D 117 -30.10 10.12 -18.05
C CYS D 117 -29.81 8.99 -17.06
N SER D 118 -28.72 9.12 -16.32
CA SER D 118 -28.29 8.19 -15.26
C SER D 118 -27.67 9.00 -14.12
N GLN D 119 -27.99 8.70 -12.87
CA GLN D 119 -27.39 9.32 -11.66
C GLN D 119 -26.66 8.23 -10.90
N PRO D 120 -25.43 7.85 -11.35
CA PRO D 120 -24.79 6.62 -10.88
C PRO D 120 -24.19 6.74 -9.47
N ASP D 121 -24.20 5.62 -8.75
CA ASP D 121 -23.84 5.55 -7.31
C ASP D 121 -22.32 5.62 -7.13
N THR D 122 -21.55 5.01 -8.04
CA THR D 122 -20.06 5.00 -8.02
C THR D 122 -19.49 5.49 -9.35
N GLY D 123 -18.22 5.87 -9.33
CA GLY D 123 -17.43 6.22 -10.52
C GLY D 123 -17.28 5.05 -11.48
N GLU D 124 -17.09 3.84 -10.94
CA GLU D 124 -16.98 2.58 -11.72
C GLU D 124 -18.28 2.31 -12.48
N GLN D 125 -19.43 2.44 -11.80
CA GLN D 125 -20.77 2.26 -12.41
C GLN D 125 -20.97 3.26 -13.55
N ALA D 126 -20.57 4.52 -13.35
CA ALA D 126 -20.72 5.64 -14.33
C ALA D 126 -19.96 5.33 -15.61
N LEU D 127 -18.75 4.80 -15.48
CA LEU D 127 -17.83 4.49 -16.62
C LEU D 127 -18.17 3.15 -17.26
N GLU D 128 -18.73 2.19 -16.52
CA GLU D 128 -19.29 0.94 -17.08
C GLU D 128 -20.54 1.21 -17.95
N ILE D 129 -21.37 2.18 -17.57
CA ILE D 129 -22.56 2.62 -18.37
C ILE D 129 -22.07 3.33 -19.65
N CYS D 130 -20.99 4.14 -19.58
CA CYS D 130 -20.38 4.82 -20.76
C CYS D 130 -19.89 3.79 -21.78
N ASP D 131 -19.29 2.68 -21.31
CA ASP D 131 -18.71 1.61 -22.17
C ASP D 131 -19.85 0.76 -22.76
N ALA D 132 -20.90 0.50 -21.99
CA ALA D 132 -22.13 -0.21 -22.42
C ALA D 132 -22.84 0.55 -23.55
N LEU D 133 -23.00 1.87 -23.40
CA LEU D 133 -23.67 2.74 -24.42
C LEU D 133 -22.77 2.95 -25.64
N ALA D 134 -21.45 3.01 -25.45
CA ALA D 134 -20.44 3.11 -26.54
C ALA D 134 -20.52 1.87 -27.44
N ARG D 135 -20.54 0.67 -26.86
CA ARG D 135 -20.53 -0.63 -27.61
C ARG D 135 -21.86 -0.84 -28.36
N SER D 136 -22.97 -0.38 -27.79
CA SER D 136 -24.34 -0.49 -28.37
C SER D 136 -24.35 -0.01 -29.82
N GLY D 137 -23.62 1.06 -30.15
CA GLY D 137 -23.64 1.72 -31.47
C GLY D 137 -24.87 2.62 -31.64
N ALA D 138 -25.74 2.72 -30.63
CA ALA D 138 -27.05 3.41 -30.68
C ALA D 138 -26.96 4.86 -30.18
N VAL D 139 -26.01 5.18 -29.29
CA VAL D 139 -25.82 6.54 -28.71
C VAL D 139 -24.72 7.27 -29.50
N ASP D 140 -24.96 8.54 -29.84
CA ASP D 140 -24.05 9.40 -30.64
C ASP D 140 -23.23 10.36 -29.75
N VAL D 141 -23.86 10.96 -28.73
CA VAL D 141 -23.21 11.90 -27.77
C VAL D 141 -23.45 11.40 -26.35
N ILE D 142 -22.40 11.34 -25.53
CA ILE D 142 -22.48 11.08 -24.06
C ILE D 142 -21.80 12.26 -23.37
N VAL D 143 -22.45 12.83 -22.35
CA VAL D 143 -21.85 13.83 -21.44
C VAL D 143 -21.73 13.21 -20.05
N VAL D 144 -20.54 13.30 -19.45
CA VAL D 144 -20.26 12.90 -18.03
C VAL D 144 -20.03 14.17 -17.21
N ASP D 145 -21.08 14.64 -16.50
CA ASP D 145 -20.99 15.90 -15.72
C ASP D 145 -20.24 15.61 -14.42
N SER D 146 -18.97 16.02 -14.53
CA SER D 146 -17.89 16.21 -13.55
C SER D 146 -17.28 14.84 -13.24
N VAL D 147 -16.07 14.69 -13.79
CA VAL D 147 -14.96 13.80 -13.41
C VAL D 147 -14.69 13.89 -11.90
N ALA D 148 -14.84 15.07 -11.31
CA ALA D 148 -14.57 15.35 -9.88
C ALA D 148 -15.46 14.47 -8.98
N ALA D 149 -16.68 14.18 -9.43
CA ALA D 149 -17.70 13.44 -8.67
C ALA D 149 -17.66 11.93 -8.96
N LEU D 150 -16.79 11.45 -9.86
CA LEU D 150 -16.55 10.00 -10.10
C LEU D 150 -15.80 9.42 -8.90
N THR D 151 -16.52 8.96 -7.89
CA THR D 151 -15.95 8.42 -6.63
C THR D 151 -15.73 6.92 -6.80
N PRO D 152 -14.50 6.39 -6.60
CA PRO D 152 -14.30 4.93 -6.52
C PRO D 152 -15.14 4.22 -5.44
N LYS D 153 -15.45 2.94 -5.65
CA LYS D 153 -16.32 2.12 -4.74
C LYS D 153 -15.69 1.99 -3.35
N ALA D 154 -14.37 1.81 -3.29
CA ALA D 154 -13.59 1.69 -2.03
C ALA D 154 -13.74 2.96 -1.17
N GLU D 155 -13.75 4.13 -1.82
CA GLU D 155 -13.87 5.46 -1.15
C GLU D 155 -15.31 5.64 -0.63
N ILE D 156 -16.32 5.14 -1.35
CA ILE D 156 -17.76 5.22 -0.95
C ILE D 156 -17.98 4.34 0.29
N GLU D 157 -17.52 3.10 0.23
CA GLU D 157 -17.62 2.10 1.33
C GLU D 157 -16.76 2.53 2.53
N GLY D 158 -15.66 3.25 2.29
CA GLY D 158 -14.75 3.74 3.35
C GLY D 158 -15.32 4.87 4.19
N GLU D 159 -14.54 5.33 5.17
CA GLU D 159 -14.85 6.48 6.06
C GLU D 159 -14.24 7.77 5.50
N ILE D 160 -14.82 8.91 5.85
CA ILE D 160 -14.23 10.25 5.58
C ILE D 160 -12.94 10.36 6.42
N GLY D 161 -11.83 10.73 5.79
CA GLY D 161 -10.49 10.81 6.39
C GLY D 161 -9.57 9.71 5.87
N ASP D 162 -10.14 8.58 5.42
CA ASP D 162 -9.39 7.43 4.86
C ASP D 162 -8.64 7.87 3.59
N SER D 163 -7.37 7.45 3.47
CA SER D 163 -6.49 7.72 2.31
C SER D 163 -6.74 6.67 1.22
N HIS D 164 -6.85 7.12 -0.03
CA HIS D 164 -6.94 6.27 -1.25
C HIS D 164 -6.03 6.87 -2.32
N MET D 165 -4.70 6.70 -2.16
CA MET D 165 -3.65 7.35 -2.99
C MET D 165 -3.75 6.90 -4.46
N GLY D 166 -4.09 7.84 -5.34
CA GLY D 166 -4.14 7.65 -6.81
C GLY D 166 -5.19 6.65 -7.23
N LEU D 167 -6.21 6.39 -6.43
CA LEU D 167 -7.25 5.38 -6.74
C LEU D 167 -8.17 5.90 -7.86
N ALA D 168 -8.52 7.18 -7.83
CA ALA D 168 -9.32 7.87 -8.87
C ALA D 168 -8.50 8.06 -10.14
N ALA D 169 -7.22 8.42 -10.01
CA ALA D 169 -6.28 8.58 -11.14
C ALA D 169 -6.09 7.24 -11.86
N ARG D 170 -6.04 6.13 -11.12
CA ARG D 170 -5.92 4.75 -11.66
C ARG D 170 -7.19 4.36 -12.43
N MET D 171 -8.35 4.54 -11.81
CA MET D 171 -9.69 4.30 -12.42
C MET D 171 -9.82 5.03 -13.77
N MET D 172 -9.38 6.29 -13.81
CA MET D 172 -9.44 7.15 -15.02
C MET D 172 -8.43 6.67 -16.06
N SER D 173 -7.22 6.29 -15.65
CA SER D 173 -6.19 5.70 -16.54
C SER D 173 -6.73 4.42 -17.18
N GLN D 174 -7.38 3.55 -16.40
CA GLN D 174 -7.96 2.25 -16.86
C GLN D 174 -9.13 2.52 -17.81
N ALA D 175 -10.03 3.43 -17.44
CA ALA D 175 -11.23 3.82 -18.22
C ALA D 175 -10.85 4.28 -19.63
N MET D 176 -9.80 5.09 -19.79
CA MET D 176 -9.41 5.69 -21.09
C MET D 176 -8.95 4.59 -22.06
N ARG D 177 -7.96 3.79 -21.64
CA ARG D 177 -7.51 2.52 -22.31
C ARG D 177 -8.71 1.75 -22.91
N LYS D 178 -9.69 1.42 -22.07
CA LYS D 178 -10.90 0.64 -22.43
C LYS D 178 -11.79 1.40 -23.42
N LEU D 179 -12.00 2.70 -23.22
CA LEU D 179 -13.04 3.50 -23.93
C LEU D 179 -12.57 3.96 -25.32
N ALA D 180 -11.32 4.40 -25.46
CA ALA D 180 -10.83 5.11 -26.67
C ALA D 180 -11.20 4.34 -27.95
N GLY D 181 -10.97 3.02 -27.94
CA GLY D 181 -11.23 2.12 -29.08
C GLY D 181 -12.71 1.92 -29.32
N ASN D 182 -13.47 1.61 -28.27
CA ASN D 182 -14.96 1.40 -28.33
C ASN D 182 -15.66 2.63 -28.91
N LEU D 183 -15.26 3.84 -28.53
CA LEU D 183 -15.83 5.11 -29.03
C LEU D 183 -15.56 5.28 -30.53
N LYS D 184 -14.36 4.94 -31.01
CA LYS D 184 -13.95 5.14 -32.42
C LYS D 184 -14.80 4.23 -33.33
N GLN D 185 -14.96 2.97 -32.95
CA GLN D 185 -15.72 1.95 -33.73
C GLN D 185 -17.17 2.39 -33.89
N SER D 186 -17.78 2.81 -32.78
CA SER D 186 -19.20 3.23 -32.68
C SER D 186 -19.44 4.63 -33.27
N ASN D 187 -18.39 5.43 -33.42
CA ASN D 187 -18.41 6.85 -33.87
C ASN D 187 -19.17 7.71 -32.84
N THR D 188 -18.95 7.44 -31.54
CA THR D 188 -19.59 8.10 -30.38
C THR D 188 -18.68 9.21 -29.83
N LEU D 189 -19.24 10.38 -29.54
CA LEU D 189 -18.51 11.52 -28.90
C LEU D 189 -18.74 11.47 -27.39
N LEU D 190 -17.68 11.33 -26.61
CA LEU D 190 -17.71 11.39 -25.11
C LEU D 190 -17.22 12.77 -24.67
N ILE D 191 -18.02 13.52 -23.90
CA ILE D 191 -17.59 14.82 -23.31
C ILE D 191 -17.47 14.67 -21.80
N PHE D 192 -16.28 14.95 -21.27
CA PHE D 192 -15.97 14.98 -19.83
C PHE D 192 -15.96 16.43 -19.37
N ILE D 193 -16.82 16.78 -18.41
CA ILE D 193 -16.70 18.08 -17.71
C ILE D 193 -15.72 17.86 -16.56
N ASN D 194 -14.84 18.83 -16.27
CA ASN D 194 -13.92 18.78 -15.12
C ASN D 194 -14.01 20.09 -14.32
N GLN D 195 -13.80 20.00 -13.02
CA GLN D 195 -13.62 21.14 -12.08
C GLN D 195 -12.14 21.48 -11.96
N ILE D 196 -11.85 22.68 -11.50
CA ILE D 196 -10.48 23.19 -11.23
C ILE D 196 -10.18 22.98 -9.74
N ARG D 197 -8.93 22.67 -9.43
CA ARG D 197 -8.38 22.68 -8.05
C ARG D 197 -7.00 23.33 -8.10
N MET D 198 -6.51 23.71 -6.94
CA MET D 198 -5.23 24.44 -6.75
C MET D 198 -4.13 23.43 -6.39
N LYS D 199 -3.02 23.44 -7.12
CA LYS D 199 -1.74 22.76 -6.79
C LYS D 199 -0.99 23.61 -5.76
N ILE D 200 -0.47 23.03 -4.67
CA ILE D 200 0.24 23.80 -3.60
C ILE D 200 1.62 23.22 -3.31
N GLY D 201 2.51 24.07 -2.79
CA GLY D 201 3.92 23.77 -2.46
C GLY D 201 4.87 24.28 -3.54
N VAL D 202 5.85 23.47 -3.93
CA VAL D 202 6.88 23.78 -4.96
C VAL D 202 6.27 23.49 -6.34
N MET D 203 5.84 24.53 -7.06
CA MET D 203 5.05 24.40 -8.32
C MET D 203 5.93 24.65 -9.55
N PHE D 204 5.92 23.66 -10.45
CA PHE D 204 6.40 23.73 -11.85
C PHE D 204 5.18 24.06 -12.74
N GLY D 205 5.02 25.34 -13.10
CA GLY D 205 3.94 25.85 -13.98
C GLY D 205 2.85 26.58 -13.20
N ASN D 206 1.64 26.68 -13.80
CA ASN D 206 0.48 27.38 -13.18
C ASN D 206 -0.09 26.48 -12.08
N PRO D 207 -0.59 27.06 -10.97
CA PRO D 207 -1.13 26.28 -9.87
C PRO D 207 -2.56 25.77 -10.08
N GLU D 208 -3.25 26.16 -11.15
CA GLU D 208 -4.57 25.58 -11.50
C GLU D 208 -4.32 24.18 -12.08
N THR D 209 -4.93 23.18 -11.46
CA THR D 209 -5.02 21.77 -11.93
C THR D 209 -6.47 21.47 -12.28
N THR D 210 -6.68 20.32 -12.92
CA THR D 210 -7.97 19.62 -13.04
C THR D 210 -7.89 18.34 -12.22
N THR D 211 -9.03 17.74 -11.94
CA THR D 211 -9.22 16.53 -11.09
C THR D 211 -9.00 15.26 -11.93
N GLY D 212 -8.74 14.13 -11.27
CA GLY D 212 -8.81 12.77 -11.85
C GLY D 212 -7.53 12.28 -12.53
N GLY D 213 -6.39 12.93 -12.27
CA GLY D 213 -5.05 12.50 -12.73
C GLY D 213 -4.72 12.98 -14.13
N ASN D 214 -3.74 12.34 -14.77
CA ASN D 214 -3.06 12.83 -16.00
C ASN D 214 -3.46 12.06 -17.27
N ALA D 215 -4.23 10.98 -17.21
CA ALA D 215 -4.59 10.21 -18.42
C ALA D 215 -5.42 11.06 -19.38
N LEU D 216 -6.47 11.73 -18.90
CA LEU D 216 -7.49 12.42 -19.75
C LEU D 216 -6.86 13.51 -20.61
N LYS D 217 -5.82 14.19 -20.15
CA LYS D 217 -5.05 15.18 -20.96
C LYS D 217 -4.49 14.57 -22.24
N PHE D 218 -3.97 13.35 -22.17
CA PHE D 218 -3.35 12.65 -23.32
C PHE D 218 -4.43 12.18 -24.29
N TYR D 219 -5.48 11.53 -23.77
CA TYR D 219 -6.52 10.87 -24.60
C TYR D 219 -7.47 11.88 -25.24
N ALA D 220 -7.65 13.06 -24.66
CA ALA D 220 -8.59 14.09 -25.16
C ALA D 220 -8.13 14.58 -26.53
N SER D 221 -9.01 14.68 -27.51
CA SER D 221 -8.68 15.24 -28.84
C SER D 221 -8.83 16.76 -28.81
N VAL D 222 -9.71 17.26 -27.95
CA VAL D 222 -9.97 18.71 -27.72
C VAL D 222 -10.08 18.93 -26.22
N ARG D 223 -9.49 20.02 -25.73
CA ARG D 223 -9.66 20.54 -24.35
C ARG D 223 -10.03 22.01 -24.41
N LEU D 224 -11.16 22.37 -23.79
CA LEU D 224 -11.73 23.73 -23.71
C LEU D 224 -11.67 24.24 -22.26
N ASP D 225 -11.05 25.39 -22.06
CA ASP D 225 -11.06 26.20 -20.82
C ASP D 225 -12.15 27.25 -20.99
N ILE D 226 -13.20 27.21 -20.17
CA ILE D 226 -14.35 28.17 -20.23
C ILE D 226 -14.32 29.06 -18.98
N ARG D 227 -14.60 30.35 -19.15
CA ARG D 227 -14.51 31.37 -18.06
C ARG D 227 -15.58 32.42 -18.23
N ARG D 228 -16.15 32.87 -17.11
CA ARG D 228 -17.06 34.04 -17.03
C ARG D 228 -16.23 35.31 -16.82
N ILE D 229 -16.24 36.20 -17.80
CA ILE D 229 -15.37 37.42 -17.86
C ILE D 229 -16.17 38.69 -17.54
N GLY D 230 -17.48 38.60 -17.28
CA GLY D 230 -18.29 39.77 -16.90
C GLY D 230 -19.78 39.48 -16.89
N ALA D 231 -20.58 40.50 -16.61
CA ALA D 231 -22.07 40.46 -16.54
C ALA D 231 -22.68 41.12 -17.78
N VAL D 232 -23.87 40.63 -18.15
CA VAL D 232 -24.79 41.24 -19.14
C VAL D 232 -25.98 41.83 -18.36
N LYS D 233 -26.16 43.15 -18.42
CA LYS D 233 -27.18 43.91 -17.65
C LYS D 233 -28.21 44.55 -18.59
N GLU D 234 -29.51 44.35 -18.29
CA GLU D 234 -30.63 45.20 -18.78
C GLU D 234 -30.81 46.36 -17.80
N GLY D 235 -29.96 47.37 -17.93
CA GLY D 235 -29.86 48.51 -16.98
C GLY D 235 -29.28 48.06 -15.64
N GLU D 236 -30.13 47.50 -14.78
CA GLU D 236 -29.78 47.08 -13.38
C GLU D 236 -29.85 45.55 -13.24
N ASN D 237 -30.94 44.94 -13.71
CA ASN D 237 -31.14 43.46 -13.76
C ASN D 237 -29.99 42.78 -14.51
N VAL D 238 -29.23 41.93 -13.82
CA VAL D 238 -28.21 41.02 -14.43
C VAL D 238 -28.97 39.87 -15.11
N VAL D 239 -28.90 39.80 -16.43
CA VAL D 239 -29.76 38.93 -17.30
C VAL D 239 -28.91 37.82 -17.96
N GLY D 240 -27.57 37.87 -17.83
CA GLY D 240 -26.69 36.83 -18.38
C GLY D 240 -25.23 37.03 -18.04
N SER D 241 -24.37 36.22 -18.65
CA SER D 241 -22.89 36.18 -18.44
C SER D 241 -22.18 36.41 -19.77
N GLU D 242 -21.15 37.25 -19.78
CA GLU D 242 -20.14 37.32 -20.88
C GLU D 242 -19.13 36.19 -20.64
N THR D 243 -18.92 35.35 -21.64
CA THR D 243 -18.15 34.08 -21.54
C THR D 243 -16.94 34.13 -22.49
N ARG D 244 -15.84 33.48 -22.12
CA ARG D 244 -14.67 33.24 -23.01
C ARG D 244 -14.30 31.76 -23.02
N VAL D 245 -14.14 31.16 -24.20
CA VAL D 245 -13.64 29.76 -24.36
C VAL D 245 -12.31 29.78 -25.11
N LYS D 246 -11.23 29.35 -24.44
CA LYS D 246 -9.92 29.05 -25.04
C LYS D 246 -9.85 27.57 -25.44
N VAL D 247 -9.32 27.31 -26.63
CA VAL D 247 -8.98 25.94 -27.09
C VAL D 247 -7.54 25.66 -26.69
N VAL D 248 -7.34 24.91 -25.60
CA VAL D 248 -6.02 24.68 -24.96
C VAL D 248 -5.34 23.44 -25.55
N LYS D 249 -6.11 22.52 -26.12
CA LYS D 249 -5.60 21.35 -26.88
C LYS D 249 -6.49 21.12 -28.10
N ASN D 250 -5.88 20.76 -29.22
CA ASN D 250 -6.60 20.46 -30.49
C ASN D 250 -5.70 19.54 -31.32
N LYS D 251 -6.23 18.39 -31.73
CA LYS D 251 -5.57 17.38 -32.60
C LYS D 251 -6.17 17.36 -34.00
N ILE D 252 -7.29 18.04 -34.24
CA ILE D 252 -8.04 17.99 -35.52
C ILE D 252 -7.93 19.32 -36.27
N ALA D 253 -7.22 20.31 -35.70
CA ALA D 253 -6.90 21.63 -36.30
C ALA D 253 -5.97 22.38 -35.36
N ALA D 254 -5.54 23.61 -35.69
CA ALA D 254 -4.54 24.36 -34.89
C ALA D 254 -5.15 24.85 -33.58
N PRO D 255 -4.44 24.74 -32.45
CA PRO D 255 -4.95 25.24 -31.16
C PRO D 255 -4.64 26.70 -30.81
N PHE D 256 -5.08 27.11 -29.62
CA PHE D 256 -4.86 28.41 -28.93
C PHE D 256 -5.77 29.50 -29.50
N LYS D 257 -6.76 29.14 -30.31
CA LYS D 257 -7.81 30.11 -30.72
C LYS D 257 -8.83 30.23 -29.59
N GLN D 258 -9.59 31.32 -29.58
CA GLN D 258 -10.56 31.62 -28.50
C GLN D 258 -11.88 32.13 -29.10
N ALA D 259 -12.94 31.99 -28.33
CA ALA D 259 -14.32 32.40 -28.66
C ALA D 259 -14.87 33.23 -27.52
N GLU D 260 -15.58 34.32 -27.84
CA GLU D 260 -16.29 35.17 -26.87
C GLU D 260 -17.76 35.19 -27.25
N PHE D 261 -18.63 34.90 -26.30
CA PHE D 261 -20.10 34.94 -26.51
C PHE D 261 -20.80 35.27 -25.19
N GLN D 262 -22.12 35.44 -25.26
CA GLN D 262 -23.01 35.71 -24.12
C GLN D 262 -23.86 34.47 -23.84
N ILE D 263 -23.96 34.07 -22.57
CA ILE D 263 -24.98 33.10 -22.08
C ILE D 263 -26.08 33.92 -21.41
N LEU D 264 -27.30 33.90 -21.93
CA LEU D 264 -28.47 34.58 -21.33
C LEU D 264 -29.30 33.56 -20.54
N TYR D 265 -29.62 33.88 -19.30
CA TYR D 265 -30.24 32.95 -18.32
C TYR D 265 -31.64 32.58 -18.80
N GLY D 266 -31.86 31.29 -19.07
CA GLY D 266 -33.15 30.74 -19.54
C GLY D 266 -33.21 30.53 -21.04
N GLU D 267 -32.34 31.18 -21.83
CA GLU D 267 -32.30 31.07 -23.32
C GLU D 267 -31.10 30.22 -23.76
N GLY D 268 -29.92 30.49 -23.18
CA GLY D 268 -28.65 29.83 -23.50
C GLY D 268 -27.73 30.76 -24.26
N ILE D 269 -27.02 30.25 -25.26
CA ILE D 269 -26.03 31.04 -26.05
C ILE D 269 -26.79 31.95 -27.00
N ASN D 270 -26.49 33.25 -26.95
CA ASN D 270 -27.07 34.33 -27.79
C ASN D 270 -26.44 34.24 -29.19
N PHE D 271 -27.12 33.56 -30.11
CA PHE D 271 -26.67 33.30 -31.51
C PHE D 271 -26.53 34.62 -32.28
N TYR D 272 -27.52 35.52 -32.16
CA TYR D 272 -27.58 36.81 -32.90
C TYR D 272 -26.46 37.76 -32.44
N GLY D 273 -26.13 37.75 -31.14
CA GLY D 273 -24.98 38.50 -30.59
C GLY D 273 -23.68 38.12 -31.28
N GLU D 274 -23.45 36.82 -31.51
CA GLU D 274 -22.26 36.28 -32.23
C GLU D 274 -22.26 36.77 -33.68
N LEU D 275 -23.43 36.78 -34.30
CA LEU D 275 -23.61 37.11 -35.74
C LEU D 275 -23.28 38.59 -36.00
N VAL D 276 -23.68 39.48 -35.09
CA VAL D 276 -23.25 40.91 -35.11
C VAL D 276 -21.72 40.93 -35.16
N ASP D 277 -21.06 40.39 -34.12
CA ASP D 277 -19.58 40.47 -33.91
C ASP D 277 -18.81 39.88 -35.11
N LEU D 278 -19.31 38.79 -35.69
CA LEU D 278 -18.69 38.13 -36.88
C LEU D 278 -18.99 38.93 -38.15
N GLY D 279 -20.18 39.54 -38.26
CA GLY D 279 -20.53 40.50 -39.32
C GLY D 279 -19.59 41.71 -39.34
N VAL D 280 -19.26 42.26 -38.17
CA VAL D 280 -18.34 43.44 -38.00
C VAL D 280 -16.91 43.05 -38.40
N LYS D 281 -16.47 41.86 -38.01
CA LYS D 281 -15.11 41.34 -38.29
C LYS D 281 -14.89 41.18 -39.81
N GLU D 282 -15.90 40.64 -40.52
CA GLU D 282 -15.85 40.34 -41.98
C GLU D 282 -16.52 41.46 -42.80
N LYS D 283 -16.67 42.66 -42.25
CA LYS D 283 -16.99 43.94 -42.96
C LYS D 283 -18.40 43.90 -43.59
N LEU D 284 -19.22 42.88 -43.28
CA LEU D 284 -20.62 42.79 -43.78
C LEU D 284 -21.50 43.76 -42.98
N ILE D 285 -21.07 44.13 -41.77
CA ILE D 285 -21.70 45.18 -40.90
C ILE D 285 -20.64 46.26 -40.62
N GLU D 286 -21.08 47.54 -40.63
CA GLU D 286 -20.24 48.74 -40.39
C GLU D 286 -20.52 49.24 -38.97
N LYS D 287 -19.47 49.39 -38.15
CA LYS D 287 -19.56 49.85 -36.74
C LYS D 287 -18.78 51.16 -36.59
N ALA D 288 -19.49 52.29 -36.54
CA ALA D 288 -18.97 53.64 -36.26
C ALA D 288 -19.23 53.98 -34.78
N GLY D 289 -18.17 53.99 -33.96
CA GLY D 289 -18.25 54.21 -32.50
C GLY D 289 -19.06 53.14 -31.80
N ALA D 290 -20.37 53.37 -31.64
CA ALA D 290 -21.37 52.41 -31.10
C ALA D 290 -22.65 52.47 -31.96
N TRP D 291 -22.51 52.65 -33.27
CA TRP D 291 -23.62 52.73 -34.26
C TRP D 291 -23.42 51.69 -35.36
N TYR D 292 -24.36 50.73 -35.46
CA TYR D 292 -24.29 49.56 -36.36
C TYR D 292 -25.13 49.85 -37.61
N SER D 293 -24.50 49.77 -38.80
CA SER D 293 -25.11 50.04 -40.12
C SER D 293 -24.94 48.81 -41.03
N TYR D 294 -26.03 48.34 -41.65
CA TYR D 294 -26.04 47.26 -42.67
C TYR D 294 -26.51 47.84 -44.01
N LYS D 295 -25.56 48.07 -44.93
CA LYS D 295 -25.78 48.60 -46.31
C LYS D 295 -26.38 50.02 -46.22
N GLY D 296 -25.77 50.88 -45.38
CA GLY D 296 -26.22 52.27 -45.16
C GLY D 296 -27.27 52.39 -44.06
N GLU D 297 -28.33 51.57 -44.13
CA GLU D 297 -29.44 51.47 -43.14
C GLU D 297 -28.85 51.26 -41.74
N LYS D 298 -29.23 52.11 -40.78
CA LYS D 298 -28.75 52.07 -39.36
C LYS D 298 -29.73 51.20 -38.56
N ILE D 299 -29.21 50.15 -37.91
CA ILE D 299 -30.01 49.03 -37.32
C ILE D 299 -30.09 49.17 -35.79
N GLY D 300 -29.30 50.05 -35.17
CA GLY D 300 -29.39 50.36 -33.72
C GLY D 300 -28.14 51.02 -33.19
N GLN D 301 -28.24 51.59 -31.98
CA GLN D 301 -27.09 52.05 -31.15
C GLN D 301 -26.85 51.02 -30.04
N GLY D 302 -25.64 50.48 -29.94
CA GLY D 302 -25.26 49.44 -28.98
C GLY D 302 -25.60 48.04 -29.49
N LYS D 303 -24.89 47.04 -28.97
CA LYS D 303 -24.94 45.62 -29.43
C LYS D 303 -26.33 45.02 -29.18
N ALA D 304 -27.03 45.44 -28.12
CA ALA D 304 -28.35 44.88 -27.70
C ALA D 304 -29.45 45.30 -28.69
N ASN D 305 -29.46 46.57 -29.11
CA ASN D 305 -30.42 47.11 -30.10
C ASN D 305 -30.15 46.49 -31.48
N ALA D 306 -28.87 46.33 -31.84
CA ALA D 306 -28.40 45.68 -33.09
C ALA D 306 -28.91 44.23 -33.14
N THR D 307 -28.69 43.49 -32.05
CA THR D 307 -29.19 42.09 -31.84
C THR D 307 -30.72 42.06 -31.99
N ALA D 308 -31.41 43.00 -31.34
CA ALA D 308 -32.89 43.12 -31.30
C ALA D 308 -33.45 43.34 -32.71
N TRP D 309 -32.73 44.10 -33.56
CA TRP D 309 -33.09 44.32 -34.98
C TRP D 309 -32.96 43.00 -35.76
N LEU D 310 -31.80 42.33 -35.70
CA LEU D 310 -31.52 41.04 -36.39
C LEU D 310 -32.55 39.96 -36.02
N LYS D 311 -33.08 40.02 -34.79
CA LYS D 311 -34.15 39.09 -34.29
C LYS D 311 -35.46 39.35 -35.05
N ASP D 312 -35.73 40.61 -35.42
CA ASP D 312 -36.95 41.07 -36.13
C ASP D 312 -36.85 40.88 -37.65
N ASN D 313 -35.63 40.86 -38.21
CA ASN D 313 -35.36 40.79 -39.68
C ASN D 313 -34.65 39.47 -40.01
N PRO D 314 -35.33 38.30 -39.92
CA PRO D 314 -34.68 37.01 -40.21
C PRO D 314 -34.19 36.79 -41.64
N GLU D 315 -34.61 37.63 -42.60
CA GLU D 315 -34.10 37.61 -44.01
C GLU D 315 -32.62 38.02 -44.05
N THR D 316 -32.23 39.09 -43.34
CA THR D 316 -30.86 39.64 -43.32
C THR D 316 -29.97 38.77 -42.41
N ALA D 317 -30.54 38.19 -41.35
CA ALA D 317 -29.88 37.22 -40.44
C ALA D 317 -29.39 36.00 -41.24
N LYS D 318 -30.28 35.40 -42.04
CA LYS D 318 -29.99 34.20 -42.89
C LYS D 318 -28.92 34.56 -43.95
N GLU D 319 -28.96 35.78 -44.49
CA GLU D 319 -28.00 36.28 -45.52
C GLU D 319 -26.61 36.40 -44.90
N ILE D 320 -26.49 37.11 -43.77
CA ILE D 320 -25.19 37.39 -43.07
C ILE D 320 -24.61 36.05 -42.57
N GLU D 321 -25.45 35.17 -42.02
CA GLU D 321 -25.03 33.81 -41.55
C GLU D 321 -24.39 33.04 -42.71
N LYS D 322 -25.09 32.96 -43.84
CA LYS D 322 -24.66 32.21 -45.05
C LYS D 322 -23.30 32.72 -45.54
N LYS D 323 -23.09 34.05 -45.58
CA LYS D 323 -21.83 34.68 -46.04
C LYS D 323 -20.69 34.41 -45.06
N VAL D 324 -20.95 34.54 -43.75
CA VAL D 324 -19.96 34.32 -42.64
C VAL D 324 -19.47 32.86 -42.69
N ARG D 325 -20.40 31.90 -42.87
CA ARG D 325 -20.10 30.45 -43.02
C ARG D 325 -19.20 30.22 -44.24
N GLU D 326 -19.56 30.79 -45.39
CA GLU D 326 -18.79 30.72 -46.67
C GLU D 326 -17.35 31.23 -46.46
N LEU D 327 -17.19 32.36 -45.76
CA LEU D 327 -15.88 33.04 -45.54
C LEU D 327 -15.00 32.25 -44.56
N LEU D 328 -15.50 32.01 -43.34
CA LEU D 328 -14.68 31.64 -42.15
C LEU D 328 -14.61 30.12 -41.93
N LEU D 329 -15.71 29.38 -42.16
CA LEU D 329 -15.70 27.89 -42.05
C LEU D 329 -15.09 27.29 -43.32
N SER D 330 -13.84 26.80 -43.19
CA SER D 330 -12.88 26.48 -44.29
C SER D 330 -13.50 25.50 -45.31
N ASN D 331 -13.78 24.28 -44.88
CA ASN D 331 -14.48 23.21 -45.66
C ASN D 331 -15.93 23.16 -45.17
N PRO D 332 -16.93 23.64 -45.97
CA PRO D 332 -18.34 23.46 -45.60
C PRO D 332 -18.81 22.01 -45.49
N ASN D 333 -20.11 21.82 -45.19
CA ASN D 333 -20.77 20.51 -44.98
C ASN D 333 -20.73 19.66 -46.27
N SER D 334 -21.08 18.37 -46.15
CA SER D 334 -20.97 17.31 -47.20
C SER D 334 -21.69 17.75 -48.49
N ALA E 2 52.99 -25.68 -30.01
CA ALA E 2 52.59 -27.11 -29.76
C ALA E 2 51.13 -27.18 -29.30
N ILE E 3 50.83 -26.58 -28.13
CA ILE E 3 49.43 -26.48 -27.57
C ILE E 3 48.62 -25.43 -28.34
N ASP E 4 49.27 -24.37 -28.86
CA ASP E 4 48.64 -23.33 -29.72
C ASP E 4 47.90 -24.02 -30.89
N GLU E 5 48.56 -24.96 -31.57
CA GLU E 5 48.00 -25.70 -32.74
C GLU E 5 46.81 -26.57 -32.30
N ASN E 6 46.92 -27.30 -31.19
CA ASN E 6 45.84 -28.16 -30.62
C ASN E 6 44.63 -27.32 -30.23
N LYS E 7 44.86 -26.13 -29.63
CA LYS E 7 43.78 -25.16 -29.27
C LYS E 7 43.10 -24.62 -30.54
N GLN E 8 43.89 -24.21 -31.55
CA GLN E 8 43.36 -23.64 -32.83
C GLN E 8 42.56 -24.69 -33.61
N LYS E 9 42.91 -25.98 -33.51
CA LYS E 9 42.18 -27.10 -34.18
C LYS E 9 40.86 -27.37 -33.46
N ALA E 10 40.90 -27.48 -32.12
CA ALA E 10 39.72 -27.69 -31.23
C ALA E 10 38.71 -26.54 -31.40
N LEU E 11 39.20 -25.32 -31.58
CA LEU E 11 38.38 -24.11 -31.86
C LEU E 11 37.70 -24.28 -33.21
N ALA E 12 38.50 -24.50 -34.27
CA ALA E 12 38.04 -24.64 -35.67
C ALA E 12 37.01 -25.77 -35.81
N ALA E 13 37.21 -26.89 -35.08
CA ALA E 13 36.32 -28.07 -35.07
C ALA E 13 34.97 -27.73 -34.42
N ALA E 14 35.00 -27.02 -33.28
CA ALA E 14 33.81 -26.54 -32.54
C ALA E 14 33.02 -25.55 -33.40
N LEU E 15 33.69 -24.53 -33.95
CA LEU E 15 33.11 -23.51 -34.86
C LEU E 15 32.42 -24.21 -36.05
N GLY E 16 33.07 -25.22 -36.63
CA GLY E 16 32.50 -26.07 -37.70
C GLY E 16 31.22 -26.78 -37.26
N GLN E 17 31.24 -27.39 -36.06
CA GLN E 17 30.12 -28.17 -35.47
C GLN E 17 28.94 -27.23 -35.16
N ILE E 18 29.20 -26.04 -34.61
CA ILE E 18 28.18 -24.99 -34.29
C ILE E 18 27.49 -24.57 -35.60
N GLU E 19 28.29 -24.23 -36.62
CA GLU E 19 27.82 -23.71 -37.94
C GLU E 19 27.04 -24.78 -38.71
N LYS E 20 27.41 -26.05 -38.55
CA LYS E 20 26.66 -27.22 -39.10
C LYS E 20 25.28 -27.30 -38.42
N GLN E 21 25.25 -27.27 -37.09
CA GLN E 21 24.05 -27.52 -36.24
C GLN E 21 23.00 -26.41 -36.44
N PHE E 22 23.42 -25.13 -36.40
CA PHE E 22 22.51 -23.96 -36.30
C PHE E 22 22.38 -23.21 -37.64
N GLY E 23 23.48 -23.09 -38.40
CA GLY E 23 23.49 -22.42 -39.72
C GLY E 23 24.77 -21.64 -39.96
N LYS E 24 24.86 -20.96 -41.10
CA LYS E 24 26.14 -20.49 -41.69
C LYS E 24 26.78 -19.40 -40.81
N GLY E 25 26.07 -18.30 -40.55
CA GLY E 25 26.58 -17.15 -39.77
C GLY E 25 26.14 -17.18 -38.31
N SER E 26 26.05 -18.37 -37.71
CA SER E 26 25.58 -18.60 -36.31
C SER E 26 26.66 -18.13 -35.32
N ILE E 27 27.93 -18.31 -35.67
CA ILE E 27 29.09 -17.74 -34.91
C ILE E 27 30.15 -17.29 -35.92
N MET E 28 30.82 -16.17 -35.63
CA MET E 28 31.95 -15.64 -36.43
C MET E 28 32.64 -14.51 -35.67
N ARG E 29 33.80 -14.07 -36.15
CA ARG E 29 34.55 -12.92 -35.58
C ARG E 29 33.75 -11.63 -35.84
N LEU E 30 33.77 -10.70 -34.87
CA LEU E 30 32.95 -9.46 -34.87
C LEU E 30 33.46 -8.48 -35.94
N GLY E 31 34.78 -8.45 -36.17
CA GLY E 31 35.46 -7.59 -37.15
C GLY E 31 35.07 -7.91 -38.60
N GLU E 32 34.64 -9.15 -38.87
CA GLU E 32 34.26 -9.62 -40.24
C GLU E 32 32.74 -9.87 -40.31
N ASP E 33 31.95 -9.29 -39.39
CA ASP E 33 30.47 -9.40 -39.33
C ASP E 33 29.87 -8.04 -39.76
N ARG E 34 29.36 -7.97 -40.99
CA ARG E 34 28.81 -6.72 -41.59
C ARG E 34 27.40 -6.45 -41.06
N SER E 35 26.61 -7.49 -40.75
CA SER E 35 25.24 -7.38 -40.17
C SER E 35 25.25 -6.56 -38.88
N MET E 36 26.37 -6.60 -38.15
CA MET E 36 26.55 -5.98 -36.81
C MET E 36 26.89 -4.48 -36.92
N ASP E 37 27.12 -3.96 -38.13
CA ASP E 37 27.35 -2.51 -38.38
C ASP E 37 26.06 -1.73 -38.17
N VAL E 38 26.18 -0.51 -37.66
CA VAL E 38 25.03 0.40 -37.35
C VAL E 38 24.78 1.30 -38.56
N GLU E 39 23.59 1.17 -39.15
CA GLU E 39 23.03 2.02 -40.23
C GLU E 39 21.93 2.91 -39.61
N THR E 40 21.83 4.17 -40.04
CA THR E 40 20.92 5.20 -39.47
C THR E 40 19.99 5.79 -40.55
N ILE E 41 18.92 6.46 -40.10
CA ILE E 41 18.01 7.30 -40.93
C ILE E 41 17.69 8.61 -40.21
N SER E 42 17.46 9.66 -41.01
CA SER E 42 17.18 11.04 -40.56
C SER E 42 15.92 11.06 -39.69
N THR E 43 15.90 11.94 -38.69
CA THR E 43 14.71 12.21 -37.83
C THR E 43 13.81 13.28 -38.47
N GLY E 44 14.23 13.90 -39.57
CA GLY E 44 13.62 15.12 -40.13
C GLY E 44 13.97 16.37 -39.35
N SER E 45 14.99 16.31 -38.48
CA SER E 45 15.57 17.45 -37.71
C SER E 45 17.10 17.33 -37.72
N LEU E 46 17.80 18.37 -38.16
CA LEU E 46 19.28 18.36 -38.28
C LEU E 46 19.92 18.46 -36.89
N SER E 47 19.37 19.29 -36.00
CA SER E 47 19.85 19.44 -34.59
C SER E 47 19.77 18.10 -33.84
N LEU E 48 18.75 17.29 -34.12
CA LEU E 48 18.54 15.96 -33.47
C LEU E 48 19.51 14.93 -34.06
N ASP E 49 19.76 14.96 -35.38
CA ASP E 49 20.74 14.07 -36.07
C ASP E 49 22.16 14.34 -35.55
N ILE E 50 22.45 15.55 -35.09
CA ILE E 50 23.74 15.92 -34.43
C ILE E 50 23.72 15.40 -32.98
N ALA E 51 22.64 15.62 -32.24
CA ALA E 51 22.51 15.22 -30.81
C ALA E 51 22.66 13.71 -30.65
N LEU E 52 22.14 12.94 -31.60
CA LEU E 52 22.15 11.45 -31.58
C LEU E 52 23.54 10.92 -31.89
N GLY E 53 24.42 11.72 -32.47
CA GLY E 53 25.86 11.44 -32.62
C GLY E 53 26.18 10.71 -33.91
N ALA E 54 25.31 9.81 -34.37
CA ALA E 54 25.52 8.88 -35.51
C ALA E 54 24.71 9.30 -36.75
N GLY E 55 24.08 10.48 -36.72
CA GLY E 55 23.36 11.04 -37.88
C GLY E 55 21.89 10.65 -37.95
N GLY E 56 21.37 9.90 -36.97
CA GLY E 56 19.95 9.51 -37.00
C GLY E 56 19.61 8.37 -36.07
N LEU E 57 18.48 7.70 -36.33
CA LEU E 57 18.00 6.56 -35.51
C LEU E 57 18.47 5.25 -36.13
N PRO E 58 18.91 4.27 -35.32
CA PRO E 58 19.54 3.05 -35.84
C PRO E 58 18.55 2.00 -36.34
N MET E 59 18.78 1.48 -37.55
CA MET E 59 17.93 0.43 -38.18
C MET E 59 18.18 -0.90 -37.46
N GLY E 60 17.12 -1.66 -37.21
CA GLY E 60 17.18 -2.99 -36.57
C GLY E 60 17.14 -2.91 -35.07
N ARG E 61 16.97 -1.71 -34.50
CA ARG E 61 16.87 -1.48 -33.04
C ARG E 61 15.46 -1.03 -32.66
N ILE E 62 15.24 -0.90 -31.35
CA ILE E 62 14.03 -0.31 -30.70
C ILE E 62 14.37 1.11 -30.23
N VAL E 63 13.44 2.05 -30.42
CA VAL E 63 13.52 3.46 -29.95
C VAL E 63 12.27 3.74 -29.12
N GLU E 64 12.42 4.51 -28.04
CA GLU E 64 11.32 5.06 -27.20
C GLU E 64 11.39 6.59 -27.28
N ILE E 65 10.25 7.21 -27.54
CA ILE E 65 10.01 8.68 -27.52
C ILE E 65 8.89 8.93 -26.51
N TYR E 66 9.18 9.63 -25.42
CA TYR E 66 8.22 9.95 -24.35
C TYR E 66 8.23 11.45 -24.08
N GLY E 67 7.18 11.93 -23.44
CA GLY E 67 7.02 13.36 -23.11
C GLY E 67 5.63 13.66 -22.60
N PRO E 68 5.36 14.91 -22.17
CA PRO E 68 4.04 15.32 -21.76
C PRO E 68 3.08 15.52 -22.94
N GLU E 69 1.84 15.83 -22.62
CA GLU E 69 0.75 16.11 -23.62
C GLU E 69 1.15 17.24 -24.55
N SER E 70 0.87 17.06 -25.84
CA SER E 70 1.05 18.05 -26.94
C SER E 70 2.51 18.52 -27.05
N SER E 71 3.47 17.66 -26.72
CA SER E 71 4.92 17.93 -26.77
C SER E 71 5.50 17.76 -28.19
N GLY E 72 4.82 17.00 -29.05
CA GLY E 72 5.24 16.80 -30.46
C GLY E 72 5.63 15.37 -30.75
N LYS E 73 5.20 14.40 -29.95
CA LYS E 73 5.57 12.97 -30.06
C LYS E 73 5.10 12.40 -31.39
N THR E 74 3.84 12.62 -31.78
CA THR E 74 3.27 12.06 -33.03
C THR E 74 3.85 12.82 -34.23
N THR E 75 3.97 14.14 -34.15
CA THR E 75 4.51 14.96 -35.27
C THR E 75 5.93 14.47 -35.63
N LEU E 76 6.77 14.23 -34.64
CA LEU E 76 8.18 13.80 -34.83
C LEU E 76 8.24 12.44 -35.55
N THR E 77 7.47 11.46 -35.10
CA THR E 77 7.42 10.10 -35.73
C THR E 77 6.92 10.16 -37.17
N LEU E 78 6.00 11.06 -37.50
CA LEU E 78 5.49 11.23 -38.89
C LEU E 78 6.56 11.91 -39.76
N GLN E 79 7.41 12.75 -39.18
CA GLN E 79 8.55 13.39 -39.91
C GLN E 79 9.65 12.34 -40.17
N VAL E 80 9.83 11.36 -39.28
CA VAL E 80 10.73 10.18 -39.48
C VAL E 80 10.17 9.37 -40.66
N ILE E 81 8.90 8.99 -40.61
CA ILE E 81 8.19 8.22 -41.67
C ILE E 81 8.29 8.96 -43.00
N ALA E 82 8.06 10.28 -43.03
CA ALA E 82 8.06 11.08 -44.28
C ALA E 82 9.45 11.03 -44.92
N ALA E 83 10.49 11.26 -44.14
CA ALA E 83 11.92 11.22 -44.56
C ALA E 83 12.28 9.82 -45.07
N ALA E 84 11.81 8.76 -44.39
CA ALA E 84 12.02 7.34 -44.78
C ALA E 84 11.36 7.07 -46.14
N GLN E 85 10.09 7.46 -46.29
CA GLN E 85 9.27 7.24 -47.53
C GLN E 85 9.91 7.95 -48.73
N ARG E 86 10.62 9.06 -48.51
CA ARG E 86 11.32 9.81 -49.60
C ARG E 86 12.55 9.03 -50.08
N GLU E 87 13.06 8.07 -49.30
CA GLU E 87 14.18 7.15 -49.66
C GLU E 87 13.65 5.76 -50.00
N GLY E 88 12.41 5.66 -50.49
CA GLY E 88 11.81 4.43 -51.05
C GLY E 88 11.59 3.32 -50.03
N LYS E 89 11.52 3.65 -48.73
CA LYS E 89 11.24 2.68 -47.63
C LYS E 89 9.74 2.56 -47.42
N THR E 90 9.29 1.40 -46.93
CA THR E 90 7.89 1.08 -46.57
C THR E 90 7.72 1.30 -45.07
N CYS E 91 6.63 1.93 -44.62
CA CYS E 91 6.38 2.25 -43.20
C CYS E 91 4.99 1.80 -42.77
N ALA E 92 4.83 1.57 -41.48
CA ALA E 92 3.59 1.15 -40.83
C ALA E 92 3.36 2.00 -39.57
N PHE E 93 2.09 2.37 -39.32
CA PHE E 93 1.62 3.09 -38.11
C PHE E 93 0.58 2.24 -37.39
N ILE E 94 0.90 1.76 -36.19
CA ILE E 94 -0.05 1.08 -35.25
C ILE E 94 -0.57 2.17 -34.31
N ASP E 95 -1.87 2.54 -34.43
CA ASP E 95 -2.50 3.71 -33.78
C ASP E 95 -3.43 3.24 -32.66
N ALA E 96 -2.83 2.80 -31.55
CA ALA E 96 -3.53 2.23 -30.35
C ALA E 96 -4.34 3.31 -29.62
N GLU E 97 -3.94 4.58 -29.72
CA GLU E 97 -4.67 5.75 -29.16
C GLU E 97 -5.98 6.02 -29.91
N HIS E 98 -6.07 5.59 -31.18
CA HIS E 98 -7.22 5.82 -32.09
C HIS E 98 -7.39 7.33 -32.30
N ALA E 99 -6.32 8.03 -32.67
CA ALA E 99 -6.28 9.52 -32.70
C ALA E 99 -5.35 10.03 -33.79
N LEU E 100 -5.27 9.36 -34.94
CA LEU E 100 -4.45 9.81 -36.09
C LEU E 100 -5.34 10.52 -37.11
N ASP E 101 -4.97 11.74 -37.50
CA ASP E 101 -5.66 12.56 -38.54
C ASP E 101 -4.91 12.37 -39.85
N PRO E 102 -5.47 11.67 -40.87
CA PRO E 102 -4.76 11.46 -42.13
C PRO E 102 -4.39 12.72 -42.92
N ILE E 103 -5.21 13.79 -42.85
CA ILE E 103 -4.97 15.06 -43.60
C ILE E 103 -3.73 15.75 -43.02
N TYR E 104 -3.60 15.78 -41.69
CA TYR E 104 -2.42 16.38 -41.02
C TYR E 104 -1.16 15.60 -41.43
N ALA E 105 -1.23 14.26 -41.40
CA ALA E 105 -0.14 13.38 -41.84
C ALA E 105 0.29 13.69 -43.28
N ARG E 106 -0.66 14.00 -44.17
CA ARG E 106 -0.38 14.42 -45.57
C ARG E 106 0.38 15.77 -45.60
N LYS E 107 -0.04 16.73 -44.79
CA LYS E 107 0.57 18.09 -44.72
C LYS E 107 2.00 18.05 -44.18
N LEU E 108 2.33 17.06 -43.35
CA LEU E 108 3.71 16.86 -42.81
C LEU E 108 4.61 16.20 -43.86
N GLY E 109 4.05 15.65 -44.94
CA GLY E 109 4.80 15.12 -46.09
C GLY E 109 4.76 13.60 -46.19
N VAL E 110 3.82 12.95 -45.52
CA VAL E 110 3.65 11.47 -45.54
C VAL E 110 2.83 11.12 -46.78
N ASP E 111 3.32 10.18 -47.60
CA ASP E 111 2.52 9.53 -48.68
C ASP E 111 1.57 8.54 -48.00
N ILE E 112 0.32 8.94 -47.79
CA ILE E 112 -0.68 8.16 -46.99
C ILE E 112 -1.30 7.03 -47.83
N ASP E 113 -1.15 7.07 -49.15
CA ASP E 113 -1.62 5.98 -50.05
C ASP E 113 -0.66 4.78 -49.97
N ASN E 114 0.52 4.93 -49.38
CA ASN E 114 1.52 3.84 -49.16
C ASN E 114 1.75 3.54 -47.67
N LEU E 115 1.30 4.38 -46.74
CA LEU E 115 1.48 4.15 -45.28
C LEU E 115 0.49 3.08 -44.83
N LEU E 116 0.97 1.95 -44.33
CA LEU E 116 0.12 0.90 -43.71
C LEU E 116 -0.34 1.38 -42.34
N CYS E 117 -1.62 1.25 -42.02
CA CYS E 117 -2.21 1.69 -40.74
C CYS E 117 -3.03 0.56 -40.13
N SER E 118 -3.01 0.47 -38.80
CA SER E 118 -3.82 -0.48 -38.01
C SER E 118 -4.32 0.23 -36.75
N GLN E 119 -5.60 0.05 -36.42
CA GLN E 119 -6.23 0.54 -35.16
C GLN E 119 -6.66 -0.68 -34.35
N PRO E 120 -5.71 -1.32 -33.64
CA PRO E 120 -5.94 -2.66 -33.08
C PRO E 120 -6.78 -2.58 -31.80
N ASP E 121 -7.51 -3.66 -31.53
CA ASP E 121 -8.52 -3.74 -30.44
C ASP E 121 -7.81 -3.94 -29.11
N THR E 122 -6.81 -4.83 -29.09
CA THR E 122 -6.02 -5.23 -27.89
C THR E 122 -4.54 -4.91 -28.09
N GLY E 123 -3.79 -4.85 -26.99
CA GLY E 123 -2.33 -4.75 -26.95
C GLY E 123 -1.67 -5.97 -27.55
N GLU E 124 -2.20 -7.16 -27.28
CA GLU E 124 -1.72 -8.45 -27.85
C GLU E 124 -1.83 -8.46 -29.37
N GLN E 125 -2.93 -7.96 -29.93
CA GLN E 125 -3.15 -7.85 -31.39
C GLN E 125 -2.09 -6.90 -31.99
N ALA E 126 -1.91 -5.73 -31.38
CA ALA E 126 -1.01 -4.64 -31.82
C ALA E 126 0.42 -5.16 -31.92
N LEU E 127 0.86 -5.97 -30.96
CA LEU E 127 2.24 -6.48 -30.85
C LEU E 127 2.42 -7.73 -31.73
N GLU E 128 1.37 -8.51 -31.97
CA GLU E 128 1.39 -9.64 -32.95
C GLU E 128 1.44 -9.12 -34.40
N ILE E 129 0.87 -7.95 -34.69
CA ILE E 129 1.00 -7.29 -36.02
C ILE E 129 2.44 -6.80 -36.21
N CYS E 130 3.06 -6.19 -35.19
CA CYS E 130 4.47 -5.70 -35.21
C CYS E 130 5.46 -6.85 -35.46
N ASP E 131 5.18 -8.04 -34.89
CA ASP E 131 6.00 -9.26 -35.06
C ASP E 131 5.83 -9.77 -36.51
N ALA E 132 4.59 -9.87 -36.99
CA ALA E 132 4.23 -10.33 -38.36
C ALA E 132 4.90 -9.48 -39.43
N LEU E 133 4.91 -8.15 -39.25
CA LEU E 133 5.54 -7.20 -40.22
C LEU E 133 7.06 -7.27 -40.14
N ALA E 134 7.62 -7.40 -38.95
CA ALA E 134 9.08 -7.53 -38.70
C ALA E 134 9.61 -8.79 -39.38
N ARG E 135 8.93 -9.94 -39.22
CA ARG E 135 9.32 -11.23 -39.84
C ARG E 135 9.21 -11.17 -41.38
N SER E 136 8.23 -10.43 -41.92
CA SER E 136 7.98 -10.31 -43.39
C SER E 136 9.26 -9.91 -44.13
N GLY E 137 10.04 -8.98 -43.56
CA GLY E 137 11.26 -8.40 -44.20
C GLY E 137 10.93 -7.26 -45.15
N ALA E 138 9.66 -6.87 -45.28
CA ALA E 138 9.13 -5.91 -46.29
C ALA E 138 8.82 -4.53 -45.70
N VAL E 139 8.82 -4.37 -44.38
CA VAL E 139 8.55 -3.06 -43.69
C VAL E 139 9.86 -2.58 -43.06
N ASP E 140 10.23 -1.31 -43.30
CA ASP E 140 11.51 -0.71 -42.84
C ASP E 140 11.33 0.04 -41.51
N VAL E 141 10.22 0.77 -41.32
CA VAL E 141 9.92 1.53 -40.06
C VAL E 141 8.52 1.13 -39.58
N ILE E 142 8.37 0.80 -38.29
CA ILE E 142 7.05 0.65 -37.61
C ILE E 142 7.02 1.65 -36.45
N VAL E 143 5.90 2.36 -36.30
CA VAL E 143 5.61 3.27 -35.15
C VAL E 143 4.41 2.70 -34.39
N VAL E 144 4.48 2.65 -33.07
CA VAL E 144 3.38 2.20 -32.17
C VAL E 144 2.97 3.39 -31.31
N ASP E 145 1.84 4.03 -31.64
CA ASP E 145 1.41 5.28 -30.98
C ASP E 145 0.63 4.95 -29.69
N SER E 146 1.28 5.45 -28.64
CA SER E 146 1.29 5.12 -27.19
C SER E 146 1.19 3.63 -26.88
N VAL E 147 2.23 3.20 -26.17
CA VAL E 147 2.33 2.05 -25.22
C VAL E 147 1.22 2.13 -24.17
N ALA E 148 0.83 3.34 -23.76
CA ALA E 148 -0.14 3.56 -22.65
C ALA E 148 -1.51 2.99 -23.01
N ALA E 149 -1.83 2.97 -24.30
CA ALA E 149 -3.10 2.47 -24.87
C ALA E 149 -3.02 1.01 -25.35
N LEU E 150 -1.90 0.30 -25.14
CA LEU E 150 -1.77 -1.17 -25.38
C LEU E 150 -2.43 -1.90 -24.21
N THR E 151 -3.74 -2.13 -24.31
CA THR E 151 -4.57 -2.76 -23.25
C THR E 151 -4.53 -4.27 -23.45
N PRO E 152 -4.17 -5.09 -22.42
CA PRO E 152 -4.34 -6.54 -22.51
C PRO E 152 -5.80 -6.98 -22.66
N LYS E 153 -6.02 -8.16 -23.25
CA LYS E 153 -7.35 -8.73 -23.61
C LYS E 153 -8.21 -8.96 -22.35
N ALA E 154 -7.60 -9.46 -21.27
CA ALA E 154 -8.25 -9.70 -19.97
C ALA E 154 -8.81 -8.40 -19.37
N GLU E 155 -8.15 -7.26 -19.59
CA GLU E 155 -8.56 -5.93 -19.07
C GLU E 155 -9.75 -5.40 -19.88
N ILE E 156 -9.78 -5.69 -21.18
CA ILE E 156 -10.88 -5.26 -22.11
C ILE E 156 -12.14 -6.09 -21.86
N GLU E 157 -12.00 -7.41 -21.69
CA GLU E 157 -13.12 -8.32 -21.39
C GLU E 157 -13.66 -8.03 -19.98
N GLY E 158 -12.79 -7.62 -19.06
CA GLY E 158 -13.14 -7.34 -17.65
C GLY E 158 -13.98 -6.08 -17.48
N GLU E 159 -14.31 -5.75 -16.22
CA GLU E 159 -15.05 -4.53 -15.80
C GLU E 159 -14.08 -3.45 -15.35
N ILE E 160 -14.47 -2.18 -15.49
CA ILE E 160 -13.72 -1.02 -14.91
C ILE E 160 -13.77 -1.16 -13.39
N GLY E 161 -12.61 -1.10 -12.73
CA GLY E 161 -12.44 -1.36 -11.28
C GLY E 161 -11.63 -2.62 -11.02
N ASP E 162 -11.71 -3.62 -11.92
CA ASP E 162 -10.98 -4.91 -11.84
C ASP E 162 -9.47 -4.68 -11.82
N SER E 163 -8.75 -5.40 -10.97
CA SER E 163 -7.29 -5.32 -10.76
C SER E 163 -6.60 -6.32 -11.70
N HIS E 164 -5.65 -5.85 -12.50
CA HIS E 164 -4.81 -6.64 -13.41
C HIS E 164 -3.35 -6.27 -13.14
N MET E 165 -2.83 -6.74 -12.00
CA MET E 165 -1.50 -6.37 -11.45
C MET E 165 -0.39 -6.81 -12.41
N GLY E 166 0.34 -5.84 -12.96
CA GLY E 166 1.53 -6.04 -13.81
C GLY E 166 1.24 -6.87 -15.04
N LEU E 167 0.01 -6.82 -15.56
CA LEU E 167 -0.41 -7.63 -16.73
C LEU E 167 0.14 -6.99 -18.00
N ALA E 168 0.13 -5.65 -18.08
CA ALA E 168 0.66 -4.87 -19.22
C ALA E 168 2.18 -4.90 -19.21
N ALA E 169 2.80 -4.79 -18.03
CA ALA E 169 4.26 -4.94 -17.78
C ALA E 169 4.75 -6.31 -18.26
N ARG E 170 4.02 -7.38 -17.97
CA ARG E 170 4.32 -8.76 -18.45
C ARG E 170 4.24 -8.87 -19.96
N MET E 171 3.17 -8.35 -20.56
CA MET E 171 2.93 -8.37 -22.03
C MET E 171 4.07 -7.64 -22.74
N MET E 172 4.52 -6.51 -22.20
CA MET E 172 5.65 -5.72 -22.72
C MET E 172 6.96 -6.49 -22.58
N SER E 173 7.19 -7.09 -21.41
CA SER E 173 8.38 -7.95 -21.12
C SER E 173 8.50 -9.06 -22.18
N GLN E 174 7.41 -9.76 -22.47
CA GLN E 174 7.37 -10.91 -23.40
C GLN E 174 7.56 -10.44 -24.84
N ALA E 175 6.93 -9.34 -25.23
CA ALA E 175 7.04 -8.72 -26.57
C ALA E 175 8.50 -8.37 -26.92
N MET E 176 9.26 -7.80 -25.98
CA MET E 176 10.67 -7.35 -26.19
C MET E 176 11.57 -8.55 -26.51
N ARG E 177 11.50 -9.60 -25.69
CA ARG E 177 12.15 -10.92 -25.93
C ARG E 177 11.93 -11.36 -27.39
N LYS E 178 10.66 -11.44 -27.80
CA LYS E 178 10.24 -11.98 -29.12
C LYS E 178 10.66 -11.04 -30.26
N LEU E 179 10.62 -9.73 -30.07
CA LEU E 179 10.77 -8.74 -31.17
C LEU E 179 12.24 -8.42 -31.49
N ALA E 180 13.10 -8.34 -30.48
CA ALA E 180 14.48 -7.82 -30.57
C ALA E 180 15.27 -8.52 -31.68
N GLY E 181 15.19 -9.86 -31.75
CA GLY E 181 15.90 -10.68 -32.74
C GLY E 181 15.29 -10.61 -34.12
N ASN E 182 13.95 -10.63 -34.21
CA ASN E 182 13.20 -10.51 -35.48
C ASN E 182 13.49 -9.16 -36.14
N LEU E 183 13.62 -8.08 -35.35
CA LEU E 183 13.90 -6.72 -35.87
C LEU E 183 15.32 -6.64 -36.45
N LYS E 184 16.29 -7.23 -35.77
CA LYS E 184 17.74 -7.19 -36.17
C LYS E 184 17.95 -7.92 -37.50
N GLN E 185 17.32 -9.09 -37.65
CA GLN E 185 17.40 -9.94 -38.87
C GLN E 185 16.83 -9.17 -40.07
N SER E 186 15.65 -8.58 -39.93
CA SER E 186 14.94 -7.85 -41.02
C SER E 186 15.47 -6.41 -41.19
N ASN E 187 16.24 -5.89 -40.25
CA ASN E 187 16.80 -4.51 -40.26
C ASN E 187 15.65 -3.49 -40.16
N THR E 188 14.68 -3.74 -39.30
CA THR E 188 13.45 -2.94 -39.08
C THR E 188 13.62 -2.04 -37.85
N LEU E 189 13.39 -0.74 -38.00
CA LEU E 189 13.34 0.22 -36.86
C LEU E 189 11.94 0.15 -36.25
N LEU E 190 11.83 -0.10 -34.95
CA LEU E 190 10.55 -0.05 -34.19
C LEU E 190 10.61 1.16 -33.24
N ILE E 191 9.70 2.12 -33.40
CA ILE E 191 9.56 3.31 -32.51
C ILE E 191 8.32 3.11 -31.63
N PHE E 192 8.50 3.16 -30.32
CA PHE E 192 7.44 3.20 -29.29
C PHE E 192 7.26 4.63 -28.81
N ILE E 193 6.04 5.14 -28.83
CA ILE E 193 5.67 6.39 -28.14
C ILE E 193 5.16 6.00 -26.75
N ASN E 194 5.46 6.79 -25.73
CA ASN E 194 5.00 6.55 -24.34
C ASN E 194 4.50 7.87 -23.76
N GLN E 195 3.57 7.77 -22.82
CA GLN E 195 3.04 8.93 -22.05
C GLN E 195 3.76 8.95 -20.70
N ILE E 196 3.75 10.10 -20.05
CA ILE E 196 4.28 10.27 -18.67
C ILE E 196 3.13 10.02 -17.70
N ARG E 197 3.42 9.35 -16.60
CA ARG E 197 2.57 9.33 -15.39
C ARG E 197 3.44 9.79 -14.22
N MET E 198 2.83 9.88 -13.05
CA MET E 198 3.42 10.44 -11.82
C MET E 198 3.49 9.30 -10.82
N LYS E 199 4.69 8.93 -10.36
CA LYS E 199 4.83 7.92 -9.28
C LYS E 199 4.75 8.64 -7.94
N ILE E 200 3.91 8.12 -7.04
CA ILE E 200 3.57 8.77 -5.74
C ILE E 200 4.12 7.92 -4.60
N GLY E 201 4.38 8.57 -3.46
CA GLY E 201 5.17 8.02 -2.35
C GLY E 201 6.65 7.99 -2.67
N VAL E 202 7.13 8.95 -3.47
CA VAL E 202 8.57 9.20 -3.73
C VAL E 202 8.83 10.68 -3.39
N MET E 203 9.82 10.93 -2.52
CA MET E 203 10.24 12.28 -2.06
C MET E 203 11.53 12.66 -2.79
N PHE E 204 12.52 11.76 -2.75
CA PHE E 204 13.83 11.90 -3.43
C PHE E 204 13.65 11.74 -4.94
N GLY E 205 13.89 12.83 -5.68
CA GLY E 205 14.20 12.81 -7.12
C GLY E 205 13.05 13.26 -8.01
N ASN E 206 12.97 12.67 -9.21
CA ASN E 206 11.97 12.95 -10.26
C ASN E 206 10.79 11.99 -10.05
N PRO E 207 9.56 12.50 -9.82
CA PRO E 207 8.37 11.64 -9.70
C PRO E 207 7.74 11.24 -11.03
N GLU E 208 8.35 11.60 -12.16
CA GLU E 208 7.86 11.25 -13.52
C GLU E 208 8.29 9.82 -13.85
N THR E 209 7.33 8.98 -14.21
CA THR E 209 7.52 7.64 -14.83
C THR E 209 7.07 7.71 -16.29
N THR E 210 7.26 6.62 -17.01
CA THR E 210 6.53 6.25 -18.24
C THR E 210 5.65 5.04 -17.93
N THR E 211 4.86 4.60 -18.90
CA THR E 211 3.89 3.49 -18.79
C THR E 211 4.53 2.16 -19.27
N GLY E 212 3.96 1.03 -18.86
CA GLY E 212 4.18 -0.31 -19.46
C GLY E 212 5.36 -1.05 -18.85
N GLY E 213 5.80 -0.67 -17.63
CA GLY E 213 6.85 -1.39 -16.89
C GLY E 213 8.26 -1.10 -17.37
N ASN E 214 9.20 -1.94 -16.95
CA ASN E 214 10.65 -1.67 -16.97
C ASN E 214 11.36 -2.27 -18.18
N ALA E 215 10.82 -3.29 -18.85
CA ALA E 215 11.48 -3.98 -19.98
C ALA E 215 11.94 -3.01 -21.08
N LEU E 216 11.16 -1.99 -21.44
CA LEU E 216 11.41 -1.18 -22.65
C LEU E 216 12.64 -0.29 -22.46
N LYS E 217 12.86 0.22 -21.24
CA LYS E 217 14.08 0.96 -20.83
C LYS E 217 15.35 0.16 -21.16
N PHE E 218 15.31 -1.15 -20.96
CA PHE E 218 16.47 -2.05 -21.14
C PHE E 218 16.72 -2.32 -22.62
N TYR E 219 15.69 -2.63 -23.39
CA TYR E 219 15.80 -3.07 -24.81
C TYR E 219 15.93 -1.89 -25.77
N ALA E 220 15.63 -0.67 -25.36
CA ALA E 220 15.71 0.53 -26.23
C ALA E 220 17.17 0.88 -26.50
N SER E 221 17.55 1.06 -27.76
CA SER E 221 18.91 1.55 -28.15
C SER E 221 19.00 3.07 -28.00
N VAL E 222 17.88 3.76 -28.16
CA VAL E 222 17.76 5.24 -28.02
C VAL E 222 16.48 5.55 -27.23
N ARG E 223 16.54 6.48 -26.29
CA ARG E 223 15.39 7.03 -25.55
C ARG E 223 15.44 8.55 -25.64
N LEU E 224 14.34 9.16 -26.05
CA LEU E 224 14.14 10.59 -26.35
C LEU E 224 13.04 11.15 -25.44
N ASP E 225 13.36 12.20 -24.68
CA ASP E 225 12.43 13.00 -23.85
C ASP E 225 12.11 14.30 -24.60
N ILE E 226 10.91 14.45 -25.16
CA ILE E 226 10.50 15.65 -25.96
C ILE E 226 9.62 16.55 -25.08
N ARG E 227 9.84 17.86 -25.13
CA ARG E 227 9.10 18.86 -24.31
C ARG E 227 8.82 20.13 -25.11
N ARG E 228 7.66 20.74 -24.84
CA ARG E 228 7.29 22.10 -25.33
C ARG E 228 7.83 23.13 -24.34
N ILE E 229 8.70 24.03 -24.79
CA ILE E 229 9.43 25.02 -23.92
C ILE E 229 8.99 26.45 -24.24
N GLY E 230 8.00 26.64 -25.11
CA GLY E 230 7.47 27.98 -25.44
C GLY E 230 6.56 27.99 -26.65
N ALA E 231 6.16 29.17 -27.08
CA ALA E 231 5.30 29.42 -28.25
C ALA E 231 6.09 30.14 -29.35
N VAL E 232 5.63 30.02 -30.59
CA VAL E 232 6.09 30.76 -31.79
C VAL E 232 4.91 31.63 -32.25
N LYS E 233 5.07 32.95 -32.20
CA LYS E 233 3.98 33.93 -32.47
C LYS E 233 4.32 34.76 -33.72
N GLU E 234 3.36 34.85 -34.66
CA GLU E 234 3.30 35.90 -35.73
C GLU E 234 2.48 37.06 -35.19
N GLY E 235 3.11 37.94 -34.41
CA GLY E 235 2.46 39.02 -33.65
C GLY E 235 1.67 38.47 -32.48
N GLU E 236 0.38 38.21 -32.68
CA GLU E 236 -0.58 37.74 -31.64
C GLU E 236 -0.95 36.27 -31.85
N ASN E 237 -1.22 35.87 -33.11
CA ASN E 237 -1.49 34.47 -33.52
C ASN E 237 -0.34 33.55 -33.11
N VAL E 238 -0.60 32.59 -32.23
CA VAL E 238 0.32 31.44 -31.93
C VAL E 238 0.32 30.52 -33.16
N VAL E 239 1.46 30.40 -33.83
CA VAL E 239 1.59 29.68 -35.13
C VAL E 239 2.40 28.37 -34.97
N GLY E 240 2.98 28.12 -33.80
CA GLY E 240 3.75 26.89 -33.54
C GLY E 240 4.30 26.78 -32.12
N SER E 241 5.22 25.83 -31.93
CA SER E 241 5.79 25.44 -30.61
C SER E 241 7.33 25.42 -30.68
N GLU E 242 7.99 26.00 -29.68
CA GLU E 242 9.45 25.79 -29.42
C GLU E 242 9.61 24.47 -28.66
N THR E 243 10.41 23.56 -29.20
CA THR E 243 10.54 22.15 -28.75
C THR E 243 11.97 21.88 -28.25
N ARG E 244 12.12 21.06 -27.21
CA ARG E 244 13.44 20.56 -26.74
C ARG E 244 13.44 19.03 -26.63
N VAL E 245 14.36 18.38 -27.35
CA VAL E 245 14.56 16.91 -27.30
C VAL E 245 15.87 16.62 -26.58
N LYS E 246 15.80 15.89 -25.45
CA LYS E 246 16.96 15.32 -24.72
C LYS E 246 17.14 13.86 -25.10
N VAL E 247 18.38 13.45 -25.36
CA VAL E 247 18.74 12.03 -25.59
C VAL E 247 19.11 11.44 -24.24
N VAL E 248 18.18 10.76 -23.58
CA VAL E 248 18.33 10.26 -22.18
C VAL E 248 18.96 8.87 -22.15
N LYS E 249 18.96 8.15 -23.27
CA LYS E 249 19.68 6.88 -23.45
C LYS E 249 20.18 6.75 -24.88
N ASN E 250 21.41 6.29 -25.07
CA ASN E 250 22.04 6.16 -26.41
C ASN E 250 23.08 5.05 -26.31
N LYS E 251 22.96 4.04 -27.16
CA LYS E 251 23.88 2.88 -27.27
C LYS E 251 24.74 2.98 -28.54
N ILE E 252 24.45 3.89 -29.44
CA ILE E 252 25.19 4.02 -30.74
C ILE E 252 26.10 5.26 -30.74
N ALA E 253 26.01 6.11 -29.73
CA ALA E 253 26.89 7.28 -29.51
C ALA E 253 26.70 7.81 -28.09
N ALA E 254 27.37 8.89 -27.72
CA ALA E 254 27.33 9.41 -26.33
C ALA E 254 25.96 10.02 -26.05
N PRO E 255 25.42 9.82 -24.83
CA PRO E 255 24.13 10.42 -24.46
C PRO E 255 24.18 11.80 -23.79
N PHE E 256 23.00 12.28 -23.41
CA PHE E 256 22.72 13.54 -22.66
C PHE E 256 22.94 14.77 -23.53
N LYS E 257 23.13 14.62 -24.84
CA LYS E 257 23.07 15.77 -25.77
C LYS E 257 21.60 16.17 -25.91
N GLN E 258 21.34 17.36 -26.45
CA GLN E 258 19.96 17.88 -26.62
C GLN E 258 19.86 18.70 -27.90
N ALA E 259 18.65 18.75 -28.45
CA ALA E 259 18.29 19.49 -29.67
C ALA E 259 17.14 20.46 -29.34
N GLU E 260 17.16 21.61 -30.02
CA GLU E 260 16.06 22.62 -29.98
C GLU E 260 15.66 22.93 -31.42
N PHE E 261 14.35 23.01 -31.66
CA PHE E 261 13.78 23.35 -32.99
C PHE E 261 12.35 23.83 -32.78
N GLN E 262 11.73 24.29 -33.87
CA GLN E 262 10.33 24.78 -33.91
C GLN E 262 9.49 23.78 -34.68
N ILE E 263 8.34 23.39 -34.12
CA ILE E 263 7.21 22.72 -34.84
C ILE E 263 6.21 23.81 -35.21
N LEU E 264 5.96 24.01 -36.50
CA LEU E 264 4.96 24.97 -37.02
C LEU E 264 3.74 24.20 -37.50
N TYR E 265 2.56 24.61 -37.00
CA TYR E 265 1.26 23.91 -37.18
C TYR E 265 0.93 23.87 -38.68
N GLY E 266 0.79 22.66 -39.21
CA GLY E 266 0.41 22.39 -40.62
C GLY E 266 1.61 22.25 -41.54
N GLU E 267 2.84 22.48 -41.07
CA GLU E 267 4.09 22.35 -41.85
C GLU E 267 4.93 21.21 -41.30
N GLY E 268 5.23 21.26 -40.00
CA GLY E 268 6.03 20.26 -39.27
C GLY E 268 7.26 20.91 -38.67
N ILE E 269 8.41 20.24 -38.72
CA ILE E 269 9.68 20.73 -38.13
C ILE E 269 10.25 21.77 -39.09
N ASN E 270 10.63 22.92 -38.55
CA ASN E 270 11.20 24.07 -39.30
C ASN E 270 12.67 23.77 -39.60
N PHE E 271 12.95 23.17 -40.77
CA PHE E 271 14.31 22.77 -41.21
C PHE E 271 15.21 23.99 -41.37
N TYR E 272 14.71 25.05 -42.01
CA TYR E 272 15.46 26.30 -42.29
C TYR E 272 15.71 27.09 -41.02
N GLY E 273 14.79 27.06 -40.05
CA GLY E 273 15.00 27.63 -38.70
C GLY E 273 16.25 27.07 -38.05
N GLU E 274 16.43 25.75 -38.08
CA GLU E 274 17.62 25.02 -37.55
C GLU E 274 18.88 25.46 -38.31
N LEU E 275 18.79 25.48 -39.65
CA LEU E 275 19.93 25.73 -40.58
C LEU E 275 20.54 27.12 -40.33
N VAL E 276 19.72 28.11 -39.98
CA VAL E 276 20.16 29.45 -39.48
C VAL E 276 21.00 29.25 -38.22
N ASP E 277 20.37 28.72 -37.15
CA ASP E 277 20.95 28.59 -35.79
C ASP E 277 22.28 27.83 -35.80
N LEU E 278 22.46 26.85 -36.70
CA LEU E 278 23.71 26.06 -36.84
C LEU E 278 24.73 26.82 -37.69
N GLY E 279 24.28 27.46 -38.79
CA GLY E 279 25.08 28.39 -39.60
C GLY E 279 25.68 29.52 -38.77
N VAL E 280 24.94 30.02 -37.77
CA VAL E 280 25.40 31.03 -36.77
C VAL E 280 26.53 30.42 -35.94
N LYS E 281 26.23 29.30 -35.27
CA LYS E 281 27.13 28.60 -34.31
C LYS E 281 28.46 28.22 -34.98
N GLU E 282 28.45 27.87 -36.27
CA GLU E 282 29.64 27.43 -37.05
C GLU E 282 30.25 28.59 -37.86
N LYS E 283 29.94 29.84 -37.51
CA LYS E 283 30.59 31.08 -38.05
C LYS E 283 30.42 31.17 -39.59
N LEU E 284 29.29 30.68 -40.11
CA LEU E 284 28.89 30.81 -41.55
C LEU E 284 27.78 31.86 -41.70
N ILE E 285 27.12 32.25 -40.61
CA ILE E 285 26.17 33.40 -40.54
C ILE E 285 26.60 34.31 -39.38
N GLU E 286 26.67 35.63 -39.62
CA GLU E 286 27.05 36.67 -38.62
C GLU E 286 25.76 37.34 -38.12
N LYS E 287 25.44 37.17 -36.84
CA LYS E 287 24.30 37.85 -36.14
C LYS E 287 24.86 39.06 -35.40
N ALA E 288 24.92 40.22 -36.08
CA ALA E 288 25.35 41.53 -35.55
C ALA E 288 24.18 42.18 -34.80
N GLY E 289 24.00 41.83 -33.52
CA GLY E 289 22.89 42.29 -32.65
C GLY E 289 21.62 41.48 -32.90
N ALA E 290 20.78 41.95 -33.83
CA ALA E 290 19.58 41.25 -34.34
C ALA E 290 19.52 41.36 -35.88
N TRP E 291 20.68 41.45 -36.54
CA TRP E 291 20.85 41.54 -38.02
C TRP E 291 21.68 40.35 -38.51
N TYR E 292 21.04 39.39 -39.18
CA TYR E 292 21.69 38.19 -39.78
C TYR E 292 22.36 38.60 -41.10
N SER E 293 23.62 38.17 -41.30
CA SER E 293 24.47 38.50 -42.47
C SER E 293 25.20 37.24 -42.97
N TYR E 294 25.06 36.93 -44.27
CA TYR E 294 25.79 35.83 -44.98
C TYR E 294 26.84 36.46 -45.91
N LYS E 295 28.11 36.45 -45.47
CA LYS E 295 29.29 36.94 -46.22
C LYS E 295 29.16 38.45 -46.51
N GLY E 296 28.69 39.23 -45.53
CA GLY E 296 28.48 40.69 -45.62
C GLY E 296 27.04 41.06 -45.96
N GLU E 297 26.47 40.43 -46.99
CA GLU E 297 25.06 40.63 -47.46
C GLU E 297 24.09 40.37 -46.30
N LYS E 298 23.28 41.38 -45.94
CA LYS E 298 22.29 41.29 -44.84
C LYS E 298 21.09 40.47 -45.31
N ILE E 299 21.01 39.21 -44.90
CA ILE E 299 19.92 38.25 -45.30
C ILE E 299 18.59 38.70 -44.68
N GLY E 300 18.60 39.32 -43.50
CA GLY E 300 17.40 39.94 -42.90
C GLY E 300 17.65 40.43 -41.48
N GLN E 301 16.58 40.88 -40.82
CA GLN E 301 16.54 41.32 -39.40
C GLN E 301 15.42 40.55 -38.69
N GLY E 302 15.75 39.81 -37.63
CA GLY E 302 14.84 38.84 -36.97
C GLY E 302 14.93 37.47 -37.62
N LYS E 303 14.85 36.41 -36.81
CA LYS E 303 15.08 35.00 -37.22
C LYS E 303 14.03 34.55 -38.25
N ALA E 304 12.80 35.07 -38.17
CA ALA E 304 11.65 34.73 -39.05
C ALA E 304 11.91 35.21 -40.49
N ASN E 305 12.44 36.43 -40.67
CA ASN E 305 12.75 37.03 -42.00
C ASN E 305 14.01 36.38 -42.57
N ALA E 306 14.99 36.08 -41.71
CA ALA E 306 16.24 35.35 -42.04
C ALA E 306 15.89 33.95 -42.58
N THR E 307 14.94 33.27 -41.95
CA THR E 307 14.37 31.96 -42.39
C THR E 307 13.64 32.13 -43.73
N ALA E 308 12.84 33.20 -43.86
CA ALA E 308 12.07 33.55 -45.08
C ALA E 308 13.02 33.86 -46.25
N TRP E 309 14.17 34.48 -45.97
CA TRP E 309 15.23 34.76 -46.99
C TRP E 309 15.82 33.46 -47.52
N LEU E 310 16.22 32.54 -46.62
CA LEU E 310 16.82 31.22 -46.97
C LEU E 310 15.83 30.39 -47.81
N LYS E 311 14.53 30.51 -47.54
CA LYS E 311 13.44 29.85 -48.31
C LYS E 311 13.44 30.36 -49.76
N ASP E 312 13.61 31.68 -49.94
CA ASP E 312 13.60 32.37 -51.26
C ASP E 312 14.89 32.12 -52.05
N ASN E 313 16.00 31.77 -51.38
CA ASN E 313 17.33 31.49 -52.00
C ASN E 313 17.70 30.03 -51.79
N PRO E 314 17.23 29.07 -52.64
CA PRO E 314 17.56 27.66 -52.46
C PRO E 314 19.05 27.28 -52.64
N GLU E 315 19.88 28.16 -53.21
CA GLU E 315 21.34 27.90 -53.47
C GLU E 315 22.15 28.10 -52.19
N THR E 316 21.88 29.18 -51.44
CA THR E 316 22.56 29.55 -50.17
C THR E 316 22.22 28.54 -49.06
N ALA E 317 21.00 28.00 -49.05
CA ALA E 317 20.52 26.97 -48.09
C ALA E 317 21.26 25.64 -48.35
N LYS E 318 21.40 25.23 -49.62
CA LYS E 318 22.20 24.04 -50.05
C LYS E 318 23.65 24.17 -49.57
N GLU E 319 24.24 25.36 -49.75
CA GLU E 319 25.66 25.69 -49.41
C GLU E 319 25.89 25.53 -47.90
N ILE E 320 25.07 26.21 -47.08
CA ILE E 320 25.20 26.22 -45.58
C ILE E 320 24.94 24.82 -45.03
N GLU E 321 23.97 24.09 -45.59
CA GLU E 321 23.65 22.69 -45.21
C GLU E 321 24.89 21.81 -45.41
N LYS E 322 25.48 21.88 -46.61
CA LYS E 322 26.67 21.08 -47.03
C LYS E 322 27.83 21.26 -46.04
N LYS E 323 28.09 22.49 -45.60
CA LYS E 323 29.19 22.83 -44.65
C LYS E 323 28.88 22.28 -43.25
N VAL E 324 27.70 22.61 -42.71
CA VAL E 324 27.20 22.20 -41.35
C VAL E 324 27.24 20.67 -41.23
N ARG E 325 26.83 19.97 -42.30
CA ARG E 325 26.89 18.48 -42.40
C ARG E 325 28.36 18.03 -42.31
N GLU E 326 29.22 18.60 -43.15
CA GLU E 326 30.69 18.35 -43.19
C GLU E 326 31.30 18.43 -41.78
N LEU E 327 30.93 19.48 -41.02
CA LEU E 327 31.61 19.90 -39.75
C LEU E 327 31.14 19.08 -38.54
N LEU E 328 29.82 19.04 -38.28
CA LEU E 328 29.24 18.77 -36.93
C LEU E 328 28.89 17.29 -36.69
N LEU E 329 28.75 16.45 -37.72
CA LEU E 329 28.39 15.01 -37.53
C LEU E 329 29.56 14.29 -36.83
N SER E 330 29.35 13.84 -35.59
CA SER E 330 30.36 13.33 -34.62
C SER E 330 30.84 11.92 -35.02
N ASN E 331 29.91 11.00 -35.30
CA ASN E 331 30.15 9.59 -35.72
C ASN E 331 29.53 9.36 -37.10
N PRO E 332 30.09 9.88 -38.23
CA PRO E 332 29.44 9.74 -39.54
C PRO E 332 29.31 8.28 -40.01
N ASN E 333 28.05 7.82 -40.18
CA ASN E 333 27.70 6.48 -40.74
C ASN E 333 28.06 6.50 -42.24
N SER E 334 29.29 6.09 -42.56
CA SER E 334 29.88 6.12 -43.93
C SER E 334 30.89 4.98 -44.09
N ALA F 2 46.87 -52.55 13.90
CA ALA F 2 46.33 -53.81 13.28
C ALA F 2 45.10 -53.50 12.41
N ILE F 3 44.10 -52.80 12.98
CA ILE F 3 42.84 -52.38 12.27
C ILE F 3 43.17 -51.24 11.31
N ASP F 4 43.98 -50.27 11.77
CA ASP F 4 44.51 -49.12 10.97
C ASP F 4 45.02 -49.64 9.61
N GLU F 5 45.82 -50.72 9.62
CA GLU F 5 46.41 -51.34 8.40
C GLU F 5 45.31 -51.89 7.49
N ASN F 6 44.34 -52.62 8.05
CA ASN F 6 43.18 -53.22 7.30
C ASN F 6 42.31 -52.13 6.69
N LYS F 7 42.10 -51.01 7.40
CA LYS F 7 41.32 -49.83 6.92
C LYS F 7 42.10 -49.14 5.78
N GLN F 8 43.40 -48.91 5.95
CA GLN F 8 44.29 -48.27 4.94
C GLN F 8 44.35 -49.12 3.66
N LYS F 9 44.29 -50.45 3.79
CA LYS F 9 44.30 -51.41 2.64
C LYS F 9 42.98 -51.34 1.88
N ALA F 10 41.85 -51.41 2.62
CA ALA F 10 40.47 -51.32 2.08
C ALA F 10 40.25 -49.97 1.39
N LEU F 11 40.83 -48.89 1.92
CA LEU F 11 40.77 -47.53 1.34
C LEU F 11 41.55 -47.50 0.02
N ALA F 12 42.81 -47.92 0.05
CA ALA F 12 43.73 -48.01 -1.12
C ALA F 12 43.09 -48.84 -2.25
N ALA F 13 42.43 -49.95 -1.90
CA ALA F 13 41.74 -50.87 -2.83
C ALA F 13 40.55 -50.18 -3.50
N ALA F 14 39.70 -49.50 -2.71
CA ALA F 14 38.51 -48.74 -3.15
C ALA F 14 38.91 -47.58 -4.07
N LEU F 15 39.93 -46.81 -3.70
CA LEU F 15 40.49 -45.69 -4.49
C LEU F 15 41.06 -46.22 -5.81
N GLY F 16 41.72 -47.38 -5.78
CA GLY F 16 42.20 -48.10 -6.98
C GLY F 16 41.06 -48.46 -7.92
N GLN F 17 39.96 -48.99 -7.36
CA GLN F 17 38.77 -49.45 -8.12
C GLN F 17 38.05 -48.24 -8.74
N ILE F 18 37.90 -47.14 -7.99
CA ILE F 18 37.23 -45.88 -8.44
C ILE F 18 38.03 -45.29 -9.61
N GLU F 19 39.36 -45.22 -9.49
CA GLU F 19 40.29 -44.64 -10.50
C GLU F 19 40.33 -45.52 -11.77
N LYS F 20 40.20 -46.84 -11.60
CA LYS F 20 40.08 -47.81 -12.72
C LYS F 20 38.75 -47.59 -13.48
N GLN F 21 37.65 -47.46 -12.74
CA GLN F 21 36.26 -47.39 -13.29
C GLN F 21 36.03 -46.06 -14.02
N PHE F 22 36.44 -44.92 -13.44
CA PHE F 22 36.05 -43.55 -13.87
C PHE F 22 37.22 -42.75 -14.46
N GLY F 23 38.47 -43.03 -14.07
CA GLY F 23 39.68 -42.40 -14.65
C GLY F 23 40.65 -41.90 -13.59
N LYS F 24 41.79 -41.36 -14.05
CA LYS F 24 43.01 -41.09 -13.25
C LYS F 24 42.69 -40.21 -12.02
N GLY F 25 42.24 -38.97 -12.24
CA GLY F 25 42.00 -37.98 -11.16
C GLY F 25 40.55 -37.93 -10.71
N SER F 26 39.86 -39.07 -10.71
CA SER F 26 38.41 -39.20 -10.35
C SER F 26 38.21 -38.90 -8.86
N ILE F 27 39.12 -39.39 -8.02
CA ILE F 27 39.18 -39.07 -6.56
C ILE F 27 40.63 -38.88 -6.16
N MET F 28 40.90 -37.94 -5.26
CA MET F 28 42.26 -37.72 -4.69
C MET F 28 42.17 -36.82 -3.45
N ARG F 29 43.29 -36.66 -2.73
CA ARG F 29 43.37 -35.76 -1.56
C ARG F 29 43.30 -34.31 -2.04
N LEU F 30 42.51 -33.48 -1.36
CA LEU F 30 42.19 -32.08 -1.78
C LEU F 30 43.45 -31.23 -1.79
N GLY F 31 44.34 -31.44 -0.81
CA GLY F 31 45.62 -30.73 -0.68
C GLY F 31 46.56 -30.97 -1.84
N GLU F 32 46.49 -32.14 -2.49
CA GLU F 32 47.36 -32.50 -3.65
C GLU F 32 46.55 -32.48 -4.96
N ASP F 33 45.51 -31.65 -5.04
CA ASP F 33 44.70 -31.39 -6.27
C ASP F 33 44.91 -29.93 -6.68
N ARG F 34 45.77 -29.70 -7.68
CA ARG F 34 46.12 -28.35 -8.20
C ARG F 34 44.94 -27.75 -8.96
N SER F 35 44.18 -28.58 -9.68
CA SER F 35 42.94 -28.24 -10.44
C SER F 35 42.02 -27.30 -9.64
N MET F 36 41.92 -27.52 -8.32
CA MET F 36 40.93 -26.85 -7.44
C MET F 36 41.48 -25.55 -6.81
N ASP F 37 42.69 -25.13 -7.18
CA ASP F 37 43.23 -23.78 -6.86
C ASP F 37 42.46 -22.73 -7.66
N VAL F 38 42.17 -21.58 -7.05
CA VAL F 38 41.38 -20.47 -7.65
C VAL F 38 42.36 -19.49 -8.31
N GLU F 39 42.29 -19.38 -9.64
CA GLU F 39 42.98 -18.38 -10.50
C GLU F 39 41.98 -17.27 -10.83
N THR F 40 42.44 -16.02 -10.98
CA THR F 40 41.60 -14.81 -11.26
C THR F 40 42.11 -14.03 -12.49
N ILE F 41 41.26 -13.15 -13.01
CA ILE F 41 41.59 -12.12 -14.06
C ILE F 41 41.01 -10.77 -13.64
N SER F 42 41.67 -9.69 -14.07
CA SER F 42 41.30 -8.28 -13.80
C SER F 42 39.89 -8.00 -14.31
N THR F 43 39.14 -7.14 -13.61
CA THR F 43 37.85 -6.57 -14.06
C THR F 43 38.06 -5.27 -14.86
N GLY F 44 39.30 -4.82 -15.05
CA GLY F 44 39.64 -3.50 -15.63
C GLY F 44 39.41 -2.35 -14.66
N SER F 45 39.13 -2.64 -13.38
CA SER F 45 38.84 -1.67 -12.30
C SER F 45 39.62 -2.10 -11.05
N LEU F 46 40.53 -1.26 -10.54
CA LEU F 46 41.40 -1.61 -9.41
C LEU F 46 40.59 -1.63 -8.10
N SER F 47 39.57 -0.79 -7.97
CA SER F 47 38.70 -0.73 -6.76
C SER F 47 37.80 -1.98 -6.68
N LEU F 48 37.41 -2.55 -7.82
CA LEU F 48 36.58 -3.79 -7.89
C LEU F 48 37.46 -5.01 -7.60
N ASP F 49 38.69 -5.04 -8.13
CA ASP F 49 39.69 -6.11 -7.82
C ASP F 49 40.03 -6.14 -6.33
N ILE F 50 39.90 -5.04 -5.61
CA ILE F 50 40.13 -4.96 -4.13
C ILE F 50 38.88 -5.45 -3.39
N ALA F 51 37.69 -5.08 -3.85
CA ALA F 51 36.39 -5.45 -3.24
C ALA F 51 36.11 -6.94 -3.44
N LEU F 52 36.68 -7.57 -4.46
CA LEU F 52 36.47 -9.01 -4.73
C LEU F 52 37.36 -9.88 -3.84
N GLY F 53 38.38 -9.29 -3.21
CA GLY F 53 39.23 -9.97 -2.20
C GLY F 53 40.33 -10.84 -2.79
N ALA F 54 40.21 -11.28 -4.05
CA ALA F 54 41.14 -12.26 -4.68
C ALA F 54 41.79 -11.67 -5.94
N GLY F 55 41.65 -10.36 -6.15
CA GLY F 55 42.26 -9.64 -7.29
C GLY F 55 41.50 -9.79 -8.59
N GLY F 56 40.25 -10.30 -8.57
CA GLY F 56 39.38 -10.28 -9.76
C GLY F 56 38.38 -11.42 -9.81
N LEU F 57 37.90 -11.74 -11.02
CA LEU F 57 36.82 -12.73 -11.23
C LEU F 57 37.43 -14.10 -11.47
N PRO F 58 36.87 -15.18 -10.87
CA PRO F 58 37.52 -16.49 -10.89
C PRO F 58 37.24 -17.33 -12.15
N MET F 59 38.31 -17.87 -12.74
CA MET F 59 38.25 -18.76 -13.93
C MET F 59 37.63 -20.09 -13.53
N GLY F 60 36.79 -20.65 -14.42
CA GLY F 60 36.08 -21.92 -14.23
C GLY F 60 34.79 -21.75 -13.46
N ARG F 61 34.41 -20.51 -13.14
CA ARG F 61 33.20 -20.24 -12.34
C ARG F 61 32.18 -19.49 -13.19
N ILE F 62 30.96 -19.40 -12.67
CA ILE F 62 29.86 -18.57 -13.21
C ILE F 62 29.80 -17.26 -12.41
N VAL F 63 29.60 -16.14 -13.09
CA VAL F 63 29.43 -14.79 -12.49
C VAL F 63 28.12 -14.18 -13.01
N GLU F 64 27.37 -13.49 -12.15
CA GLU F 64 26.17 -12.72 -12.53
C GLU F 64 26.45 -11.23 -12.27
N ILE F 65 26.10 -10.36 -13.22
CA ILE F 65 26.18 -8.87 -13.11
C ILE F 65 24.79 -8.32 -13.42
N TYR F 66 24.09 -7.81 -12.42
CA TYR F 66 22.74 -7.25 -12.60
C TYR F 66 22.72 -5.80 -12.13
N GLY F 67 21.66 -5.09 -12.50
CA GLY F 67 21.51 -3.67 -12.19
C GLY F 67 20.43 -3.02 -13.06
N PRO F 68 20.06 -1.76 -12.79
CA PRO F 68 19.04 -1.06 -13.57
C PRO F 68 19.55 -0.58 -14.93
N GLU F 69 18.68 0.10 -15.68
CA GLU F 69 18.96 0.54 -17.06
C GLU F 69 20.05 1.58 -17.06
N SER F 70 20.96 1.48 -18.02
CA SER F 70 22.13 2.37 -18.25
C SER F 70 22.90 2.58 -16.95
N SER F 71 23.23 1.49 -16.26
CA SER F 71 24.10 1.45 -15.06
C SER F 71 25.53 1.06 -15.42
N GLY F 72 25.77 0.41 -16.54
CA GLY F 72 27.12 0.13 -17.04
C GLY F 72 27.43 -1.34 -17.11
N LYS F 73 26.42 -2.19 -17.27
CA LYS F 73 26.54 -3.66 -17.25
C LYS F 73 27.33 -4.13 -18.48
N THR F 74 27.05 -3.60 -19.67
CA THR F 74 27.73 -4.01 -20.93
C THR F 74 29.12 -3.38 -20.97
N THR F 75 29.28 -2.12 -20.58
CA THR F 75 30.59 -1.42 -20.53
C THR F 75 31.57 -2.19 -19.64
N LEU F 76 31.15 -2.55 -18.41
CA LEU F 76 32.02 -3.23 -17.42
C LEU F 76 32.50 -4.53 -18.03
N THR F 77 31.58 -5.32 -18.59
CA THR F 77 31.87 -6.69 -19.10
C THR F 77 32.64 -6.63 -20.42
N LEU F 78 32.67 -5.51 -21.16
CA LEU F 78 33.60 -5.34 -22.30
C LEU F 78 35.00 -4.92 -21.81
N GLN F 79 35.12 -4.25 -20.66
CA GLN F 79 36.44 -3.92 -20.06
C GLN F 79 37.09 -5.20 -19.50
N VAL F 80 36.29 -6.20 -19.06
CA VAL F 80 36.80 -7.55 -18.63
C VAL F 80 37.41 -8.23 -19.86
N ILE F 81 36.68 -8.26 -20.98
CA ILE F 81 37.11 -8.89 -22.25
C ILE F 81 38.40 -8.21 -22.75
N ALA F 82 38.45 -6.88 -22.71
CA ALA F 82 39.60 -6.07 -23.15
C ALA F 82 40.85 -6.44 -22.35
N ALA F 83 40.74 -6.42 -21.02
CA ALA F 83 41.82 -6.85 -20.07
C ALA F 83 42.28 -8.27 -20.41
N ALA F 84 41.33 -9.18 -20.66
CA ALA F 84 41.61 -10.61 -20.93
C ALA F 84 42.37 -10.76 -22.24
N GLN F 85 41.92 -10.08 -23.30
CA GLN F 85 42.52 -10.16 -24.68
C GLN F 85 43.97 -9.66 -24.65
N ARG F 86 44.30 -8.69 -23.81
CA ARG F 86 45.69 -8.15 -23.64
C ARG F 86 46.63 -9.21 -23.06
N GLU F 87 46.11 -10.19 -22.31
CA GLU F 87 46.87 -11.36 -21.80
C GLU F 87 46.66 -12.59 -22.70
N GLY F 88 46.42 -12.38 -24.00
CA GLY F 88 46.40 -13.43 -25.04
C GLY F 88 45.35 -14.50 -24.81
N LYS F 89 44.19 -14.13 -24.25
CA LYS F 89 43.03 -15.04 -24.03
C LYS F 89 42.03 -14.85 -25.17
N THR F 90 41.31 -15.91 -25.54
CA THR F 90 40.19 -15.88 -26.53
C THR F 90 38.89 -15.62 -25.78
N CYS F 91 38.07 -14.70 -26.28
CA CYS F 91 36.79 -14.28 -25.64
C CYS F 91 35.64 -14.35 -26.64
N ALA F 92 34.43 -14.57 -26.14
CA ALA F 92 33.18 -14.65 -26.93
C ALA F 92 32.11 -13.79 -26.28
N PHE F 93 31.28 -13.12 -27.09
CA PHE F 93 30.11 -12.31 -26.68
C PHE F 93 28.86 -12.94 -27.31
N ILE F 94 27.88 -13.36 -26.50
CA ILE F 94 26.56 -13.87 -26.98
C ILE F 94 25.54 -12.76 -26.72
N ASP F 95 25.13 -12.04 -27.77
CA ASP F 95 24.35 -10.78 -27.70
C ASP F 95 22.88 -11.10 -27.96
N ALA F 96 22.18 -11.57 -26.93
CA ALA F 96 20.76 -11.98 -26.97
C ALA F 96 19.83 -10.78 -27.03
N GLU F 97 20.24 -9.63 -26.46
CA GLU F 97 19.52 -8.34 -26.54
C GLU F 97 19.46 -7.83 -27.99
N HIS F 98 20.45 -8.16 -28.81
CA HIS F 98 20.66 -7.62 -30.18
C HIS F 98 20.88 -6.11 -30.09
N ALA F 99 21.92 -5.69 -29.36
CA ALA F 99 22.18 -4.27 -29.04
C ALA F 99 23.66 -4.01 -28.69
N LEU F 100 24.58 -4.62 -29.41
CA LEU F 100 26.04 -4.38 -29.25
C LEU F 100 26.53 -3.54 -30.44
N ASP F 101 27.07 -2.35 -30.16
CA ASP F 101 27.78 -1.50 -31.16
C ASP F 101 29.23 -1.97 -31.24
N PRO F 102 29.76 -2.41 -32.42
CA PRO F 102 31.17 -2.77 -32.53
C PRO F 102 32.15 -1.59 -32.38
N ILE F 103 31.76 -0.38 -32.82
CA ILE F 103 32.66 0.81 -32.80
C ILE F 103 32.91 1.19 -31.34
N TYR F 104 31.87 1.25 -30.50
CA TYR F 104 32.01 1.57 -29.06
C TYR F 104 32.85 0.50 -28.36
N ALA F 105 32.68 -0.78 -28.71
CA ALA F 105 33.52 -1.89 -28.21
C ALA F 105 35.00 -1.62 -28.54
N ARG F 106 35.30 -1.17 -29.76
CA ARG F 106 36.69 -0.85 -30.21
C ARG F 106 37.29 0.24 -29.33
N LYS F 107 36.51 1.28 -29.00
CA LYS F 107 36.95 2.45 -28.20
C LYS F 107 37.29 2.03 -26.77
N LEU F 108 36.55 1.07 -26.19
CA LEU F 108 36.80 0.56 -24.80
C LEU F 108 38.04 -0.34 -24.78
N GLY F 109 38.64 -0.66 -25.93
CA GLY F 109 39.93 -1.36 -26.03
C GLY F 109 39.78 -2.82 -26.44
N VAL F 110 38.60 -3.24 -26.90
CA VAL F 110 38.36 -4.63 -27.38
C VAL F 110 39.00 -4.74 -28.77
N ASP F 111 39.73 -5.84 -29.02
CA ASP F 111 40.18 -6.25 -30.37
C ASP F 111 39.04 -7.00 -31.04
N ILE F 112 38.25 -6.31 -31.89
CA ILE F 112 36.97 -6.85 -32.42
C ILE F 112 37.22 -7.83 -33.57
N ASP F 113 38.41 -7.88 -34.17
CA ASP F 113 38.74 -8.86 -35.23
C ASP F 113 39.01 -10.24 -34.63
N ASN F 114 39.16 -10.37 -33.29
CA ASN F 114 39.39 -11.66 -32.57
C ASN F 114 38.33 -11.93 -31.50
N LEU F 115 37.25 -11.14 -31.41
CA LEU F 115 36.09 -11.40 -30.50
C LEU F 115 35.06 -12.23 -31.26
N LEU F 116 34.76 -13.45 -30.81
CA LEU F 116 33.66 -14.25 -31.38
C LEU F 116 32.34 -13.66 -30.92
N CYS F 117 31.43 -13.37 -31.84
CA CYS F 117 30.09 -12.81 -31.53
C CYS F 117 29.03 -13.75 -32.10
N SER F 118 27.89 -13.82 -31.42
CA SER F 118 26.70 -14.58 -31.88
C SER F 118 25.46 -13.79 -31.48
N GLN F 119 24.48 -13.67 -32.39
CA GLN F 119 23.16 -13.06 -32.12
C GLN F 119 22.14 -14.18 -32.28
N PRO F 120 21.95 -15.02 -31.24
CA PRO F 120 21.17 -16.24 -31.39
C PRO F 120 19.67 -15.93 -31.44
N ASP F 121 18.90 -16.83 -32.05
CA ASP F 121 17.45 -16.66 -32.35
C ASP F 121 16.62 -17.03 -31.12
N THR F 122 17.04 -18.07 -30.40
CA THR F 122 16.39 -18.60 -29.17
C THR F 122 17.38 -18.64 -28.00
N GLY F 123 16.85 -18.79 -26.79
CA GLY F 123 17.59 -19.05 -25.55
C GLY F 123 18.26 -20.42 -25.57
N GLU F 124 17.59 -21.43 -26.12
CA GLU F 124 18.17 -22.80 -26.30
C GLU F 124 19.42 -22.72 -27.16
N GLN F 125 19.37 -22.00 -28.27
CA GLN F 125 20.51 -21.85 -29.22
C GLN F 125 21.67 -21.16 -28.50
N ALA F 126 21.40 -20.05 -27.80
CA ALA F 126 22.37 -19.22 -27.05
C ALA F 126 23.18 -20.11 -26.10
N LEU F 127 22.46 -20.90 -25.28
CA LEU F 127 23.02 -21.75 -24.20
C LEU F 127 23.68 -23.01 -24.74
N GLU F 128 23.26 -23.54 -25.90
CA GLU F 128 23.95 -24.64 -26.62
C GLU F 128 25.29 -24.16 -27.20
N ILE F 129 25.36 -22.92 -27.68
CA ILE F 129 26.62 -22.30 -28.19
C ILE F 129 27.61 -22.13 -27.03
N CYS F 130 27.15 -21.64 -25.88
CA CYS F 130 27.95 -21.51 -24.62
C CYS F 130 28.54 -22.87 -24.20
N ASP F 131 27.74 -23.94 -24.26
CA ASP F 131 28.17 -25.32 -23.91
C ASP F 131 29.20 -25.82 -24.94
N ALA F 132 28.97 -25.57 -26.24
CA ALA F 132 29.88 -25.98 -27.34
C ALA F 132 31.25 -25.30 -27.23
N LEU F 133 31.29 -24.02 -26.84
CA LEU F 133 32.54 -23.23 -26.69
C LEU F 133 33.28 -23.63 -25.41
N ALA F 134 32.56 -23.91 -24.32
CA ALA F 134 33.10 -24.37 -23.02
C ALA F 134 33.80 -25.72 -23.19
N ARG F 135 33.17 -26.68 -23.87
CA ARG F 135 33.73 -28.04 -24.11
C ARG F 135 34.98 -27.95 -25.02
N SER F 136 35.01 -27.04 -25.99
CA SER F 136 36.13 -26.89 -26.97
C SER F 136 37.48 -26.78 -26.24
N GLY F 137 37.54 -26.04 -25.12
CA GLY F 137 38.78 -25.76 -24.37
C GLY F 137 39.53 -24.55 -24.91
N ALA F 138 39.04 -23.93 -25.98
CA ALA F 138 39.72 -22.88 -26.78
C ALA F 138 39.30 -21.46 -26.36
N VAL F 139 38.17 -21.30 -25.68
CA VAL F 139 37.63 -19.97 -25.25
C VAL F 139 37.86 -19.81 -23.74
N ASP F 140 38.31 -18.62 -23.31
CA ASP F 140 38.67 -18.32 -21.90
C ASP F 140 37.54 -17.57 -21.19
N VAL F 141 36.93 -16.56 -21.82
CA VAL F 141 35.82 -15.76 -21.24
C VAL F 141 34.62 -15.81 -22.19
N ILE F 142 33.43 -16.10 -21.68
CA ILE F 142 32.14 -15.95 -22.42
C ILE F 142 31.30 -14.91 -21.67
N VAL F 143 30.67 -13.98 -22.40
CA VAL F 143 29.67 -13.03 -21.85
C VAL F 143 28.33 -13.28 -22.55
N VAL F 144 27.26 -13.51 -21.78
CA VAL F 144 25.88 -13.72 -22.30
C VAL F 144 25.05 -12.47 -21.94
N ASP F 145 24.85 -11.56 -22.92
CA ASP F 145 24.18 -10.26 -22.66
C ASP F 145 22.65 -10.44 -22.59
N SER F 146 22.16 -10.10 -21.41
CA SER F 146 20.85 -10.33 -20.81
C SER F 146 20.32 -11.75 -21.02
N VAL F 147 20.27 -12.44 -19.86
CA VAL F 147 19.39 -13.56 -19.44
C VAL F 147 17.91 -13.20 -19.71
N ALA F 148 17.53 -11.94 -19.59
CA ALA F 148 16.13 -11.49 -19.83
C ALA F 148 15.72 -11.70 -21.29
N ALA F 149 16.65 -11.69 -22.23
CA ALA F 149 16.37 -11.85 -23.68
C ALA F 149 16.54 -13.29 -24.15
N LEU F 150 16.91 -14.23 -23.27
CA LEU F 150 17.04 -15.68 -23.57
C LEU F 150 15.63 -16.28 -23.67
N THR F 151 15.00 -16.17 -24.84
CA THR F 151 13.60 -16.60 -25.08
C THR F 151 13.58 -18.11 -25.32
N PRO F 152 12.71 -18.91 -24.68
CA PRO F 152 12.49 -20.30 -25.09
C PRO F 152 11.89 -20.41 -26.50
N LYS F 153 12.17 -21.53 -27.18
CA LYS F 153 11.75 -21.80 -28.59
C LYS F 153 10.22 -21.80 -28.69
N ALA F 154 9.54 -22.42 -27.72
CA ALA F 154 8.07 -22.52 -27.60
C ALA F 154 7.42 -21.13 -27.54
N GLU F 155 8.03 -20.19 -26.82
CA GLU F 155 7.52 -18.81 -26.63
C GLU F 155 7.66 -18.02 -27.94
N ILE F 156 8.67 -18.31 -28.75
CA ILE F 156 8.92 -17.60 -30.04
C ILE F 156 7.93 -18.09 -31.10
N GLU F 157 7.74 -19.40 -31.21
CA GLU F 157 6.76 -20.04 -32.14
C GLU F 157 5.34 -19.62 -31.74
N GLY F 158 5.06 -19.44 -30.45
CA GLY F 158 3.73 -19.07 -29.92
C GLY F 158 3.30 -17.65 -30.26
N GLU F 159 2.20 -17.20 -29.67
CA GLU F 159 1.60 -15.85 -29.85
C GLU F 159 1.84 -15.01 -28.59
N ILE F 160 1.84 -13.68 -28.74
CA ILE F 160 1.98 -12.72 -27.60
C ILE F 160 0.70 -12.82 -26.76
N GLY F 161 0.86 -13.03 -25.45
CA GLY F 161 -0.25 -13.25 -24.51
C GLY F 161 -0.27 -14.67 -23.97
N ASP F 162 0.12 -15.66 -24.79
CA ASP F 162 0.23 -17.09 -24.41
C ASP F 162 1.12 -17.23 -23.18
N SER F 163 0.66 -18.02 -22.19
CA SER F 163 1.39 -18.28 -20.91
C SER F 163 2.28 -19.51 -21.08
N HIS F 164 3.57 -19.33 -20.80
CA HIS F 164 4.60 -20.41 -20.73
C HIS F 164 5.17 -20.41 -19.31
N MET F 165 4.47 -21.07 -18.38
CA MET F 165 4.72 -21.04 -16.91
C MET F 165 6.09 -21.68 -16.61
N GLY F 166 6.99 -20.88 -16.02
CA GLY F 166 8.34 -21.26 -15.57
C GLY F 166 9.14 -21.99 -16.64
N LEU F 167 9.00 -21.62 -17.91
CA LEU F 167 9.67 -22.31 -19.04
C LEU F 167 11.11 -21.78 -19.19
N ALA F 168 11.31 -20.47 -19.01
CA ALA F 168 12.64 -19.81 -18.95
C ALA F 168 13.41 -20.20 -17.68
N ALA F 169 12.72 -20.36 -16.55
CA ALA F 169 13.33 -20.81 -15.27
C ALA F 169 13.74 -22.28 -15.37
N ARG F 170 12.98 -23.12 -16.08
CA ARG F 170 13.37 -24.54 -16.32
C ARG F 170 14.59 -24.61 -17.24
N MET F 171 14.61 -23.82 -18.31
CA MET F 171 15.73 -23.78 -19.27
C MET F 171 17.01 -23.36 -18.55
N MET F 172 16.92 -22.34 -17.71
CA MET F 172 18.09 -21.80 -16.97
C MET F 172 18.59 -22.83 -15.95
N SER F 173 17.68 -23.50 -15.23
CA SER F 173 17.98 -24.61 -14.29
C SER F 173 18.74 -25.73 -14.99
N GLN F 174 18.28 -26.15 -16.17
CA GLN F 174 18.88 -27.27 -16.95
C GLN F 174 20.26 -26.88 -17.46
N ALA F 175 20.41 -25.64 -17.92
CA ALA F 175 21.66 -25.07 -18.45
C ALA F 175 22.77 -25.01 -17.41
N MET F 176 22.44 -24.66 -16.16
CA MET F 176 23.41 -24.53 -15.03
C MET F 176 24.01 -25.91 -14.71
N ARG F 177 23.16 -26.90 -14.48
CA ARG F 177 23.51 -28.34 -14.31
C ARG F 177 24.55 -28.77 -15.35
N LYS F 178 24.27 -28.50 -16.62
CA LYS F 178 25.09 -28.96 -17.77
C LYS F 178 26.41 -28.18 -17.83
N LEU F 179 26.38 -26.88 -17.55
CA LEU F 179 27.55 -25.97 -17.79
C LEU F 179 28.58 -26.03 -16.66
N ALA F 180 28.14 -26.02 -15.40
CA ALA F 180 29.01 -25.87 -14.21
C ALA F 180 30.24 -26.77 -14.31
N GLY F 181 30.06 -28.04 -14.67
CA GLY F 181 31.13 -29.06 -14.79
C GLY F 181 31.99 -28.84 -16.01
N ASN F 182 31.40 -28.53 -17.17
CA ASN F 182 32.16 -28.27 -18.42
C ASN F 182 33.07 -27.05 -18.25
N LEU F 183 32.58 -25.99 -17.57
CA LEU F 183 33.35 -24.74 -17.36
C LEU F 183 34.58 -24.99 -16.51
N LYS F 184 34.48 -25.83 -15.47
CA LYS F 184 35.58 -26.11 -14.50
C LYS F 184 36.70 -26.88 -15.21
N GLN F 185 36.35 -27.87 -16.05
CA GLN F 185 37.32 -28.70 -16.80
C GLN F 185 38.19 -27.83 -17.71
N SER F 186 37.55 -26.93 -18.48
CA SER F 186 38.19 -26.08 -19.51
C SER F 186 38.81 -24.80 -18.90
N ASN F 187 38.47 -24.48 -17.66
CA ASN F 187 38.91 -23.29 -16.90
C ASN F 187 38.38 -22.02 -17.60
N THR F 188 37.12 -22.04 -18.02
CA THR F 188 36.41 -20.96 -18.75
C THR F 188 35.58 -20.15 -17.76
N LEU F 189 35.58 -18.82 -17.87
CA LEU F 189 34.74 -17.91 -17.04
C LEU F 189 33.48 -17.56 -17.83
N LEU F 190 32.31 -17.85 -17.29
CA LEU F 190 31.02 -17.46 -17.90
C LEU F 190 30.46 -16.28 -17.11
N ILE F 191 30.18 -15.15 -17.75
CA ILE F 191 29.51 -13.97 -17.12
C ILE F 191 28.09 -13.83 -17.69
N PHE F 192 27.06 -13.95 -16.85
CA PHE F 192 25.65 -13.65 -17.22
C PHE F 192 25.35 -12.20 -16.84
N ILE F 193 24.78 -11.44 -17.77
CA ILE F 193 24.15 -10.14 -17.44
C ILE F 193 22.66 -10.38 -17.19
N ASN F 194 22.09 -9.72 -16.19
CA ASN F 194 20.64 -9.82 -15.89
C ASN F 194 20.09 -8.41 -15.75
N GLN F 195 18.79 -8.28 -15.92
CA GLN F 195 18.05 -7.01 -15.76
C GLN F 195 17.29 -7.11 -14.45
N ILE F 196 16.86 -5.98 -13.92
CA ILE F 196 16.01 -5.92 -12.70
C ILE F 196 14.55 -5.93 -13.13
N ARG F 197 13.69 -6.52 -12.30
CA ARG F 197 12.21 -6.43 -12.42
C ARG F 197 11.64 -6.32 -11.01
N MET F 198 10.39 -5.87 -10.94
CA MET F 198 9.64 -5.63 -9.67
C MET F 198 8.80 -6.88 -9.42
N LYS F 199 8.90 -7.46 -8.23
CA LYS F 199 7.99 -8.55 -7.78
C LYS F 199 6.81 -7.87 -7.06
N ILE F 200 5.59 -8.14 -7.51
CA ILE F 200 4.34 -7.44 -7.06
C ILE F 200 3.56 -8.40 -6.16
N GLY F 201 3.11 -7.90 -5.01
CA GLY F 201 2.57 -8.70 -3.89
C GLY F 201 3.64 -9.00 -2.86
N VAL F 202 4.44 -7.99 -2.49
CA VAL F 202 5.50 -8.08 -1.44
C VAL F 202 5.61 -6.70 -0.76
N MET F 203 5.64 -6.68 0.58
CA MET F 203 5.86 -5.47 1.42
C MET F 203 7.00 -5.67 2.43
N PHE F 204 7.46 -6.91 2.69
CA PHE F 204 8.74 -7.19 3.40
C PHE F 204 9.93 -6.84 2.50
N GLY F 205 11.05 -6.40 3.11
CA GLY F 205 12.38 -6.27 2.50
C GLY F 205 12.37 -5.55 1.16
N ASN F 206 12.88 -6.22 0.12
CA ASN F 206 13.20 -5.62 -1.22
C ASN F 206 12.19 -6.14 -2.24
N PRO F 207 11.54 -5.25 -3.03
CA PRO F 207 10.71 -5.69 -4.15
C PRO F 207 11.45 -5.90 -5.49
N GLU F 208 12.77 -5.62 -5.55
CA GLU F 208 13.60 -5.85 -6.76
C GLU F 208 13.93 -7.34 -6.87
N THR F 209 13.71 -7.90 -8.07
CA THR F 209 14.12 -9.27 -8.48
C THR F 209 15.03 -9.16 -9.70
N THR F 210 15.61 -10.28 -10.11
CA THR F 210 16.28 -10.49 -11.40
C THR F 210 15.48 -11.51 -12.20
N THR F 211 15.77 -11.63 -13.48
CA THR F 211 15.04 -12.50 -14.44
C THR F 211 15.64 -13.92 -14.46
N GLY F 212 14.88 -14.88 -14.99
CA GLY F 212 15.38 -16.21 -15.38
C GLY F 212 15.45 -17.21 -14.22
N GLY F 213 14.73 -16.95 -13.12
CA GLY F 213 14.50 -17.95 -12.05
C GLY F 213 15.54 -17.93 -10.95
N ASN F 214 15.58 -18.98 -10.15
CA ASN F 214 16.37 -19.05 -8.90
C ASN F 214 17.70 -19.81 -9.06
N ALA F 215 17.89 -20.65 -10.07
CA ALA F 215 19.08 -21.51 -10.23
C ALA F 215 20.36 -20.67 -10.20
N LEU F 216 20.43 -19.59 -11.00
CA LEU F 216 21.68 -18.83 -11.24
C LEU F 216 22.22 -18.18 -9.96
N LYS F 217 21.37 -17.80 -9.01
CA LYS F 217 21.78 -17.33 -7.67
C LYS F 217 22.62 -18.38 -6.93
N PHE F 218 22.27 -19.66 -7.05
CA PHE F 218 22.96 -20.79 -6.37
C PHE F 218 24.29 -21.08 -7.07
N TYR F 219 24.34 -21.07 -8.39
CA TYR F 219 25.49 -21.55 -9.16
C TYR F 219 26.54 -20.44 -9.28
N ALA F 220 26.15 -19.18 -9.21
CA ALA F 220 27.09 -18.04 -9.32
C ALA F 220 28.05 -18.07 -8.12
N SER F 221 29.34 -17.90 -8.39
CA SER F 221 30.42 -17.78 -7.38
C SER F 221 30.57 -16.33 -6.96
N VAL F 222 30.26 -15.40 -7.85
CA VAL F 222 30.27 -13.93 -7.62
C VAL F 222 28.99 -13.36 -8.23
N ARG F 223 28.30 -12.50 -7.49
CA ARG F 223 27.19 -11.66 -8.00
C ARG F 223 27.49 -10.20 -7.67
N LEU F 224 27.45 -9.33 -8.69
CA LEU F 224 27.70 -7.88 -8.61
C LEU F 224 26.40 -7.13 -8.93
N ASP F 225 26.00 -6.21 -8.06
CA ASP F 225 24.90 -5.23 -8.26
C ASP F 225 25.55 -3.91 -8.66
N ILE F 226 25.24 -3.38 -9.85
CA ILE F 226 25.88 -2.13 -10.38
C ILE F 226 24.80 -1.04 -10.51
N ARG F 227 25.14 0.20 -10.11
CA ARG F 227 24.22 1.37 -10.17
C ARG F 227 24.96 2.64 -10.56
N ARG F 228 24.29 3.48 -11.35
CA ARG F 228 24.69 4.90 -11.57
C ARG F 228 24.23 5.74 -10.37
N ILE F 229 25.16 6.41 -9.68
CA ILE F 229 24.90 7.19 -8.44
C ILE F 229 25.12 8.69 -8.69
N GLY F 230 25.27 9.13 -9.94
CA GLY F 230 25.43 10.55 -10.28
C GLY F 230 26.01 10.78 -11.66
N ALA F 231 26.47 12.00 -11.92
CA ALA F 231 26.99 12.47 -13.23
C ALA F 231 28.42 13.00 -13.06
N VAL F 232 29.16 13.02 -14.16
CA VAL F 232 30.53 13.63 -14.27
C VAL F 232 30.42 14.72 -15.34
N LYS F 233 30.69 15.98 -14.95
CA LYS F 233 30.50 17.17 -15.81
C LYS F 233 31.84 17.90 -16.02
N GLU F 234 32.17 18.20 -17.27
CA GLU F 234 33.17 19.23 -17.67
C GLU F 234 32.43 20.58 -17.70
N GLY F 235 32.18 21.14 -16.51
CA GLY F 235 31.37 22.36 -16.32
C GLY F 235 29.89 22.10 -16.57
N GLU F 236 29.51 22.04 -17.84
CA GLU F 236 28.08 22.05 -18.32
C GLU F 236 27.75 20.74 -19.02
N ASN F 237 28.58 20.34 -20.00
CA ASN F 237 28.52 19.04 -20.71
C ASN F 237 28.62 17.88 -19.71
N VAL F 238 27.68 16.93 -19.75
CA VAL F 238 27.78 15.63 -19.02
C VAL F 238 28.68 14.70 -19.84
N VAL F 239 29.84 14.33 -19.30
CA VAL F 239 30.92 13.60 -20.02
C VAL F 239 30.99 12.14 -19.55
N GLY F 240 30.29 11.76 -18.46
CA GLY F 240 30.34 10.38 -17.92
C GLY F 240 29.32 10.10 -16.83
N SER F 241 29.54 8.98 -16.13
CA SER F 241 28.70 8.45 -15.01
C SER F 241 29.57 8.11 -13.81
N GLU F 242 29.12 8.47 -12.61
CA GLU F 242 29.69 8.04 -11.31
C GLU F 242 28.95 6.76 -10.91
N THR F 243 29.69 5.68 -10.65
CA THR F 243 29.18 4.28 -10.64
C THR F 243 29.52 3.61 -9.29
N ARG F 244 28.66 2.73 -8.79
CA ARG F 244 28.92 1.93 -7.56
C ARG F 244 28.59 0.44 -7.79
N VAL F 245 29.54 -0.44 -7.46
CA VAL F 245 29.37 -1.91 -7.57
C VAL F 245 29.38 -2.53 -6.17
N LYS F 246 28.26 -3.08 -5.70
CA LYS F 246 28.21 -3.97 -4.51
C LYS F 246 28.52 -5.41 -4.88
N VAL F 247 29.40 -6.07 -4.13
CA VAL F 247 29.59 -7.55 -4.19
C VAL F 247 28.56 -8.19 -3.25
N VAL F 248 27.49 -8.73 -3.81
CA VAL F 248 26.26 -9.20 -3.12
C VAL F 248 26.38 -10.69 -2.76
N LYS F 249 27.25 -11.43 -3.44
CA LYS F 249 27.61 -12.82 -3.15
C LYS F 249 29.06 -13.04 -3.55
N ASN F 250 29.82 -13.77 -2.75
CA ASN F 250 31.24 -14.09 -3.03
C ASN F 250 31.56 -15.41 -2.34
N LYS F 251 31.99 -16.42 -3.10
CA LYS F 251 32.48 -17.72 -2.56
C LYS F 251 34.02 -17.79 -2.57
N ILE F 252 34.74 -16.88 -3.22
CA ILE F 252 36.23 -16.94 -3.27
C ILE F 252 36.86 -15.98 -2.24
N ALA F 253 36.05 -15.15 -1.57
CA ALA F 253 36.49 -14.17 -0.56
C ALA F 253 35.27 -13.61 0.18
N ALA F 254 35.47 -12.73 1.16
CA ALA F 254 34.40 -12.24 2.05
C ALA F 254 33.54 -11.26 1.28
N PRO F 255 32.20 -11.34 1.35
CA PRO F 255 31.32 -10.45 0.61
C PRO F 255 30.90 -9.13 1.27
N PHE F 256 30.06 -8.37 0.56
CA PHE F 256 29.36 -7.13 0.95
C PHE F 256 30.29 -5.92 0.90
N LYS F 257 31.47 -6.06 0.32
CA LYS F 257 32.34 -4.90 0.03
C LYS F 257 31.79 -4.18 -1.19
N GLN F 258 32.31 -2.99 -1.49
CA GLN F 258 31.86 -2.19 -2.67
C GLN F 258 33.01 -1.37 -3.24
N ALA F 259 32.81 -0.90 -4.47
CA ALA F 259 33.78 -0.15 -5.26
C ALA F 259 33.07 1.05 -5.90
N GLU F 260 33.77 2.17 -6.03
CA GLU F 260 33.27 3.40 -6.70
C GLU F 260 34.32 3.79 -7.74
N PHE F 261 33.85 4.16 -8.92
CA PHE F 261 34.70 4.55 -10.07
C PHE F 261 33.83 5.32 -11.04
N GLN F 262 34.45 5.85 -12.10
CA GLN F 262 33.80 6.67 -13.14
C GLN F 262 33.85 5.94 -14.48
N ILE F 263 32.72 5.91 -15.19
CA ILE F 263 32.65 5.49 -16.62
C ILE F 263 32.60 6.77 -17.45
N LEU F 264 33.61 7.03 -18.28
CA LEU F 264 33.68 8.20 -19.20
C LEU F 264 33.35 7.75 -20.62
N TYR F 265 32.43 8.45 -21.28
CA TYR F 265 31.80 8.03 -22.56
C TYR F 265 32.85 8.07 -23.68
N GLY F 266 33.17 6.89 -24.23
CA GLY F 266 34.11 6.71 -25.34
C GLY F 266 35.51 6.35 -24.88
N GLU F 267 35.72 6.22 -23.56
CA GLU F 267 37.02 5.82 -22.96
C GLU F 267 36.82 4.53 -22.16
N GLY F 268 35.82 4.49 -21.28
CA GLY F 268 35.51 3.35 -20.40
C GLY F 268 35.70 3.71 -18.94
N ILE F 269 36.27 2.80 -18.14
CA ILE F 269 36.48 3.01 -16.68
C ILE F 269 37.71 3.90 -16.51
N ASN F 270 37.62 4.88 -15.61
CA ASN F 270 38.70 5.83 -15.28
C ASN F 270 39.67 5.14 -14.31
N PHE F 271 40.75 4.56 -14.83
CA PHE F 271 41.78 3.81 -14.05
C PHE F 271 42.55 4.77 -13.13
N TYR F 272 42.96 5.93 -13.64
CA TYR F 272 43.75 6.94 -12.89
C TYR F 272 42.88 7.64 -11.84
N GLY F 273 41.59 7.86 -12.13
CA GLY F 273 40.60 8.37 -11.17
C GLY F 273 40.52 7.54 -9.91
N GLU F 274 40.60 6.20 -10.04
CA GLU F 274 40.70 5.23 -8.91
C GLU F 274 42.05 5.38 -8.20
N LEU F 275 43.13 5.38 -8.98
CA LEU F 275 44.56 5.35 -8.50
C LEU F 275 44.87 6.58 -7.66
N VAL F 276 44.23 7.73 -7.94
CA VAL F 276 44.20 8.95 -7.07
C VAL F 276 43.56 8.57 -5.72
N ASP F 277 42.29 8.16 -5.76
CA ASP F 277 41.41 7.92 -4.58
C ASP F 277 42.01 6.84 -3.64
N LEU F 278 42.72 5.85 -4.18
CA LEU F 278 43.37 4.76 -3.38
C LEU F 278 44.73 5.24 -2.84
N GLY F 279 45.48 6.03 -3.62
CA GLY F 279 46.69 6.73 -3.16
C GLY F 279 46.41 7.69 -2.00
N VAL F 280 45.24 8.33 -2.01
CA VAL F 280 44.78 9.31 -0.97
C VAL F 280 44.57 8.56 0.36
N LYS F 281 43.74 7.51 0.35
CA LYS F 281 43.31 6.78 1.58
C LYS F 281 44.49 5.98 2.16
N GLU F 282 45.49 5.60 1.33
CA GLU F 282 46.72 4.88 1.75
C GLU F 282 47.88 5.85 2.06
N LYS F 283 47.61 7.17 2.14
CA LYS F 283 48.55 8.21 2.65
C LYS F 283 49.77 8.35 1.73
N LEU F 284 49.60 8.14 0.41
CA LEU F 284 50.66 8.35 -0.63
C LEU F 284 50.40 9.63 -1.44
N ILE F 285 49.17 10.18 -1.38
CA ILE F 285 48.79 11.50 -1.97
C ILE F 285 48.13 12.33 -0.86
N GLU F 286 48.60 13.57 -0.65
CA GLU F 286 48.12 14.50 0.41
C GLU F 286 47.11 15.46 -0.20
N LYS F 287 45.83 15.35 0.22
CA LYS F 287 44.72 16.25 -0.20
C LYS F 287 44.50 17.29 0.91
N ALA F 288 45.21 18.43 0.82
CA ALA F 288 45.10 19.60 1.74
C ALA F 288 43.92 20.47 1.30
N GLY F 289 42.70 20.09 1.69
CA GLY F 289 41.43 20.76 1.32
C GLY F 289 40.91 20.26 -0.02
N ALA F 290 41.29 20.93 -1.11
CA ALA F 290 41.03 20.55 -2.52
C ALA F 290 42.31 20.62 -3.36
N TRP F 291 43.48 20.46 -2.73
CA TRP F 291 44.84 20.52 -3.36
C TRP F 291 45.54 19.16 -3.19
N TYR F 292 45.58 18.36 -4.27
CA TYR F 292 46.27 17.06 -4.34
C TYR F 292 47.77 17.31 -4.45
N SER F 293 48.58 16.66 -3.60
CA SER F 293 50.05 16.83 -3.49
C SER F 293 50.75 15.47 -3.39
N TYR F 294 51.77 15.22 -4.21
CA TYR F 294 52.59 13.98 -4.22
C TYR F 294 53.98 14.29 -3.66
N LYS F 295 54.18 14.01 -2.36
CA LYS F 295 55.45 14.21 -1.60
C LYS F 295 55.83 15.70 -1.58
N GLY F 296 54.86 16.59 -1.33
CA GLY F 296 55.04 18.06 -1.29
C GLY F 296 54.69 18.72 -2.61
N GLU F 297 55.18 18.17 -3.73
CA GLU F 297 54.94 18.65 -5.12
C GLU F 297 53.42 18.71 -5.39
N LYS F 298 52.90 19.90 -5.67
CA LYS F 298 51.45 20.15 -5.95
C LYS F 298 51.10 19.60 -7.33
N ILE F 299 50.53 18.39 -7.38
CA ILE F 299 50.19 17.67 -8.65
C ILE F 299 48.99 18.36 -9.33
N GLY F 300 48.08 18.96 -8.57
CA GLY F 300 46.98 19.79 -9.12
C GLY F 300 45.95 20.17 -8.07
N GLN F 301 44.90 20.87 -8.51
CA GLN F 301 43.71 21.26 -7.71
C GLN F 301 42.44 20.78 -8.45
N GLY F 302 41.58 20.03 -7.75
CA GLY F 302 40.46 19.28 -8.37
C GLY F 302 40.94 17.94 -8.89
N LYS F 303 40.13 16.89 -8.76
CA LYS F 303 40.54 15.48 -9.02
C LYS F 303 40.78 15.27 -10.54
N ALA F 304 40.11 16.04 -11.40
CA ALA F 304 40.25 16.01 -12.87
C ALA F 304 41.65 16.46 -13.31
N ASN F 305 42.18 17.53 -12.68
CA ASN F 305 43.52 18.10 -12.96
C ASN F 305 44.62 17.19 -12.38
N ALA F 306 44.38 16.61 -11.20
CA ALA F 306 45.26 15.62 -10.52
C ALA F 306 45.36 14.34 -11.38
N THR F 307 44.24 13.91 -11.97
CA THR F 307 44.13 12.77 -12.93
C THR F 307 44.91 13.10 -14.21
N ALA F 308 44.74 14.32 -14.72
CA ALA F 308 45.43 14.84 -15.94
C ALA F 308 46.96 14.92 -15.71
N TRP F 309 47.39 15.17 -14.46
CA TRP F 309 48.82 15.21 -14.05
C TRP F 309 49.42 13.79 -14.07
N LEU F 310 48.70 12.81 -13.50
CA LEU F 310 49.12 11.37 -13.45
C LEU F 310 49.23 10.81 -14.88
N LYS F 311 48.35 11.24 -15.79
CA LYS F 311 48.41 10.95 -17.25
C LYS F 311 49.78 11.36 -17.84
N ASP F 312 50.17 12.63 -17.60
CA ASP F 312 51.39 13.27 -18.16
C ASP F 312 52.67 12.60 -17.64
N ASN F 313 52.63 12.01 -16.44
CA ASN F 313 53.79 11.36 -15.76
C ASN F 313 53.50 9.87 -15.57
N PRO F 314 53.82 8.99 -16.56
CA PRO F 314 53.66 7.54 -16.39
C PRO F 314 54.49 6.92 -15.25
N GLU F 315 55.62 7.53 -14.87
CA GLU F 315 56.57 7.04 -13.82
C GLU F 315 55.92 7.13 -12.42
N THR F 316 55.21 8.23 -12.13
CA THR F 316 54.49 8.46 -10.84
C THR F 316 53.33 7.48 -10.70
N ALA F 317 52.56 7.28 -11.78
CA ALA F 317 51.39 6.35 -11.84
C ALA F 317 51.86 4.89 -11.68
N LYS F 318 53.01 4.53 -12.25
CA LYS F 318 53.64 3.18 -12.13
C LYS F 318 53.93 2.85 -10.66
N GLU F 319 54.54 3.80 -9.94
CA GLU F 319 55.11 3.58 -8.57
C GLU F 319 54.00 3.65 -7.52
N ILE F 320 52.97 4.50 -7.69
CA ILE F 320 51.77 4.56 -6.82
C ILE F 320 50.96 3.25 -6.99
N GLU F 321 50.85 2.74 -8.22
CA GLU F 321 50.16 1.46 -8.56
C GLU F 321 50.87 0.30 -7.83
N LYS F 322 52.20 0.21 -7.95
CA LYS F 322 53.07 -0.73 -7.19
C LYS F 322 52.65 -0.75 -5.71
N LYS F 323 52.70 0.43 -5.08
CA LYS F 323 52.54 0.66 -3.61
C LYS F 323 51.12 0.19 -3.20
N VAL F 324 50.09 0.66 -3.92
CA VAL F 324 48.64 0.34 -3.68
C VAL F 324 48.39 -1.16 -3.88
N ARG F 325 48.97 -1.76 -4.93
CA ARG F 325 48.86 -3.22 -5.23
C ARG F 325 49.48 -4.04 -4.10
N GLU F 326 50.72 -3.71 -3.70
CA GLU F 326 51.44 -4.34 -2.55
C GLU F 326 50.56 -4.34 -1.30
N LEU F 327 49.96 -3.19 -0.97
CA LEU F 327 49.26 -2.92 0.32
C LEU F 327 47.88 -3.60 0.35
N LEU F 328 47.00 -3.25 -0.60
CA LEU F 328 45.52 -3.45 -0.49
C LEU F 328 45.08 -4.80 -1.08
N LEU F 329 45.71 -5.29 -2.16
CA LEU F 329 45.39 -6.62 -2.75
C LEU F 329 45.53 -7.68 -1.65
N SER F 330 44.41 -8.31 -1.28
CA SER F 330 44.27 -9.22 -0.10
C SER F 330 44.91 -10.60 -0.38
N ASN F 331 44.85 -11.08 -1.64
CA ASN F 331 45.44 -12.37 -2.10
C ASN F 331 46.34 -12.15 -3.32
N PRO F 332 47.53 -11.50 -3.20
CA PRO F 332 48.50 -11.46 -4.30
C PRO F 332 49.31 -12.77 -4.31
N ASN F 333 49.05 -13.64 -5.29
CA ASN F 333 49.69 -14.98 -5.45
C ASN F 333 51.01 -14.83 -6.23
N SER F 334 51.00 -14.03 -7.31
CA SER F 334 52.19 -13.70 -8.14
C SER F 334 53.11 -12.74 -7.40
N ALA G 2 2.66 -77.12 27.20
CA ALA G 2 2.56 -78.23 26.18
C ALA G 2 2.75 -77.67 24.76
N ILE G 3 1.93 -76.69 24.38
CA ILE G 3 1.91 -76.04 23.02
C ILE G 3 2.99 -74.94 23.00
N ASP G 4 3.17 -74.22 24.12
CA ASP G 4 4.27 -73.24 24.35
C ASP G 4 5.59 -73.84 23.87
N GLU G 5 5.92 -75.04 24.37
CA GLU G 5 7.17 -75.80 24.05
C GLU G 5 7.26 -76.10 22.54
N ASN G 6 6.17 -76.56 21.92
CA ASN G 6 6.08 -76.87 20.47
C ASN G 6 6.24 -75.61 19.62
N LYS G 7 5.69 -74.47 20.08
CA LYS G 7 5.85 -73.14 19.43
C LYS G 7 7.30 -72.66 19.56
N GLN G 8 7.89 -72.76 20.76
CA GLN G 8 9.30 -72.33 21.05
C GLN G 8 10.30 -73.15 20.22
N LYS G 9 10.00 -74.41 19.92
CA LYS G 9 10.90 -75.33 19.15
C LYS G 9 10.76 -75.06 17.64
N ALA G 10 9.53 -74.83 17.15
CA ALA G 10 9.23 -74.41 15.75
C ALA G 10 9.90 -73.07 15.45
N LEU G 11 9.93 -72.15 16.43
CA LEU G 11 10.60 -70.82 16.35
C LEU G 11 12.11 -71.02 16.28
N ALA G 12 12.69 -71.76 17.23
CA ALA G 12 14.14 -72.06 17.36
C ALA G 12 14.66 -72.76 16.10
N ALA G 13 13.87 -73.67 15.51
CA ALA G 13 14.18 -74.39 14.25
C ALA G 13 14.23 -73.42 13.06
N ALA G 14 13.22 -72.56 12.93
CA ALA G 14 13.08 -71.54 11.87
C ALA G 14 14.25 -70.54 11.94
N LEU G 15 14.55 -70.03 13.14
CA LEU G 15 15.67 -69.08 13.41
C LEU G 15 17.02 -69.74 13.10
N GLY G 16 17.16 -71.03 13.39
CA GLY G 16 18.33 -71.85 12.99
C GLY G 16 18.46 -71.94 11.47
N GLN G 17 17.35 -72.20 10.78
CA GLN G 17 17.28 -72.37 9.29
C GLN G 17 17.56 -71.04 8.60
N ILE G 18 16.99 -69.93 9.10
CA ILE G 18 17.20 -68.54 8.57
C ILE G 18 18.68 -68.17 8.70
N GLU G 19 19.28 -68.41 9.87
CA GLU G 19 20.70 -68.04 10.18
C GLU G 19 21.66 -68.90 9.34
N LYS G 20 21.33 -70.17 9.10
CA LYS G 20 22.09 -71.07 8.21
C LYS G 20 22.08 -70.52 6.77
N GLN G 21 20.89 -70.21 6.25
CA GLN G 21 20.64 -69.82 4.83
C GLN G 21 21.33 -68.49 4.51
N PHE G 22 21.15 -67.47 5.36
CA PHE G 22 21.49 -66.04 5.08
C PHE G 22 22.76 -65.59 5.80
N GLY G 23 23.10 -66.18 6.96
CA GLY G 23 24.28 -65.82 7.77
C GLY G 23 23.91 -65.53 9.20
N LYS G 24 24.91 -65.26 10.05
CA LYS G 24 24.85 -65.39 11.53
C LYS G 24 23.83 -64.41 12.13
N GLY G 25 24.01 -63.10 11.91
CA GLY G 25 23.18 -62.04 12.50
C GLY G 25 22.02 -61.62 11.60
N SER G 26 21.48 -62.55 10.80
CA SER G 26 20.37 -62.34 9.82
C SER G 26 19.07 -62.00 10.54
N ILE G 27 18.83 -62.64 11.68
CA ILE G 27 17.67 -62.36 12.57
C ILE G 27 18.12 -62.56 14.03
N MET G 28 17.65 -61.70 14.93
CA MET G 28 17.87 -61.83 16.39
C MET G 28 16.89 -60.95 17.14
N ARG G 29 16.85 -61.08 18.47
CA ARG G 29 16.06 -60.20 19.38
C ARG G 29 16.69 -58.81 19.36
N LEU G 30 15.85 -57.77 19.24
CA LEU G 30 16.26 -56.34 19.07
C LEU G 30 17.06 -55.86 20.29
N GLY G 31 16.78 -56.42 21.47
CA GLY G 31 17.46 -56.10 22.74
C GLY G 31 18.92 -56.53 22.75
N GLU G 32 19.30 -57.56 21.98
CA GLU G 32 20.68 -58.13 21.98
C GLU G 32 21.48 -57.65 20.73
N ASP G 33 20.93 -56.69 19.96
CA ASP G 33 21.54 -56.20 18.69
C ASP G 33 22.23 -54.86 18.96
N ARG G 34 23.55 -54.90 19.18
CA ARG G 34 24.40 -53.70 19.43
C ARG G 34 24.53 -52.85 18.16
N SER G 35 24.47 -53.48 16.97
CA SER G 35 24.47 -52.83 15.63
C SER G 35 23.46 -51.68 15.56
N MET G 36 22.30 -51.82 16.21
CA MET G 36 21.11 -50.93 16.08
C MET G 36 21.08 -49.86 17.18
N ASP G 37 22.13 -49.76 18.00
CA ASP G 37 22.35 -48.61 18.91
C ASP G 37 22.72 -47.38 18.06
N VAL G 38 22.10 -46.24 18.37
CA VAL G 38 22.35 -44.93 17.69
C VAL G 38 23.61 -44.30 18.31
N GLU G 39 24.68 -44.17 17.51
CA GLU G 39 25.92 -43.42 17.80
C GLU G 39 25.86 -42.09 17.03
N THR G 40 26.36 -40.99 17.62
CA THR G 40 26.29 -39.62 17.04
C THR G 40 27.69 -38.98 16.91
N ILE G 41 27.74 -37.87 16.16
CA ILE G 41 28.93 -37.03 15.83
C ILE G 41 28.56 -35.56 16.05
N SER G 42 29.48 -34.73 16.54
CA SER G 42 29.27 -33.27 16.73
C SER G 42 29.03 -32.58 15.38
N THR G 43 28.14 -31.58 15.34
CA THR G 43 27.90 -30.69 14.18
C THR G 43 28.90 -29.53 14.14
N GLY G 44 29.73 -29.34 15.18
CA GLY G 44 30.55 -28.13 15.36
C GLY G 44 29.70 -26.92 15.74
N SER G 45 28.56 -27.14 16.41
CA SER G 45 27.63 -26.13 16.93
C SER G 45 26.88 -26.71 18.14
N LEU G 46 26.93 -26.06 19.29
CA LEU G 46 26.34 -26.61 20.54
C LEU G 46 24.81 -26.47 20.53
N SER G 47 24.28 -25.37 19.99
CA SER G 47 22.82 -25.11 19.92
C SER G 47 22.14 -26.11 18.99
N LEU G 48 22.86 -26.59 17.96
CA LEU G 48 22.36 -27.59 16.99
C LEU G 48 22.48 -29.01 17.56
N ASP G 49 23.56 -29.34 18.27
CA ASP G 49 23.70 -30.65 18.98
C ASP G 49 22.57 -30.82 20.01
N ILE G 50 22.10 -29.73 20.63
CA ILE G 50 20.94 -29.74 21.57
C ILE G 50 19.64 -29.87 20.78
N ALA G 51 19.48 -29.12 19.68
CA ALA G 51 18.26 -29.15 18.85
C ALA G 51 17.98 -30.57 18.35
N LEU G 52 19.03 -31.24 17.91
CA LEU G 52 18.98 -32.63 17.37
C LEU G 52 18.63 -33.64 18.46
N GLY G 53 18.85 -33.32 19.74
CA GLY G 53 18.33 -34.09 20.88
C GLY G 53 19.31 -35.16 21.34
N ALA G 54 19.88 -35.93 20.41
CA ALA G 54 20.80 -37.05 20.69
C ALA G 54 22.27 -36.57 20.72
N GLY G 55 22.52 -35.25 20.63
CA GLY G 55 23.86 -34.66 20.75
C GLY G 55 24.68 -34.76 19.47
N GLY G 56 24.01 -34.72 18.32
CA GLY G 56 24.68 -34.68 17.01
C GLY G 56 23.94 -35.44 15.94
N LEU G 57 24.64 -35.69 14.83
CA LEU G 57 24.08 -36.41 13.65
C LEU G 57 24.38 -37.90 13.80
N PRO G 58 23.43 -38.79 13.42
CA PRO G 58 23.59 -40.23 13.61
C PRO G 58 24.46 -40.94 12.56
N MET G 59 25.38 -41.80 13.01
CA MET G 59 26.17 -42.66 12.09
C MET G 59 25.26 -43.73 11.50
N GLY G 60 25.61 -44.22 10.30
CA GLY G 60 24.87 -45.27 9.56
C GLY G 60 23.59 -44.76 8.92
N ARG G 61 23.39 -43.45 8.86
CA ARG G 61 22.14 -42.81 8.36
C ARG G 61 22.45 -41.79 7.27
N ILE G 62 21.39 -41.31 6.64
CA ILE G 62 21.36 -40.24 5.60
C ILE G 62 20.81 -38.96 6.25
N VAL G 63 21.42 -37.82 5.95
CA VAL G 63 21.02 -36.47 6.45
C VAL G 63 20.86 -35.53 5.25
N GLU G 64 19.83 -34.68 5.26
CA GLU G 64 19.59 -33.65 4.22
C GLU G 64 19.72 -32.27 4.86
N ILE G 65 20.49 -31.38 4.23
CA ILE G 65 20.65 -29.95 4.62
C ILE G 65 20.22 -29.12 3.41
N TYR G 66 19.15 -28.36 3.53
CA TYR G 66 18.65 -27.49 2.44
C TYR G 66 18.50 -26.06 2.93
N GLY G 67 18.40 -25.15 1.98
CA GLY G 67 18.19 -23.72 2.26
C GLY G 67 18.42 -22.86 1.04
N PRO G 68 18.16 -21.54 1.15
CA PRO G 68 18.35 -20.61 0.05
C PRO G 68 19.83 -20.34 -0.27
N GLU G 69 20.07 -19.45 -1.23
CA GLU G 69 21.46 -19.05 -1.57
C GLU G 69 22.13 -18.40 -0.36
N SER G 70 23.38 -18.80 -0.12
CA SER G 70 24.36 -18.23 0.85
C SER G 70 23.84 -18.28 2.29
N SER G 71 23.23 -19.39 2.67
CA SER G 71 22.64 -19.63 4.01
C SER G 71 23.62 -20.34 4.96
N GLY G 72 24.73 -20.86 4.45
CA GLY G 72 25.78 -21.52 5.25
C GLY G 72 25.77 -23.05 5.18
N LYS G 73 25.25 -23.65 4.11
CA LYS G 73 25.09 -25.12 3.93
C LYS G 73 26.46 -25.78 3.75
N THR G 74 27.33 -25.26 2.90
CA THR G 74 28.71 -25.77 2.69
C THR G 74 29.55 -25.53 3.94
N THR G 75 29.50 -24.32 4.52
CA THR G 75 30.25 -23.97 5.76
C THR G 75 29.86 -24.98 6.84
N LEU G 76 28.56 -25.17 7.08
CA LEU G 76 28.05 -26.05 8.16
C LEU G 76 28.61 -27.46 8.00
N THR G 77 28.58 -28.00 6.79
CA THR G 77 28.96 -29.40 6.51
C THR G 77 30.48 -29.55 6.52
N LEU G 78 31.28 -28.50 6.28
CA LEU G 78 32.77 -28.51 6.46
C LEU G 78 33.15 -28.50 7.95
N GLN G 79 32.37 -27.82 8.79
CA GLN G 79 32.56 -27.81 10.27
C GLN G 79 32.32 -29.23 10.82
N VAL G 80 31.31 -29.95 10.32
CA VAL G 80 31.04 -31.39 10.64
C VAL G 80 32.29 -32.21 10.33
N ILE G 81 32.81 -32.13 9.10
CA ILE G 81 34.04 -32.85 8.67
C ILE G 81 35.23 -32.51 9.60
N ALA G 82 35.43 -31.23 9.90
CA ALA G 82 36.55 -30.74 10.74
C ALA G 82 36.49 -31.42 12.12
N ALA G 83 35.32 -31.42 12.74
CA ALA G 83 35.03 -32.08 14.05
C ALA G 83 35.36 -33.58 14.00
N ALA G 84 34.98 -34.26 12.92
CA ALA G 84 35.18 -35.71 12.71
C ALA G 84 36.66 -36.00 12.47
N GLN G 85 37.39 -35.19 11.70
CA GLN G 85 38.85 -35.39 11.43
C GLN G 85 39.63 -35.31 12.76
N ARG G 86 39.24 -34.41 13.66
CA ARG G 86 39.86 -34.22 15.00
C ARG G 86 39.72 -35.50 15.86
N GLU G 87 38.69 -36.32 15.61
CA GLU G 87 38.44 -37.63 16.26
C GLU G 87 38.93 -38.80 15.39
N GLY G 88 39.95 -38.58 14.54
CA GLY G 88 40.64 -39.65 13.79
C GLY G 88 39.74 -40.39 12.82
N LYS G 89 38.75 -39.70 12.23
CA LYS G 89 37.86 -40.26 11.18
C LYS G 89 38.33 -39.77 9.80
N THR G 90 38.09 -40.60 8.78
CA THR G 90 38.38 -40.33 7.36
C THR G 90 37.09 -39.77 6.73
N CYS G 91 37.19 -38.70 5.95
CA CYS G 91 36.03 -37.99 5.36
C CYS G 91 36.24 -37.76 3.86
N ALA G 92 35.15 -37.72 3.11
CA ALA G 92 35.16 -37.49 1.65
C ALA G 92 34.17 -36.38 1.29
N PHE G 93 34.53 -35.54 0.32
CA PHE G 93 33.66 -34.45 -0.20
C PHE G 93 33.44 -34.70 -1.69
N ILE G 94 32.18 -34.91 -2.10
CA ILE G 94 31.77 -35.07 -3.52
C ILE G 94 31.20 -33.71 -3.98
N ASP G 95 32.00 -32.95 -4.75
CA ASP G 95 31.72 -31.53 -5.11
C ASP G 95 31.09 -31.47 -6.50
N ALA G 96 29.81 -31.82 -6.61
CA ALA G 96 29.04 -31.85 -7.88
C ALA G 96 28.81 -30.43 -8.43
N GLU G 97 28.74 -29.42 -7.57
CA GLU G 97 28.57 -27.98 -7.94
C GLU G 97 29.84 -27.43 -8.59
N HIS G 98 30.99 -28.03 -8.32
CA HIS G 98 32.33 -27.57 -8.80
C HIS G 98 32.61 -26.18 -8.21
N ALA G 99 32.48 -26.03 -6.89
CA ALA G 99 32.55 -24.72 -6.20
C ALA G 99 33.09 -24.85 -4.76
N LEU G 100 34.08 -25.71 -4.54
CA LEU G 100 34.78 -25.81 -3.23
C LEU G 100 36.13 -25.09 -3.32
N ASP G 101 36.41 -24.21 -2.36
CA ASP G 101 37.70 -23.48 -2.18
C ASP G 101 38.52 -24.21 -1.12
N PRO G 102 39.68 -24.84 -1.46
CA PRO G 102 40.48 -25.54 -0.45
C PRO G 102 41.12 -24.63 0.60
N ILE G 103 41.42 -23.37 0.27
CA ILE G 103 41.98 -22.38 1.24
C ILE G 103 40.93 -22.07 2.31
N TYR G 104 39.67 -21.85 1.92
CA TYR G 104 38.58 -21.54 2.88
C TYR G 104 38.37 -22.75 3.77
N ALA G 105 38.45 -23.96 3.21
CA ALA G 105 38.28 -25.23 3.97
C ALA G 105 39.37 -25.37 5.03
N ARG G 106 40.61 -25.05 4.70
CA ARG G 106 41.76 -25.01 5.65
C ARG G 106 41.47 -24.04 6.80
N LYS G 107 40.93 -22.86 6.51
CA LYS G 107 40.60 -21.83 7.53
C LYS G 107 39.49 -22.27 8.48
N LEU G 108 38.53 -23.12 8.05
CA LEU G 108 37.46 -23.63 8.94
C LEU G 108 37.96 -24.84 9.75
N GLY G 109 39.22 -25.29 9.54
CA GLY G 109 39.87 -26.30 10.39
C GLY G 109 39.98 -27.67 9.75
N VAL G 110 39.61 -27.82 8.49
CA VAL G 110 39.64 -29.13 7.77
C VAL G 110 41.10 -29.42 7.46
N ASP G 111 41.56 -30.66 7.73
CA ASP G 111 42.91 -31.16 7.38
C ASP G 111 42.89 -31.59 5.92
N ILE G 112 43.09 -30.64 4.98
CA ILE G 112 42.76 -30.87 3.54
C ILE G 112 43.73 -31.86 2.89
N ASP G 113 44.83 -32.21 3.54
CA ASP G 113 45.77 -33.26 3.05
C ASP G 113 45.24 -34.68 3.34
N ASN G 114 44.14 -34.84 4.10
CA ASN G 114 43.46 -36.14 4.39
C ASN G 114 41.97 -36.12 4.03
N LEU G 115 41.48 -35.06 3.38
CA LEU G 115 40.09 -34.99 2.87
C LEU G 115 40.09 -35.60 1.47
N LEU G 116 39.36 -36.68 1.24
CA LEU G 116 39.20 -37.25 -0.13
C LEU G 116 38.23 -36.35 -0.90
N CYS G 117 38.59 -35.94 -2.11
CA CYS G 117 37.74 -35.03 -2.92
C CYS G 117 37.51 -35.63 -4.29
N SER G 118 36.28 -35.54 -4.80
CA SER G 118 35.88 -35.89 -6.17
C SER G 118 35.06 -34.75 -6.78
N GLN G 119 35.32 -34.41 -8.05
CA GLN G 119 34.52 -33.46 -8.88
C GLN G 119 33.94 -34.25 -10.05
N PRO G 120 32.80 -34.95 -9.87
CA PRO G 120 32.36 -35.96 -10.83
C PRO G 120 31.59 -35.36 -12.01
N ASP G 121 31.69 -35.99 -13.17
CA ASP G 121 31.14 -35.49 -14.47
C ASP G 121 29.62 -35.66 -14.51
N THR G 122 29.10 -36.75 -13.96
CA THR G 122 27.66 -37.13 -14.00
C THR G 122 27.16 -37.42 -12.58
N GLY G 123 25.84 -37.37 -12.39
CA GLY G 123 25.13 -37.79 -11.17
C GLY G 123 25.34 -39.26 -10.85
N GLU G 124 25.36 -40.14 -11.86
CA GLU G 124 25.60 -41.60 -11.72
C GLU G 124 27.01 -41.84 -11.19
N GLN G 125 28.02 -41.21 -11.80
CA GLN G 125 29.44 -41.30 -11.35
C GLN G 125 29.56 -40.89 -9.88
N ALA G 126 28.92 -39.78 -9.50
CA ALA G 126 28.92 -39.23 -8.12
C ALA G 126 28.37 -40.25 -7.12
N LEU G 127 27.23 -40.89 -7.45
CA LEU G 127 26.52 -41.83 -6.55
C LEU G 127 27.17 -43.23 -6.54
N GLU G 128 27.84 -43.63 -7.62
CA GLU G 128 28.64 -44.89 -7.67
C GLU G 128 29.90 -44.75 -6.82
N ILE G 129 30.48 -43.55 -6.69
CA ILE G 129 31.63 -43.27 -5.79
C ILE G 129 31.16 -43.33 -4.33
N CYS G 130 29.98 -42.78 -4.01
CA CYS G 130 29.33 -42.85 -2.66
C CYS G 130 29.13 -44.31 -2.23
N ASP G 131 28.73 -45.18 -3.16
CA ASP G 131 28.48 -46.62 -2.88
C ASP G 131 29.84 -47.31 -2.67
N ALA G 132 30.80 -47.09 -3.56
CA ALA G 132 32.18 -47.65 -3.50
C ALA G 132 32.88 -47.33 -2.18
N LEU G 133 32.72 -46.09 -1.69
CA LEU G 133 33.34 -45.62 -0.42
C LEU G 133 32.58 -46.19 0.78
N ALA G 134 31.24 -46.30 0.71
CA ALA G 134 30.38 -46.87 1.77
C ALA G 134 30.71 -48.35 2.00
N ARG G 135 30.79 -49.15 0.93
CA ARG G 135 31.11 -50.61 0.98
C ARG G 135 32.52 -50.86 1.55
N SER G 136 33.49 -49.98 1.27
CA SER G 136 34.92 -50.11 1.67
C SER G 136 35.06 -50.26 3.19
N GLY G 137 34.18 -49.59 3.96
CA GLY G 137 34.21 -49.57 5.44
C GLY G 137 35.28 -48.64 6.01
N ALA G 138 35.97 -47.87 5.16
CA ALA G 138 37.16 -47.05 5.51
C ALA G 138 36.79 -45.57 5.74
N VAL G 139 35.70 -45.10 5.13
CA VAL G 139 35.23 -43.69 5.20
C VAL G 139 34.10 -43.58 6.24
N ASP G 140 34.16 -42.58 7.12
CA ASP G 140 33.19 -42.35 8.22
C ASP G 140 32.14 -41.31 7.82
N VAL G 141 32.54 -40.22 7.14
CA VAL G 141 31.63 -39.10 6.72
C VAL G 141 31.80 -38.87 5.22
N ILE G 142 30.70 -38.84 4.47
CA ILE G 142 30.67 -38.41 3.04
C ILE G 142 29.72 -37.22 2.91
N VAL G 143 30.15 -36.15 2.24
CA VAL G 143 29.30 -34.96 1.94
C VAL G 143 29.13 -34.86 0.42
N VAL G 144 27.88 -34.80 -0.06
CA VAL G 144 27.51 -34.67 -1.50
C VAL G 144 26.94 -33.27 -1.73
N ASP G 145 27.75 -32.36 -2.30
CA ASP G 145 27.39 -30.93 -2.36
C ASP G 145 26.49 -30.68 -3.58
N SER G 146 25.22 -30.40 -3.23
CA SER G 146 24.04 -30.18 -4.08
C SER G 146 23.75 -31.42 -4.91
N VAL G 147 22.65 -32.05 -4.49
CA VAL G 147 21.71 -32.92 -5.25
C VAL G 147 21.29 -32.25 -6.55
N ALA G 148 21.12 -30.92 -6.58
CA ALA G 148 20.65 -30.14 -7.75
C ALA G 148 21.64 -30.28 -8.93
N ALA G 149 22.92 -30.42 -8.65
CA ALA G 149 23.98 -30.53 -9.67
C ALA G 149 24.24 -31.98 -10.09
N LEU G 150 23.53 -32.96 -9.53
CA LEU G 150 23.65 -34.40 -9.91
C LEU G 150 22.88 -34.61 -11.21
N THR G 151 23.52 -34.34 -12.35
CA THR G 151 22.91 -34.43 -13.70
C THR G 151 22.96 -35.89 -14.14
N PRO G 152 21.86 -36.50 -14.65
CA PRO G 152 21.95 -37.80 -15.32
C PRO G 152 22.76 -37.75 -16.63
N LYS G 153 23.36 -38.89 -17.01
CA LYS G 153 24.28 -39.00 -18.17
C LYS G 153 23.55 -38.63 -19.48
N ALA G 154 22.32 -39.10 -19.65
CA ALA G 154 21.44 -38.82 -20.80
C ALA G 154 21.27 -37.31 -21.01
N GLU G 155 21.09 -36.56 -19.92
CA GLU G 155 20.90 -35.08 -19.93
C GLU G 155 22.21 -34.38 -20.32
N ILE G 156 23.36 -34.89 -19.90
CA ILE G 156 24.70 -34.33 -20.23
C ILE G 156 24.96 -34.50 -21.73
N GLU G 157 24.73 -35.71 -22.25
CA GLU G 157 24.92 -36.06 -23.69
C GLU G 157 23.93 -35.29 -24.56
N GLY G 158 22.71 -35.04 -24.07
CA GLY G 158 21.62 -34.39 -24.82
C GLY G 158 21.82 -32.91 -25.04
N GLU G 159 20.80 -32.24 -25.57
CA GLU G 159 20.80 -30.80 -25.94
C GLU G 159 19.98 -29.99 -24.93
N ILE G 160 20.35 -28.74 -24.70
CA ILE G 160 19.60 -27.81 -23.79
C ILE G 160 18.23 -27.57 -24.42
N GLY G 161 17.16 -27.81 -23.65
CA GLY G 161 15.76 -27.77 -24.12
C GLY G 161 15.12 -29.14 -24.18
N ASP G 162 15.92 -30.21 -24.34
CA ASP G 162 15.45 -31.63 -24.36
C ASP G 162 14.78 -31.97 -23.02
N SER G 163 13.66 -32.69 -23.07
CA SER G 163 12.87 -33.10 -21.88
C SER G 163 13.32 -34.51 -21.43
N HIS G 164 13.58 -34.66 -20.14
CA HIS G 164 13.90 -35.93 -19.45
C HIS G 164 12.98 -36.04 -18.23
N MET G 165 11.87 -36.77 -18.37
CA MET G 165 10.73 -36.79 -17.40
C MET G 165 11.10 -37.62 -16.18
N GLY G 166 11.27 -36.96 -15.03
CA GLY G 166 11.60 -37.57 -13.73
C GLY G 166 12.84 -38.43 -13.77
N LEU G 167 13.82 -38.12 -14.63
CA LEU G 167 15.02 -38.98 -14.85
C LEU G 167 15.97 -38.86 -13.65
N ALA G 168 16.09 -37.66 -13.07
CA ALA G 168 16.86 -37.40 -11.84
C ALA G 168 16.11 -37.91 -10.60
N ALA G 169 14.78 -37.77 -10.57
CA ALA G 169 13.91 -38.33 -9.51
C ALA G 169 14.08 -39.85 -9.43
N ARG G 170 14.22 -40.51 -10.57
CA ARG G 170 14.43 -41.99 -10.65
C ARG G 170 15.82 -42.35 -10.15
N MET G 171 16.85 -41.70 -10.67
CA MET G 171 18.27 -41.92 -10.27
C MET G 171 18.41 -41.77 -8.74
N MET G 172 17.73 -40.80 -8.13
CA MET G 172 17.77 -40.57 -6.66
C MET G 172 17.04 -41.70 -5.91
N SER G 173 15.83 -42.07 -6.33
CA SER G 173 15.09 -43.29 -5.88
C SER G 173 16.00 -44.53 -5.91
N GLN G 174 16.61 -44.84 -7.05
CA GLN G 174 17.47 -46.04 -7.20
C GLN G 174 18.68 -45.98 -6.24
N ALA G 175 19.24 -44.80 -6.01
CA ALA G 175 20.43 -44.58 -5.14
C ALA G 175 20.10 -44.91 -3.68
N MET G 176 18.95 -44.43 -3.21
CA MET G 176 18.52 -44.53 -1.79
C MET G 176 18.38 -46.01 -1.43
N ARG G 177 17.63 -46.76 -2.24
CA ARG G 177 17.52 -48.25 -2.18
C ARG G 177 18.90 -48.89 -1.97
N LYS G 178 19.82 -48.63 -2.89
CA LYS G 178 21.18 -49.25 -2.92
C LYS G 178 22.04 -48.84 -1.72
N LEU G 179 21.88 -47.60 -1.21
CA LEU G 179 22.82 -46.98 -0.25
C LEU G 179 22.42 -47.29 1.20
N ALA G 180 21.15 -47.08 1.56
CA ALA G 180 20.62 -47.18 2.94
C ALA G 180 21.30 -48.32 3.71
N GLY G 181 21.30 -49.52 3.12
CA GLY G 181 21.80 -50.76 3.72
C GLY G 181 23.31 -50.75 3.87
N ASN G 182 24.04 -50.45 2.79
CA ASN G 182 25.52 -50.39 2.76
C ASN G 182 26.02 -49.41 3.85
N LEU G 183 25.36 -48.26 4.01
CA LEU G 183 25.75 -47.21 4.98
C LEU G 183 25.64 -47.75 6.41
N LYS G 184 24.55 -48.44 6.72
CA LYS G 184 24.27 -49.00 8.07
C LYS G 184 25.36 -50.03 8.43
N GLN G 185 25.70 -50.92 7.51
CA GLN G 185 26.70 -52.01 7.69
C GLN G 185 28.08 -51.42 7.99
N SER G 186 28.49 -50.39 7.25
CA SER G 186 29.83 -49.74 7.37
C SER G 186 29.88 -48.70 8.50
N ASN G 187 28.73 -48.27 9.00
CA ASN G 187 28.57 -47.21 10.04
C ASN G 187 29.10 -45.88 9.48
N THR G 188 28.59 -45.49 8.30
CA THR G 188 28.97 -44.30 7.50
C THR G 188 27.82 -43.28 7.50
N LEU G 189 28.12 -42.02 7.76
CA LEU G 189 27.13 -40.90 7.68
C LEU G 189 27.22 -40.31 6.27
N LEU G 190 26.10 -40.18 5.58
CA LEU G 190 26.02 -39.56 4.23
C LEU G 190 25.19 -38.27 4.32
N ILE G 191 25.79 -37.10 4.07
CA ILE G 191 25.08 -35.79 4.11
C ILE G 191 24.83 -35.33 2.67
N PHE G 192 23.57 -35.06 2.33
CA PHE G 192 23.15 -34.46 1.04
C PHE G 192 22.84 -32.99 1.27
N ILE G 193 23.51 -32.08 0.57
CA ILE G 193 23.08 -30.67 0.54
C ILE G 193 22.05 -30.57 -0.58
N ASN G 194 21.00 -29.79 -0.39
CA ASN G 194 20.01 -29.53 -1.46
C ASN G 194 19.71 -28.02 -1.54
N GLN G 195 19.36 -27.56 -2.74
CA GLN G 195 18.90 -26.18 -3.07
C GLN G 195 17.36 -26.13 -3.04
N ILE G 196 16.82 -24.93 -2.96
CA ILE G 196 15.36 -24.63 -2.92
C ILE G 196 14.93 -24.18 -4.31
N ARG G 197 13.79 -24.68 -4.79
CA ARG G 197 13.10 -24.17 -6.01
C ARG G 197 11.69 -23.77 -5.60
N MET G 198 10.94 -23.18 -6.54
CA MET G 198 9.51 -22.82 -6.38
C MET G 198 8.69 -23.77 -7.24
N LYS G 199 7.59 -24.25 -6.68
CA LYS G 199 6.56 -25.07 -7.38
C LYS G 199 5.42 -24.12 -7.77
N ILE G 200 4.89 -24.28 -8.98
CA ILE G 200 3.86 -23.40 -9.60
C ILE G 200 2.51 -24.13 -9.65
N GLY G 201 1.42 -23.41 -9.38
CA GLY G 201 0.08 -23.97 -9.16
C GLY G 201 -0.13 -24.33 -7.69
N VAL G 202 0.24 -23.40 -6.80
CA VAL G 202 0.19 -23.56 -5.32
C VAL G 202 -0.15 -22.19 -4.70
N MET G 203 -1.24 -22.12 -3.94
CA MET G 203 -1.60 -20.98 -3.04
C MET G 203 -2.00 -21.57 -1.67
N PHE G 204 -1.14 -22.44 -1.13
CA PHE G 204 -1.34 -23.22 0.13
C PHE G 204 0.01 -23.80 0.62
N GLY G 205 0.07 -24.18 1.90
CA GLY G 205 1.24 -24.80 2.55
C GLY G 205 2.49 -23.93 2.44
N ASN G 206 3.43 -24.31 1.56
CA ASN G 206 4.55 -23.44 1.10
C ASN G 206 4.81 -23.71 -0.38
N PRO G 207 5.14 -22.68 -1.18
CA PRO G 207 5.57 -22.88 -2.57
C PRO G 207 7.01 -23.39 -2.71
N GLU G 208 7.80 -23.35 -1.64
CA GLU G 208 9.20 -23.85 -1.62
C GLU G 208 9.19 -25.37 -1.69
N THR G 209 9.97 -25.95 -2.61
CA THR G 209 10.33 -27.39 -2.62
C THR G 209 11.83 -27.50 -2.80
N THR G 210 12.35 -28.71 -2.64
CA THR G 210 13.76 -29.09 -2.90
C THR G 210 13.82 -29.77 -4.26
N THR G 211 15.02 -30.16 -4.67
CA THR G 211 15.35 -30.72 -5.99
C THR G 211 15.54 -32.24 -5.86
N GLY G 212 15.33 -32.97 -6.97
CA GLY G 212 15.74 -34.38 -7.13
C GLY G 212 14.72 -35.38 -6.63
N GLY G 213 13.45 -35.00 -6.53
CA GLY G 213 12.31 -35.91 -6.30
C GLY G 213 11.98 -36.06 -4.81
N ASN G 214 11.23 -37.10 -4.48
CA ASN G 214 10.62 -37.34 -3.14
C ASN G 214 11.28 -38.49 -2.36
N ALA G 215 12.15 -39.30 -2.94
CA ALA G 215 12.78 -40.43 -2.22
C ALA G 215 13.50 -39.90 -0.99
N LEU G 216 14.45 -38.99 -1.20
CA LEU G 216 15.37 -38.47 -0.15
C LEU G 216 14.61 -38.00 1.10
N LYS G 217 13.43 -37.40 0.95
CA LYS G 217 12.54 -37.00 2.09
C LYS G 217 12.24 -38.17 3.01
N PHE G 218 11.96 -39.36 2.45
CA PHE G 218 11.58 -40.58 3.21
C PHE G 218 12.80 -41.21 3.89
N TYR G 219 13.91 -41.37 3.18
CA TYR G 219 15.09 -42.13 3.68
C TYR G 219 15.95 -41.31 4.65
N ALA G 220 15.85 -39.98 4.67
CA ALA G 220 16.64 -39.10 5.56
C ALA G 220 16.25 -39.36 7.01
N SER G 221 17.22 -39.55 7.91
CA SER G 221 16.94 -39.68 9.36
C SER G 221 16.76 -38.30 9.98
N VAL G 222 17.46 -37.31 9.43
CA VAL G 222 17.40 -35.87 9.86
C VAL G 222 17.28 -35.00 8.61
N ARG G 223 16.49 -33.93 8.69
CA ARG G 223 16.38 -32.89 7.64
C ARG G 223 16.47 -31.49 8.27
N LEU G 224 17.44 -30.68 7.85
CA LEU G 224 17.70 -29.33 8.44
C LEU G 224 17.44 -28.26 7.38
N ASP G 225 16.54 -27.31 7.67
CA ASP G 225 16.30 -26.06 6.89
C ASP G 225 17.17 -24.95 7.51
N ILE G 226 18.20 -24.48 6.81
CA ILE G 226 19.16 -23.44 7.30
C ILE G 226 18.87 -22.12 6.60
N ARG G 227 18.94 -21.02 7.35
CA ARG G 227 18.56 -19.67 6.84
C ARG G 227 19.47 -18.61 7.42
N ARG G 228 19.84 -17.64 6.58
CA ARG G 228 20.45 -16.36 7.00
C ARG G 228 19.35 -15.40 7.46
N ILE G 229 19.34 -15.01 8.73
CA ILE G 229 18.28 -14.15 9.34
C ILE G 229 18.79 -12.71 9.58
N GLY G 230 20.05 -12.39 9.32
CA GLY G 230 20.57 -11.04 9.54
C GLY G 230 22.08 -10.93 9.34
N ALA G 231 22.68 -9.87 9.85
CA ALA G 231 24.12 -9.54 9.67
C ALA G 231 24.82 -9.36 11.02
N VAL G 232 26.13 -9.53 11.01
CA VAL G 232 27.05 -9.28 12.15
C VAL G 232 28.02 -8.20 11.69
N LYS G 233 28.04 -7.06 12.39
CA LYS G 233 28.80 -5.84 12.00
C LYS G 233 29.83 -5.51 13.09
N GLU G 234 31.05 -5.16 12.65
CA GLU G 234 32.09 -4.44 13.45
C GLU G 234 32.06 -2.96 13.02
N GLY G 235 31.09 -2.22 13.57
CA GLY G 235 30.78 -0.83 13.18
C GLY G 235 29.99 -0.80 11.87
N GLU G 236 30.69 -0.75 10.73
CA GLU G 236 30.08 -0.76 9.37
C GLU G 236 30.45 -2.05 8.62
N ASN G 237 31.71 -2.47 8.69
CA ASN G 237 32.23 -3.73 8.08
C ASN G 237 31.35 -4.92 8.51
N VAL G 238 30.60 -5.48 7.56
CA VAL G 238 29.83 -6.76 7.75
C VAL G 238 30.87 -7.89 7.81
N VAL G 239 30.93 -8.58 8.95
CA VAL G 239 32.05 -9.49 9.32
C VAL G 239 31.52 -10.94 9.43
N GLY G 240 30.21 -11.15 9.26
CA GLY G 240 29.57 -12.46 9.36
C GLY G 240 28.07 -12.41 9.16
N SER G 241 27.40 -13.51 9.48
CA SER G 241 25.97 -13.80 9.20
C SER G 241 25.33 -14.37 10.46
N GLU G 242 24.14 -13.92 10.80
CA GLU G 242 23.31 -14.47 11.90
C GLU G 242 22.41 -15.53 11.27
N THR G 243 22.47 -16.77 11.74
CA THR G 243 21.99 -17.98 11.04
C THR G 243 20.98 -18.74 11.91
N ARG G 244 19.85 -19.16 11.35
CA ARG G 244 18.86 -20.04 12.05
C ARG G 244 18.79 -21.42 11.38
N VAL G 245 18.72 -22.50 12.17
CA VAL G 245 18.54 -23.88 11.65
C VAL G 245 17.37 -24.56 12.37
N LYS G 246 16.29 -24.84 11.63
CA LYS G 246 15.16 -25.68 12.07
C LYS G 246 15.43 -27.16 11.78
N VAL G 247 15.12 -28.00 12.77
CA VAL G 247 15.07 -29.48 12.58
C VAL G 247 13.66 -29.83 12.12
N VAL G 248 13.52 -30.08 10.82
CA VAL G 248 12.25 -30.24 10.04
C VAL G 248 11.80 -31.70 10.05
N LYS G 249 12.74 -32.64 10.19
CA LYS G 249 12.51 -34.09 10.37
C LYS G 249 13.58 -34.64 11.29
N ASN G 250 13.23 -35.64 12.09
CA ASN G 250 14.12 -36.30 13.08
C ASN G 250 13.50 -37.67 13.40
N LYS G 251 14.30 -38.73 13.30
CA LYS G 251 13.94 -40.13 13.67
C LYS G 251 14.68 -40.58 14.94
N ILE G 252 15.67 -39.83 15.40
CA ILE G 252 16.54 -40.25 16.54
C ILE G 252 16.20 -39.48 17.82
N ALA G 253 15.32 -38.48 17.75
CA ALA G 253 14.82 -37.67 18.88
C ALA G 253 13.62 -36.85 18.40
N ALA G 254 13.07 -35.94 19.20
CA ALA G 254 11.85 -35.19 18.84
C ALA G 254 12.19 -34.06 17.87
N PRO G 255 11.39 -33.79 16.83
CA PRO G 255 11.64 -32.69 15.89
C PRO G 255 11.04 -31.31 16.23
N PHE G 256 11.24 -30.36 15.33
CA PHE G 256 10.72 -28.97 15.31
C PHE G 256 11.40 -28.10 16.36
N LYS G 257 12.60 -28.49 16.80
CA LYS G 257 13.50 -27.62 17.56
C LYS G 257 14.29 -26.78 16.56
N GLN G 258 14.87 -25.68 17.04
CA GLN G 258 15.65 -24.72 16.22
C GLN G 258 16.89 -24.24 16.97
N ALA G 259 17.89 -23.77 16.23
CA ALA G 259 19.20 -23.31 16.73
C ALA G 259 19.62 -22.04 16.01
N GLU G 260 19.90 -21.00 16.78
CA GLU G 260 20.47 -19.71 16.30
C GLU G 260 21.97 -19.68 16.62
N PHE G 261 22.77 -19.22 15.68
CA PHE G 261 24.23 -19.01 15.85
C PHE G 261 24.75 -18.09 14.75
N GLN G 262 25.99 -17.66 14.92
CA GLN G 262 26.71 -16.72 14.03
C GLN G 262 27.71 -17.50 13.21
N ILE G 263 27.78 -17.23 11.91
CA ILE G 263 28.89 -17.69 11.03
C ILE G 263 29.76 -16.47 10.76
N LEU G 264 31.03 -16.50 11.17
CA LEU G 264 31.98 -15.38 10.96
C LEU G 264 32.87 -15.71 9.76
N TYR G 265 32.92 -14.85 8.75
CA TYR G 265 33.64 -15.12 7.49
C TYR G 265 35.11 -15.35 7.83
N GLY G 266 35.62 -16.55 7.52
CA GLY G 266 37.04 -16.92 7.64
C GLY G 266 37.37 -17.64 8.93
N GLU G 267 36.40 -17.81 9.82
CA GLU G 267 36.54 -18.56 11.10
C GLU G 267 35.54 -19.73 11.13
N GLY G 268 34.28 -19.47 10.76
CA GLY G 268 33.17 -20.45 10.76
C GLY G 268 32.19 -20.18 11.87
N ILE G 269 31.69 -21.22 12.52
CA ILE G 269 30.64 -21.12 13.57
C ILE G 269 31.32 -20.60 14.84
N ASN G 270 30.83 -19.47 15.35
CA ASN G 270 31.27 -18.83 16.61
C ASN G 270 30.82 -19.75 17.74
N PHE G 271 31.74 -20.56 18.27
CA PHE G 271 31.44 -21.62 19.27
C PHE G 271 31.22 -20.97 20.64
N TYR G 272 32.09 -20.03 21.03
CA TYR G 272 32.07 -19.43 22.39
C TYR G 272 30.93 -18.42 22.50
N GLY G 273 30.63 -17.69 21.41
CA GLY G 273 29.39 -16.90 21.27
C GLY G 273 28.15 -17.71 21.59
N GLU G 274 28.10 -18.97 21.15
CA GLU G 274 27.01 -19.93 21.46
C GLU G 274 27.04 -20.26 22.95
N LEU G 275 28.23 -20.56 23.49
CA LEU G 275 28.44 -21.09 24.86
C LEU G 275 28.06 -20.04 25.91
N VAL G 276 28.36 -18.76 25.66
CA VAL G 276 27.91 -17.61 26.51
C VAL G 276 26.38 -17.66 26.62
N ASP G 277 25.68 -17.74 25.49
CA ASP G 277 24.19 -17.70 25.42
C ASP G 277 23.60 -18.91 26.16
N LEU G 278 24.14 -20.11 25.93
CA LEU G 278 23.66 -21.38 26.55
C LEU G 278 24.05 -21.40 28.04
N GLY G 279 25.24 -20.90 28.40
CA GLY G 279 25.73 -20.80 29.78
C GLY G 279 24.99 -19.76 30.62
N VAL G 280 24.29 -18.80 29.98
CA VAL G 280 23.45 -17.75 30.63
C VAL G 280 22.04 -18.33 30.87
N LYS G 281 21.46 -18.91 29.83
CA LYS G 281 20.10 -19.54 29.83
C LYS G 281 19.99 -20.58 30.96
N GLU G 282 21.07 -21.32 31.28
CA GLU G 282 21.09 -22.41 32.29
C GLU G 282 21.69 -21.95 33.63
N LYS G 283 21.92 -20.64 33.82
CA LYS G 283 22.29 -20.02 35.13
C LYS G 283 23.69 -20.46 35.60
N LEU G 284 24.57 -20.89 34.70
CA LEU G 284 26.00 -21.18 35.01
C LEU G 284 26.77 -19.86 35.02
N ILE G 285 26.42 -18.95 34.10
CA ILE G 285 27.02 -17.60 33.92
C ILE G 285 25.96 -16.57 34.32
N GLU G 286 26.32 -15.63 35.21
CA GLU G 286 25.44 -14.55 35.73
C GLU G 286 25.70 -13.27 34.92
N LYS G 287 24.64 -12.63 34.42
CA LYS G 287 24.70 -11.37 33.65
C LYS G 287 24.13 -10.23 34.51
N ALA G 288 25.00 -9.39 35.06
CA ALA G 288 24.67 -8.12 35.76
C ALA G 288 24.55 -6.99 34.73
N GLY G 289 23.37 -6.84 34.11
CA GLY G 289 23.09 -5.83 33.07
C GLY G 289 23.79 -6.15 31.75
N ALA G 290 25.12 -5.98 31.72
CA ALA G 290 26.01 -6.41 30.61
C ALA G 290 27.42 -6.72 31.15
N TRP G 291 27.50 -7.35 32.33
CA TRP G 291 28.76 -7.82 32.98
C TRP G 291 28.66 -9.34 33.20
N TYR G 292 29.24 -10.13 32.29
CA TYR G 292 29.28 -11.61 32.36
C TYR G 292 30.33 -12.02 33.40
N SER G 293 29.94 -12.89 34.34
CA SER G 293 30.76 -13.37 35.48
C SER G 293 30.46 -14.85 35.76
N TYR G 294 31.51 -15.67 35.87
CA TYR G 294 31.45 -17.14 36.13
C TYR G 294 32.03 -17.43 37.52
N LYS G 295 31.16 -17.72 38.49
CA LYS G 295 31.49 -18.04 39.92
C LYS G 295 32.21 -16.86 40.57
N GLY G 296 31.57 -15.68 40.54
CA GLY G 296 32.10 -14.43 41.13
C GLY G 296 33.06 -13.72 40.20
N GLU G 297 34.14 -14.40 39.80
CA GLU G 297 35.20 -13.92 38.86
C GLU G 297 34.53 -13.26 37.64
N LYS G 298 35.02 -12.08 37.25
CA LYS G 298 34.51 -11.27 36.09
C LYS G 298 35.26 -11.71 34.84
N ILE G 299 34.57 -12.38 33.90
CA ILE G 299 35.16 -12.89 32.62
C ILE G 299 35.24 -11.73 31.61
N GLY G 300 34.24 -10.84 31.56
CA GLY G 300 34.29 -9.62 30.72
C GLY G 300 33.03 -8.79 30.79
N GLN G 301 32.97 -7.72 30.00
CA GLN G 301 31.83 -6.79 29.83
C GLN G 301 31.42 -6.78 28.35
N GLY G 302 30.16 -7.14 28.04
CA GLY G 302 29.66 -7.33 26.67
C GLY G 302 30.07 -8.69 26.10
N LYS G 303 29.29 -9.21 25.14
CA LYS G 303 29.44 -10.60 24.63
C LYS G 303 30.82 -10.79 23.98
N ALA G 304 31.37 -9.75 23.33
CA ALA G 304 32.66 -9.75 22.61
C ALA G 304 33.83 -10.07 23.56
N ASN G 305 33.87 -9.42 24.73
CA ASN G 305 34.94 -9.60 25.76
C ASN G 305 34.76 -10.96 26.45
N ALA G 306 33.52 -11.25 26.85
CA ALA G 306 33.08 -12.54 27.45
C ALA G 306 33.52 -13.73 26.57
N THR G 307 33.30 -13.61 25.26
CA THR G 307 33.73 -14.59 24.22
C THR G 307 35.26 -14.71 24.25
N ALA G 308 35.96 -13.58 24.15
CA ALA G 308 37.44 -13.47 24.08
C ALA G 308 38.09 -14.11 25.31
N TRP G 309 37.51 -13.89 26.51
CA TRP G 309 37.95 -14.52 27.78
C TRP G 309 37.79 -16.04 27.71
N LEU G 310 36.61 -16.53 27.28
CA LEU G 310 36.30 -17.98 27.15
C LEU G 310 37.15 -18.63 26.04
N LYS G 311 37.78 -17.84 25.18
CA LYS G 311 38.82 -18.29 24.20
C LYS G 311 40.15 -18.52 24.93
N ASP G 312 40.50 -17.63 25.87
CA ASP G 312 41.78 -17.66 26.66
C ASP G 312 41.81 -18.80 27.69
N ASN G 313 40.66 -19.36 28.08
CA ASN G 313 40.52 -20.38 29.16
C ASN G 313 39.80 -21.61 28.61
N PRO G 314 40.45 -22.44 27.76
CA PRO G 314 39.76 -23.54 27.05
C PRO G 314 39.10 -24.64 27.90
N GLU G 315 39.75 -25.08 28.99
CA GLU G 315 39.27 -26.22 29.84
C GLU G 315 38.09 -25.76 30.71
N THR G 316 38.08 -24.49 31.12
CA THR G 316 36.92 -23.81 31.78
C THR G 316 35.68 -23.94 30.88
N ALA G 317 35.83 -23.63 29.59
CA ALA G 317 34.77 -23.73 28.56
C ALA G 317 34.32 -25.19 28.37
N LYS G 318 35.27 -26.14 28.41
CA LYS G 318 35.05 -27.58 28.08
C LYS G 318 34.18 -28.24 29.16
N GLU G 319 34.38 -27.90 30.44
CA GLU G 319 33.58 -28.42 31.58
C GLU G 319 32.25 -27.66 31.69
N ILE G 320 32.17 -26.41 31.23
CA ILE G 320 30.88 -25.67 31.07
C ILE G 320 30.05 -26.39 29.98
N GLU G 321 30.67 -26.72 28.84
CA GLU G 321 30.02 -27.44 27.69
C GLU G 321 29.44 -28.78 28.19
N LYS G 322 30.24 -29.55 28.93
CA LYS G 322 29.85 -30.84 29.59
C LYS G 322 28.59 -30.62 30.43
N LYS G 323 28.62 -29.62 31.32
CA LYS G 323 27.49 -29.23 32.21
C LYS G 323 26.27 -28.81 31.38
N VAL G 324 26.46 -28.01 30.33
CA VAL G 324 25.37 -27.52 29.45
C VAL G 324 24.71 -28.73 28.75
N ARG G 325 25.49 -29.70 28.28
CA ARG G 325 25.01 -30.96 27.63
C ARG G 325 24.23 -31.81 28.64
N GLU G 326 24.82 -32.06 29.83
CA GLU G 326 24.20 -32.75 30.99
C GLU G 326 22.77 -32.25 31.25
N LEU G 327 22.57 -30.93 31.23
CA LEU G 327 21.29 -30.27 31.60
C LEU G 327 20.29 -30.31 30.43
N LEU G 328 20.75 -30.11 29.19
CA LEU G 328 19.86 -29.77 28.04
C LEU G 328 19.65 -30.94 27.06
N LEU G 329 20.59 -31.88 26.90
CA LEU G 329 20.42 -33.04 25.97
C LEU G 329 19.24 -33.89 26.43
N SER G 330 18.24 -34.08 25.55
CA SER G 330 16.98 -34.82 25.81
C SER G 330 17.25 -36.33 25.94
N ASN G 331 18.04 -36.90 25.01
CA ASN G 331 18.35 -38.35 24.92
C ASN G 331 19.86 -38.55 24.75
N PRO G 332 20.70 -38.43 25.82
CA PRO G 332 22.14 -38.69 25.70
C PRO G 332 22.48 -40.15 25.35
N ASN G 333 23.60 -40.35 24.63
CA ASN G 333 24.11 -41.68 24.18
C ASN G 333 24.61 -42.50 25.37
N SER G 334 25.01 -43.75 25.14
CA SER G 334 25.48 -44.74 26.16
C SER G 334 26.69 -44.19 26.92
N ALA H 2 -35.76 -88.86 -7.02
CA ALA H 2 -35.11 -90.00 -7.74
C ALA H 2 -33.68 -89.64 -8.16
N ILE H 3 -33.52 -88.60 -9.00
CA ILE H 3 -32.19 -88.11 -9.50
C ILE H 3 -31.52 -87.19 -8.46
N ASP H 4 -32.29 -86.55 -7.57
CA ASP H 4 -31.77 -85.77 -6.41
C ASP H 4 -30.78 -86.64 -5.62
N GLU H 5 -31.15 -87.89 -5.32
CA GLU H 5 -30.35 -88.90 -4.57
C GLU H 5 -29.08 -89.26 -5.35
N ASN H 6 -29.21 -89.53 -6.67
CA ASN H 6 -28.09 -89.88 -7.59
C ASN H 6 -27.06 -88.74 -7.64
N LYS H 7 -27.51 -87.48 -7.66
CA LYS H 7 -26.66 -86.26 -7.60
C LYS H 7 -25.92 -86.21 -6.25
N GLN H 8 -26.63 -86.41 -5.14
CA GLN H 8 -26.09 -86.36 -3.75
C GLN H 8 -25.05 -87.47 -3.53
N LYS H 9 -25.20 -88.63 -4.17
CA LYS H 9 -24.24 -89.77 -4.09
C LYS H 9 -22.99 -89.47 -4.94
N ALA H 10 -23.18 -88.95 -6.15
CA ALA H 10 -22.09 -88.50 -7.07
C ALA H 10 -21.29 -87.37 -6.43
N LEU H 11 -21.95 -86.47 -5.71
CA LEU H 11 -21.32 -85.36 -4.94
C LEU H 11 -20.48 -85.94 -3.79
N ALA H 12 -21.10 -86.79 -2.95
CA ALA H 12 -20.49 -87.46 -1.78
C ALA H 12 -19.26 -88.28 -2.20
N ALA H 13 -19.33 -88.96 -3.35
CA ALA H 13 -18.23 -89.77 -3.94
C ALA H 13 -17.07 -88.86 -4.39
N ALA H 14 -17.38 -87.74 -5.04
CA ALA H 14 -16.41 -86.72 -5.52
C ALA H 14 -15.70 -86.07 -4.33
N LEU H 15 -16.45 -85.64 -3.30
CA LEU H 15 -15.91 -85.04 -2.05
C LEU H 15 -15.01 -86.04 -1.32
N GLY H 16 -15.41 -87.32 -1.27
CA GLY H 16 -14.63 -88.42 -0.68
C GLY H 16 -13.28 -88.62 -1.35
N GLN H 17 -13.24 -88.60 -2.69
CA GLN H 17 -12.02 -88.90 -3.50
C GLN H 17 -11.13 -87.64 -3.55
N ILE H 18 -11.70 -86.43 -3.49
CA ILE H 18 -10.94 -85.15 -3.32
C ILE H 18 -10.23 -85.17 -1.95
N GLU H 19 -10.95 -85.48 -0.87
CA GLU H 19 -10.43 -85.47 0.52
C GLU H 19 -9.36 -86.56 0.71
N LYS H 20 -9.49 -87.69 0.00
CA LYS H 20 -8.48 -88.80 0.02
C LYS H 20 -7.19 -88.35 -0.69
N GLN H 21 -7.32 -87.69 -1.85
CA GLN H 21 -6.21 -87.27 -2.75
C GLN H 21 -5.36 -86.17 -2.07
N PHE H 22 -6.02 -85.13 -1.54
CA PHE H 22 -5.39 -83.85 -1.10
C PHE H 22 -5.29 -83.75 0.42
N GLY H 23 -6.32 -84.18 1.17
CA GLY H 23 -6.32 -84.18 2.65
C GLY H 23 -7.69 -83.87 3.25
N LYS H 24 -7.77 -83.83 4.57
CA LYS H 24 -9.02 -83.80 5.40
C LYS H 24 -9.84 -82.54 5.05
N GLY H 25 -9.30 -81.35 5.30
CA GLY H 25 -9.99 -80.06 5.11
C GLY H 25 -9.70 -79.43 3.75
N SER H 26 -9.63 -80.24 2.69
CA SER H 26 -9.33 -79.82 1.29
C SER H 26 -10.58 -79.16 0.68
N ILE H 27 -11.74 -79.77 0.89
CA ILE H 27 -13.08 -79.22 0.50
C ILE H 27 -14.07 -79.48 1.65
N MET H 28 -15.02 -78.57 1.84
CA MET H 28 -15.89 -78.50 3.04
C MET H 28 -16.91 -77.37 2.86
N ARG H 29 -18.11 -77.48 3.43
CA ARG H 29 -19.16 -76.43 3.37
C ARG H 29 -18.72 -75.22 4.21
N LEU H 30 -18.96 -74.00 3.69
CA LEU H 30 -18.42 -72.72 4.23
C LEU H 30 -18.97 -72.46 5.64
N GLY H 31 -20.20 -72.90 5.92
CA GLY H 31 -20.86 -72.76 7.23
C GLY H 31 -20.20 -73.59 8.33
N GLU H 32 -19.47 -74.66 7.99
CA GLU H 32 -18.81 -75.58 8.98
C GLU H 32 -17.29 -75.33 9.02
N ASP H 33 -16.78 -74.28 8.37
CA ASP H 33 -15.31 -73.99 8.25
C ASP H 33 -14.95 -72.88 9.25
N ARG H 34 -14.39 -73.27 10.41
CA ARG H 34 -13.99 -72.33 11.51
C ARG H 34 -12.69 -71.59 11.15
N SER H 35 -11.83 -72.19 10.31
CA SER H 35 -10.59 -71.56 9.75
C SER H 35 -10.92 -70.25 9.02
N MET H 36 -12.12 -70.15 8.44
CA MET H 36 -12.57 -69.04 7.57
C MET H 36 -13.16 -67.87 8.38
N ASP H 37 -13.38 -68.03 9.68
CA ASP H 37 -13.87 -66.95 10.57
C ASP H 37 -12.81 -65.85 10.66
N VAL H 38 -13.24 -64.58 10.66
CA VAL H 38 -12.36 -63.38 10.74
C VAL H 38 -12.10 -63.06 12.21
N GLU H 39 -10.83 -63.12 12.62
CA GLU H 39 -10.30 -62.79 13.97
C GLU H 39 -9.45 -61.53 13.84
N THR H 40 -9.57 -60.58 14.79
CA THR H 40 -8.93 -59.23 14.72
C THR H 40 -7.99 -58.98 15.91
N ILE H 41 -7.09 -58.00 15.75
CA ILE H 41 -6.19 -57.44 16.80
C ILE H 41 -6.44 -55.93 16.89
N SER H 42 -6.23 -55.34 18.07
CA SER H 42 -6.21 -53.87 18.29
C SER H 42 -5.12 -53.22 17.42
N THR H 43 -5.38 -51.99 16.95
CA THR H 43 -4.38 -51.11 16.26
C THR H 43 -3.64 -50.21 17.28
N GLY H 44 -4.02 -50.25 18.57
CA GLY H 44 -3.58 -49.29 19.60
C GLY H 44 -4.35 -47.97 19.56
N SER H 45 -5.32 -47.84 18.65
CA SER H 45 -6.17 -46.64 18.44
C SER H 45 -7.63 -47.06 18.43
N LEU H 46 -8.47 -46.46 19.28
CA LEU H 46 -9.91 -46.80 19.38
C LEU H 46 -10.67 -46.26 18.17
N SER H 47 -10.36 -45.05 17.71
CA SER H 47 -11.03 -44.40 16.55
C SER H 47 -10.78 -45.18 15.24
N LEU H 48 -9.61 -45.81 15.11
CA LEU H 48 -9.23 -46.66 13.93
C LEU H 48 -9.97 -48.00 14.00
N ASP H 49 -9.98 -48.65 15.17
CA ASP H 49 -10.71 -49.92 15.41
C ASP H 49 -12.19 -49.78 15.04
N ILE H 50 -12.79 -48.60 15.25
CA ILE H 50 -14.21 -48.29 14.87
C ILE H 50 -14.31 -48.10 13.35
N ALA H 51 -13.37 -47.37 12.76
CA ALA H 51 -13.31 -47.05 11.31
C ALA H 51 -13.17 -48.34 10.49
N LEU H 52 -12.41 -49.31 10.98
CA LEU H 52 -12.17 -50.61 10.32
C LEU H 52 -13.42 -51.49 10.34
N GLY H 53 -14.34 -51.28 11.28
CA GLY H 53 -15.67 -51.91 11.29
C GLY H 53 -15.74 -53.28 11.95
N ALA H 54 -14.61 -53.97 12.14
CA ALA H 54 -14.52 -55.31 12.78
C ALA H 54 -13.72 -55.27 14.08
N GLY H 55 -13.36 -54.08 14.57
CA GLY H 55 -12.64 -53.87 15.83
C GLY H 55 -11.13 -54.07 15.71
N GLY H 56 -10.58 -54.05 14.49
CA GLY H 56 -9.13 -54.13 14.28
C GLY H 56 -8.73 -54.73 12.94
N LEU H 57 -7.45 -55.12 12.82
CA LEU H 57 -6.84 -55.67 11.58
C LEU H 57 -6.98 -57.19 11.57
N PRO H 58 -7.33 -57.81 10.43
CA PRO H 58 -7.63 -59.25 10.40
C PRO H 58 -6.40 -60.16 10.39
N MET H 59 -6.41 -61.21 11.21
CA MET H 59 -5.33 -62.25 11.25
C MET H 59 -5.41 -63.14 10.00
N GLY H 60 -4.26 -63.61 9.52
CA GLY H 60 -4.12 -64.45 8.31
C GLY H 60 -4.23 -63.67 7.01
N ARG H 61 -4.29 -62.33 7.06
CA ARG H 61 -4.43 -61.45 5.87
C ARG H 61 -3.20 -60.56 5.73
N ILE H 62 -3.13 -59.85 4.60
CA ILE H 62 -2.10 -58.82 4.26
C ILE H 62 -2.73 -57.43 4.41
N VAL H 63 -2.03 -56.49 5.04
CA VAL H 63 -2.46 -55.08 5.25
C VAL H 63 -1.39 -54.17 4.64
N GLU H 64 -1.79 -53.06 4.02
CA GLU H 64 -0.89 -52.00 3.48
C GLU H 64 -1.16 -50.69 4.25
N ILE H 65 -0.11 -50.05 4.76
CA ILE H 65 -0.17 -48.68 5.37
C ILE H 65 0.75 -47.78 4.55
N TYR H 66 0.18 -46.85 3.77
CA TYR H 66 0.95 -45.87 2.95
C TYR H 66 0.60 -44.44 3.37
N GLY H 67 1.42 -43.51 2.89
CA GLY H 67 1.28 -42.07 3.18
C GLY H 67 2.60 -41.33 2.97
N PRO H 68 2.60 -40.00 3.22
CA PRO H 68 3.77 -39.16 2.98
C PRO H 68 4.83 -39.24 4.08
N GLU H 69 5.88 -38.44 3.95
CA GLU H 69 7.02 -38.43 4.89
C GLU H 69 6.54 -37.97 6.26
N SER H 70 6.96 -38.68 7.33
CA SER H 70 6.73 -38.35 8.76
C SER H 70 5.23 -38.23 9.09
N SER H 71 4.39 -39.05 8.47
CA SER H 71 2.93 -39.17 8.74
C SER H 71 2.62 -40.08 9.95
N GLY H 72 3.53 -40.97 10.32
CA GLY H 72 3.40 -41.86 11.50
C GLY H 72 3.12 -43.30 11.12
N LYS H 73 3.71 -43.76 10.02
CA LYS H 73 3.56 -45.15 9.49
C LYS H 73 4.26 -46.12 10.45
N THR H 74 5.51 -45.87 10.83
CA THR H 74 6.29 -46.78 11.71
C THR H 74 5.68 -46.77 13.13
N THR H 75 5.46 -45.59 13.71
CA THR H 75 4.82 -45.39 15.04
C THR H 75 3.54 -46.23 15.11
N LEU H 76 2.69 -46.20 14.08
CA LEU H 76 1.38 -46.90 14.09
C LEU H 76 1.60 -48.41 14.11
N THR H 77 2.55 -48.94 13.34
CA THR H 77 2.86 -50.40 13.28
C THR H 77 3.53 -50.89 14.56
N LEU H 78 4.16 -50.03 15.34
CA LEU H 78 4.86 -50.41 16.60
C LEU H 78 3.83 -50.44 17.74
N GLN H 79 2.78 -49.63 17.64
CA GLN H 79 1.63 -49.66 18.59
C GLN H 79 0.78 -50.91 18.34
N VAL H 80 0.72 -51.43 17.10
CA VAL H 80 0.04 -52.72 16.76
C VAL H 80 0.81 -53.86 17.43
N ILE H 81 2.13 -53.89 17.24
CA ILE H 81 3.06 -54.88 17.86
C ILE H 81 2.93 -54.82 19.39
N ALA H 82 2.97 -53.63 19.99
CA ALA H 82 2.95 -53.41 21.46
C ALA H 82 1.68 -54.03 22.06
N ALA H 83 0.52 -53.75 21.45
CA ALA H 83 -0.80 -54.32 21.82
C ALA H 83 -0.79 -55.85 21.69
N ALA H 84 -0.18 -56.38 20.62
CA ALA H 84 -0.14 -57.83 20.33
C ALA H 84 0.76 -58.56 21.34
N GLN H 85 1.88 -57.95 21.73
CA GLN H 85 2.83 -58.50 22.73
C GLN H 85 2.17 -58.57 24.12
N ARG H 86 1.29 -57.61 24.45
CA ARG H 86 0.53 -57.58 25.72
C ARG H 86 -0.48 -58.74 25.80
N GLU H 87 -0.92 -59.28 24.65
CA GLU H 87 -1.80 -60.48 24.55
C GLU H 87 -0.97 -61.75 24.24
N GLY H 88 0.31 -61.77 24.64
CA GLY H 88 1.18 -62.96 24.62
C GLY H 88 1.47 -63.50 23.23
N LYS H 89 1.62 -62.62 22.23
CA LYS H 89 1.93 -62.98 20.82
C LYS H 89 3.37 -62.62 20.49
N THR H 90 4.03 -63.45 19.67
CA THR H 90 5.39 -63.24 19.13
C THR H 90 5.28 -62.32 17.90
N CYS H 91 6.21 -61.37 17.76
CA CYS H 91 6.24 -60.38 16.66
C CYS H 91 7.64 -60.30 16.03
N ALA H 92 7.69 -59.88 14.77
CA ALA H 92 8.93 -59.66 14.01
C ALA H 92 8.83 -58.36 13.21
N PHE H 93 9.92 -57.59 13.16
CA PHE H 93 10.08 -56.35 12.36
C PHE H 93 11.17 -56.62 11.31
N ILE H 94 10.82 -56.55 10.03
CA ILE H 94 11.78 -56.54 8.88
C ILE H 94 12.03 -55.07 8.51
N ASP H 95 13.20 -54.53 8.89
CA ASP H 95 13.60 -53.11 8.74
C ASP H 95 14.47 -52.95 7.49
N ALA H 96 13.84 -52.99 6.30
CA ALA H 96 14.47 -52.81 4.97
C ALA H 96 14.99 -51.37 4.79
N GLU H 97 14.35 -50.39 5.43
CA GLU H 97 14.74 -48.95 5.43
C GLU H 97 16.04 -48.74 6.24
N HIS H 98 16.34 -49.61 7.20
CA HIS H 98 17.54 -49.55 8.10
C HIS H 98 17.45 -48.30 9.00
N ALA H 99 16.26 -48.02 9.54
CA ALA H 99 15.95 -46.76 10.25
C ALA H 99 15.01 -47.02 11.44
N LEU H 100 15.31 -48.03 12.27
CA LEU H 100 14.55 -48.33 13.51
C LEU H 100 15.41 -47.97 14.73
N ASP H 101 14.86 -47.15 15.64
CA ASP H 101 15.48 -46.76 16.94
C ASP H 101 14.93 -47.67 18.03
N PRO H 102 15.73 -48.58 18.65
CA PRO H 102 15.20 -49.49 19.67
C PRO H 102 14.71 -48.80 20.97
N ILE H 103 15.29 -47.65 21.33
CA ILE H 103 14.89 -46.89 22.56
C ILE H 103 13.48 -46.31 22.34
N TYR H 104 13.19 -45.80 21.15
CA TYR H 104 11.84 -45.25 20.81
C TYR H 104 10.81 -46.39 20.78
N ALA H 105 11.18 -47.57 20.27
CA ALA H 105 10.31 -48.76 20.26
C ALA H 105 9.94 -49.14 21.71
N ARG H 106 10.89 -49.02 22.65
CA ARG H 106 10.67 -49.30 24.10
C ARG H 106 9.72 -48.26 24.72
N LYS H 107 9.89 -46.98 24.36
CA LYS H 107 9.05 -45.86 24.87
C LYS H 107 7.60 -45.97 24.37
N LEU H 108 7.35 -46.58 23.19
CA LEU H 108 5.98 -46.80 22.66
C LEU H 108 5.33 -48.04 23.32
N GLY H 109 6.10 -48.84 24.05
CA GLY H 109 5.61 -49.95 24.88
C GLY H 109 5.85 -51.30 24.25
N VAL H 110 6.84 -51.42 23.38
CA VAL H 110 7.29 -52.71 22.77
C VAL H 110 8.21 -53.39 23.78
N ASP H 111 8.10 -54.71 23.92
CA ASP H 111 9.11 -55.57 24.60
C ASP H 111 10.22 -55.84 23.58
N ILE H 112 11.33 -55.10 23.70
CA ILE H 112 12.51 -55.15 22.77
C ILE H 112 13.13 -56.56 22.81
N ASP H 113 13.19 -57.15 24.01
CA ASP H 113 13.94 -58.40 24.32
C ASP H 113 13.19 -59.65 23.82
N ASN H 114 11.99 -59.51 23.24
CA ASN H 114 11.22 -60.60 22.58
C ASN H 114 10.87 -60.27 21.12
N LEU H 115 11.05 -59.03 20.65
CA LEU H 115 10.78 -58.63 19.23
C LEU H 115 11.92 -59.15 18.36
N LEU H 116 11.61 -59.97 17.35
CA LEU H 116 12.59 -60.44 16.34
C LEU H 116 12.83 -59.31 15.33
N CYS H 117 14.10 -58.99 15.06
CA CYS H 117 14.48 -57.92 14.10
C CYS H 117 15.47 -58.46 13.06
N SER H 118 15.15 -58.24 11.78
CA SER H 118 16.03 -58.47 10.62
C SER H 118 16.27 -57.14 9.91
N GLN H 119 17.53 -56.86 9.55
CA GLN H 119 17.93 -55.76 8.62
C GLN H 119 18.47 -56.42 7.36
N PRO H 120 17.57 -56.87 6.43
CA PRO H 120 17.98 -57.72 5.32
C PRO H 120 18.66 -56.95 4.20
N ASP H 121 19.57 -57.62 3.49
CA ASP H 121 20.46 -57.02 2.45
C ASP H 121 19.65 -56.78 1.17
N THR H 122 18.84 -57.75 0.75
CA THR H 122 18.06 -57.75 -0.51
C THR H 122 16.56 -57.88 -0.22
N GLY H 123 15.73 -57.46 -1.18
CA GLY H 123 14.27 -57.66 -1.21
C GLY H 123 13.89 -59.13 -1.24
N GLU H 124 14.68 -59.97 -1.92
CA GLU H 124 14.48 -61.44 -1.99
C GLU H 124 14.71 -62.07 -0.61
N GLN H 125 15.81 -61.73 0.08
CA GLN H 125 16.13 -62.19 1.46
C GLN H 125 15.02 -61.80 2.44
N ALA H 126 14.50 -60.56 2.32
CA ALA H 126 13.46 -59.98 3.20
C ALA H 126 12.17 -60.77 3.10
N LEU H 127 11.75 -61.10 1.88
CA LEU H 127 10.49 -61.84 1.59
C LEU H 127 10.68 -63.35 1.84
N GLU H 128 11.91 -63.88 1.80
CA GLU H 128 12.19 -65.30 2.15
C GLU H 128 12.16 -65.53 3.67
N ILE H 129 12.57 -64.53 4.47
CA ILE H 129 12.44 -64.56 5.97
C ILE H 129 10.93 -64.47 6.32
N CYS H 130 10.16 -63.62 5.63
CA CYS H 130 8.68 -63.47 5.82
C CYS H 130 7.96 -64.80 5.56
N ASP H 131 8.41 -65.58 4.58
CA ASP H 131 7.81 -66.89 4.20
C ASP H 131 8.23 -67.95 5.24
N ALA H 132 9.49 -67.93 5.70
CA ALA H 132 10.07 -68.88 6.70
C ALA H 132 9.44 -68.71 8.09
N LEU H 133 9.11 -67.47 8.49
CA LEU H 133 8.41 -67.17 9.77
C LEU H 133 6.92 -67.51 9.67
N ALA H 134 6.28 -67.26 8.51
CA ALA H 134 4.86 -67.57 8.25
C ALA H 134 4.62 -69.08 8.27
N ARG H 135 5.55 -69.88 7.72
CA ARG H 135 5.43 -71.36 7.67
C ARG H 135 5.64 -71.97 9.07
N SER H 136 6.53 -71.39 9.89
CA SER H 136 6.91 -71.87 11.25
C SER H 136 5.67 -72.01 12.16
N GLY H 137 4.68 -71.12 12.02
CA GLY H 137 3.47 -71.07 12.88
C GLY H 137 3.69 -70.34 14.20
N ALA H 138 4.93 -69.94 14.50
CA ALA H 138 5.37 -69.43 15.82
C ALA H 138 5.28 -67.90 15.91
N VAL H 139 5.21 -67.20 14.77
CA VAL H 139 5.10 -65.70 14.69
C VAL H 139 3.63 -65.35 14.37
N ASP H 140 3.09 -64.34 15.06
CA ASP H 140 1.68 -63.87 14.94
C ASP H 140 1.57 -62.59 14.11
N VAL H 141 2.54 -61.66 14.22
CA VAL H 141 2.57 -60.37 13.47
C VAL H 141 3.96 -60.18 12.86
N ILE H 142 4.01 -59.82 11.58
CA ILE H 142 5.25 -59.40 10.86
C ILE H 142 5.01 -58.02 10.26
N VAL H 143 5.93 -57.08 10.47
CA VAL H 143 5.92 -55.75 9.78
C VAL H 143 7.11 -55.69 8.84
N VAL H 144 6.89 -55.34 7.57
CA VAL H 144 7.94 -55.07 6.55
C VAL H 144 8.02 -53.55 6.35
N ASP H 145 9.01 -52.88 6.96
CA ASP H 145 9.13 -51.40 6.90
C ASP H 145 9.71 -50.99 5.53
N SER H 146 8.75 -50.56 4.70
CA SER H 146 8.84 -49.96 3.36
C SER H 146 9.15 -51.06 2.34
N VAL H 147 8.20 -51.27 1.43
CA VAL H 147 8.38 -52.03 0.17
C VAL H 147 9.19 -51.19 -0.82
N ALA H 148 9.36 -49.88 -0.59
CA ALA H 148 10.21 -49.02 -1.43
C ALA H 148 11.68 -49.43 -1.32
N ALA H 149 12.11 -49.92 -0.15
CA ALA H 149 13.50 -50.34 0.14
C ALA H 149 13.72 -51.85 -0.08
N LEU H 150 12.75 -52.56 -0.66
CA LEU H 150 12.90 -54.00 -1.06
C LEU H 150 13.60 -54.04 -2.42
N THR H 151 14.91 -53.80 -2.42
CA THR H 151 15.74 -53.76 -3.65
C THR H 151 16.02 -55.19 -4.11
N PRO H 152 15.74 -55.56 -5.38
CA PRO H 152 16.17 -56.86 -5.93
C PRO H 152 17.70 -57.03 -5.98
N LYS H 153 18.17 -58.29 -6.06
CA LYS H 153 19.60 -58.67 -6.01
C LYS H 153 20.35 -58.18 -7.26
N ALA H 154 19.68 -58.20 -8.42
CA ALA H 154 20.22 -57.69 -9.71
C ALA H 154 20.39 -56.17 -9.65
N GLU H 155 19.55 -55.46 -8.89
CA GLU H 155 19.65 -53.99 -8.70
C GLU H 155 20.75 -53.64 -7.69
N ILE H 156 21.13 -54.54 -6.79
CA ILE H 156 22.22 -54.30 -5.79
C ILE H 156 23.58 -54.64 -6.40
N GLU H 157 23.67 -55.74 -7.15
CA GLU H 157 24.91 -56.16 -7.87
C GLU H 157 25.24 -55.14 -8.98
N GLY H 158 24.20 -54.63 -9.67
CA GLY H 158 24.33 -53.69 -10.79
C GLY H 158 24.85 -52.32 -10.39
N GLU H 159 24.98 -51.42 -11.38
CA GLU H 159 25.42 -50.01 -11.22
C GLU H 159 24.21 -49.09 -11.12
N ILE H 160 24.39 -47.91 -10.52
CA ILE H 160 23.37 -46.82 -10.50
C ILE H 160 23.25 -46.25 -11.91
N GLY H 161 22.01 -46.13 -12.40
CA GLY H 161 21.69 -45.80 -13.80
C GLY H 161 21.14 -46.99 -14.57
N ASP H 162 21.58 -48.21 -14.23
CA ASP H 162 21.12 -49.49 -14.87
C ASP H 162 19.60 -49.59 -14.79
N SER H 163 18.96 -49.88 -15.92
CA SER H 163 17.49 -50.10 -16.03
C SER H 163 17.18 -51.56 -15.66
N HIS H 164 16.19 -51.74 -14.78
CA HIS H 164 15.60 -53.05 -14.38
C HIS H 164 14.08 -52.92 -14.51
N MET H 165 13.55 -53.15 -15.71
CA MET H 165 12.12 -52.93 -16.07
C MET H 165 11.22 -53.87 -15.25
N GLY H 166 10.38 -53.30 -14.36
CA GLY H 166 9.38 -54.01 -13.55
C GLY H 166 9.93 -55.20 -12.79
N LEU H 167 11.21 -55.16 -12.38
CA LEU H 167 11.89 -56.29 -11.68
C LEU H 167 11.37 -56.39 -10.25
N ALA H 168 11.20 -55.26 -9.58
CA ALA H 168 10.62 -55.15 -8.22
C ALA H 168 9.12 -55.47 -8.28
N ALA H 169 8.41 -55.00 -9.30
CA ALA H 169 6.95 -55.23 -9.52
C ALA H 169 6.69 -56.74 -9.70
N ARG H 170 7.58 -57.44 -10.40
CA ARG H 170 7.53 -58.92 -10.60
C ARG H 170 7.76 -59.64 -9.27
N MET H 171 8.83 -59.27 -8.55
CA MET H 171 9.22 -59.87 -7.24
C MET H 171 8.06 -59.77 -6.24
N MET H 172 7.35 -58.63 -6.23
CA MET H 172 6.18 -58.39 -5.34
C MET H 172 5.00 -59.24 -5.79
N SER H 173 4.73 -59.30 -7.10
CA SER H 173 3.72 -60.21 -7.73
C SER H 173 3.97 -61.66 -7.31
N GLN H 174 5.22 -62.12 -7.34
CA GLN H 174 5.61 -63.52 -7.05
C GLN H 174 5.45 -63.81 -5.55
N ALA H 175 5.87 -62.88 -4.69
CA ALA H 175 5.79 -62.98 -3.21
C ALA H 175 4.35 -63.11 -2.75
N MET H 176 3.42 -62.33 -3.32
CA MET H 176 1.97 -62.32 -2.93
C MET H 176 1.36 -63.72 -3.14
N ARG H 177 1.54 -64.29 -4.34
CA ARG H 177 1.18 -65.68 -4.72
C ARG H 177 1.63 -66.69 -3.64
N LYS H 178 2.90 -66.60 -3.24
CA LYS H 178 3.58 -67.57 -2.32
C LYS H 178 3.16 -67.37 -0.85
N LEU H 179 2.73 -66.16 -0.46
CA LEU H 179 2.53 -65.79 0.96
C LEU H 179 1.06 -65.96 1.39
N ALA H 180 0.13 -65.48 0.56
CA ALA H 180 -1.34 -65.43 0.84
C ALA H 180 -1.79 -66.73 1.53
N GLY H 181 -1.44 -67.89 0.97
CA GLY H 181 -1.79 -69.23 1.47
C GLY H 181 -1.09 -69.58 2.77
N ASN H 182 0.22 -69.40 2.85
CA ASN H 182 1.05 -69.70 4.06
C ASN H 182 0.55 -68.88 5.26
N LEU H 183 0.21 -67.61 5.05
CA LEU H 183 -0.27 -66.68 6.11
C LEU H 183 -1.62 -67.16 6.67
N LYS H 184 -2.55 -67.56 5.80
CA LYS H 184 -3.91 -68.03 6.19
C LYS H 184 -3.83 -69.29 7.07
N GLN H 185 -2.94 -70.23 6.72
CA GLN H 185 -2.76 -71.52 7.44
C GLN H 185 -2.25 -71.29 8.87
N SER H 186 -1.20 -70.48 9.02
CA SER H 186 -0.54 -70.17 10.32
C SER H 186 -1.33 -69.12 11.12
N ASN H 187 -2.26 -68.40 10.48
CA ASN H 187 -3.05 -67.30 11.07
C ASN H 187 -2.10 -66.16 11.46
N THR H 188 -1.21 -65.77 10.54
CA THR H 188 -0.18 -64.71 10.70
C THR H 188 -0.65 -63.43 9.98
N LEU H 189 -0.60 -62.29 10.67
CA LEU H 189 -0.85 -60.94 10.09
C LEU H 189 0.47 -60.42 9.49
N LEU H 190 0.45 -59.97 8.22
CA LEU H 190 1.63 -59.36 7.53
C LEU H 190 1.27 -57.92 7.15
N ILE H 191 1.97 -56.94 7.73
CA ILE H 191 1.76 -55.48 7.45
C ILE H 191 2.92 -54.98 6.57
N PHE H 192 2.59 -54.49 5.38
CA PHE H 192 3.50 -53.78 4.44
C PHE H 192 3.33 -52.27 4.63
N ILE H 193 4.39 -51.58 5.01
CA ILE H 193 4.46 -50.10 4.90
C ILE H 193 4.88 -49.78 3.46
N ASN H 194 4.32 -48.73 2.86
CA ASN H 194 4.68 -48.27 1.49
C ASN H 194 4.88 -46.75 1.50
N GLN H 195 5.76 -46.26 0.63
CA GLN H 195 6.00 -44.81 0.41
C GLN H 195 5.11 -44.34 -0.73
N ILE H 196 5.00 -43.02 -0.89
CA ILE H 196 4.24 -42.37 -2.00
C ILE H 196 5.23 -41.82 -3.02
N ARG H 197 4.89 -41.92 -4.29
CA ARG H 197 5.61 -41.30 -5.43
C ARG H 197 4.59 -40.59 -6.31
N MET H 198 5.05 -39.79 -7.26
CA MET H 198 4.21 -39.07 -8.25
C MET H 198 4.33 -39.79 -9.59
N LYS H 199 3.25 -39.85 -10.35
CA LYS H 199 3.26 -40.39 -11.74
C LYS H 199 2.97 -39.26 -12.72
N ILE H 200 3.62 -39.33 -13.88
CA ILE H 200 3.68 -38.26 -14.93
C ILE H 200 2.94 -38.74 -16.17
N GLY H 201 2.28 -37.81 -16.88
CA GLY H 201 1.48 -38.10 -18.10
C GLY H 201 0.03 -38.39 -17.78
N VAL H 202 -0.34 -38.50 -16.49
CA VAL H 202 -1.75 -38.54 -16.01
C VAL H 202 -2.16 -37.10 -15.66
N MET H 203 -3.25 -36.61 -16.29
CA MET H 203 -3.83 -35.25 -16.09
C MET H 203 -5.10 -35.33 -15.23
N PHE H 204 -5.87 -36.43 -15.35
CA PHE H 204 -7.11 -36.72 -14.56
C PHE H 204 -6.76 -37.18 -13.15
N GLY H 205 -7.65 -36.89 -12.18
CA GLY H 205 -7.64 -37.43 -10.81
C GLY H 205 -6.43 -37.00 -10.02
N ASN H 206 -5.83 -37.93 -9.24
CA ASN H 206 -4.63 -37.70 -8.39
C ASN H 206 -3.40 -38.29 -9.08
N PRO H 207 -2.23 -37.60 -9.04
CA PRO H 207 -0.99 -38.16 -9.56
C PRO H 207 -0.17 -38.95 -8.51
N GLU H 208 -0.73 -39.19 -7.32
CA GLU H 208 -0.08 -40.01 -6.26
C GLU H 208 -0.18 -41.49 -6.64
N THR H 209 0.92 -42.22 -6.43
CA THR H 209 1.03 -43.69 -6.57
C THR H 209 1.69 -44.23 -5.31
N THR H 210 1.77 -45.55 -5.19
CA THR H 210 2.65 -46.29 -4.26
C THR H 210 3.70 -47.06 -5.07
N THR H 211 4.71 -47.58 -4.39
CA THR H 211 5.89 -48.28 -4.94
C THR H 211 5.61 -49.79 -5.05
N GLY H 212 6.33 -50.50 -5.92
CA GLY H 212 6.36 -51.97 -6.04
C GLY H 212 5.17 -52.57 -6.81
N GLY H 213 4.57 -51.79 -7.72
CA GLY H 213 3.58 -52.27 -8.70
C GLY H 213 2.20 -52.49 -8.09
N ASN H 214 1.38 -53.28 -8.79
CA ASN H 214 -0.09 -53.33 -8.63
C ASN H 214 -0.56 -54.59 -7.88
N ALA H 215 0.27 -55.61 -7.66
CA ALA H 215 -0.14 -56.87 -7.01
C ALA H 215 -0.70 -56.60 -5.60
N LEU H 216 0.01 -55.81 -4.80
CA LEU H 216 -0.30 -55.56 -3.36
C LEU H 216 -1.66 -54.89 -3.16
N LYS H 217 -2.14 -54.07 -4.12
CA LYS H 217 -3.51 -53.51 -4.12
C LYS H 217 -4.57 -54.61 -4.08
N PHE H 218 -4.36 -55.71 -4.80
CA PHE H 218 -5.37 -56.78 -4.96
C PHE H 218 -5.38 -57.68 -3.72
N TYR H 219 -4.21 -58.13 -3.27
CA TYR H 219 -4.08 -59.13 -2.17
C TYR H 219 -4.36 -58.49 -0.81
N ALA H 220 -4.22 -57.17 -0.66
CA ALA H 220 -4.39 -56.48 0.64
C ALA H 220 -5.87 -56.53 1.07
N SER H 221 -6.16 -57.01 2.27
CA SER H 221 -7.52 -57.07 2.85
C SER H 221 -7.91 -55.69 3.40
N VAL H 222 -6.91 -54.93 3.84
CA VAL H 222 -7.06 -53.52 4.31
C VAL H 222 -5.95 -52.67 3.68
N ARG H 223 -6.28 -51.44 3.29
CA ARG H 223 -5.32 -50.40 2.84
C ARG H 223 -5.62 -49.12 3.60
N LEU H 224 -4.64 -48.58 4.32
CA LEU H 224 -4.78 -47.37 5.18
C LEU H 224 -3.90 -46.25 4.63
N ASP H 225 -4.52 -45.12 4.28
CA ASP H 225 -3.87 -43.84 3.87
C ASP H 225 -3.72 -42.98 5.13
N ILE H 226 -2.50 -42.74 5.61
CA ILE H 226 -2.23 -41.97 6.87
C ILE H 226 -1.60 -40.61 6.50
N ARG H 227 -2.07 -39.53 7.12
CA ARG H 227 -1.63 -38.15 6.82
C ARG H 227 -1.55 -37.31 8.10
N ARG H 228 -0.49 -36.51 8.22
CA ARG H 228 -0.35 -35.45 9.26
C ARG H 228 -1.16 -34.22 8.82
N ILE H 229 -2.19 -33.85 9.58
CA ILE H 229 -3.15 -32.74 9.24
C ILE H 229 -2.90 -31.50 10.11
N GLY H 230 -1.95 -31.54 11.06
CA GLY H 230 -1.57 -30.36 11.86
C GLY H 230 -0.62 -30.69 12.99
N ALA H 231 -0.37 -29.73 13.88
CA ALA H 231 0.57 -29.80 15.01
C ALA H 231 -0.17 -29.75 16.35
N VAL H 232 0.41 -30.37 17.37
CA VAL H 232 -0.05 -30.34 18.79
C VAL H 232 1.00 -29.54 19.57
N LYS H 233 0.60 -28.38 20.13
CA LYS H 233 1.52 -27.41 20.79
C LYS H 233 1.19 -27.28 22.28
N GLU H 234 2.22 -27.32 23.14
CA GLU H 234 2.19 -26.81 24.54
C GLU H 234 2.67 -25.35 24.52
N GLY H 235 1.77 -24.45 24.13
CA GLY H 235 2.06 -23.01 23.92
C GLY H 235 2.95 -22.79 22.71
N GLU H 236 4.27 -22.91 22.89
CA GLU H 236 5.30 -22.66 21.85
C GLU H 236 5.86 -23.99 21.33
N ASN H 237 6.30 -24.87 22.23
CA ASN H 237 6.84 -26.22 21.93
C ASN H 237 5.81 -27.03 21.13
N VAL H 238 6.20 -27.54 19.96
CA VAL H 238 5.45 -28.60 19.21
C VAL H 238 5.79 -29.94 19.90
N VAL H 239 4.78 -30.60 20.44
CA VAL H 239 4.91 -31.81 21.33
C VAL H 239 4.33 -33.06 20.64
N GLY H 240 3.72 -32.92 19.46
CA GLY H 240 3.06 -34.03 18.74
C GLY H 240 2.42 -33.60 17.44
N SER H 241 1.68 -34.52 16.80
CA SER H 241 1.05 -34.37 15.47
C SER H 241 -0.44 -34.73 15.54
N GLU H 242 -1.28 -33.96 14.85
CA GLU H 242 -2.69 -34.33 14.56
C GLU H 242 -2.71 -35.13 13.26
N THR H 243 -3.21 -36.37 13.34
CA THR H 243 -3.09 -37.43 12.30
C THR H 243 -4.49 -37.80 11.79
N ARG H 244 -4.65 -38.05 10.49
CA ARG H 244 -5.90 -38.62 9.90
C ARG H 244 -5.58 -39.95 9.20
N VAL H 245 -6.43 -40.96 9.37
CA VAL H 245 -6.30 -42.31 8.72
C VAL H 245 -7.60 -42.64 7.97
N LYS H 246 -7.57 -42.62 6.64
CA LYS H 246 -8.66 -43.08 5.74
C LYS H 246 -8.48 -44.58 5.43
N VAL H 247 -9.56 -45.35 5.57
CA VAL H 247 -9.63 -46.77 5.17
C VAL H 247 -10.07 -46.79 3.70
N VAL H 248 -9.10 -46.95 2.80
CA VAL H 248 -9.19 -46.78 1.32
C VAL H 248 -9.68 -48.08 0.66
N LYS H 249 -9.41 -49.23 1.30
CA LYS H 249 -9.87 -50.57 0.90
C LYS H 249 -10.19 -51.39 2.16
N ASN H 250 -11.26 -52.18 2.12
CA ASN H 250 -11.70 -53.04 3.25
C ASN H 250 -12.46 -54.24 2.68
N LYS H 251 -12.00 -55.46 2.98
CA LYS H 251 -12.65 -56.74 2.58
C LYS H 251 -13.45 -57.33 3.75
N ILE H 252 -13.25 -56.84 4.98
CA ILE H 252 -13.83 -57.45 6.21
C ILE H 252 -14.98 -56.58 6.79
N ALA H 253 -15.20 -55.38 6.25
CA ALA H 253 -16.27 -54.43 6.65
C ALA H 253 -16.36 -53.30 5.61
N ALA H 254 -17.24 -52.32 5.81
CA ALA H 254 -17.51 -51.23 4.84
C ALA H 254 -16.32 -50.27 4.80
N PRO H 255 -15.84 -49.84 3.61
CA PRO H 255 -14.73 -48.90 3.52
C PRO H 255 -15.11 -47.41 3.51
N PHE H 256 -14.08 -46.57 3.37
CA PHE H 256 -14.11 -45.09 3.19
C PHE H 256 -14.44 -44.38 4.51
N LYS H 257 -14.43 -45.08 5.65
CA LYS H 257 -14.48 -44.45 6.98
C LYS H 257 -13.09 -43.90 7.31
N GLN H 258 -13.01 -42.99 8.27
CA GLN H 258 -11.75 -42.29 8.65
C GLN H 258 -11.67 -42.15 10.17
N ALA H 259 -10.48 -41.85 10.66
CA ALA H 259 -10.15 -41.75 12.10
C ALA H 259 -9.16 -40.62 12.31
N GLU H 260 -9.43 -39.76 13.29
CA GLU H 260 -8.52 -38.64 13.70
C GLU H 260 -8.03 -38.94 15.11
N PHE H 261 -6.74 -38.74 15.34
CA PHE H 261 -6.08 -38.96 16.65
C PHE H 261 -4.77 -38.19 16.67
N GLN H 262 -4.15 -38.14 17.84
CA GLN H 262 -2.89 -37.41 18.12
C GLN H 262 -1.76 -38.41 18.39
N ILE H 263 -0.62 -38.24 17.74
CA ILE H 263 0.67 -38.93 18.07
C ILE H 263 1.48 -37.94 18.90
N LEU H 264 1.94 -38.32 20.08
CA LEU H 264 2.75 -37.46 20.98
C LEU H 264 4.17 -38.02 21.09
N TYR H 265 5.17 -37.21 20.73
CA TYR H 265 6.58 -37.63 20.53
C TYR H 265 7.13 -38.21 21.86
N GLY H 266 7.34 -39.53 21.89
CA GLY H 266 7.93 -40.27 23.03
C GLY H 266 6.92 -41.11 23.79
N GLU H 267 5.62 -40.94 23.51
CA GLU H 267 4.49 -41.66 24.19
C GLU H 267 3.80 -42.58 23.19
N GLY H 268 3.37 -42.03 22.04
CA GLY H 268 2.70 -42.74 20.95
C GLY H 268 1.33 -42.16 20.67
N ILE H 269 0.34 -43.02 20.43
CA ILE H 269 -1.07 -42.60 20.17
C ILE H 269 -1.68 -42.20 21.52
N ASN H 270 -2.27 -41.00 21.57
CA ASN H 270 -2.98 -40.45 22.76
C ASN H 270 -4.33 -41.18 22.90
N PHE H 271 -4.38 -42.23 23.72
CA PHE H 271 -5.58 -43.08 23.94
C PHE H 271 -6.70 -42.26 24.61
N TYR H 272 -6.36 -41.50 25.64
CA TYR H 272 -7.31 -40.68 26.45
C TYR H 272 -7.84 -39.50 25.62
N GLY H 273 -7.01 -38.90 24.77
CA GLY H 273 -7.43 -37.91 23.76
C GLY H 273 -8.58 -38.42 22.91
N GLU H 274 -8.49 -39.68 22.44
CA GLU H 274 -9.55 -40.36 21.65
C GLU H 274 -10.80 -40.56 22.51
N LEU H 275 -10.60 -41.04 23.75
CA LEU H 275 -11.68 -41.44 24.70
C LEU H 275 -12.56 -40.23 25.06
N VAL H 276 -11.98 -39.03 25.13
CA VAL H 276 -12.71 -37.74 25.25
C VAL H 276 -13.63 -37.58 24.03
N ASP H 277 -13.04 -37.45 22.83
CA ASP H 277 -13.74 -37.19 21.54
C ASP H 277 -14.86 -38.21 21.30
N LEU H 278 -14.67 -39.46 21.69
CA LEU H 278 -15.65 -40.57 21.53
C LEU H 278 -16.75 -40.46 22.59
N GLY H 279 -16.40 -40.11 23.83
CA GLY H 279 -17.35 -39.80 24.92
C GLY H 279 -18.23 -38.61 24.61
N VAL H 280 -17.70 -37.60 23.90
CA VAL H 280 -18.44 -36.39 23.43
C VAL H 280 -19.48 -36.80 22.39
N LYS H 281 -19.03 -37.48 21.33
CA LYS H 281 -19.84 -37.98 20.18
C LYS H 281 -21.06 -38.78 20.68
N GLU H 282 -20.87 -39.61 21.72
CA GLU H 282 -21.88 -40.58 22.24
C GLU H 282 -22.63 -40.03 23.47
N LYS H 283 -22.56 -38.70 23.72
CA LYS H 283 -23.36 -37.98 24.75
C LYS H 283 -23.08 -38.51 26.17
N LEU H 284 -21.86 -39.02 26.43
CA LEU H 284 -21.39 -39.43 27.79
C LEU H 284 -20.53 -38.31 28.40
N ILE H 285 -19.98 -37.41 27.58
CA ILE H 285 -19.29 -36.15 28.00
C ILE H 285 -20.01 -34.97 27.32
N GLU H 286 -20.26 -33.89 28.06
CA GLU H 286 -20.92 -32.63 27.57
C GLU H 286 -19.85 -31.56 27.39
N LYS H 287 -19.65 -31.07 26.16
CA LYS H 287 -18.75 -29.94 25.82
C LYS H 287 -19.59 -28.68 25.61
N ALA H 288 -19.71 -27.85 26.66
CA ALA H 288 -20.40 -26.53 26.65
C ALA H 288 -19.39 -25.44 26.23
N GLY H 289 -19.21 -25.28 24.92
CA GLY H 289 -18.27 -24.31 24.31
C GLY H 289 -16.85 -24.86 24.26
N ALA H 290 -16.06 -24.62 25.32
CA ALA H 290 -14.71 -25.18 25.55
C ALA H 290 -14.59 -25.77 26.96
N TRP H 291 -15.72 -26.12 27.60
CA TRP H 291 -15.81 -26.69 28.98
C TRP H 291 -16.33 -28.12 28.91
N TYR H 292 -15.45 -29.11 29.11
CA TYR H 292 -15.79 -30.57 29.14
C TYR H 292 -16.35 -30.90 30.54
N SER H 293 -17.49 -31.59 30.57
CA SER H 293 -18.27 -31.93 31.80
C SER H 293 -18.72 -33.39 31.75
N TYR H 294 -18.44 -34.16 32.82
CA TYR H 294 -18.90 -35.57 33.00
C TYR H 294 -19.97 -35.63 34.10
N LYS H 295 -21.25 -35.66 33.69
CA LYS H 295 -22.46 -35.76 34.57
C LYS H 295 -22.55 -34.52 35.49
N GLY H 296 -22.29 -33.32 34.94
CA GLY H 296 -22.32 -32.05 35.67
C GLY H 296 -20.94 -31.63 36.18
N GLU H 297 -20.19 -32.58 36.79
CA GLU H 297 -18.80 -32.39 37.28
C GLU H 297 -17.91 -31.90 36.14
N LYS H 298 -17.37 -30.68 36.24
CA LYS H 298 -16.52 -30.05 35.20
C LYS H 298 -15.13 -30.69 35.24
N ILE H 299 -14.87 -31.61 34.31
CA ILE H 299 -13.59 -32.39 34.22
C ILE H 299 -12.43 -31.46 33.83
N GLY H 300 -12.70 -30.39 33.07
CA GLY H 300 -11.70 -29.33 32.79
C GLY H 300 -12.16 -28.38 31.70
N GLN H 301 -11.26 -27.47 31.30
CA GLN H 301 -11.44 -26.51 30.18
C GLN H 301 -10.26 -26.68 29.21
N GLY H 302 -10.56 -26.93 27.93
CA GLY H 302 -9.56 -27.32 26.90
C GLY H 302 -9.36 -28.83 26.90
N LYS H 303 -9.13 -29.40 25.71
CA LYS H 303 -9.02 -30.86 25.47
C LYS H 303 -7.89 -31.48 26.31
N ALA H 304 -6.75 -30.77 26.41
CA ALA H 304 -5.52 -31.23 27.12
C ALA H 304 -5.77 -31.37 28.63
N ASN H 305 -6.55 -30.45 29.23
CA ASN H 305 -6.93 -30.47 30.67
C ASN H 305 -7.91 -31.62 30.94
N ALA H 306 -8.90 -31.81 30.05
CA ALA H 306 -9.89 -32.91 30.08
C ALA H 306 -9.18 -34.27 29.97
N THR H 307 -8.15 -34.36 29.11
CA THR H 307 -7.27 -35.56 28.93
C THR H 307 -6.47 -35.81 30.20
N ALA H 308 -5.88 -34.76 30.79
CA ALA H 308 -5.06 -34.80 32.03
C ALA H 308 -5.93 -35.23 33.23
N TRP H 309 -7.21 -34.84 33.24
CA TRP H 309 -8.21 -35.23 34.27
C TRP H 309 -8.50 -36.73 34.19
N LEU H 310 -8.78 -37.25 32.99
CA LEU H 310 -9.07 -38.68 32.70
C LEU H 310 -7.87 -39.57 33.08
N LYS H 311 -6.65 -39.08 32.85
CA LYS H 311 -5.37 -39.74 33.26
C LYS H 311 -5.33 -39.88 34.78
N ASP H 312 -5.71 -38.82 35.50
CA ASP H 312 -5.72 -38.73 37.00
C ASP H 312 -6.76 -39.68 37.61
N ASN H 313 -7.88 -39.93 36.92
CA ASN H 313 -9.04 -40.71 37.41
C ASN H 313 -9.21 -41.97 36.56
N PRO H 314 -8.54 -43.10 36.88
CA PRO H 314 -8.75 -44.36 36.14
C PRO H 314 -10.16 -44.95 36.17
N GLU H 315 -10.97 -44.61 37.18
CA GLU H 315 -12.36 -45.13 37.39
C GLU H 315 -13.28 -44.63 36.27
N THR H 316 -13.26 -43.32 36.01
CA THR H 316 -14.06 -42.63 34.97
C THR H 316 -13.64 -43.10 33.57
N ALA H 317 -12.33 -43.30 33.34
CA ALA H 317 -11.75 -43.73 32.04
C ALA H 317 -12.18 -45.17 31.72
N LYS H 318 -12.13 -46.09 32.69
CA LYS H 318 -12.66 -47.48 32.58
C LYS H 318 -14.14 -47.45 32.21
N GLU H 319 -14.91 -46.58 32.89
CA GLU H 319 -16.39 -46.44 32.79
C GLU H 319 -16.78 -46.01 31.36
N ILE H 320 -16.16 -44.94 30.85
CA ILE H 320 -16.45 -44.34 29.51
C ILE H 320 -16.01 -45.33 28.41
N GLU H 321 -14.83 -45.96 28.55
CA GLU H 321 -14.28 -46.95 27.58
C GLU H 321 -15.28 -48.09 27.41
N LYS H 322 -15.73 -48.68 28.52
CA LYS H 322 -16.71 -49.81 28.56
C LYS H 322 -17.97 -49.48 27.74
N LYS H 323 -18.51 -48.28 27.90
CA LYS H 323 -19.76 -47.83 27.21
C LYS H 323 -19.51 -47.57 25.72
N VAL H 324 -18.42 -46.87 25.38
CA VAL H 324 -18.02 -46.56 23.96
C VAL H 324 -17.79 -47.87 23.20
N ARG H 325 -17.11 -48.83 23.83
CA ARG H 325 -16.87 -50.19 23.28
C ARG H 325 -18.21 -50.90 23.04
N GLU H 326 -19.09 -50.90 24.05
CA GLU H 326 -20.46 -51.49 24.01
C GLU H 326 -21.27 -50.91 22.83
N LEU H 327 -21.24 -49.59 22.65
CA LEU H 327 -22.12 -48.84 21.70
C LEU H 327 -21.59 -48.94 20.27
N LEU H 328 -20.38 -48.41 20.03
CA LEU H 328 -19.90 -47.99 18.68
C LEU H 328 -19.28 -49.16 17.90
N LEU H 329 -18.65 -50.13 18.58
CA LEU H 329 -18.01 -51.30 17.91
C LEU H 329 -19.05 -51.99 17.02
N SER H 330 -18.96 -51.74 15.70
CA SER H 330 -19.97 -52.06 14.65
C SER H 330 -20.23 -53.57 14.58
N ASN H 331 -19.16 -54.38 14.53
CA ASN H 331 -19.19 -55.86 14.52
C ASN H 331 -18.43 -56.37 15.75
N PRO H 332 -19.07 -56.50 16.94
CA PRO H 332 -18.40 -57.06 18.12
C PRO H 332 -17.94 -58.51 17.90
N ASN H 333 -16.62 -58.70 17.74
CA ASN H 333 -15.96 -60.02 17.52
C ASN H 333 -15.72 -60.68 18.89
N SER H 334 -16.22 -61.91 19.08
CA SER H 334 -16.12 -62.71 20.33
C SER H 334 -15.76 -64.16 19.99
N SER I 35 -29.07 -80.74 -27.16
CA SER I 35 -27.72 -80.89 -26.52
C SER I 35 -26.92 -79.57 -26.60
N MET I 36 -26.75 -79.04 -27.82
CA MET I 36 -25.88 -77.88 -28.15
C MET I 36 -26.67 -76.55 -28.13
N ASP I 37 -27.98 -76.59 -27.85
CA ASP I 37 -28.81 -75.37 -27.59
C ASP I 37 -28.38 -74.73 -26.27
N VAL I 38 -28.41 -73.39 -26.22
CA VAL I 38 -27.82 -72.54 -25.14
C VAL I 38 -28.89 -72.25 -24.08
N GLU I 39 -28.70 -72.71 -22.84
CA GLU I 39 -29.53 -72.34 -21.65
C GLU I 39 -28.69 -71.43 -20.75
N THR I 40 -29.35 -70.52 -20.03
CA THR I 40 -28.74 -69.39 -19.27
C THR I 40 -29.21 -69.39 -17.81
N ILE I 41 -28.52 -68.60 -16.97
CA ILE I 41 -28.93 -68.25 -15.57
C ILE I 41 -28.68 -66.76 -15.33
N SER I 42 -29.48 -66.15 -14.46
CA SER I 42 -29.42 -64.71 -14.09
C SER I 42 -28.06 -64.38 -13.45
N THR I 43 -27.61 -63.13 -13.62
CA THR I 43 -26.37 -62.57 -13.01
C THR I 43 -26.70 -61.82 -11.71
N GLY I 44 -27.96 -61.86 -11.25
CA GLY I 44 -28.47 -61.02 -10.15
C GLY I 44 -28.57 -59.54 -10.55
N SER I 45 -28.58 -59.25 -11.86
CA SER I 45 -28.63 -57.90 -12.46
C SER I 45 -29.46 -57.95 -13.75
N LEU I 46 -30.39 -57.02 -13.94
CA LEU I 46 -31.30 -57.00 -15.12
C LEU I 46 -30.64 -56.27 -16.29
N SER I 47 -29.87 -55.20 -16.03
CA SER I 47 -29.14 -54.41 -17.06
C SER I 47 -28.05 -55.26 -17.74
N LEU I 48 -27.45 -56.21 -17.01
CA LEU I 48 -26.39 -57.12 -17.53
C LEU I 48 -27.01 -58.29 -18.31
N ASP I 49 -28.16 -58.82 -17.85
CA ASP I 49 -28.93 -59.90 -18.54
C ASP I 49 -29.39 -59.39 -19.93
N ILE I 50 -29.62 -58.08 -20.07
CA ILE I 50 -29.93 -57.40 -21.37
C ILE I 50 -28.65 -57.29 -22.20
N ALA I 51 -27.57 -56.77 -21.61
CA ALA I 51 -26.25 -56.53 -22.27
C ALA I 51 -25.65 -57.84 -22.82
N LEU I 52 -25.95 -58.99 -22.20
CA LEU I 52 -25.47 -60.33 -22.63
C LEU I 52 -26.36 -60.90 -23.75
N GLY I 53 -27.58 -60.36 -23.95
CA GLY I 53 -28.42 -60.64 -25.13
C GLY I 53 -29.28 -61.89 -25.00
N ALA I 54 -28.76 -62.97 -24.38
CA ALA I 54 -29.44 -64.27 -24.21
C ALA I 54 -30.08 -64.41 -22.82
N GLY I 55 -30.06 -63.34 -22.00
CA GLY I 55 -30.70 -63.30 -20.68
C GLY I 55 -29.85 -63.90 -19.58
N GLY I 56 -28.51 -63.94 -19.74
CA GLY I 56 -27.57 -64.36 -18.68
C GLY I 56 -26.33 -65.05 -19.21
N LEU I 57 -25.64 -65.80 -18.34
CA LEU I 57 -24.37 -66.52 -18.64
C LEU I 57 -24.69 -67.96 -19.03
N PRO I 58 -24.08 -68.49 -20.10
CA PRO I 58 -24.45 -69.81 -20.63
C PRO I 58 -23.90 -70.98 -19.80
N MET I 59 -24.74 -71.99 -19.55
CA MET I 59 -24.33 -73.25 -18.85
C MET I 59 -23.52 -74.13 -19.82
N GLY I 60 -22.53 -74.84 -19.29
CA GLY I 60 -21.61 -75.72 -20.06
C GLY I 60 -20.42 -74.98 -20.65
N ARG I 61 -20.30 -73.67 -20.37
CA ARG I 61 -19.28 -72.77 -20.97
C ARG I 61 -18.36 -72.21 -19.86
N ILE I 62 -17.30 -71.53 -20.29
CA ILE I 62 -16.33 -70.80 -19.41
C ILE I 62 -16.65 -69.30 -19.52
N VAL I 63 -16.55 -68.57 -18.40
CA VAL I 63 -16.75 -67.09 -18.31
C VAL I 63 -15.53 -66.49 -17.62
N GLU I 64 -15.12 -65.28 -18.03
CA GLU I 64 -14.04 -64.50 -17.39
C GLU I 64 -14.64 -63.18 -16.89
N ILE I 65 -14.33 -62.79 -15.66
CA ILE I 65 -14.64 -61.46 -15.08
C ILE I 65 -13.32 -60.86 -14.61
N TYR I 66 -12.83 -59.81 -15.28
CA TYR I 66 -11.59 -59.08 -14.88
C TYR I 66 -11.93 -57.62 -14.61
N GLY I 67 -10.98 -56.90 -14.02
CA GLY I 67 -11.10 -55.47 -13.70
C GLY I 67 -10.12 -55.04 -12.62
N PRO I 68 -10.13 -53.74 -12.23
CA PRO I 68 -9.24 -53.23 -11.19
C PRO I 68 -9.60 -53.65 -9.75
N GLU I 69 -8.81 -53.16 -8.79
CA GLU I 69 -9.00 -53.37 -7.33
C GLU I 69 -10.33 -52.76 -6.87
N SER I 70 -11.09 -53.52 -6.08
CA SER I 70 -12.39 -53.15 -5.45
C SER I 70 -13.37 -52.60 -6.50
N SER I 71 -13.51 -53.32 -7.62
CA SER I 71 -14.44 -53.01 -8.76
C SER I 71 -15.78 -53.73 -8.58
N GLY I 72 -15.77 -54.91 -7.95
CA GLY I 72 -16.96 -55.72 -7.61
C GLY I 72 -16.94 -57.08 -8.27
N LYS I 73 -15.77 -57.70 -8.42
CA LYS I 73 -15.61 -59.00 -9.10
C LYS I 73 -16.15 -60.13 -8.21
N THR I 74 -15.83 -60.13 -6.91
CA THR I 74 -16.26 -61.17 -5.94
C THR I 74 -17.75 -60.99 -5.64
N THR I 75 -18.19 -59.75 -5.34
CA THR I 75 -19.61 -59.40 -5.04
C THR I 75 -20.51 -59.93 -6.17
N LEU I 76 -20.19 -59.60 -7.43
CA LEU I 76 -21.04 -59.93 -8.61
C LEU I 76 -21.17 -61.44 -8.79
N THR I 77 -20.08 -62.18 -8.70
CA THR I 77 -20.05 -63.66 -8.90
C THR I 77 -20.69 -64.39 -7.69
N LEU I 78 -20.82 -63.74 -6.53
CA LEU I 78 -21.59 -64.29 -5.37
C LEU I 78 -23.09 -64.08 -5.61
N GLN I 79 -23.49 -62.97 -6.24
CA GLN I 79 -24.90 -62.69 -6.62
C GLN I 79 -25.36 -63.66 -7.73
N VAL I 80 -24.43 -64.16 -8.56
CA VAL I 80 -24.68 -65.26 -9.56
C VAL I 80 -25.01 -66.53 -8.78
N ILE I 81 -24.14 -66.91 -7.83
CA ILE I 81 -24.30 -68.12 -6.96
C ILE I 81 -25.64 -68.03 -6.21
N ALA I 82 -25.97 -66.88 -5.63
CA ALA I 82 -27.20 -66.66 -4.83
C ALA I 82 -28.44 -66.90 -5.69
N ALA I 83 -28.47 -66.33 -6.90
CA ALA I 83 -29.55 -66.48 -7.91
C ALA I 83 -29.69 -67.93 -8.36
N ALA I 84 -28.57 -68.65 -8.52
CA ALA I 84 -28.51 -70.08 -8.91
C ALA I 84 -29.06 -70.96 -7.79
N GLN I 85 -28.66 -70.70 -6.54
CA GLN I 85 -29.08 -71.46 -5.32
C GLN I 85 -30.59 -71.33 -5.10
N ARG I 86 -31.19 -70.18 -5.45
CA ARG I 86 -32.65 -69.93 -5.34
C ARG I 86 -33.43 -70.75 -6.38
N GLU I 87 -32.79 -71.27 -7.43
CA GLU I 87 -33.38 -72.19 -8.44
C GLU I 87 -32.88 -73.64 -8.21
N GLY I 88 -32.54 -74.00 -6.97
CA GLY I 88 -32.21 -75.38 -6.53
C GLY I 88 -31.00 -75.97 -7.23
N LYS I 89 -29.93 -75.17 -7.42
CA LYS I 89 -28.65 -75.59 -8.04
C LYS I 89 -27.55 -75.60 -6.97
N THR I 90 -26.64 -76.58 -7.06
CA THR I 90 -25.44 -76.74 -6.18
C THR I 90 -24.31 -75.88 -6.76
N CYS I 91 -23.58 -75.16 -5.88
CA CYS I 91 -22.48 -74.22 -6.25
C CYS I 91 -21.21 -74.55 -5.47
N ALA I 92 -20.05 -74.14 -6.00
CA ALA I 92 -18.71 -74.27 -5.37
C ALA I 92 -17.92 -72.97 -5.56
N PHE I 93 -17.11 -72.62 -4.56
CA PHE I 93 -16.21 -71.43 -4.58
C PHE I 93 -14.78 -71.91 -4.29
N ILE I 94 -13.86 -71.76 -5.25
CA ILE I 94 -12.40 -72.06 -5.09
C ILE I 94 -11.69 -70.73 -4.80
N ASP I 95 -11.37 -70.49 -3.52
CA ASP I 95 -10.82 -69.20 -3.01
C ASP I 95 -9.30 -69.30 -2.96
N ALA I 96 -8.65 -69.15 -4.12
CA ALA I 96 -7.17 -69.15 -4.29
C ALA I 96 -6.55 -67.88 -3.69
N GLU I 97 -7.30 -66.77 -3.62
CA GLU I 97 -6.87 -65.49 -2.99
C GLU I 97 -6.74 -65.63 -1.46
N HIS I 98 -7.50 -66.55 -0.85
CA HIS I 98 -7.62 -66.74 0.62
C HIS I 98 -8.17 -65.46 1.26
N ALA I 99 -9.31 -64.98 0.76
CA ALA I 99 -9.89 -63.65 1.07
C ALA I 99 -11.42 -63.64 0.87
N LEU I 100 -12.10 -64.69 1.30
CA LEU I 100 -13.59 -64.78 1.32
C LEU I 100 -14.07 -64.62 2.77
N ASP I 101 -14.97 -63.65 3.01
CA ASP I 101 -15.70 -63.47 4.31
C ASP I 101 -17.03 -64.21 4.21
N PRO I 102 -17.29 -65.28 5.00
CA PRO I 102 -18.58 -65.97 4.97
C PRO I 102 -19.80 -65.12 5.38
N ILE I 103 -19.61 -64.19 6.33
CA ILE I 103 -20.70 -63.30 6.84
C ILE I 103 -21.18 -62.40 5.70
N TYR I 104 -20.25 -61.82 4.92
CA TYR I 104 -20.59 -60.92 3.78
C TYR I 104 -21.31 -61.73 2.69
N ALA I 105 -20.87 -62.95 2.42
CA ALA I 105 -21.51 -63.89 1.46
C ALA I 105 -22.98 -64.14 1.87
N ARG I 106 -23.26 -64.31 3.17
CA ARG I 106 -24.62 -64.54 3.74
C ARG I 106 -25.51 -63.30 3.51
N LYS I 107 -24.97 -62.10 3.71
CA LYS I 107 -25.71 -60.81 3.54
C LYS I 107 -26.11 -60.56 2.09
N LEU I 108 -25.34 -61.09 1.11
CA LEU I 108 -25.65 -60.98 -0.34
C LEU I 108 -26.71 -62.01 -0.76
N GLY I 109 -27.06 -62.95 0.12
CA GLY I 109 -28.16 -63.92 -0.09
C GLY I 109 -27.67 -65.29 -0.52
N VAL I 110 -26.43 -65.66 -0.16
CA VAL I 110 -25.85 -67.02 -0.39
C VAL I 110 -26.27 -67.91 0.79
N ASP I 111 -26.67 -69.15 0.50
CA ASP I 111 -26.90 -70.22 1.51
C ASP I 111 -25.56 -70.92 1.77
N ILE I 112 -24.84 -70.49 2.81
CA ILE I 112 -23.40 -70.87 3.06
C ILE I 112 -23.29 -72.28 3.68
N ASP I 113 -24.39 -72.87 4.16
CA ASP I 113 -24.43 -74.26 4.66
C ASP I 113 -24.53 -75.27 3.50
N ASN I 114 -24.82 -74.82 2.27
CA ASN I 114 -24.87 -75.66 1.03
C ASN I 114 -23.76 -75.30 0.03
N LEU I 115 -23.10 -74.14 0.17
CA LEU I 115 -21.99 -73.72 -0.73
C LEU I 115 -20.74 -74.54 -0.37
N LEU I 116 -20.18 -75.26 -1.34
CA LEU I 116 -18.86 -75.94 -1.21
C LEU I 116 -17.75 -74.89 -1.36
N CYS I 117 -16.78 -74.91 -0.45
CA CYS I 117 -15.61 -73.99 -0.45
C CYS I 117 -14.31 -74.81 -0.33
N SER I 118 -13.31 -74.44 -1.15
CA SER I 118 -11.93 -74.97 -1.11
C SER I 118 -10.94 -73.80 -1.07
N GLN I 119 -9.97 -73.85 -0.16
CA GLN I 119 -8.79 -72.95 -0.11
C GLN I 119 -7.56 -73.78 -0.47
N PRO I 120 -7.27 -73.96 -1.79
CA PRO I 120 -6.23 -74.88 -2.23
C PRO I 120 -4.81 -74.28 -2.09
N ASP I 121 -3.82 -75.16 -1.90
CA ASP I 121 -2.41 -74.79 -1.64
C ASP I 121 -1.75 -74.39 -2.96
N THR I 122 -2.00 -75.13 -4.04
CA THR I 122 -1.39 -74.96 -5.39
C THR I 122 -2.47 -74.70 -6.44
N GLY I 123 -2.06 -74.16 -7.59
CA GLY I 123 -2.90 -73.99 -8.80
C GLY I 123 -3.31 -75.33 -9.40
N GLU I 124 -2.43 -76.34 -9.31
CA GLU I 124 -2.70 -77.73 -9.79
C GLU I 124 -3.86 -78.35 -8.98
N GLN I 125 -3.81 -78.23 -7.66
CA GLN I 125 -4.87 -78.70 -6.71
C GLN I 125 -6.20 -78.01 -7.02
N ALA I 126 -6.17 -76.70 -7.26
CA ALA I 126 -7.36 -75.84 -7.56
C ALA I 126 -8.06 -76.29 -8.84
N LEU I 127 -7.29 -76.63 -9.88
CA LEU I 127 -7.81 -77.02 -11.23
C LEU I 127 -8.14 -78.53 -11.26
N GLU I 128 -7.53 -79.36 -10.39
CA GLU I 128 -7.88 -80.79 -10.24
C GLU I 128 -9.21 -80.96 -9.49
N ILE I 129 -9.52 -80.07 -8.54
CA ILE I 129 -10.84 -80.02 -7.83
C ILE I 129 -11.93 -79.57 -8.82
N CYS I 130 -11.64 -78.56 -9.66
CA CYS I 130 -12.56 -78.04 -10.72
C CYS I 130 -12.92 -79.14 -11.72
N ASP I 131 -11.96 -80.00 -12.09
CA ASP I 131 -12.16 -81.11 -13.06
C ASP I 131 -12.93 -82.24 -12.38
N ALA I 132 -12.65 -82.53 -11.10
CA ALA I 132 -13.32 -83.57 -10.28
C ALA I 132 -14.81 -83.24 -10.07
N LEU I 133 -15.14 -81.98 -9.79
CA LEU I 133 -16.53 -81.49 -9.59
C LEU I 133 -17.28 -81.39 -10.94
N ALA I 134 -16.57 -81.10 -12.04
CA ALA I 134 -17.14 -81.04 -13.40
C ALA I 134 -17.54 -82.46 -13.86
N ARG I 135 -16.68 -83.45 -13.67
CA ARG I 135 -16.91 -84.88 -14.06
C ARG I 135 -18.05 -85.48 -13.22
N SER I 136 -18.21 -85.08 -11.95
CA SER I 136 -19.22 -85.61 -11.00
C SER I 136 -20.64 -85.47 -11.57
N GLY I 137 -20.94 -84.34 -12.20
CA GLY I 137 -22.27 -84.01 -12.77
C GLY I 137 -23.23 -83.43 -11.73
N ALA I 138 -22.78 -83.26 -10.47
CA ALA I 138 -23.60 -82.84 -9.31
C ALA I 138 -23.55 -81.32 -9.11
N VAL I 139 -22.45 -80.66 -9.51
CA VAL I 139 -22.22 -79.20 -9.36
C VAL I 139 -22.65 -78.49 -10.64
N ASP I 140 -23.36 -77.35 -10.49
CA ASP I 140 -23.93 -76.54 -11.61
C ASP I 140 -23.07 -75.30 -11.88
N VAL I 141 -22.59 -74.62 -10.83
CA VAL I 141 -21.73 -73.40 -10.94
C VAL I 141 -20.46 -73.60 -10.10
N ILE I 142 -19.30 -73.30 -10.68
CA ILE I 142 -17.99 -73.21 -9.97
C ILE I 142 -17.44 -71.79 -10.20
N VAL I 143 -16.86 -71.18 -9.17
CA VAL I 143 -16.13 -69.87 -9.27
C VAL I 143 -14.72 -70.09 -8.73
N VAL I 144 -13.71 -69.61 -9.48
CA VAL I 144 -12.26 -69.65 -9.10
C VAL I 144 -11.80 -68.20 -8.87
N ASP I 145 -11.68 -67.78 -7.61
CA ASP I 145 -11.35 -66.37 -7.27
C ASP I 145 -9.85 -66.13 -7.51
N SER I 146 -9.58 -65.32 -8.54
CA SER I 146 -8.28 -64.94 -9.15
C SER I 146 -7.49 -66.16 -9.61
N VAL I 147 -7.31 -66.25 -10.94
CA VAL I 147 -6.23 -67.03 -11.63
C VAL I 147 -4.85 -66.41 -11.34
N ALA I 148 -4.77 -65.15 -10.89
CA ALA I 148 -3.51 -64.50 -10.48
C ALA I 148 -2.89 -65.22 -9.27
N ALA I 149 -3.72 -65.81 -8.40
CA ALA I 149 -3.32 -66.54 -7.17
C ALA I 149 -3.21 -68.06 -7.42
N LEU I 150 -3.43 -68.54 -8.65
CA LEU I 150 -3.16 -69.96 -9.06
C LEU I 150 -1.65 -70.13 -9.27
N THR I 151 -0.93 -70.45 -8.19
CA THR I 151 0.55 -70.58 -8.17
C THR I 151 0.91 -72.03 -8.48
N PRO I 152 1.78 -72.33 -9.47
CA PRO I 152 2.30 -73.69 -9.67
C PRO I 152 3.10 -74.24 -8.46
N LYS I 153 3.21 -75.56 -8.38
CA LYS I 153 3.85 -76.30 -7.24
C LYS I 153 5.36 -76.02 -7.21
N ALA I 154 6.01 -75.94 -8.38
CA ALA I 154 7.45 -75.62 -8.55
C ALA I 154 7.75 -74.22 -8.00
N GLU I 155 6.84 -73.27 -8.19
CA GLU I 155 6.98 -71.85 -7.72
C GLU I 155 6.80 -71.76 -6.21
N ILE I 156 5.99 -72.63 -5.60
CA ILE I 156 5.72 -72.68 -4.13
C ILE I 156 6.90 -73.35 -3.41
N GLU I 157 7.42 -74.46 -3.95
CA GLU I 157 8.62 -75.17 -3.43
C GLU I 157 9.87 -74.31 -3.61
N GLY I 158 9.97 -73.57 -4.73
CA GLY I 158 11.12 -72.71 -5.08
C GLY I 158 11.23 -71.47 -4.20
N GLU I 159 12.32 -70.71 -4.37
CA GLU I 159 12.62 -69.47 -3.60
C GLU I 159 12.04 -68.24 -4.32
N ILE I 160 11.80 -67.16 -3.58
CA ILE I 160 11.38 -65.83 -4.15
C ILE I 160 12.58 -65.24 -4.89
N GLY I 161 12.38 -64.86 -6.16
CA GLY I 161 13.45 -64.46 -7.10
C GLY I 161 13.59 -65.44 -8.25
N ASP I 162 13.34 -66.73 -8.01
CA ASP I 162 13.44 -67.83 -9.02
C ASP I 162 12.52 -67.53 -10.19
N SER I 163 13.00 -67.81 -11.41
CA SER I 163 12.29 -67.60 -12.70
C SER I 163 11.61 -68.92 -13.11
N HIS I 164 10.31 -68.85 -13.41
CA HIS I 164 9.47 -69.96 -13.93
C HIS I 164 8.77 -69.46 -15.19
N MET I 165 9.45 -69.56 -16.35
CA MET I 165 9.04 -68.89 -17.62
C MET I 165 7.78 -69.59 -18.17
N GLY I 166 6.67 -68.85 -18.25
CA GLY I 166 5.37 -69.29 -18.80
C GLY I 166 4.83 -70.55 -18.15
N LEU I 167 5.20 -70.86 -16.90
CA LEU I 167 4.82 -72.11 -16.19
C LEU I 167 3.33 -72.04 -15.81
N ALA I 168 2.88 -70.88 -15.33
CA ALA I 168 1.46 -70.59 -15.00
C ALA I 168 0.62 -70.50 -16.29
N ALA I 169 1.17 -69.96 -17.37
CA ALA I 169 0.53 -69.91 -18.71
C ALA I 169 0.34 -71.32 -19.27
N ARG I 170 1.32 -72.20 -19.11
CA ARG I 170 1.29 -73.62 -19.56
C ARG I 170 0.24 -74.41 -18.76
N MET I 171 0.21 -74.23 -17.43
CA MET I 171 -0.78 -74.86 -16.51
C MET I 171 -2.20 -74.46 -16.93
N MET I 172 -2.42 -73.20 -17.27
CA MET I 172 -3.75 -72.67 -17.68
C MET I 172 -4.13 -73.21 -19.06
N SER I 173 -3.16 -73.33 -19.99
CA SER I 173 -3.36 -73.94 -21.34
C SER I 173 -3.80 -75.40 -21.22
N GLN I 174 -3.16 -76.17 -20.33
CA GLN I 174 -3.45 -77.61 -20.08
C GLN I 174 -4.85 -77.77 -19.44
N ALA I 175 -5.22 -76.88 -18.52
CA ALA I 175 -6.50 -76.94 -17.77
C ALA I 175 -7.70 -76.70 -18.71
N MET I 176 -7.57 -75.74 -19.64
CA MET I 176 -8.65 -75.33 -20.59
C MET I 176 -8.99 -76.47 -21.54
N ARG I 177 -7.96 -77.14 -22.09
CA ARG I 177 -8.06 -78.41 -22.87
C ARG I 177 -8.92 -79.43 -22.12
N LYS I 178 -8.53 -79.75 -20.89
CA LYS I 178 -9.10 -80.86 -20.06
C LYS I 178 -10.51 -80.52 -19.55
N LEU I 179 -10.85 -79.23 -19.37
CA LEU I 179 -12.11 -78.78 -18.71
C LEU I 179 -13.24 -78.59 -19.74
N ALA I 180 -12.97 -77.91 -20.86
CA ALA I 180 -13.96 -77.46 -21.87
C ALA I 180 -14.96 -78.56 -22.22
N GLY I 181 -14.47 -79.78 -22.45
CA GLY I 181 -15.29 -80.97 -22.79
C GLY I 181 -16.10 -81.46 -21.60
N ASN I 182 -15.47 -81.62 -20.44
CA ASN I 182 -16.09 -82.11 -19.17
C ASN I 182 -17.21 -81.16 -18.71
N LEU I 183 -17.02 -79.84 -18.87
CA LEU I 183 -18.03 -78.81 -18.49
C LEU I 183 -19.27 -78.92 -19.38
N LYS I 184 -19.09 -79.07 -20.70
CA LYS I 184 -20.19 -79.17 -21.71
C LYS I 184 -21.03 -80.43 -21.45
N GLN I 185 -20.38 -81.56 -21.13
CA GLN I 185 -21.03 -82.88 -20.86
C GLN I 185 -21.95 -82.78 -19.63
N SER I 186 -21.44 -82.24 -18.53
CA SER I 186 -22.15 -82.09 -17.23
C SER I 186 -23.06 -80.86 -17.21
N ASN I 187 -22.93 -79.95 -18.17
CA ASN I 187 -23.72 -78.69 -18.30
C ASN I 187 -23.38 -77.78 -17.10
N THR I 188 -22.08 -77.64 -16.80
CA THR I 188 -21.52 -76.89 -15.65
C THR I 188 -20.97 -75.54 -16.13
N LEU I 189 -21.29 -74.45 -15.42
CA LEU I 189 -20.71 -73.11 -15.65
C LEU I 189 -19.43 -72.97 -14.81
N LEU I 190 -18.31 -72.57 -15.43
CA LEU I 190 -17.06 -72.19 -14.73
C LEU I 190 -16.82 -70.69 -14.93
N ILE I 191 -16.78 -69.91 -13.84
CA ILE I 191 -16.43 -68.45 -13.85
C ILE I 191 -15.03 -68.30 -13.26
N PHE I 192 -14.08 -67.81 -14.06
CA PHE I 192 -12.72 -67.39 -13.62
C PHE I 192 -12.75 -65.89 -13.34
N ILE I 193 -12.45 -65.47 -12.11
CA ILE I 193 -12.07 -64.05 -11.83
C ILE I 193 -10.59 -63.90 -12.19
N ASN I 194 -10.21 -62.73 -12.71
CA ASN I 194 -8.83 -62.40 -13.11
C ASN I 194 -8.52 -60.97 -12.65
N GLN I 195 -7.25 -60.70 -12.35
CA GLN I 195 -6.76 -59.35 -11.95
C GLN I 195 -6.19 -58.68 -13.20
N ILE I 196 -6.04 -57.35 -13.17
CA ILE I 196 -5.35 -56.56 -14.23
C ILE I 196 -3.90 -56.35 -13.79
N ARG I 197 -2.99 -56.41 -14.76
CA ARG I 197 -1.58 -55.98 -14.65
C ARG I 197 -1.26 -55.08 -15.85
N MET I 198 -0.23 -54.24 -15.72
CA MET I 198 0.30 -53.35 -16.79
C MET I 198 1.43 -54.10 -17.52
N LYS I 199 1.43 -54.06 -18.86
CA LYS I 199 2.54 -54.55 -19.71
C LYS I 199 3.33 -53.35 -20.24
N ILE I 200 4.66 -53.48 -20.30
CA ILE I 200 5.61 -52.36 -20.54
C ILE I 200 6.47 -52.69 -21.77
N GLY I 201 6.99 -51.65 -22.43
CA GLY I 201 7.49 -51.69 -23.82
C GLY I 201 6.35 -51.68 -24.83
N VAL I 202 5.24 -51.01 -24.49
CA VAL I 202 3.98 -50.92 -25.30
C VAL I 202 3.37 -49.52 -25.09
N MET I 203 3.18 -48.77 -26.18
CA MET I 203 2.63 -47.38 -26.18
C MET I 203 1.29 -47.35 -26.94
N PHE I 204 1.22 -47.99 -28.11
CA PHE I 204 -0.02 -48.17 -28.94
C PHE I 204 -0.95 -49.19 -28.26
N GLY I 205 -2.25 -49.09 -28.55
CA GLY I 205 -3.31 -49.98 -28.04
C GLY I 205 -3.74 -49.58 -26.63
N ASN I 206 -3.67 -50.52 -25.68
CA ASN I 206 -3.80 -50.26 -24.21
C ASN I 206 -2.68 -51.00 -23.48
N PRO I 207 -2.13 -50.45 -22.37
CA PRO I 207 -1.11 -51.15 -21.59
C PRO I 207 -1.66 -52.22 -20.64
N GLU I 208 -2.97 -52.21 -20.36
CA GLU I 208 -3.63 -53.18 -19.43
C GLU I 208 -3.69 -54.56 -20.08
N THR I 209 -3.29 -55.60 -19.35
CA THR I 209 -3.51 -57.03 -19.69
C THR I 209 -3.98 -57.76 -18.43
N THR I 210 -4.30 -59.05 -18.61
CA THR I 210 -4.76 -59.98 -17.55
C THR I 210 -3.67 -61.02 -17.28
N THR I 211 -3.79 -61.72 -16.16
CA THR I 211 -2.80 -62.73 -15.67
C THR I 211 -3.10 -64.09 -16.31
N GLY I 212 -2.11 -64.99 -16.31
CA GLY I 212 -2.28 -66.43 -16.61
C GLY I 212 -2.33 -66.75 -18.09
N GLY I 213 -1.82 -65.87 -18.96
CA GLY I 213 -1.56 -66.16 -20.39
C GLY I 213 -2.78 -65.94 -21.27
N ASN I 214 -2.70 -66.44 -22.51
CA ASN I 214 -3.61 -66.09 -23.63
C ASN I 214 -4.71 -67.15 -23.82
N ALA I 215 -4.56 -68.37 -23.28
CA ALA I 215 -5.48 -69.51 -23.48
C ALA I 215 -6.92 -69.11 -23.10
N LEU I 216 -7.09 -68.45 -21.95
CA LEU I 216 -8.42 -68.16 -21.33
C LEU I 216 -9.25 -67.21 -22.22
N LYS I 217 -8.61 -66.25 -22.89
CA LYS I 217 -9.25 -65.32 -23.89
C LYS I 217 -9.96 -66.11 -25.00
N PHE I 218 -9.37 -67.23 -25.44
CA PHE I 218 -9.88 -68.07 -26.55
C PHE I 218 -11.06 -68.92 -26.05
N TYR I 219 -10.85 -69.70 -24.98
CA TYR I 219 -11.83 -70.69 -24.45
C TYR I 219 -13.02 -70.01 -23.76
N ALA I 220 -12.92 -68.73 -23.39
CA ALA I 220 -14.03 -67.96 -22.75
C ALA I 220 -15.16 -67.72 -23.76
N SER I 221 -16.40 -68.09 -23.41
CA SER I 221 -17.64 -67.80 -24.18
C SER I 221 -18.14 -66.39 -23.91
N VAL I 222 -17.86 -65.85 -22.72
CA VAL I 222 -18.20 -64.46 -22.30
C VAL I 222 -17.01 -63.89 -21.51
N ARG I 223 -16.70 -62.60 -21.69
CA ARG I 223 -15.65 -61.90 -20.91
C ARG I 223 -16.18 -60.53 -20.48
N LEU I 224 -16.23 -60.28 -19.17
CA LEU I 224 -16.76 -59.02 -18.58
C LEU I 224 -15.60 -58.19 -18.02
N ASP I 225 -15.55 -56.92 -18.40
CA ASP I 225 -14.65 -55.88 -17.84
C ASP I 225 -15.50 -55.01 -16.89
N ILE I 226 -15.33 -55.18 -15.58
CA ILE I 226 -16.11 -54.46 -14.53
C ILE I 226 -15.23 -53.35 -13.97
N ARG I 227 -15.81 -52.17 -13.70
CA ARG I 227 -15.07 -50.97 -13.18
C ARG I 227 -15.97 -50.12 -12.29
N ARG I 228 -15.41 -49.62 -11.18
CA ARG I 228 -16.05 -48.61 -10.28
C ARG I 228 -15.85 -47.23 -10.93
N ILE I 229 -16.95 -46.55 -11.27
CA ILE I 229 -16.96 -45.25 -12.01
C ILE I 229 -17.30 -44.07 -11.09
N GLY I 230 -17.76 -44.31 -9.85
CA GLY I 230 -18.09 -43.25 -8.88
C GLY I 230 -18.65 -43.79 -7.58
N ALA I 231 -19.03 -42.88 -6.67
CA ALA I 231 -19.53 -43.16 -5.31
C ALA I 231 -21.05 -42.99 -5.23
N VAL I 232 -21.66 -43.61 -4.22
CA VAL I 232 -23.10 -43.47 -3.84
C VAL I 232 -23.12 -42.96 -2.39
N LYS I 233 -23.66 -41.76 -2.17
CA LYS I 233 -23.59 -41.05 -0.86
C LYS I 233 -25.01 -40.83 -0.30
N GLU I 234 -25.22 -41.15 0.98
CA GLU I 234 -26.37 -40.68 1.81
C GLU I 234 -25.94 -39.38 2.50
N GLY I 235 -25.86 -38.29 1.71
CA GLY I 235 -25.35 -36.98 2.13
C GLY I 235 -23.83 -36.97 2.14
N GLU I 236 -23.22 -37.46 3.22
CA GLU I 236 -21.75 -37.47 3.45
C GLU I 236 -21.20 -38.90 3.47
N ASN I 237 -21.85 -39.80 4.23
CA ASN I 237 -21.52 -41.25 4.32
C ASN I 237 -21.53 -41.90 2.93
N VAL I 238 -20.38 -42.41 2.47
CA VAL I 238 -20.25 -43.24 1.23
C VAL I 238 -20.85 -44.62 1.54
N VAL I 239 -22.03 -44.92 0.98
CA VAL I 239 -22.87 -46.12 1.31
C VAL I 239 -22.72 -47.19 0.22
N GLY I 240 -22.06 -46.90 -0.90
CA GLY I 240 -21.91 -47.87 -2.00
C GLY I 240 -21.03 -47.36 -3.14
N SER I 241 -21.17 -48.01 -4.30
CA SER I 241 -20.33 -47.83 -5.51
C SER I 241 -21.22 -47.80 -6.75
N GLU I 242 -21.00 -46.83 -7.64
CA GLU I 242 -21.59 -46.78 -9.02
C GLU I 242 -20.64 -47.56 -9.95
N THR I 243 -21.15 -48.63 -10.57
CA THR I 243 -20.36 -49.67 -11.30
C THR I 243 -20.76 -49.70 -12.78
N ARG I 244 -19.80 -49.95 -13.68
CA ARG I 244 -20.03 -50.16 -15.13
C ARG I 244 -19.37 -51.46 -15.62
N VAL I 245 -20.14 -52.31 -16.30
CA VAL I 245 -19.68 -53.62 -16.85
C VAL I 245 -19.77 -53.59 -18.38
N LYS I 246 -18.63 -53.69 -19.06
CA LYS I 246 -18.52 -53.89 -20.53
C LYS I 246 -18.49 -55.38 -20.85
N VAL I 247 -19.23 -55.82 -21.87
CA VAL I 247 -19.14 -57.19 -22.44
C VAL I 247 -18.11 -57.15 -23.57
N VAL I 248 -16.84 -57.45 -23.25
CA VAL I 248 -15.64 -57.31 -24.14
C VAL I 248 -15.60 -58.47 -25.14
N LYS I 249 -16.17 -59.63 -24.80
CA LYS I 249 -16.33 -60.81 -25.69
C LYS I 249 -17.70 -61.45 -25.44
N ASN I 250 -18.30 -62.01 -26.48
CA ASN I 250 -19.60 -62.75 -26.40
C ASN I 250 -19.70 -63.71 -27.58
N LYS I 251 -19.99 -65.00 -27.33
CA LYS I 251 -20.13 -66.06 -28.37
C LYS I 251 -21.59 -66.53 -28.48
N ILE I 252 -22.50 -66.01 -27.64
CA ILE I 252 -23.94 -66.41 -27.59
C ILE I 252 -24.85 -65.24 -27.98
N ALA I 253 -24.29 -64.06 -28.30
CA ALA I 253 -25.02 -62.82 -28.65
C ALA I 253 -24.04 -61.75 -29.16
N ALA I 254 -24.56 -60.57 -29.53
CA ALA I 254 -23.77 -59.42 -30.05
C ALA I 254 -22.97 -58.78 -28.91
N PRO I 255 -21.63 -58.63 -29.04
CA PRO I 255 -20.81 -58.04 -27.99
C PRO I 255 -20.77 -56.49 -27.96
N PHE I 256 -19.95 -55.97 -27.04
CA PHE I 256 -19.57 -54.54 -26.86
C PHE I 256 -20.72 -53.71 -26.27
N LYS I 257 -21.82 -54.34 -25.83
CA LYS I 257 -22.87 -53.67 -25.02
C LYS I 257 -22.34 -53.51 -23.60
N GLN I 258 -22.88 -52.55 -22.85
CA GLN I 258 -22.48 -52.26 -21.45
C GLN I 258 -23.73 -52.15 -20.56
N ALA I 259 -23.50 -52.24 -19.26
CA ALA I 259 -24.53 -52.11 -18.20
C ALA I 259 -24.02 -51.12 -17.14
N GLU I 260 -24.93 -50.46 -16.43
CA GLU I 260 -24.63 -49.59 -15.26
C GLU I 260 -25.59 -49.94 -14.13
N PHE I 261 -25.07 -50.05 -12.90
CA PHE I 261 -25.84 -50.38 -11.68
C PHE I 261 -25.07 -49.92 -10.43
N GLN I 262 -25.67 -50.08 -9.26
CA GLN I 262 -25.11 -49.72 -7.94
C GLN I 262 -24.85 -50.98 -7.12
N ILE I 263 -23.66 -51.09 -6.51
CA ILE I 263 -23.34 -52.05 -5.41
C ILE I 263 -23.42 -51.26 -4.10
N LEU I 264 -24.37 -51.62 -3.22
CA LEU I 264 -24.56 -51.02 -1.87
C LEU I 264 -23.95 -51.96 -0.83
N TYR I 265 -23.07 -51.46 0.03
CA TYR I 265 -22.22 -52.28 0.95
C TYR I 265 -23.12 -52.97 1.98
N GLY I 266 -23.16 -54.30 1.95
CA GLY I 266 -23.91 -55.15 2.90
C GLY I 266 -25.24 -55.64 2.34
N GLU I 267 -25.64 -55.16 1.16
CA GLU I 267 -26.89 -55.55 0.46
C GLU I 267 -26.54 -56.31 -0.83
N GLY I 268 -25.72 -55.70 -1.69
CA GLY I 268 -25.29 -56.26 -2.99
C GLY I 268 -25.72 -55.36 -4.13
N ILE I 269 -26.13 -55.95 -5.26
CA ILE I 269 -26.60 -55.21 -6.47
C ILE I 269 -28.00 -54.66 -6.17
N ASN I 270 -28.22 -53.38 -6.47
CA ASN I 270 -29.51 -52.64 -6.28
C ASN I 270 -30.43 -52.98 -7.47
N PHE I 271 -31.35 -53.93 -7.28
CA PHE I 271 -32.29 -54.41 -8.32
C PHE I 271 -33.29 -53.30 -8.68
N TYR I 272 -33.84 -52.62 -7.67
CA TYR I 272 -34.89 -51.57 -7.85
C TYR I 272 -34.29 -50.32 -8.49
N GLY I 273 -33.03 -49.99 -8.18
CA GLY I 273 -32.26 -48.92 -8.84
C GLY I 273 -32.18 -49.10 -10.34
N GLU I 274 -31.94 -50.34 -10.80
CA GLU I 274 -31.97 -50.73 -12.23
C GLU I 274 -33.39 -50.61 -12.80
N LEU I 275 -34.36 -51.16 -12.08
CA LEU I 275 -35.79 -51.29 -12.52
C LEU I 275 -36.42 -49.90 -12.75
N VAL I 276 -36.00 -48.90 -11.97
CA VAL I 276 -36.32 -47.45 -12.19
C VAL I 276 -35.78 -47.03 -13.57
N ASP I 277 -34.47 -47.12 -13.75
CA ASP I 277 -33.73 -46.60 -14.94
C ASP I 277 -34.20 -47.27 -16.25
N LEU I 278 -34.62 -48.55 -16.20
CA LEU I 278 -35.12 -49.30 -17.39
C LEU I 278 -36.60 -48.94 -17.65
N GLY I 279 -37.40 -48.75 -16.59
CA GLY I 279 -38.76 -48.20 -16.68
C GLY I 279 -38.79 -46.80 -17.28
N VAL I 280 -37.77 -45.98 -16.98
CA VAL I 280 -37.58 -44.58 -17.52
C VAL I 280 -37.33 -44.67 -19.03
N LYS I 281 -36.32 -45.46 -19.43
CA LYS I 281 -35.84 -45.60 -20.83
C LYS I 281 -36.94 -46.20 -21.72
N GLU I 282 -37.83 -47.05 -21.18
CA GLU I 282 -38.93 -47.74 -21.92
C GLU I 282 -40.25 -46.97 -21.82
N LYS I 283 -40.24 -45.72 -21.34
CA LYS I 283 -41.41 -44.79 -21.30
C LYS I 283 -42.53 -45.35 -20.41
N LEU I 284 -42.18 -46.15 -19.38
CA LEU I 284 -43.13 -46.68 -18.36
C LEU I 284 -43.01 -45.88 -17.05
N ILE I 285 -41.93 -45.10 -16.86
CA ILE I 285 -41.78 -44.08 -15.78
C ILE I 285 -41.37 -42.75 -16.44
N GLU I 286 -42.01 -41.65 -16.06
CA GLU I 286 -41.76 -40.27 -16.60
C GLU I 286 -40.89 -39.49 -15.60
N LYS I 287 -39.69 -39.08 -16.02
CA LYS I 287 -38.77 -38.21 -15.22
C LYS I 287 -38.82 -36.79 -15.81
N ALA I 288 -39.72 -35.95 -15.26
CA ALA I 288 -39.88 -34.52 -15.61
C ALA I 288 -38.85 -33.68 -14.83
N GLY I 289 -37.62 -33.60 -15.36
CA GLY I 289 -36.49 -32.89 -14.72
C GLY I 289 -35.75 -33.79 -13.73
N ALA I 290 -36.11 -33.71 -12.45
CA ALA I 290 -35.63 -34.57 -11.34
C ALA I 290 -36.82 -35.09 -10.51
N TRP I 291 -38.00 -35.24 -11.13
CA TRP I 291 -39.25 -35.74 -10.52
C TRP I 291 -39.71 -37.01 -11.24
N TYR I 292 -39.49 -38.17 -10.61
CA TYR I 292 -39.90 -39.51 -11.13
C TYR I 292 -41.41 -39.66 -10.92
N SER I 293 -42.17 -39.94 -11.99
CA SER I 293 -43.66 -40.03 -12.00
C SER I 293 -44.11 -41.29 -12.76
N TYR I 294 -45.06 -42.03 -12.18
CA TYR I 294 -45.65 -43.28 -12.75
C TYR I 294 -47.15 -43.06 -13.04
N LYS I 295 -47.49 -42.86 -14.32
CA LYS I 295 -48.87 -42.67 -14.85
C LYS I 295 -49.52 -41.42 -14.21
N GLY I 296 -48.74 -40.33 -14.05
CA GLY I 296 -49.20 -39.05 -13.46
C GLY I 296 -48.87 -38.94 -11.98
N GLU I 297 -49.19 -39.98 -11.20
CA GLU I 297 -48.80 -40.15 -9.76
C GLU I 297 -47.28 -39.95 -9.64
N LYS I 298 -46.83 -38.95 -8.86
CA LYS I 298 -45.36 -38.73 -8.64
C LYS I 298 -44.89 -39.71 -7.55
N ILE I 299 -44.07 -40.67 -7.96
CA ILE I 299 -43.52 -41.75 -7.09
C ILE I 299 -42.46 -41.16 -6.14
N GLY I 300 -41.77 -40.09 -6.55
CA GLY I 300 -40.85 -39.34 -5.67
C GLY I 300 -40.04 -38.29 -6.41
N GLN I 301 -39.08 -37.69 -5.71
CA GLN I 301 -38.07 -36.72 -6.26
C GLN I 301 -36.68 -37.20 -5.85
N GLY I 302 -35.81 -37.47 -6.83
CA GLY I 302 -34.50 -38.12 -6.64
C GLY I 302 -34.59 -39.62 -6.77
N LYS I 303 -33.52 -40.26 -7.23
CA LYS I 303 -33.45 -41.71 -7.60
C LYS I 303 -33.60 -42.58 -6.34
N ALA I 304 -33.05 -42.16 -5.20
CA ALA I 304 -33.11 -42.86 -3.90
C ALA I 304 -34.55 -42.91 -3.36
N ASN I 305 -35.32 -41.82 -3.55
CA ASN I 305 -36.73 -41.67 -3.08
C ASN I 305 -37.65 -42.54 -3.94
N ALA I 306 -37.45 -42.52 -5.27
CA ALA I 306 -38.17 -43.35 -6.27
C ALA I 306 -37.92 -44.84 -6.00
N THR I 307 -36.67 -45.21 -5.72
CA THR I 307 -36.23 -46.59 -5.36
C THR I 307 -36.94 -47.05 -4.08
N ALA I 308 -36.98 -46.17 -3.06
CA ALA I 308 -37.64 -46.40 -1.74
C ALA I 308 -39.15 -46.56 -1.92
N TRP I 309 -39.76 -45.86 -2.88
CA TRP I 309 -41.21 -45.93 -3.20
C TRP I 309 -41.54 -47.30 -3.82
N LEU I 310 -40.76 -47.74 -4.80
CA LEU I 310 -40.92 -49.05 -5.52
C LEU I 310 -40.70 -50.22 -4.54
N LYS I 311 -39.86 -50.04 -3.52
CA LYS I 311 -39.62 -51.03 -2.43
C LYS I 311 -40.91 -51.23 -1.62
N ASP I 312 -41.59 -50.13 -1.28
CA ASP I 312 -42.84 -50.12 -0.46
C ASP I 312 -44.02 -50.72 -1.24
N ASN I 313 -43.99 -50.69 -2.57
CA ASN I 313 -45.08 -51.16 -3.47
C ASN I 313 -44.60 -52.35 -4.31
N PRO I 314 -44.73 -53.62 -3.83
CA PRO I 314 -44.43 -54.79 -4.65
C PRO I 314 -45.35 -55.00 -5.87
N GLU I 315 -46.54 -54.40 -5.91
CA GLU I 315 -47.49 -54.50 -7.05
C GLU I 315 -46.92 -53.79 -8.28
N THR I 316 -46.45 -52.55 -8.09
CA THR I 316 -45.91 -51.66 -9.17
C THR I 316 -44.57 -52.19 -9.68
N ALA I 317 -43.71 -52.70 -8.79
CA ALA I 317 -42.37 -53.27 -9.10
C ALA I 317 -42.52 -54.57 -9.92
N LYS I 318 -43.48 -55.43 -9.57
CA LYS I 318 -43.82 -56.67 -10.33
C LYS I 318 -44.25 -56.30 -11.75
N GLU I 319 -45.15 -55.30 -11.88
CA GLU I 319 -45.76 -54.84 -13.16
C GLU I 319 -44.67 -54.32 -14.11
N ILE I 320 -43.77 -53.45 -13.63
CA ILE I 320 -42.70 -52.80 -14.47
C ILE I 320 -41.66 -53.85 -14.85
N GLU I 321 -41.29 -54.75 -13.94
CA GLU I 321 -40.36 -55.90 -14.20
C GLU I 321 -40.91 -56.76 -15.34
N LYS I 322 -42.21 -57.10 -15.25
CA LYS I 322 -42.94 -57.91 -16.25
C LYS I 322 -42.80 -57.31 -17.65
N LYS I 323 -43.08 -56.01 -17.79
CA LYS I 323 -43.06 -55.24 -19.07
C LYS I 323 -41.63 -55.16 -19.61
N VAL I 324 -40.67 -54.75 -18.78
CA VAL I 324 -39.22 -54.60 -19.11
C VAL I 324 -38.66 -55.95 -19.61
N ARG I 325 -38.98 -57.05 -18.92
CA ARG I 325 -38.56 -58.42 -19.30
C ARG I 325 -39.19 -58.80 -20.66
N GLU I 326 -40.46 -58.45 -20.86
CA GLU I 326 -41.23 -58.72 -22.12
C GLU I 326 -40.60 -57.96 -23.31
N LEU I 327 -40.20 -56.70 -23.11
CA LEU I 327 -39.73 -55.78 -24.18
C LEU I 327 -38.24 -55.97 -24.46
N LEU I 328 -37.39 -55.65 -23.47
CA LEU I 328 -35.95 -55.30 -23.66
C LEU I 328 -35.08 -56.51 -23.99
N LEU I 329 -35.43 -57.71 -23.50
CA LEU I 329 -34.64 -58.95 -23.72
C LEU I 329 -34.48 -59.19 -25.22
N SER I 330 -33.24 -59.15 -25.72
CA SER I 330 -32.85 -59.17 -27.17
C SER I 330 -33.22 -60.50 -27.82
N ASN I 331 -32.92 -61.61 -27.14
CA ASN I 331 -33.24 -63.01 -27.56
C ASN I 331 -33.88 -63.73 -26.38
N PRO I 332 -35.21 -63.56 -26.12
CA PRO I 332 -35.91 -64.33 -25.09
C PRO I 332 -36.04 -65.80 -25.52
N ASN I 333 -35.40 -66.71 -24.79
CA ASN I 333 -35.28 -68.16 -25.12
C ASN I 333 -36.59 -68.86 -24.75
N SER I 334 -36.98 -68.80 -23.46
CA SER I 334 -38.22 -69.39 -22.88
C SER I 334 -39.20 -68.25 -22.53
#